data_8ABH
#
_entry.id   8ABH
#
_cell.length_a   1.00
_cell.length_b   1.00
_cell.length_c   1.00
_cell.angle_alpha   90.00
_cell.angle_beta   90.00
_cell.angle_gamma   90.00
#
_symmetry.space_group_name_H-M   'P 1'
#
loop_
_entity.id
_entity.type
_entity.pdbx_description
1 polymer 'Cytochrome b'
2 polymer 'Cytochrome b-c1 complex subunit Rieske, mitochondrial'
3 polymer 'Cytochrome b-c1 complex subunit 7'
4 polymer YALI0F24673p
5 polymer YALI0A14806p
6 polymer 'Cytochrome b-c1 complex subunit 2, mitochondrial'
7 polymer YALI0A17468p
8 polymer 'Cytochrome b-c1 complex subunit 8'
9 polymer 'Complex III subunit 9'
10 polymer YALI0C12210p
11 non-polymer 'PROTOPORPHYRIN IX CONTAINING FE'
12 non-polymer 1,2-DIACYL-SN-GLYCERO-3-PHOSPHOCHOLINE
13 non-polymer PHOSPHATIDYLETHANOLAMINE
14 non-polymer CARDIOLIPIN
15 non-polymer '[(2R,3S,6S,7R,8R)-3-[(3-formamido-2-oxidanyl-phenyl)carbonylamino]-8-hexyl-2,6-dimethyl-4,9-bis(oxidanylidene)-1,5-dioxonan-7-yl] 3-methylbutanoate'
16 non-polymer 'FE2/S2 (INORGANIC) CLUSTER'
17 non-polymer DODECYL-BETA-D-MALTOSIDE
18 non-polymer 1,2-DIMYRISTOYL-SN-GLYCERO-3-PHOSPHATE
19 non-polymer 'HEME C'
#
loop_
_entity_poly.entity_id
_entity_poly.type
_entity_poly.pdbx_seq_one_letter_code
_entity_poly.pdbx_strand_id
1 'polypeptide(L)'
;MALRKKNSLLNMANSYVLDSPQPSNLNYFWNFGSLLALCLVIQLATGITLAMHYTSHASLAFDSVEHIMRDVNFGWFIRY
AHANTASFFFICIYAHMGRNIYYGSYKTPRVLPWSIGVIIFLLLIITAFMGYVLVFGQMSLWGATVICNLVSAIPWLGED
IVHFLWGGFSVGNPTLQRFFALHYLMPFVLAVFALLHLIALHTAGSSNPLGITSNVDKLSMHPYYSFKDLITVFAFLLMF
TLFVFFSPDKLGHPDNYIPANPMVTPASIVPEWYLLPFYAILRAIPDKLGGVIAMVAAILILLILPIVDRSIIRGNAFKP
ISKLLFGFFICNFLLLGVLGQVHIEPPFIVLGQICTIFYFSYFLILLPMVSTIENIFFYIGSLRK
;
C,N
2 'polypeptide(L)'
;MSLLRTAAQAVKAPKAYTPLVAAKAFAQTRSVSSQPIGGKSTYKIPDFTPYLKKDRNTDANRLFSYFMIGSFGMLSAAGA
KATVQDFLSNMSASADVLAMAKVEVKLGAIPLGKNVIIKWRGKPIFIRHRTSEEIEEANEVNVATLRDPQTDDERVQKPE
WLVMIGVCTHLGCVPIGEAGDFGGWFCPCHGSHYDISGRIRRGPAPLNLEIPEYDFADAETLVIG
;
P,E
3 'polypeptide(L)'
;MASITSVVKTSELILKSPLLSKIVVPLAKTYVKFSGYRQLGFKMNDLIIEETPNMQLALRRLPPTESYDRVYRLIRATQF
SLSHKLATGNDITKPEEDDHYLIPYILDVEAEAFEKDALDNLEVVKRK
;
G,R
4 'polypeptide(L)'
;MSYFLTLASEVAESLLPTVAFASEEEKEQDEPVEVESDDDESEEKEDDDEEEDEDDDDDDDDDEVPDPAIALHEAAAEGP
CHDFKHHFDECVERVTKAQEAEDYDHAEYKEDCVEEFFHLQHCINDNTADKLFRVLK
;
F,Q
5 'polypeptide(L)'
;MNSLLRLPALKRGVFTMSKRGLATTVSPKTRTSNLKNGLTIASESNPLVQTATVGVWIDAGSRNENAYNNGTAHFFEHLA
FKGTDKRSQHQLELDIENMGGHLNAYTSRESTVYYAKSFKDDVPKSVEILADILQHSKLAESAIDREREVITRELEEVNK
QYEEVVFDHLHATAFMNQPLGRTILGPRENIQTITNTELRKFITENYTADRMVLVGAGAVDHDALVELAEKYFSHLPSSQ
SPVPLGTPRSSGEDANQNPIPNFVGSEVRLRDDTMPVAHIAIAVEGVSWTSEDYYTALVAQAIIGNYDRAVGTSRHQGSR
LSNIVSENNLANSFQSFSTSYSDTGLWGIYLTSENTTQIDDLVHFTLKEWNRLSTSVSNLQVERAKSQLKAGLLLSLDGT
TYVAEDIGRQLTTLGRRVTPAEVEAKLEAVTEHDVRAWAQKTLYDKDIALVGLGPIEGLYDYNRIRNDMSMMRW
;
A,L
6 'polypeptide(L)'
;MTRGVPRLAVAARHFSTAEAAGVKVAAQDGQSPISDLSVVLRGGSRYATVPGVSHILEKFAFQNTVPKSALRFVRELELF
GGKLYTHTTREHIVLRTQFLKQDLPYFVDAFANVLKETKFQQFELTERVAPVAELDLLKRESDPAFTALEAAHEVAFRTG
LGNSVYAQGYSPVTLEDVKEFARQVYAKQNVAVVGNNVVPADLQQLVGTAFADLQEGSKVTQAGTTTLHGGEARVRTSTG
NALTIALPIAEPKPVYHALASFLGGPASMPWSVGASPLAQATVGTHTSVKATYHNYGDAGLFAITIKGDSPAEISQVAHK
AVQALKDTGAEVTEEQAARAYAKSKFAAAEAFENPDSSASVIGMELLSGVSRIAPENVQKFTPAELSEAAAQLSASAKPV
VAAVGQVHALPFADELF
;
B,M
7 'polypeptide(L)'
;MRRRRIGVWPENRRVSRLWVSLSPRSCVTCPVPTNQNPPINNHHTPILTQMFKAIPLRQALLGISSAVCAGATTTYYYTT
KAEAMTAAEHGLHPAEYPWPQNGMLSTFDHASLRRGYQVYKEVCAACHSLDRIAWRNLVGVTHTTDEAKAFAEELEYDDE
PDDEGNPRKRPGKLADYIPGPYPNEQAARAANQGALPPDLSLIAKARHGGADYIFALLTGYPDEPPAGVVLAPGMNYNPY
FPGGGIGMARTLFDGVVEYEDGTPATTSQMAKDVAAFLTWAAEPEHDERKKLGLKAIIVISAMLGLSVYIKKFKWSPIKN
RKFIYNPPKN
;
D,O
8 'polypeptide(L)'
;MGGNGHYMGWWGHMGSPPQKGIAGYTISPFAARPFAGVVHAAIFNTFRRTKNQALFVILPVSFFYYVWTQASEKNEWLYT
KAGRHELAKALAE
;
H,S
9 'polypeptide(L)' MAWATTFYNVFVKRNSAFVATILASAFVFDMTFETAIDNFWDRINAGKQWKDIRHKYIEAAGDDDEDDE I,T
10 'polypeptide(L)'
;MICGEGDYVKKPSYKIVPHFLGFNIPTVSKWIPIFGIWGAAAGIGALFLIEGVPRTRQDILSKIPIIGEHWIREIPASDN
PF
;
J,U
#
loop_
_chem_comp.id
_chem_comp.type
_chem_comp.name
_chem_comp.formula
AWB non-polymer '[(2R,3S,6S,7R,8R)-3-[(3-formamido-2-oxidanyl-phenyl)carbonylamino]-8-hexyl-2,6-dimethyl-4,9-bis(oxidanylidene)-1,5-dioxonan-7-yl] 3-methylbutanoate' 'C28 H40 N2 O9'
CDL non-polymer CARDIOLIPIN 'C81 H156 O17 P2 -2'
FES non-polymer 'FE2/S2 (INORGANIC) CLUSTER' 'Fe2 S2'
HEC non-polymer 'HEME C' 'C34 H34 Fe N4 O4'
HEM non-polymer 'PROTOPORPHYRIN IX CONTAINING FE' 'C34 H32 Fe N4 O4'
LMT D-saccharide DODECYL-BETA-D-MALTOSIDE 'C24 H46 O11'
PC1 non-polymer 1,2-DIACYL-SN-GLYCERO-3-PHOSPHOCHOLINE 'C44 H88 N O8 P'
PTY non-polymer PHOSPHATIDYLETHANOLAMINE 'C40 H80 N O8 P'
XP4 non-polymer 1,2-DIMYRISTOYL-SN-GLYCERO-3-PHOSPHATE 'C31 H60 O8 P -1'
#
# COMPACT_ATOMS: atom_id res chain seq x y z
N MET A 1 6.77 16.21 -7.33
CA MET A 1 6.23 15.44 -6.11
C MET A 1 7.08 15.62 -4.85
N ALA A 2 6.39 15.85 -3.72
CA ALA A 2 6.99 16.13 -2.42
C ALA A 2 7.67 14.87 -1.91
N LEU A 3 8.81 15.05 -1.24
CA LEU A 3 9.55 13.92 -0.73
C LEU A 3 8.72 12.99 0.15
N ARG A 4 7.85 13.57 0.98
CA ARG A 4 7.09 12.73 1.89
C ARG A 4 6.18 11.78 1.12
N LYS A 5 5.93 12.06 -0.15
CA LYS A 5 5.06 11.20 -0.93
C LYS A 5 5.87 10.30 -1.85
N LYS A 6 7.05 10.78 -2.26
CA LYS A 6 7.90 10.13 -3.25
C LYS A 6 8.59 8.92 -2.63
N ASN A 7 9.27 9.15 -1.48
CA ASN A 7 10.10 8.16 -0.83
C ASN A 7 9.21 7.13 -0.16
N SER A 8 9.47 5.84 -0.39
CA SER A 8 8.61 4.74 0.04
C SER A 8 8.48 4.70 1.56
N LEU A 9 9.60 4.87 2.24
CA LEU A 9 9.57 4.79 3.69
C LEU A 9 8.83 5.98 4.25
N LEU A 10 9.20 7.20 3.86
CA LEU A 10 8.53 8.40 4.33
C LEU A 10 7.06 8.35 4.01
N ASN A 11 6.74 7.79 2.84
CA ASN A 11 5.36 7.73 2.43
C ASN A 11 4.53 6.90 3.39
N MET A 12 5.12 5.87 4.00
CA MET A 12 4.33 5.08 4.91
C MET A 12 4.04 5.88 6.17
N ALA A 13 5.02 6.62 6.69
CA ALA A 13 4.76 7.47 7.84
C ALA A 13 3.70 8.50 7.45
N ASN A 14 3.90 9.14 6.31
CA ASN A 14 3.01 10.17 5.79
C ASN A 14 1.57 9.67 5.76
N SER A 15 1.36 8.47 5.22
CA SER A 15 0.03 7.93 5.05
C SER A 15 -0.64 7.66 6.39
N TYR A 16 0.12 7.58 7.49
CA TYR A 16 -0.48 7.23 8.77
C TYR A 16 -0.57 8.40 9.70
N VAL A 17 0.38 9.33 9.61
CA VAL A 17 0.41 10.30 10.68
C VAL A 17 0.34 11.73 10.16
N LEU A 18 0.40 11.89 8.84
CA LEU A 18 0.43 13.26 8.40
C LEU A 18 -0.67 13.53 7.37
N ASP A 19 -0.58 12.99 6.16
CA ASP A 19 -1.63 13.21 5.19
C ASP A 19 -2.82 12.28 5.39
N SER A 20 -2.81 11.41 6.41
CA SER A 20 -3.91 10.47 6.54
C SER A 20 -5.25 11.21 6.54
N PRO A 21 -6.22 10.96 5.63
CA PRO A 21 -7.47 11.74 5.67
C PRO A 21 -8.41 11.24 6.76
N GLN A 22 -8.76 12.14 7.69
CA GLN A 22 -9.64 11.78 8.79
C GLN A 22 -10.96 12.50 8.65
N PRO A 23 -12.05 11.98 9.26
CA PRO A 23 -13.31 12.73 9.30
C PRO A 23 -13.06 14.03 10.05
N SER A 24 -13.81 15.08 9.72
CA SER A 24 -13.49 16.34 10.39
C SER A 24 -14.19 16.45 11.74
N ASN A 25 -14.99 15.45 12.10
CA ASN A 25 -15.83 15.67 13.27
C ASN A 25 -15.56 14.64 14.36
N LEU A 26 -14.35 14.06 14.44
CA LEU A 26 -14.10 13.11 15.52
C LEU A 26 -14.14 13.86 16.83
N ASN A 27 -14.76 13.29 17.87
CA ASN A 27 -14.86 13.95 19.17
C ASN A 27 -13.75 13.43 20.08
N TYR A 28 -13.75 13.79 21.37
CA TYR A 28 -12.60 13.45 22.20
C TYR A 28 -12.49 11.96 22.46
N PHE A 29 -13.55 11.20 22.28
CA PHE A 29 -13.40 9.78 22.46
C PHE A 29 -12.58 9.12 21.35
N TRP A 30 -12.24 9.87 20.30
CA TRP A 30 -11.32 9.29 19.34
C TRP A 30 -9.88 9.51 19.78
N ASN A 31 -9.69 10.00 20.99
CA ASN A 31 -8.32 10.25 21.35
C ASN A 31 -7.74 9.09 22.15
N PHE A 32 -8.54 8.08 22.49
CA PHE A 32 -8.00 7.04 23.32
C PHE A 32 -7.00 6.20 22.55
N GLY A 33 -7.16 6.14 21.24
CA GLY A 33 -6.21 5.44 20.42
C GLY A 33 -4.79 5.94 20.65
N SER A 34 -4.62 7.26 20.57
CA SER A 34 -3.28 7.77 20.80
C SER A 34 -2.90 7.67 22.27
N LEU A 35 -3.85 7.74 23.21
CA LEU A 35 -3.40 7.51 24.57
C LEU A 35 -2.91 6.09 24.74
N LEU A 36 -3.59 5.12 24.13
CA LEU A 36 -3.10 3.76 24.24
C LEU A 36 -1.73 3.64 23.60
N ALA A 37 -1.46 4.40 22.54
CA ALA A 37 -0.12 4.39 21.98
C ALA A 37 0.89 4.99 22.97
N LEU A 38 0.52 6.06 23.65
CA LEU A 38 1.37 6.64 24.66
C LEU A 38 1.59 5.67 25.83
N CYS A 39 0.54 5.02 26.33
CA CYS A 39 0.71 4.03 27.36
C CYS A 39 1.67 2.95 26.89
N LEU A 40 1.51 2.51 25.65
CA LEU A 40 2.36 1.44 25.20
C LEU A 40 3.80 1.90 25.13
N VAL A 41 4.04 3.13 24.71
CA VAL A 41 5.40 3.64 24.77
C VAL A 41 5.91 3.79 26.20
N ILE A 42 5.11 4.33 27.13
CA ILE A 42 5.61 4.47 28.49
C ILE A 42 5.93 3.10 29.06
N GLN A 43 5.06 2.11 28.80
CA GLN A 43 5.32 0.78 29.29
C GLN A 43 6.57 0.22 28.66
N LEU A 44 6.84 0.48 27.38
CA LEU A 44 8.10 -0.03 26.86
C LEU A 44 9.27 0.65 27.54
N ALA A 45 9.24 1.97 27.69
CA ALA A 45 10.38 2.67 28.25
C ALA A 45 10.57 2.28 29.71
N THR A 46 9.50 2.30 30.50
CA THR A 46 9.72 1.96 31.88
C THR A 46 10.02 0.48 32.03
N GLY A 47 9.38 -0.33 31.19
CA GLY A 47 9.53 -1.77 31.29
C GLY A 47 10.97 -2.17 30.99
N ILE A 48 11.53 -1.64 29.90
CA ILE A 48 12.88 -2.01 29.56
C ILE A 48 13.81 -1.50 30.64
N THR A 49 13.54 -0.32 31.18
CA THR A 49 14.35 0.13 32.29
C THR A 49 14.27 -0.80 33.50
N LEU A 50 13.07 -1.24 33.88
CA LEU A 50 13.03 -2.12 35.03
C LEU A 50 13.76 -3.39 34.69
N ALA A 51 13.67 -3.87 33.46
CA ALA A 51 14.35 -5.12 33.13
C ALA A 51 15.85 -4.98 33.33
N MET A 52 16.39 -3.77 33.23
CA MET A 52 17.80 -3.64 33.49
C MET A 52 18.12 -3.73 34.97
N HIS A 53 17.12 -3.79 35.85
CA HIS A 53 17.42 -3.82 37.26
C HIS A 53 16.79 -5.02 37.93
N TYR A 54 16.01 -5.80 37.20
CA TYR A 54 15.18 -6.79 37.84
C TYR A 54 15.88 -8.14 37.73
N THR A 55 15.71 -9.00 38.71
CA THR A 55 16.32 -10.30 38.56
C THR A 55 15.22 -11.31 38.59
N SER A 56 15.22 -12.25 37.65
CA SER A 56 14.04 -13.07 37.45
C SER A 56 14.10 -14.30 38.35
N HIS A 57 15.24 -14.56 39.00
CA HIS A 57 15.30 -15.65 39.95
C HIS A 57 14.36 -15.45 41.13
N ALA A 58 13.62 -16.48 41.53
CA ALA A 58 12.66 -16.36 42.62
C ALA A 58 13.31 -16.05 43.96
N SER A 59 14.60 -16.30 44.12
CA SER A 59 15.20 -16.01 45.41
C SER A 59 15.52 -14.52 45.53
N LEU A 60 15.42 -13.81 44.41
CA LEU A 60 15.95 -12.46 44.31
C LEU A 60 14.96 -11.51 43.67
N ALA A 61 13.83 -12.00 43.18
CA ALA A 61 12.95 -11.14 42.38
C ALA A 61 12.40 -10.05 43.27
N PHE A 62 11.77 -10.45 44.36
CA PHE A 62 11.14 -9.47 45.22
C PHE A 62 12.19 -8.50 45.71
N ASP A 63 13.36 -9.03 46.09
CA ASP A 63 14.43 -8.17 46.54
C ASP A 63 14.86 -7.20 45.42
N SER A 64 14.77 -7.63 44.16
CA SER A 64 15.25 -6.75 43.09
C SER A 64 14.25 -5.64 42.90
N VAL A 65 13.00 -5.93 43.22
CA VAL A 65 12.06 -4.85 43.07
C VAL A 65 12.25 -3.88 44.21
N GLU A 66 12.60 -4.35 45.41
CA GLU A 66 12.94 -3.42 46.47
C GLU A 66 14.19 -2.61 46.16
N HIS A 67 15.15 -3.24 45.49
CA HIS A 67 16.34 -2.53 45.09
C HIS A 67 15.99 -1.40 44.14
N ILE A 68 15.06 -1.67 43.23
CA ILE A 68 14.62 -0.65 42.30
C ILE A 68 14.00 0.50 43.08
N MET A 69 13.11 0.18 44.02
CA MET A 69 12.45 1.22 44.80
C MET A 69 13.45 2.01 45.63
N ARG A 70 14.49 1.35 46.17
CA ARG A 70 15.24 1.98 47.24
C ARG A 70 16.61 2.50 46.79
N ASP A 71 17.23 1.85 45.80
CA ASP A 71 18.63 2.12 45.48
C ASP A 71 18.79 2.78 44.11
N VAL A 72 18.01 2.36 43.12
CA VAL A 72 18.17 2.88 41.78
C VAL A 72 17.69 4.32 41.73
N ASN A 73 18.47 5.21 41.09
CA ASN A 73 18.09 6.61 41.00
C ASN A 73 16.78 6.73 40.24
N PHE A 74 15.76 7.37 40.84
CA PHE A 74 14.45 7.44 40.21
C PHE A 74 13.82 6.06 40.02
N GLY A 75 14.32 5.07 40.73
CA GLY A 75 13.73 3.77 40.51
C GLY A 75 12.28 3.78 40.98
N TRP A 76 12.01 4.52 42.05
CA TRP A 76 10.64 4.55 42.57
C TRP A 76 9.73 5.03 41.44
N PHE A 77 10.21 5.99 40.67
CA PHE A 77 9.35 6.58 39.68
C PHE A 77 9.10 5.59 38.57
N ILE A 78 10.16 4.97 38.10
CA ILE A 78 10.04 4.01 37.02
C ILE A 78 9.15 2.87 37.48
N ARG A 79 9.30 2.39 38.70
CA ARG A 79 8.43 1.31 39.14
C ARG A 79 6.98 1.75 39.23
N TYR A 80 6.69 2.85 39.91
CA TYR A 80 5.32 3.29 40.02
C TYR A 80 4.74 3.71 38.67
N ALA A 81 5.53 4.36 37.83
CA ALA A 81 5.02 4.67 36.50
C ALA A 81 4.61 3.39 35.79
N HIS A 82 5.44 2.36 35.87
CA HIS A 82 5.12 1.17 35.11
C HIS A 82 3.86 0.52 35.68
N ALA A 83 3.75 0.49 37.00
CA ALA A 83 2.63 -0.18 37.62
C ALA A 83 1.32 0.57 37.41
N ASN A 84 1.38 1.90 37.49
CA ASN A 84 0.16 2.67 37.36
C ASN A 84 -0.24 2.77 35.90
N THR A 85 0.74 2.92 35.01
CA THR A 85 0.37 3.02 33.61
C THR A 85 -0.30 1.73 33.17
N ALA A 86 0.00 0.61 33.82
CA ALA A 86 -0.77 -0.56 33.45
C ALA A 86 -2.24 -0.35 33.77
N SER A 87 -2.58 0.37 34.85
CA SER A 87 -3.97 0.64 35.14
C SER A 87 -4.53 1.61 34.11
N PHE A 88 -3.78 2.65 33.80
CA PHE A 88 -4.27 3.60 32.84
C PHE A 88 -4.41 2.97 31.46
N PHE A 89 -3.55 2.03 31.10
CA PHE A 89 -3.71 1.32 29.84
C PHE A 89 -5.08 0.67 29.82
N PHE A 90 -5.54 0.12 30.95
CA PHE A 90 -6.84 -0.52 30.87
C PHE A 90 -7.98 0.48 30.93
N ILE A 91 -7.79 1.61 31.60
CA ILE A 91 -8.84 2.60 31.52
C ILE A 91 -8.96 3.02 30.06
N CYS A 92 -7.85 3.34 29.41
CA CYS A 92 -7.93 3.78 28.03
C CYS A 92 -8.44 2.68 27.12
N ILE A 93 -8.18 1.41 27.41
CA ILE A 93 -8.55 0.37 26.47
C ILE A 93 -10.05 0.08 26.62
N TYR A 94 -10.56 0.21 27.84
CA TYR A 94 -11.98 0.01 28.01
C TYR A 94 -12.71 1.19 27.38
N ALA A 95 -12.17 2.39 27.51
CA ALA A 95 -12.76 3.57 26.90
C ALA A 95 -12.76 3.42 25.38
N HIS A 96 -11.66 2.99 24.83
CA HIS A 96 -11.55 2.83 23.41
C HIS A 96 -12.50 1.75 22.93
N MET A 97 -12.61 0.62 23.63
CA MET A 97 -13.59 -0.36 23.23
C MET A 97 -15.01 0.15 23.42
N GLY A 98 -15.26 0.89 24.50
CA GLY A 98 -16.58 1.46 24.71
C GLY A 98 -16.95 2.39 23.56
N ARG A 99 -16.02 3.24 23.15
CA ARG A 99 -16.24 4.14 22.03
C ARG A 99 -16.59 3.29 20.82
N ASN A 100 -15.84 2.22 20.57
CA ASN A 100 -16.09 1.44 19.39
C ASN A 100 -17.45 0.77 19.44
N ILE A 101 -17.92 0.37 20.62
CA ILE A 101 -19.21 -0.28 20.65
C ILE A 101 -20.33 0.75 20.47
N TYR A 102 -20.19 1.89 21.12
CA TYR A 102 -21.24 2.89 21.07
C TYR A 102 -21.37 3.45 19.66
N TYR A 103 -20.25 3.66 18.98
CA TYR A 103 -20.37 4.28 17.68
C TYR A 103 -20.36 3.27 16.55
N GLY A 104 -20.46 1.98 16.87
CA GLY A 104 -20.63 0.97 15.84
C GLY A 104 -19.38 0.85 14.99
N SER A 105 -18.22 1.09 15.56
CA SER A 105 -16.99 0.93 14.82
C SER A 105 -16.79 -0.52 14.44
N TYR A 106 -17.52 -1.44 15.06
CA TYR A 106 -17.29 -2.82 14.70
C TYR A 106 -18.05 -3.21 13.43
N LYS A 107 -18.95 -2.36 12.91
CA LYS A 107 -19.73 -2.74 11.74
C LYS A 107 -18.87 -2.73 10.48
N THR A 108 -19.34 -3.44 9.45
CA THR A 108 -18.76 -3.30 8.13
C THR A 108 -18.63 -1.82 7.80
N PRO A 109 -17.55 -1.36 7.17
CA PRO A 109 -16.46 -2.21 6.72
C PRO A 109 -15.29 -2.33 7.70
N ARG A 110 -15.56 -2.33 9.00
CA ARG A 110 -14.45 -2.31 9.90
C ARG A 110 -14.43 -3.54 10.78
N VAL A 111 -14.94 -4.67 10.28
CA VAL A 111 -14.94 -5.87 11.10
C VAL A 111 -13.52 -6.33 11.34
N LEU A 112 -12.62 -6.16 10.37
CA LEU A 112 -11.30 -6.70 10.58
C LEU A 112 -10.54 -5.93 11.66
N PRO A 113 -10.45 -4.59 11.65
CA PRO A 113 -9.78 -3.86 12.72
C PRO A 113 -10.40 -4.20 14.06
N TRP A 114 -11.71 -4.43 14.09
CA TRP A 114 -12.35 -4.74 15.36
C TRP A 114 -11.89 -6.10 15.87
N SER A 115 -11.85 -7.06 14.96
CA SER A 115 -11.53 -8.41 15.37
C SER A 115 -10.08 -8.51 15.77
N ILE A 116 -9.19 -7.83 15.08
CA ILE A 116 -7.82 -7.79 15.56
C ILE A 116 -7.76 -7.11 16.91
N GLY A 117 -8.59 -6.10 17.09
CA GLY A 117 -8.62 -5.40 18.35
C GLY A 117 -8.94 -6.36 19.48
N VAL A 118 -9.85 -7.30 19.25
CA VAL A 118 -10.22 -8.17 20.35
C VAL A 118 -9.03 -9.02 20.73
N ILE A 119 -8.17 -9.31 19.77
CA ILE A 119 -7.00 -10.08 20.11
C ILE A 119 -6.00 -9.21 20.88
N ILE A 120 -5.85 -7.94 20.48
CA ILE A 120 -4.99 -7.05 21.23
C ILE A 120 -5.44 -7.03 22.68
N PHE A 121 -6.73 -7.06 22.92
CA PHE A 121 -7.25 -6.96 24.27
C PHE A 121 -6.86 -8.21 25.05
N LEU A 122 -6.96 -9.38 24.42
CA LEU A 122 -6.48 -10.59 25.07
C LEU A 122 -4.99 -10.53 25.34
N LEU A 123 -4.18 -10.07 24.39
CA LEU A 123 -2.76 -10.01 24.68
C LEU A 123 -2.48 -9.04 25.81
N LEU A 124 -3.25 -7.96 25.92
CA LEU A 124 -2.97 -7.03 26.98
C LEU A 124 -3.27 -7.70 28.31
N ILE A 125 -4.33 -8.50 28.39
CA ILE A 125 -4.66 -9.16 29.63
C ILE A 125 -3.55 -10.12 30.03
N ILE A 126 -3.09 -10.93 29.09
CA ILE A 126 -2.02 -11.85 29.36
C ILE A 126 -0.76 -11.09 29.76
N THR A 127 -0.42 -10.02 29.03
CA THR A 127 0.77 -9.26 29.34
C THR A 127 0.70 -8.75 30.76
N ALA A 128 -0.42 -8.15 31.13
CA ALA A 128 -0.52 -7.52 32.43
C ALA A 128 -0.55 -8.59 33.49
N PHE A 129 -1.10 -9.77 33.18
CA PHE A 129 -1.16 -10.79 34.21
C PHE A 129 0.25 -11.29 34.51
N MET A 130 1.03 -11.54 33.47
CA MET A 130 2.37 -12.04 33.69
C MET A 130 3.21 -10.99 34.40
N GLY A 131 3.01 -9.72 34.07
CA GLY A 131 3.83 -8.71 34.71
C GLY A 131 3.58 -8.68 36.20
N TYR A 132 2.32 -8.90 36.58
CA TYR A 132 1.93 -8.88 37.97
C TYR A 132 2.69 -9.95 38.76
N VAL A 133 2.89 -11.11 38.14
CA VAL A 133 3.57 -12.22 38.78
C VAL A 133 5.04 -11.90 39.05
N LEU A 134 5.65 -11.03 38.25
CA LEU A 134 7.09 -10.87 38.34
C LEU A 134 7.53 -10.30 39.68
N VAL A 135 6.66 -9.60 40.38
CA VAL A 135 7.09 -9.02 41.63
C VAL A 135 7.40 -10.12 42.62
N PHE A 136 6.66 -11.24 42.52
CA PHE A 136 6.78 -12.38 43.41
C PHE A 136 6.46 -11.99 44.84
N GLY A 137 5.45 -11.13 44.99
CA GLY A 137 4.85 -10.89 46.29
C GLY A 137 3.71 -11.87 46.51
N GLN A 138 2.92 -11.67 47.56
CA GLN A 138 1.89 -12.66 47.85
C GLN A 138 0.83 -12.62 46.77
N MET A 139 0.45 -11.45 46.27
CA MET A 139 -0.60 -11.43 45.26
C MET A 139 -0.06 -12.01 43.96
N SER A 140 1.21 -11.78 43.67
CA SER A 140 1.84 -12.39 42.51
C SER A 140 1.70 -13.90 42.52
N LEU A 141 2.04 -14.50 43.65
CA LEU A 141 2.09 -15.94 43.68
C LEU A 141 0.68 -16.48 43.65
N TRP A 142 -0.20 -15.90 44.47
CA TRP A 142 -1.50 -16.48 44.66
C TRP A 142 -2.35 -16.23 43.43
N GLY A 143 -2.12 -15.11 42.75
CA GLY A 143 -2.63 -14.91 41.40
C GLY A 143 -2.20 -16.03 40.44
N ALA A 144 -0.90 -16.28 40.32
CA ALA A 144 -0.45 -17.29 39.36
C ALA A 144 -0.99 -18.66 39.74
N THR A 145 -1.10 -18.94 41.04
CA THR A 145 -1.58 -20.24 41.48
C THR A 145 -3.00 -20.44 41.01
N VAL A 146 -3.84 -19.44 41.25
CA VAL A 146 -5.26 -19.58 41.06
C VAL A 146 -5.52 -19.65 39.57
N ILE A 147 -4.83 -18.77 38.87
CA ILE A 147 -5.20 -18.61 37.48
C ILE A 147 -4.69 -19.82 36.71
N CYS A 148 -3.53 -20.31 37.08
CA CYS A 148 -3.04 -21.40 36.28
C CYS A 148 -3.72 -22.69 36.73
N ASN A 149 -4.29 -22.78 37.93
CA ASN A 149 -5.10 -23.94 38.24
C ASN A 149 -6.46 -23.99 37.53
N LEU A 150 -6.92 -22.89 36.90
CA LEU A 150 -8.13 -22.92 36.08
C LEU A 150 -7.93 -23.76 34.83
N VAL A 151 -6.72 -23.71 34.28
CA VAL A 151 -6.30 -24.51 33.14
C VAL A 151 -6.45 -26.00 33.45
N SER A 152 -6.34 -26.39 34.73
CA SER A 152 -6.56 -27.76 35.16
C SER A 152 -7.96 -28.27 34.81
N ALA A 153 -8.85 -27.36 34.44
CA ALA A 153 -10.23 -27.76 34.20
C ALA A 153 -10.41 -28.21 32.75
N ILE A 154 -9.52 -27.78 31.85
CA ILE A 154 -9.42 -28.39 30.52
C ILE A 154 -9.38 -29.91 30.71
N PRO A 155 -10.29 -30.68 30.07
CA PRO A 155 -10.43 -32.09 30.41
C PRO A 155 -9.25 -32.89 29.86
N TRP A 156 -8.88 -33.95 30.59
CA TRP A 156 -7.89 -34.93 30.17
C TRP A 156 -6.46 -34.39 30.30
N LEU A 157 -6.15 -33.28 29.62
CA LEU A 157 -4.78 -32.80 29.51
C LEU A 157 -4.50 -31.61 30.42
N GLY A 158 -5.53 -31.05 31.06
CA GLY A 158 -5.43 -29.81 31.79
C GLY A 158 -4.28 -29.78 32.80
N GLU A 159 -4.19 -30.82 33.64
CA GLU A 159 -3.18 -30.93 34.69
C GLU A 159 -1.79 -30.86 34.06
N ASP A 160 -1.61 -31.65 32.99
CA ASP A 160 -0.36 -31.76 32.28
C ASP A 160 0.04 -30.40 31.72
N ILE A 161 -0.95 -29.66 31.21
CA ILE A 161 -0.65 -28.38 30.62
C ILE A 161 -0.18 -27.43 31.71
N VAL A 162 -0.81 -27.48 32.88
CA VAL A 162 -0.46 -26.56 33.95
C VAL A 162 0.99 -26.80 34.34
N HIS A 163 1.35 -28.06 34.56
CA HIS A 163 2.69 -28.36 35.01
C HIS A 163 3.70 -27.95 33.95
N PHE A 164 3.30 -28.04 32.70
CA PHE A 164 4.17 -27.64 31.62
C PHE A 164 4.37 -26.12 31.62
N LEU A 165 3.31 -25.35 31.87
CA LEU A 165 3.47 -23.91 31.90
C LEU A 165 4.26 -23.46 33.13
N TRP A 166 4.03 -24.08 34.27
CA TRP A 166 4.75 -23.71 35.47
C TRP A 166 6.21 -24.13 35.41
N GLY A 167 6.49 -25.18 34.64
CA GLY A 167 7.81 -25.76 34.59
C GLY A 167 8.14 -26.53 35.84
N GLY A 168 7.12 -27.03 36.54
CA GLY A 168 7.32 -27.55 37.86
C GLY A 168 5.98 -27.99 38.40
N PHE A 169 5.94 -28.28 39.69
CA PHE A 169 4.72 -28.81 40.26
C PHE A 169 3.94 -27.73 40.98
N SER A 170 4.52 -26.54 41.05
CA SER A 170 3.92 -25.41 41.71
C SER A 170 4.48 -24.16 41.07
N VAL A 171 3.89 -23.00 41.38
CA VAL A 171 4.49 -21.77 40.95
C VAL A 171 5.72 -21.54 41.79
N GLY A 172 6.82 -21.32 41.08
CA GLY A 172 8.10 -21.14 41.75
C GLY A 172 9.09 -20.58 40.74
N ASN A 173 10.38 -20.88 40.92
CA ASN A 173 11.40 -20.20 40.18
C ASN A 173 11.19 -20.41 38.68
N PRO A 174 10.94 -21.63 38.19
CA PRO A 174 10.84 -21.81 36.74
C PRO A 174 9.73 -20.95 36.16
N THR A 175 8.68 -20.77 36.95
CA THR A 175 7.52 -20.06 36.43
C THR A 175 7.88 -18.60 36.32
N LEU A 176 8.62 -18.15 37.32
CA LEU A 176 8.95 -16.75 37.39
C LEU A 176 9.88 -16.41 36.24
N GLN A 177 10.87 -17.26 35.99
CA GLN A 177 11.78 -16.95 34.90
C GLN A 177 11.07 -16.96 33.57
N ARG A 178 10.16 -17.88 33.37
CA ARG A 178 9.53 -17.91 32.08
C ARG A 178 8.54 -16.77 31.93
N PHE A 179 7.93 -16.35 33.02
CA PHE A 179 7.01 -15.22 32.86
C PHE A 179 7.81 -13.98 32.58
N PHE A 180 9.04 -13.90 33.10
CA PHE A 180 9.78 -12.71 32.82
C PHE A 180 10.06 -12.64 31.32
N ALA A 181 10.47 -13.76 30.73
CA ALA A 181 10.84 -13.76 29.32
C ALA A 181 9.60 -13.41 28.50
N LEU A 182 8.47 -13.98 28.89
CA LEU A 182 7.30 -13.76 28.06
C LEU A 182 6.75 -12.37 28.27
N HIS A 183 6.82 -11.87 29.51
CA HIS A 183 6.28 -10.56 29.75
C HIS A 183 7.11 -9.56 28.99
N TYR A 184 8.42 -9.80 28.83
CA TYR A 184 9.20 -8.87 28.03
C TYR A 184 8.74 -8.92 26.58
N LEU A 185 8.44 -10.12 26.07
CA LEU A 185 8.17 -10.29 24.66
C LEU A 185 6.77 -9.82 24.30
N MET A 186 5.77 -10.16 25.11
CA MET A 186 4.38 -9.97 24.74
C MET A 186 4.08 -8.53 24.33
N PRO A 187 4.55 -7.48 25.01
CA PRO A 187 4.34 -6.12 24.55
C PRO A 187 4.82 -5.83 23.14
N PHE A 188 5.84 -6.53 22.67
CA PHE A 188 6.22 -6.34 21.29
C PHE A 188 5.20 -6.98 20.36
N VAL A 189 4.71 -8.15 20.72
CA VAL A 189 3.67 -8.75 19.92
C VAL A 189 2.44 -7.84 19.92
N LEU A 190 2.12 -7.27 21.07
CA LEU A 190 0.95 -6.42 21.22
C LEU A 190 1.10 -5.18 20.33
N ALA A 191 2.29 -4.59 20.30
CA ALA A 191 2.59 -3.49 19.39
C ALA A 191 2.38 -3.91 17.93
N VAL A 192 2.81 -5.11 17.54
CA VAL A 192 2.60 -5.48 16.16
C VAL A 192 1.11 -5.59 15.87
N PHE A 193 0.33 -6.19 16.76
CA PHE A 193 -1.08 -6.30 16.46
C PHE A 193 -1.74 -4.93 16.46
N ALA A 194 -1.23 -4.01 17.29
CA ALA A 194 -1.80 -2.67 17.30
C ALA A 194 -1.56 -2.07 15.93
N LEU A 195 -0.39 -2.33 15.39
CA LEU A 195 -0.10 -1.78 14.09
C LEU A 195 -0.94 -2.46 13.01
N LEU A 196 -1.15 -3.78 13.12
CA LEU A 196 -2.04 -4.43 12.17
C LEU A 196 -3.45 -3.89 12.25
N HIS A 197 -3.99 -3.65 13.45
CA HIS A 197 -5.36 -3.17 13.40
C HIS A 197 -5.45 -1.79 12.75
N LEU A 198 -4.39 -0.98 12.81
CA LEU A 198 -4.44 0.28 12.10
C LEU A 198 -4.32 0.11 10.60
N ILE A 199 -3.44 -0.77 10.16
CA ILE A 199 -3.34 -1.03 8.74
C ILE A 199 -4.68 -1.55 8.24
N ALA A 200 -5.31 -2.44 8.99
CA ALA A 200 -6.61 -2.91 8.56
C ALA A 200 -7.59 -1.76 8.47
N LEU A 201 -7.52 -0.81 9.40
CA LEU A 201 -8.49 0.26 9.41
C LEU A 201 -8.27 1.21 8.24
N HIS A 202 -7.06 1.22 7.68
CA HIS A 202 -6.72 2.25 6.72
C HIS A 202 -7.58 2.13 5.48
N THR A 203 -8.17 0.95 5.26
CA THR A 203 -8.93 0.76 4.04
C THR A 203 -10.24 1.53 4.09
N ALA A 204 -10.86 1.60 5.28
CA ALA A 204 -12.13 2.28 5.41
C ALA A 204 -11.96 3.68 5.98
N GLY A 205 -10.87 3.90 6.70
CA GLY A 205 -10.72 5.11 7.49
C GLY A 205 -11.53 5.05 8.78
N SER A 206 -11.28 6.02 9.66
CA SER A 206 -11.98 6.10 10.93
C SER A 206 -13.47 6.29 10.68
N SER A 207 -14.25 5.69 11.57
CA SER A 207 -15.66 6.00 11.64
C SER A 207 -15.75 7.37 12.26
N ASN A 208 -16.96 7.90 12.40
CA ASN A 208 -17.09 9.21 13.03
C ASN A 208 -18.34 9.18 13.88
N PRO A 209 -18.52 10.15 14.78
CA PRO A 209 -19.65 10.08 15.67
C PRO A 209 -21.02 10.16 15.01
N LEU A 210 -21.12 10.57 13.75
CA LEU A 210 -22.46 10.58 13.16
C LEU A 210 -22.79 9.26 12.50
N GLY A 211 -21.76 8.47 12.22
CA GLY A 211 -21.93 7.16 11.61
C GLY A 211 -22.21 7.22 10.11
N ILE A 212 -22.07 8.42 9.52
CA ILE A 212 -22.20 8.59 8.08
C ILE A 212 -20.80 8.53 7.48
N THR A 213 -20.74 8.52 6.15
CA THR A 213 -19.47 8.59 5.45
C THR A 213 -18.76 9.90 5.76
N SER A 214 -17.43 9.86 5.76
CA SER A 214 -16.70 11.11 5.89
C SER A 214 -16.01 11.43 4.59
N ASN A 215 -16.27 10.63 3.55
CA ASN A 215 -15.56 10.79 2.29
C ASN A 215 -15.82 12.17 1.70
N VAL A 216 -16.92 12.77 2.14
CA VAL A 216 -17.36 14.07 1.65
C VAL A 216 -16.53 15.22 2.26
N ASP A 217 -15.88 15.02 3.42
CA ASP A 217 -15.30 16.13 4.19
C ASP A 217 -14.15 15.68 5.09
N LYS A 218 -12.94 15.67 4.52
CA LYS A 218 -11.83 15.07 5.23
C LYS A 218 -10.87 16.16 5.71
N LEU A 219 -10.10 15.83 6.74
CA LEU A 219 -9.13 16.74 7.32
C LEU A 219 -7.84 15.95 7.45
N SER A 220 -6.69 16.55 7.17
CA SER A 220 -5.43 15.83 7.36
C SER A 220 -5.27 15.49 8.83
N MET A 221 -4.69 14.33 9.11
CA MET A 221 -4.43 13.90 10.47
C MET A 221 -3.57 14.94 11.19
N HIS A 222 -2.58 15.53 10.50
CA HIS A 222 -1.79 16.61 11.05
C HIS A 222 -2.09 17.86 10.21
N PRO A 223 -2.22 19.06 10.80
CA PRO A 223 -2.07 19.27 12.24
C PRO A 223 -3.28 19.08 13.15
N TYR A 224 -4.43 18.75 12.61
CA TYR A 224 -5.64 18.87 13.39
C TYR A 224 -5.73 17.85 14.49
N TYR A 225 -5.48 16.60 14.14
CA TYR A 225 -5.57 15.60 15.19
C TYR A 225 -4.31 15.53 16.03
N SER A 226 -3.15 15.87 15.46
CA SER A 226 -1.94 16.01 16.26
C SER A 226 -2.16 16.91 17.47
N PHE A 227 -2.74 18.09 17.22
CA PHE A 227 -2.84 19.06 18.29
C PHE A 227 -3.99 18.71 19.20
N LYS A 228 -4.99 18.01 18.66
CA LYS A 228 -6.08 17.58 19.51
C LYS A 228 -5.59 16.49 20.44
N ASP A 229 -4.66 15.66 19.97
CA ASP A 229 -4.12 14.56 20.75
C ASP A 229 -3.26 15.06 21.89
N LEU A 230 -2.61 16.21 21.70
CA LEU A 230 -1.84 16.78 22.78
C LEU A 230 -2.73 17.15 23.95
N ILE A 231 -3.95 17.61 23.73
CA ILE A 231 -4.78 17.97 24.87
C ILE A 231 -4.97 16.75 25.75
N THR A 232 -5.31 15.60 25.16
CA THR A 232 -5.53 14.45 26.01
C THR A 232 -4.24 13.86 26.54
N VAL A 233 -3.13 14.00 25.82
CA VAL A 233 -1.86 13.62 26.41
C VAL A 233 -1.61 14.40 27.69
N PHE A 234 -1.79 15.72 27.69
CA PHE A 234 -1.54 16.47 28.90
C PHE A 234 -2.57 16.17 29.96
N ALA A 235 -3.81 15.87 29.56
CA ALA A 235 -4.80 15.53 30.56
C ALA A 235 -4.45 14.19 31.21
N PHE A 236 -4.00 13.26 30.38
CA PHE A 236 -3.58 11.96 30.85
C PHE A 236 -2.39 12.12 31.80
N LEU A 237 -1.41 12.94 31.44
CA LEU A 237 -0.20 13.08 32.25
C LEU A 237 -0.52 13.77 33.56
N LEU A 238 -1.58 14.57 33.59
CA LEU A 238 -1.99 15.16 34.84
C LEU A 238 -2.54 14.08 35.77
N MET A 239 -3.39 13.21 35.24
CA MET A 239 -3.92 12.09 36.00
C MET A 239 -2.78 11.15 36.38
N PHE A 240 -1.87 10.87 35.45
CA PHE A 240 -0.70 10.05 35.73
C PHE A 240 0.09 10.62 36.90
N THR A 241 0.37 11.92 36.86
CA THR A 241 1.13 12.62 37.88
C THR A 241 0.43 12.49 39.24
N LEU A 242 -0.88 12.68 39.30
CA LEU A 242 -1.57 12.55 40.57
C LEU A 242 -1.41 11.16 41.18
N PHE A 243 -1.40 10.12 40.35
CA PHE A 243 -1.24 8.79 40.90
C PHE A 243 0.23 8.50 41.21
N VAL A 244 1.08 8.67 40.22
CA VAL A 244 2.46 8.29 40.36
C VAL A 244 3.14 9.08 41.47
N PHE A 245 2.91 10.39 41.58
CA PHE A 245 3.69 11.14 42.55
C PHE A 245 2.98 11.30 43.87
N PHE A 246 1.64 11.27 43.87
CA PHE A 246 0.94 11.67 45.08
C PHE A 246 0.21 10.53 45.76
N SER A 247 -0.14 9.49 44.99
CA SER A 247 -0.86 8.40 45.60
C SER A 247 -0.47 7.10 44.91
N PRO A 248 0.83 6.71 44.91
CA PRO A 248 1.27 5.68 43.97
C PRO A 248 0.70 4.30 44.23
N ASP A 249 0.08 4.11 45.39
CA ASP A 249 -0.37 2.79 45.78
C ASP A 249 -1.90 2.73 45.86
N LYS A 250 -2.60 3.77 45.37
CA LYS A 250 -4.05 3.82 45.48
C LYS A 250 -4.70 2.74 44.63
N LEU A 251 -4.09 2.43 43.48
CA LEU A 251 -4.73 1.48 42.60
C LEU A 251 -4.31 0.05 42.89
N GLY A 252 -3.36 -0.14 43.81
CA GLY A 252 -2.85 -1.47 44.05
C GLY A 252 -3.34 -2.11 45.34
N HIS A 253 -2.75 -3.26 45.57
CA HIS A 253 -3.10 -4.10 46.69
C HIS A 253 -1.86 -4.31 47.55
N PRO A 254 -1.93 -3.89 48.83
CA PRO A 254 -0.80 -4.02 49.75
C PRO A 254 -0.21 -5.40 49.86
N ASP A 255 -1.01 -6.42 49.57
CA ASP A 255 -0.56 -7.80 49.76
C ASP A 255 0.64 -8.11 48.87
N ASN A 256 0.81 -7.34 47.80
CA ASN A 256 1.97 -7.63 46.98
C ASN A 256 3.26 -7.03 47.53
N TYR A 257 3.24 -6.45 48.73
CA TYR A 257 4.48 -5.99 49.29
C TYR A 257 4.87 -6.92 50.41
N ILE A 258 4.21 -8.07 50.43
CA ILE A 258 4.68 -9.11 51.30
C ILE A 258 5.34 -10.11 50.37
N PRO A 259 6.58 -10.59 50.61
CA PRO A 259 7.16 -11.60 49.71
C PRO A 259 6.34 -12.90 49.66
N ALA A 260 6.26 -13.51 48.46
CA ALA A 260 5.49 -14.73 48.23
C ALA A 260 5.85 -15.80 49.26
N ASN A 261 4.80 -16.43 49.81
CA ASN A 261 4.96 -17.46 50.81
C ASN A 261 3.97 -18.54 50.44
N PRO A 262 4.42 -19.66 49.85
CA PRO A 262 3.50 -20.68 49.39
C PRO A 262 2.64 -21.31 50.49
N MET A 263 3.08 -21.17 51.74
CA MET A 263 2.36 -21.73 52.87
C MET A 263 1.19 -20.82 53.24
N VAL A 264 1.49 -19.61 53.69
CA VAL A 264 0.50 -18.62 54.09
C VAL A 264 -0.31 -18.15 52.89
N THR A 265 -1.64 -18.26 52.98
CA THR A 265 -2.47 -17.69 51.94
C THR A 265 -2.93 -16.31 52.39
N PRO A 266 -2.90 -15.30 51.51
CA PRO A 266 -3.27 -13.95 51.93
C PRO A 266 -4.75 -13.90 52.28
N ALA A 267 -5.11 -12.83 52.98
CA ALA A 267 -6.46 -12.54 53.46
C ALA A 267 -7.50 -12.80 52.36
N SER A 268 -7.36 -12.09 51.24
CA SER A 268 -8.25 -12.20 50.09
C SER A 268 -7.42 -12.09 48.82
N ILE A 269 -7.57 -13.05 47.91
CA ILE A 269 -7.00 -12.98 46.57
C ILE A 269 -8.09 -12.36 45.69
N VAL A 270 -7.89 -11.11 45.29
CA VAL A 270 -8.63 -10.50 44.19
C VAL A 270 -7.60 -10.07 43.15
N PRO A 271 -7.91 -10.19 41.86
CA PRO A 271 -7.00 -9.72 40.84
C PRO A 271 -6.95 -8.20 40.81
N GLU A 272 -6.10 -7.69 39.95
CA GLU A 272 -6.03 -6.27 39.67
C GLU A 272 -7.37 -5.79 39.17
N TRP A 273 -7.69 -4.54 39.50
CA TRP A 273 -9.04 -4.04 39.30
C TRP A 273 -9.53 -4.31 37.88
N TYR A 274 -8.66 -4.22 36.88
CA TYR A 274 -9.15 -4.23 35.50
C TYR A 274 -9.52 -5.63 35.06
N LEU A 275 -9.18 -6.64 35.86
CA LEU A 275 -9.57 -7.98 35.49
C LEU A 275 -10.85 -8.33 36.19
N LEU A 276 -11.32 -7.47 37.09
CA LEU A 276 -12.35 -7.90 38.01
C LEU A 276 -13.63 -8.30 37.31
N PRO A 277 -14.11 -7.66 36.22
CA PRO A 277 -15.36 -8.08 35.61
C PRO A 277 -15.32 -9.52 35.12
N PHE A 278 -14.17 -9.92 34.55
CA PHE A 278 -14.09 -11.27 34.00
C PHE A 278 -14.01 -12.27 35.13
N TYR A 279 -13.42 -11.83 36.24
CA TYR A 279 -13.32 -12.67 37.41
C TYR A 279 -14.72 -12.89 37.99
N ALA A 280 -15.58 -11.87 37.96
CA ALA A 280 -16.94 -12.01 38.45
C ALA A 280 -17.74 -12.97 37.58
N ILE A 281 -17.50 -12.91 36.27
CA ILE A 281 -18.19 -13.79 35.35
C ILE A 281 -17.81 -15.22 35.66
N LEU A 282 -16.53 -15.42 35.98
CA LEU A 282 -16.06 -16.76 36.24
C LEU A 282 -16.69 -17.32 37.52
N ARG A 283 -16.76 -16.50 38.56
CA ARG A 283 -17.38 -16.91 39.81
C ARG A 283 -18.86 -17.24 39.66
N ALA A 284 -19.53 -16.65 38.66
CA ALA A 284 -20.97 -16.80 38.53
C ALA A 284 -21.34 -18.24 38.18
N ILE A 285 -20.51 -18.88 37.35
CA ILE A 285 -20.77 -20.25 36.96
C ILE A 285 -20.22 -21.17 38.05
N PRO A 286 -21.04 -22.09 38.64
CA PRO A 286 -20.54 -22.94 39.72
C PRO A 286 -19.50 -23.98 39.30
N ASP A 287 -19.68 -24.54 38.09
CA ASP A 287 -18.77 -25.50 37.48
C ASP A 287 -17.44 -24.81 37.15
N LYS A 288 -16.33 -25.51 37.41
CA LYS A 288 -14.97 -24.98 37.20
C LYS A 288 -14.74 -24.75 35.71
N LEU A 289 -15.04 -25.76 34.89
CA LEU A 289 -14.83 -25.68 33.44
C LEU A 289 -15.79 -24.68 32.83
N GLY A 290 -17.06 -24.75 33.29
CA GLY A 290 -18.07 -23.81 32.84
C GLY A 290 -17.59 -22.38 33.05
N GLY A 291 -17.07 -22.12 34.26
CA GLY A 291 -16.61 -20.80 34.64
C GLY A 291 -15.52 -20.29 33.72
N VAL A 292 -14.62 -21.17 33.33
CA VAL A 292 -13.48 -20.77 32.53
C VAL A 292 -13.95 -20.45 31.12
N ILE A 293 -14.85 -21.29 30.61
CA ILE A 293 -15.37 -21.09 29.28
C ILE A 293 -16.10 -19.76 29.24
N ALA A 294 -16.97 -19.51 30.24
CA ALA A 294 -17.74 -18.28 30.32
C ALA A 294 -16.79 -17.09 30.33
N MET A 295 -15.68 -17.19 31.07
CA MET A 295 -14.78 -16.07 31.24
C MET A 295 -14.12 -15.73 29.91
N VAL A 296 -13.76 -16.77 29.14
CA VAL A 296 -13.12 -16.56 27.85
C VAL A 296 -14.16 -16.06 26.85
N ALA A 297 -15.35 -16.68 26.88
CA ALA A 297 -16.46 -16.30 26.03
C ALA A 297 -16.85 -14.84 26.27
N ALA A 298 -16.73 -14.34 27.50
CA ALA A 298 -17.05 -12.95 27.79
C ALA A 298 -16.17 -11.99 26.99
N ILE A 299 -14.98 -12.45 26.59
CA ILE A 299 -14.14 -11.63 25.74
C ILE A 299 -14.40 -11.97 24.29
N LEU A 300 -14.50 -13.26 23.96
CA LEU A 300 -14.60 -13.61 22.56
C LEU A 300 -15.97 -13.26 21.99
N ILE A 301 -16.99 -13.12 22.84
CA ILE A 301 -18.33 -12.79 22.35
C ILE A 301 -18.35 -11.41 21.69
N LEU A 302 -17.36 -10.57 21.98
CA LEU A 302 -17.24 -9.31 21.27
C LEU A 302 -17.09 -9.54 19.77
N LEU A 303 -16.56 -10.69 19.37
CA LEU A 303 -16.35 -10.96 17.97
C LEU A 303 -17.66 -11.13 17.23
N ILE A 304 -18.77 -11.32 17.92
CA ILE A 304 -20.00 -11.53 17.16
C ILE A 304 -20.80 -10.24 17.03
N LEU A 305 -20.34 -9.13 17.61
CA LEU A 305 -21.11 -7.91 17.46
C LEU A 305 -21.42 -7.62 16.00
N PRO A 306 -20.48 -7.81 15.06
CA PRO A 306 -20.78 -7.52 13.65
C PRO A 306 -21.99 -8.26 13.11
N ILE A 307 -22.34 -9.40 13.71
CA ILE A 307 -23.46 -10.22 13.26
C ILE A 307 -24.75 -9.81 13.98
N VAL A 308 -24.64 -9.65 15.30
CA VAL A 308 -25.84 -9.52 16.11
C VAL A 308 -26.40 -8.09 16.08
N ASP A 309 -25.58 -7.10 15.71
CA ASP A 309 -26.12 -5.77 15.50
C ASP A 309 -26.78 -5.71 14.12
N ARG A 310 -28.10 -5.62 14.10
CA ARG A 310 -28.81 -5.74 12.84
C ARG A 310 -29.20 -4.37 12.31
N SER A 311 -28.66 -3.31 12.89
CA SER A 311 -29.13 -1.99 12.52
C SER A 311 -28.73 -1.62 11.11
N ILE A 312 -29.55 -0.81 10.43
CA ILE A 312 -29.17 -0.28 9.13
C ILE A 312 -28.37 1.00 9.32
N ILE A 313 -28.19 1.43 10.57
CA ILE A 313 -27.56 2.68 10.89
C ILE A 313 -26.36 2.39 11.79
N ARG A 314 -25.25 3.07 11.53
CA ARG A 314 -24.06 2.75 12.27
C ARG A 314 -24.01 3.62 13.52
N GLY A 315 -23.91 2.98 14.69
CA GLY A 315 -23.67 3.73 15.92
C GLY A 315 -24.94 4.19 16.61
N ASN A 316 -24.78 4.74 17.82
CA ASN A 316 -25.91 4.99 18.69
C ASN A 316 -26.25 6.46 18.78
N ALA A 317 -25.51 7.34 18.10
CA ALA A 317 -25.82 8.76 18.24
C ALA A 317 -27.31 9.05 18.04
N PHE A 318 -27.95 8.31 17.15
CA PHE A 318 -29.31 8.65 16.78
C PHE A 318 -30.31 7.60 17.22
N LYS A 319 -29.91 6.74 18.16
CA LYS A 319 -30.78 5.63 18.49
C LYS A 319 -31.04 5.65 19.98
N PRO A 320 -32.12 6.31 20.42
CA PRO A 320 -32.36 6.49 21.85
C PRO A 320 -32.49 5.18 22.61
N ILE A 321 -33.13 4.15 22.03
CA ILE A 321 -33.27 2.92 22.78
C ILE A 321 -31.92 2.22 22.92
N SER A 322 -31.18 2.11 21.82
CA SER A 322 -29.84 1.56 21.87
C SER A 322 -28.96 2.29 22.86
N LYS A 323 -29.09 3.62 22.98
CA LYS A 323 -28.28 4.35 23.95
C LYS A 323 -28.63 3.93 25.37
N LEU A 324 -29.91 3.68 25.63
CA LEU A 324 -30.30 3.31 26.99
C LEU A 324 -29.77 1.92 27.30
N LEU A 325 -29.95 1.02 26.35
CA LEU A 325 -29.46 -0.35 26.50
C LEU A 325 -27.96 -0.33 26.71
N PHE A 326 -27.25 0.55 26.03
CA PHE A 326 -25.81 0.58 26.14
C PHE A 326 -25.42 1.10 27.51
N GLY A 327 -26.19 2.06 28.02
CA GLY A 327 -25.91 2.61 29.33
C GLY A 327 -26.02 1.50 30.37
N PHE A 328 -27.07 0.66 30.27
CA PHE A 328 -27.29 -0.44 31.19
C PHE A 328 -26.18 -1.47 31.05
N PHE A 329 -25.77 -1.73 29.83
CA PHE A 329 -24.68 -2.66 29.59
C PHE A 329 -23.40 -2.18 30.25
N ILE A 330 -23.06 -0.90 30.11
CA ILE A 330 -21.80 -0.39 30.65
C ILE A 330 -21.84 -0.39 32.17
N CYS A 331 -22.98 0.01 32.74
CA CYS A 331 -23.08 0.02 34.19
C CYS A 331 -23.04 -1.39 34.75
N ASN A 332 -23.62 -2.35 34.05
CA ASN A 332 -23.58 -3.73 34.46
C ASN A 332 -22.14 -4.22 34.39
N PHE A 333 -21.39 -3.78 33.40
CA PHE A 333 -20.01 -4.21 33.31
C PHE A 333 -19.23 -3.68 34.51
N LEU A 334 -19.55 -2.47 34.98
CA LEU A 334 -18.91 -1.96 36.19
C LEU A 334 -19.43 -2.69 37.42
N LEU A 335 -20.71 -3.03 37.48
CA LEU A 335 -21.18 -3.77 38.64
C LEU A 335 -20.50 -5.13 38.71
N LEU A 336 -20.34 -5.81 37.57
CA LEU A 336 -19.54 -7.02 37.54
C LEU A 336 -18.16 -6.78 38.13
N GLY A 337 -17.51 -5.69 37.73
CA GLY A 337 -16.23 -5.34 38.33
C GLY A 337 -16.30 -5.29 39.85
N VAL A 338 -17.28 -4.58 40.40
CA VAL A 338 -17.44 -4.49 41.83
C VAL A 338 -17.70 -5.87 42.44
N LEU A 339 -18.49 -6.71 41.80
CA LEU A 339 -18.79 -8.02 42.35
C LEU A 339 -17.58 -8.95 42.30
N GLY A 340 -16.58 -8.55 41.52
CA GLY A 340 -15.38 -9.35 41.46
C GLY A 340 -14.55 -9.19 42.73
N GLN A 341 -14.84 -8.13 43.51
CA GLN A 341 -14.00 -7.88 44.67
C GLN A 341 -14.75 -8.04 45.98
N VAL A 342 -16.03 -8.40 45.92
CA VAL A 342 -16.72 -8.70 47.16
C VAL A 342 -16.44 -10.15 47.50
N HIS A 343 -16.79 -10.55 48.72
CA HIS A 343 -16.58 -11.93 49.11
C HIS A 343 -17.72 -12.75 48.53
N ILE A 344 -17.46 -14.04 48.30
CA ILE A 344 -18.50 -14.93 47.83
C ILE A 344 -19.43 -15.22 49.01
N GLU A 345 -20.41 -14.33 49.15
CA GLU A 345 -21.37 -14.36 50.24
C GLU A 345 -22.74 -13.94 49.71
N PRO A 346 -23.85 -14.32 50.35
CA PRO A 346 -25.15 -13.71 50.03
C PRO A 346 -25.12 -12.21 50.40
N PRO A 347 -25.78 -11.34 49.62
CA PRO A 347 -26.59 -11.74 48.48
C PRO A 347 -25.86 -11.58 47.16
N PHE A 348 -24.53 -11.43 47.22
CA PHE A 348 -23.77 -11.13 46.02
C PHE A 348 -23.65 -12.34 45.11
N ILE A 349 -23.98 -13.54 45.59
CA ILE A 349 -23.77 -14.72 44.75
C ILE A 349 -24.80 -14.70 43.62
N VAL A 350 -26.07 -14.54 44.00
CA VAL A 350 -27.19 -14.48 43.07
C VAL A 350 -27.06 -13.24 42.19
N LEU A 351 -26.68 -12.10 42.80
CA LEU A 351 -26.57 -10.86 42.06
C LEU A 351 -25.54 -11.01 40.95
N GLY A 352 -24.44 -11.70 41.24
CA GLY A 352 -23.36 -11.87 40.29
C GLY A 352 -23.82 -12.70 39.10
N GLN A 353 -24.73 -13.64 39.36
CA GLN A 353 -25.27 -14.51 38.35
C GLN A 353 -26.20 -13.72 37.44
N ILE A 354 -27.06 -12.91 38.05
CA ILE A 354 -27.93 -12.07 37.26
C ILE A 354 -27.11 -11.12 36.39
N CYS A 355 -26.12 -10.42 36.96
CA CYS A 355 -25.30 -9.54 36.14
C CYS A 355 -24.57 -10.27 35.03
N THR A 356 -24.20 -11.53 35.27
CA THR A 356 -23.52 -12.28 34.22
C THR A 356 -24.48 -12.62 33.10
N ILE A 357 -25.72 -12.99 33.46
CA ILE A 357 -26.72 -13.29 32.45
C ILE A 357 -26.99 -12.00 31.66
N PHE A 358 -27.09 -10.86 32.35
CA PHE A 358 -27.36 -9.62 31.64
C PHE A 358 -26.23 -9.32 30.66
N TYR A 359 -24.99 -9.55 31.08
CA TYR A 359 -23.85 -9.26 30.21
C TYR A 359 -23.99 -10.05 28.91
N PHE A 360 -24.29 -11.35 28.97
CA PHE A 360 -24.31 -12.16 27.78
C PHE A 360 -25.54 -11.88 26.95
N SER A 361 -26.65 -11.55 27.62
CA SER A 361 -27.92 -11.41 26.94
C SER A 361 -27.95 -10.12 26.13
N TYR A 362 -27.10 -9.16 26.51
CA TYR A 362 -26.91 -8.00 25.65
C TYR A 362 -26.50 -8.44 24.25
N PHE A 363 -25.48 -9.28 24.13
CA PHE A 363 -25.04 -9.65 22.79
C PHE A 363 -26.00 -10.63 22.12
N LEU A 364 -26.71 -11.43 22.91
CA LEU A 364 -27.35 -12.56 22.27
C LEU A 364 -28.82 -12.30 22.02
N ILE A 365 -29.40 -11.39 22.79
CA ILE A 365 -30.85 -11.25 22.76
C ILE A 365 -31.20 -9.79 22.53
N LEU A 366 -30.77 -8.93 23.46
CA LEU A 366 -31.24 -7.57 23.48
C LEU A 366 -30.73 -6.79 22.29
N LEU A 367 -29.43 -6.85 21.99
CA LEU A 367 -28.92 -6.05 20.90
C LEU A 367 -29.58 -6.46 19.59
N PRO A 368 -29.66 -7.76 19.23
CA PRO A 368 -30.42 -8.15 18.05
C PRO A 368 -31.89 -7.72 18.06
N MET A 369 -32.58 -7.77 19.23
CA MET A 369 -33.98 -7.35 19.27
C MET A 369 -34.07 -5.85 19.08
N VAL A 370 -33.30 -5.11 19.87
CA VAL A 370 -33.41 -3.67 19.92
C VAL A 370 -33.02 -3.08 18.57
N SER A 371 -31.96 -3.61 17.98
CA SER A 371 -31.53 -3.05 16.70
C SER A 371 -32.54 -3.34 15.59
N THR A 372 -33.24 -4.47 15.65
CA THR A 372 -34.27 -4.79 14.69
C THR A 372 -35.45 -3.84 14.81
N ILE A 373 -35.89 -3.59 16.04
CA ILE A 373 -37.02 -2.72 16.29
C ILE A 373 -36.69 -1.28 15.92
N GLU A 374 -35.46 -0.86 16.18
CA GLU A 374 -35.17 0.51 15.84
C GLU A 374 -35.16 0.72 14.33
N ASN A 375 -34.75 -0.31 13.58
CA ASN A 375 -34.81 -0.24 12.12
C ASN A 375 -36.24 0.08 11.71
N ILE A 376 -37.21 -0.63 12.29
CA ILE A 376 -38.59 -0.46 11.90
C ILE A 376 -39.09 0.92 12.34
N PHE A 377 -38.70 1.36 13.54
CA PHE A 377 -39.12 2.68 13.97
C PHE A 377 -38.56 3.79 13.10
N PHE A 378 -37.31 3.67 12.64
CA PHE A 378 -36.80 4.73 11.79
C PHE A 378 -37.60 4.82 10.49
N TYR A 379 -37.95 3.66 9.95
CA TYR A 379 -38.61 3.66 8.67
C TYR A 379 -40.05 4.15 8.83
N ILE A 380 -40.80 3.59 9.77
CA ILE A 380 -42.18 4.00 9.90
C ILE A 380 -42.26 5.44 10.39
N GLY A 381 -41.33 5.79 11.26
CA GLY A 381 -41.38 7.08 11.92
C GLY A 381 -41.01 8.21 10.99
N SER A 382 -40.40 7.89 9.85
CA SER A 382 -40.05 8.97 8.95
C SER A 382 -40.92 9.01 7.69
N LEU A 383 -41.84 8.05 7.55
CA LEU A 383 -42.77 7.99 6.41
C LEU A 383 -43.67 9.23 6.31
N GLY B 39 13.33 -19.47 -37.05
CA GLY B 39 13.76 -18.09 -36.63
C GLY B 39 12.86 -16.98 -37.18
N LYS B 40 11.64 -17.35 -37.62
CA LYS B 40 10.65 -16.45 -38.20
C LYS B 40 9.23 -16.92 -37.93
N SER B 41 8.91 -18.18 -38.27
CA SER B 41 7.55 -18.64 -38.03
C SER B 41 7.36 -18.88 -36.53
N THR B 42 6.29 -18.34 -35.96
CA THR B 42 6.11 -18.55 -34.53
C THR B 42 5.25 -19.77 -34.25
N TYR B 43 4.81 -20.47 -35.30
CA TYR B 43 4.00 -21.65 -35.12
C TYR B 43 4.90 -22.87 -35.16
N LYS B 44 6.18 -22.65 -35.47
CA LYS B 44 7.13 -23.73 -35.42
C LYS B 44 7.74 -23.70 -34.03
N ILE B 45 7.14 -24.45 -33.11
CA ILE B 45 7.59 -24.47 -31.73
C ILE B 45 9.04 -24.95 -31.71
N PRO B 46 9.92 -24.23 -30.98
CA PRO B 46 11.32 -24.64 -30.81
C PRO B 46 11.45 -26.08 -30.35
N ASP B 47 12.66 -26.63 -30.51
CA ASP B 47 12.88 -28.04 -30.24
C ASP B 47 12.95 -28.27 -28.73
N PHE B 48 12.00 -29.07 -28.23
CA PHE B 48 11.96 -29.40 -26.82
C PHE B 48 12.16 -30.88 -26.60
N THR B 49 12.51 -31.63 -27.64
CA THR B 49 12.60 -33.08 -27.58
C THR B 49 13.66 -33.54 -26.58
N PRO B 50 14.82 -32.85 -26.41
CA PRO B 50 15.74 -33.11 -25.31
C PRO B 50 15.15 -33.16 -23.90
N TYR B 51 13.97 -32.55 -23.68
CA TYR B 51 13.43 -32.45 -22.34
C TYR B 51 12.04 -33.07 -22.21
N LEU B 52 11.35 -33.28 -23.32
CA LEU B 52 9.99 -33.79 -23.21
C LEU B 52 10.01 -35.25 -22.79
N LYS B 53 9.18 -35.58 -21.80
CA LYS B 53 8.90 -36.95 -21.39
C LYS B 53 7.92 -37.58 -22.37
N LYS B 54 8.19 -38.82 -22.80
CA LYS B 54 7.26 -39.47 -23.72
C LYS B 54 5.94 -39.77 -23.01
N ASP B 55 5.99 -40.24 -21.76
CA ASP B 55 4.79 -40.63 -21.03
C ASP B 55 4.21 -39.51 -20.18
N ARG B 56 4.14 -38.29 -20.70
CA ARG B 56 3.95 -37.13 -19.86
C ARG B 56 2.53 -37.05 -19.33
N ASN B 57 1.60 -37.74 -20.01
CA ASN B 57 0.22 -37.56 -19.67
C ASN B 57 -0.34 -38.74 -18.90
N THR B 58 0.53 -39.69 -18.55
CA THR B 58 0.10 -40.84 -17.76
C THR B 58 -0.07 -40.45 -16.29
N ASP B 59 -0.92 -41.19 -15.56
CA ASP B 59 -1.08 -40.95 -14.14
C ASP B 59 0.20 -41.34 -13.40
N ALA B 60 0.88 -42.38 -13.90
CA ALA B 60 2.17 -42.83 -13.39
C ALA B 60 3.12 -41.64 -13.30
N ASN B 61 3.13 -40.83 -14.34
CA ASN B 61 4.07 -39.74 -14.46
C ASN B 61 3.79 -38.68 -13.41
N ARG B 62 2.51 -38.28 -13.25
CA ARG B 62 2.22 -37.24 -12.27
C ARG B 62 2.50 -37.77 -10.88
N LEU B 63 2.14 -39.04 -10.67
CA LEU B 63 2.18 -39.64 -9.36
C LEU B 63 3.63 -39.62 -8.88
N PHE B 64 4.58 -39.87 -9.78
CA PHE B 64 5.97 -39.89 -9.38
C PHE B 64 6.37 -38.56 -8.78
N SER B 65 6.05 -37.47 -9.46
CA SER B 65 6.52 -36.19 -8.95
C SER B 65 5.81 -35.83 -7.65
N TYR B 66 4.59 -36.29 -7.46
CA TYR B 66 3.91 -36.02 -6.21
C TYR B 66 4.45 -36.91 -5.11
N PHE B 67 5.04 -38.05 -5.47
CA PHE B 67 5.70 -38.86 -4.47
C PHE B 67 6.92 -38.12 -3.95
N MET B 68 7.65 -37.43 -4.83
CA MET B 68 8.76 -36.60 -4.37
C MET B 68 8.30 -35.45 -3.48
N ILE B 69 7.30 -34.68 -3.93
CA ILE B 69 6.73 -33.61 -3.13
C ILE B 69 6.18 -34.15 -1.82
N GLY B 70 5.50 -35.30 -1.86
CA GLY B 70 4.89 -35.83 -0.66
C GLY B 70 5.95 -36.37 0.31
N SER B 71 7.03 -36.96 -0.20
CA SER B 71 8.13 -37.40 0.66
C SER B 71 8.73 -36.20 1.37
N PHE B 72 8.87 -35.12 0.63
CA PHE B 72 9.44 -33.93 1.18
C PHE B 72 8.52 -33.35 2.25
N GLY B 73 7.21 -33.39 2.00
CA GLY B 73 6.25 -32.98 3.00
C GLY B 73 6.27 -33.92 4.19
N MET B 74 6.56 -35.21 3.96
CA MET B 74 6.49 -36.17 5.03
C MET B 74 7.67 -35.94 5.95
N LEU B 75 8.87 -35.74 5.38
CA LEU B 75 10.04 -35.54 6.20
C LEU B 75 9.97 -34.20 6.90
N SER B 76 9.37 -33.21 6.23
CA SER B 76 9.20 -31.93 6.85
C SER B 76 8.25 -32.02 8.04
N ALA B 77 7.17 -32.81 7.90
CA ALA B 77 6.22 -33.01 9.00
C ALA B 77 6.89 -33.78 10.14
N ALA B 78 7.64 -34.83 9.82
CA ALA B 78 8.31 -35.63 10.85
C ALA B 78 9.36 -34.79 11.55
N GLY B 79 10.11 -33.99 10.77
CA GLY B 79 11.14 -33.10 11.25
C GLY B 79 10.56 -31.99 12.12
N ALA B 80 9.41 -31.45 11.73
CA ALA B 80 8.78 -30.37 12.49
C ALA B 80 8.24 -30.91 13.80
N LYS B 81 7.66 -32.11 13.76
CA LYS B 81 7.19 -32.70 14.99
C LYS B 81 8.38 -32.92 15.93
N ALA B 82 9.46 -33.50 15.43
CA ALA B 82 10.64 -33.76 16.24
C ALA B 82 11.18 -32.45 16.82
N THR B 83 11.28 -31.43 15.96
CA THR B 83 11.80 -30.15 16.36
C THR B 83 10.94 -29.57 17.46
N VAL B 84 9.64 -29.43 17.21
CA VAL B 84 8.72 -28.87 18.19
C VAL B 84 8.77 -29.66 19.50
N GLN B 85 8.68 -30.98 19.44
CA GLN B 85 8.54 -31.76 20.65
C GLN B 85 9.81 -31.62 21.46
N ASP B 86 10.97 -31.68 20.80
CA ASP B 86 12.21 -31.66 21.54
C ASP B 86 12.41 -30.27 22.13
N PHE B 87 12.17 -29.28 21.29
CA PHE B 87 12.45 -27.91 21.66
C PHE B 87 11.51 -27.46 22.76
N LEU B 88 10.21 -27.74 22.66
CA LEU B 88 9.32 -27.28 23.70
C LEU B 88 9.49 -28.06 24.99
N SER B 89 10.09 -29.26 24.94
CA SER B 89 10.25 -29.99 26.18
C SER B 89 11.13 -29.21 27.16
N ASN B 90 11.88 -28.22 26.68
CA ASN B 90 12.65 -27.39 27.58
C ASN B 90 11.73 -26.80 28.64
N MET B 91 10.44 -26.68 28.36
CA MET B 91 9.55 -25.97 29.24
C MET B 91 9.00 -26.85 30.36
N SER B 92 9.05 -28.17 30.16
CA SER B 92 8.75 -29.19 31.13
C SER B 92 9.75 -29.12 32.29
N ALA B 93 9.36 -29.62 33.48
CA ALA B 93 10.23 -29.53 34.65
C ALA B 93 11.62 -30.08 34.34
N SER B 94 12.63 -29.26 34.66
CA SER B 94 14.02 -29.61 34.50
C SER B 94 14.45 -30.61 35.56
N ALA B 95 15.63 -31.21 35.38
CA ALA B 95 16.12 -32.32 36.18
C ALA B 95 16.29 -31.95 37.64
N ASP B 96 16.65 -30.70 37.92
CA ASP B 96 16.83 -30.27 39.30
C ASP B 96 15.49 -30.17 40.02
N VAL B 97 14.45 -29.79 39.27
CA VAL B 97 13.12 -29.63 39.80
C VAL B 97 12.56 -31.02 40.08
N LEU B 98 12.81 -31.91 39.13
CA LEU B 98 12.24 -33.23 39.21
C LEU B 98 12.88 -34.00 40.35
N ALA B 99 14.03 -33.50 40.81
CA ALA B 99 14.76 -34.19 41.85
C ALA B 99 14.20 -33.81 43.23
N MET B 100 13.47 -32.69 43.29
CA MET B 100 12.97 -32.08 44.51
C MET B 100 11.55 -32.53 44.56
N ALA B 101 11.40 -33.63 43.92
CA ALA B 101 10.21 -34.20 44.42
C ALA B 101 10.60 -35.04 45.64
N LYS B 102 9.86 -36.14 45.81
CA LYS B 102 10.26 -37.25 46.68
C LYS B 102 10.74 -36.77 48.06
N VAL B 103 9.98 -35.88 48.72
CA VAL B 103 10.37 -35.45 50.06
C VAL B 103 10.11 -36.57 51.07
N GLU B 104 11.14 -36.82 51.89
CA GLU B 104 11.04 -37.73 53.01
C GLU B 104 10.80 -36.93 54.29
N VAL B 105 9.87 -37.43 55.13
CA VAL B 105 9.50 -36.78 56.38
C VAL B 105 9.49 -37.81 57.52
N LYS B 106 10.00 -37.39 58.69
CA LYS B 106 9.91 -38.15 59.94
C LYS B 106 8.48 -38.14 60.48
N LEU B 107 8.19 -39.00 61.47
CA LEU B 107 6.90 -39.04 62.14
C LEU B 107 7.04 -39.09 63.66
N GLY B 108 8.29 -39.24 64.13
CA GLY B 108 8.59 -39.34 65.54
C GLY B 108 8.34 -38.03 66.28
N ALA B 109 8.53 -36.91 65.55
CA ALA B 109 8.40 -35.56 66.07
C ALA B 109 6.94 -35.22 66.39
N ILE B 110 6.03 -35.85 65.64
CA ILE B 110 4.63 -35.43 65.56
C ILE B 110 3.83 -36.04 66.72
N PRO B 111 3.31 -35.18 67.65
CA PRO B 111 2.46 -35.64 68.75
C PRO B 111 1.05 -35.97 68.25
N LEU B 112 0.28 -36.70 69.09
CA LEU B 112 -1.12 -36.96 68.80
C LEU B 112 -1.91 -35.66 68.83
N GLY B 113 -2.87 -35.52 67.89
CA GLY B 113 -3.75 -34.37 67.81
C GLY B 113 -3.05 -33.13 67.25
N LYS B 114 -2.14 -33.36 66.30
CA LYS B 114 -1.38 -32.28 65.70
C LYS B 114 -1.33 -32.49 64.19
N ASN B 115 -1.22 -31.35 63.48
CA ASN B 115 -1.09 -31.32 62.04
C ASN B 115 0.18 -30.55 61.69
N VAL B 116 1.04 -31.20 60.90
CA VAL B 116 2.28 -30.61 60.43
C VAL B 116 2.02 -30.04 59.04
N ILE B 117 2.93 -29.12 58.62
CA ILE B 117 2.92 -28.53 57.29
C ILE B 117 4.32 -28.69 56.71
N ILE B 118 4.44 -29.58 55.72
CA ILE B 118 5.70 -29.88 55.07
C ILE B 118 5.63 -29.27 53.68
N LYS B 119 6.61 -28.46 53.27
CA LYS B 119 6.57 -28.08 51.86
C LYS B 119 7.05 -29.22 50.98
N TRP B 120 6.25 -29.50 49.95
CA TRP B 120 6.50 -30.58 49.04
C TRP B 120 6.09 -30.03 47.71
N ARG B 121 7.07 -29.73 46.86
CA ARG B 121 6.79 -29.16 45.56
C ARG B 121 6.13 -27.79 45.76
N GLY B 122 6.60 -27.00 46.74
CA GLY B 122 6.05 -25.66 46.98
C GLY B 122 4.64 -25.64 47.52
N LYS B 123 3.84 -26.67 47.21
CA LYS B 123 2.55 -26.83 47.86
C LYS B 123 2.80 -27.28 49.31
N PRO B 124 1.97 -26.86 50.28
CA PRO B 124 1.99 -27.44 51.63
C PRO B 124 1.38 -28.83 51.75
N ILE B 125 1.96 -29.65 52.64
CA ILE B 125 1.46 -30.98 52.95
C ILE B 125 1.02 -30.95 54.40
N PHE B 126 -0.27 -31.21 54.61
CA PHE B 126 -0.78 -31.38 55.96
C PHE B 126 -0.60 -32.82 56.39
N ILE B 127 0.17 -33.00 57.46
CA ILE B 127 0.24 -34.33 58.07
C ILE B 127 -0.32 -34.19 59.46
N ARG B 128 -1.46 -34.87 59.67
CA ARG B 128 -2.11 -34.92 60.96
C ARG B 128 -1.94 -36.31 61.58
N HIS B 129 -1.50 -36.32 62.84
CA HIS B 129 -1.46 -37.51 63.67
C HIS B 129 -2.79 -37.61 64.42
N ARG B 130 -3.76 -38.26 63.77
CA ARG B 130 -5.14 -38.29 64.23
C ARG B 130 -5.26 -39.22 65.43
N THR B 131 -6.06 -38.78 66.41
CA THR B 131 -6.42 -39.58 67.58
C THR B 131 -7.51 -40.58 67.20
N SER B 132 -7.76 -41.53 68.11
CA SER B 132 -8.78 -42.56 67.98
C SER B 132 -10.15 -41.96 67.69
N GLU B 133 -10.55 -40.93 68.47
CA GLU B 133 -11.88 -40.34 68.42
C GLU B 133 -12.06 -39.51 67.14
N GLU B 134 -10.94 -39.01 66.60
CA GLU B 134 -10.91 -38.26 65.35
C GLU B 134 -11.27 -39.19 64.18
N ILE B 135 -10.66 -40.40 64.19
CA ILE B 135 -10.86 -41.45 63.21
C ILE B 135 -12.33 -41.83 63.20
N GLU B 136 -12.89 -41.98 64.41
CA GLU B 136 -14.28 -42.33 64.63
C GLU B 136 -15.19 -41.28 64.02
N GLU B 137 -14.88 -39.99 64.27
CA GLU B 137 -15.67 -38.85 63.79
C GLU B 137 -15.74 -38.87 62.26
N ALA B 138 -14.62 -39.25 61.64
CA ALA B 138 -14.49 -39.26 60.18
C ALA B 138 -15.22 -40.45 59.57
N ASN B 139 -15.31 -41.56 60.32
CA ASN B 139 -15.89 -42.79 59.81
C ASN B 139 -17.42 -42.78 59.95
N GLU B 140 -17.98 -41.64 60.37
CA GLU B 140 -19.41 -41.50 60.65
C GLU B 140 -20.19 -41.17 59.38
N VAL B 141 -19.82 -40.03 58.75
CA VAL B 141 -20.52 -39.41 57.65
C VAL B 141 -20.82 -40.47 56.58
N ASN B 142 -22.11 -40.62 56.24
CA ASN B 142 -22.52 -41.50 55.15
C ASN B 142 -21.94 -40.96 53.86
N VAL B 143 -21.24 -41.84 53.12
CA VAL B 143 -20.60 -41.55 51.85
C VAL B 143 -21.57 -40.87 50.90
N ALA B 144 -22.82 -41.31 50.91
CA ALA B 144 -23.87 -40.83 50.02
C ALA B 144 -23.91 -39.29 49.98
N THR B 145 -23.90 -38.64 51.17
CA THR B 145 -24.05 -37.19 51.27
C THR B 145 -22.68 -36.50 51.34
N LEU B 146 -22.00 -36.42 50.19
CA LEU B 146 -20.64 -35.93 50.06
C LEU B 146 -20.44 -35.54 48.60
N ARG B 147 -20.23 -34.24 48.34
CA ARG B 147 -19.93 -33.73 47.02
C ARG B 147 -19.00 -34.71 46.30
N ASP B 148 -17.87 -35.02 46.94
CA ASP B 148 -16.90 -36.02 46.50
C ASP B 148 -16.98 -37.25 47.40
N PRO B 149 -17.74 -38.31 47.01
CA PRO B 149 -17.98 -39.47 47.88
C PRO B 149 -16.77 -40.41 48.02
N GLN B 150 -16.21 -40.45 49.23
CA GLN B 150 -15.05 -41.25 49.58
C GLN B 150 -15.10 -41.53 51.08
N THR B 151 -14.59 -42.69 51.50
CA THR B 151 -14.44 -43.02 52.92
C THR B 151 -12.97 -42.90 53.31
N ASP B 152 -12.70 -42.75 54.62
CA ASP B 152 -11.37 -42.45 55.12
C ASP B 152 -10.37 -43.54 54.69
N ASP B 153 -10.87 -44.77 54.57
CA ASP B 153 -10.05 -45.92 54.20
C ASP B 153 -9.52 -45.79 52.77
N GLU B 154 -10.27 -45.10 51.90
CA GLU B 154 -9.83 -44.82 50.54
C GLU B 154 -8.72 -43.76 50.54
N ARG B 155 -8.81 -42.83 51.51
CA ARG B 155 -7.95 -41.66 51.62
C ARG B 155 -6.61 -42.06 52.24
N VAL B 156 -6.65 -42.60 53.48
CA VAL B 156 -5.43 -42.96 54.19
C VAL B 156 -5.09 -44.42 53.90
N GLN B 157 -3.78 -44.72 53.90
CA GLN B 157 -3.32 -46.10 53.87
C GLN B 157 -2.97 -46.53 55.29
N LYS B 158 -2.97 -45.56 56.22
CA LYS B 158 -2.72 -45.80 57.63
C LYS B 158 -3.61 -44.86 58.44
N PRO B 159 -4.63 -45.35 59.21
CA PRO B 159 -5.60 -44.48 59.87
C PRO B 159 -5.08 -43.39 60.83
N GLU B 160 -3.79 -43.47 61.18
CA GLU B 160 -3.18 -42.55 62.13
C GLU B 160 -2.39 -41.50 61.38
N TRP B 161 -2.36 -41.62 60.05
CA TRP B 161 -1.60 -40.68 59.23
C TRP B 161 -2.42 -40.13 58.07
N LEU B 162 -3.20 -39.07 58.37
CA LEU B 162 -3.79 -38.28 57.31
C LEU B 162 -2.70 -37.44 56.65
N VAL B 163 -2.36 -37.84 55.43
CA VAL B 163 -1.44 -37.09 54.59
C VAL B 163 -2.26 -36.52 53.43
N MET B 164 -2.30 -35.18 53.34
CA MET B 164 -2.99 -34.51 52.25
C MET B 164 -2.15 -33.37 51.71
N ILE B 165 -2.44 -33.05 50.44
CA ILE B 165 -1.95 -31.83 49.85
C ILE B 165 -2.86 -30.71 50.32
N GLY B 166 -2.30 -29.85 51.15
CA GLY B 166 -3.06 -28.81 51.81
C GLY B 166 -3.37 -27.61 50.92
N VAL B 167 -3.74 -27.86 49.66
CA VAL B 167 -4.29 -26.81 48.81
C VAL B 167 -5.79 -27.06 48.64
N CYS B 168 -6.58 -26.01 48.89
CA CYS B 168 -8.04 -26.06 48.74
C CYS B 168 -8.42 -26.26 47.27
N THR B 169 -9.44 -27.11 47.08
CA THR B 169 -9.77 -27.64 45.77
C THR B 169 -10.57 -26.61 44.98
N HIS B 170 -11.03 -25.55 45.67
CA HIS B 170 -11.80 -24.48 45.03
C HIS B 170 -10.94 -23.69 44.03
N LEU B 171 -10.09 -22.79 44.54
CA LEU B 171 -9.22 -22.01 43.69
C LEU B 171 -7.76 -22.37 43.91
N GLY B 172 -7.33 -22.40 45.17
CA GLY B 172 -6.07 -23.07 45.48
C GLY B 172 -5.35 -22.43 46.65
N CYS B 173 -6.11 -21.72 47.49
CA CYS B 173 -5.69 -21.24 48.80
C CYS B 173 -5.33 -22.40 49.73
N VAL B 174 -4.68 -22.08 50.86
CA VAL B 174 -4.40 -23.14 51.80
C VAL B 174 -5.33 -23.05 52.99
N PRO B 175 -6.09 -24.12 53.30
CA PRO B 175 -6.95 -24.14 54.47
C PRO B 175 -6.16 -24.02 55.77
N ILE B 176 -6.72 -23.26 56.70
CA ILE B 176 -6.20 -23.17 58.04
C ILE B 176 -6.82 -24.34 58.80
N GLY B 177 -5.95 -25.18 59.35
CA GLY B 177 -6.41 -26.39 60.05
C GLY B 177 -7.02 -26.11 61.42
N GLU B 178 -7.70 -27.13 61.94
CA GLU B 178 -8.34 -27.13 63.26
C GLU B 178 -9.59 -26.26 63.24
N ALA B 179 -9.56 -25.19 62.42
CA ALA B 179 -10.73 -24.37 62.15
C ALA B 179 -11.68 -25.11 61.20
N GLY B 180 -12.87 -24.54 61.02
CA GLY B 180 -13.93 -25.14 60.21
C GLY B 180 -15.26 -25.19 60.94
N ASP B 181 -16.08 -26.19 60.58
CA ASP B 181 -17.42 -26.40 61.11
C ASP B 181 -17.63 -27.90 61.19
N PHE B 182 -16.65 -28.60 60.63
CA PHE B 182 -16.56 -30.04 60.65
C PHE B 182 -15.18 -30.35 61.23
N GLY B 183 -14.69 -29.32 61.95
CA GLY B 183 -13.46 -29.25 62.73
C GLY B 183 -12.26 -29.95 62.07
N GLY B 184 -11.98 -29.64 60.81
CA GLY B 184 -10.83 -30.19 60.11
C GLY B 184 -9.94 -29.06 59.62
N TRP B 185 -10.41 -28.43 58.54
CA TRP B 185 -9.68 -27.41 57.81
C TRP B 185 -10.70 -26.43 57.29
N PHE B 186 -10.36 -25.14 57.37
CA PHE B 186 -11.23 -24.09 56.85
C PHE B 186 -10.42 -23.23 55.91
N CYS B 187 -10.87 -23.20 54.65
CA CYS B 187 -10.31 -22.29 53.68
C CYS B 187 -10.86 -20.89 53.97
N PRO B 188 -10.01 -19.89 54.29
CA PRO B 188 -10.53 -18.58 54.69
C PRO B 188 -11.01 -17.74 53.51
N CYS B 189 -10.55 -18.12 52.30
CA CYS B 189 -10.68 -17.36 51.06
C CYS B 189 -12.16 -17.28 50.66
N HIS B 190 -12.84 -18.42 50.61
CA HIS B 190 -14.22 -18.43 50.18
C HIS B 190 -15.08 -19.19 51.19
N GLY B 191 -14.46 -19.62 52.30
CA GLY B 191 -15.16 -20.27 53.39
C GLY B 191 -15.65 -21.66 53.00
N SER B 192 -14.69 -22.56 52.67
CA SER B 192 -15.01 -23.95 52.45
C SER B 192 -14.43 -24.80 53.59
N HIS B 193 -15.25 -25.75 54.06
CA HIS B 193 -14.93 -26.51 55.26
C HIS B 193 -14.56 -27.93 54.85
N TYR B 194 -13.40 -28.36 55.34
CA TYR B 194 -12.96 -29.72 55.12
C TYR B 194 -13.03 -30.49 56.44
N ASP B 195 -13.06 -31.82 56.34
CA ASP B 195 -13.29 -32.77 57.43
C ASP B 195 -11.99 -33.26 58.08
N ILE B 196 -12.10 -34.27 58.95
CA ILE B 196 -10.94 -34.89 59.58
C ILE B 196 -10.37 -35.94 58.64
N SER B 197 -11.13 -36.24 57.60
CA SER B 197 -10.64 -37.03 56.49
C SER B 197 -10.11 -36.06 55.46
N GLY B 198 -10.42 -34.78 55.65
CA GLY B 198 -10.14 -33.78 54.64
C GLY B 198 -11.09 -33.89 53.45
N ARG B 199 -12.33 -34.30 53.74
CA ARG B 199 -13.41 -34.30 52.76
C ARG B 199 -14.13 -32.95 52.83
N ILE B 200 -14.58 -32.47 51.65
CA ILE B 200 -15.32 -31.23 51.56
C ILE B 200 -16.74 -31.44 52.10
N ARG B 201 -17.19 -30.53 52.97
CA ARG B 201 -18.50 -30.63 53.62
C ARG B 201 -19.38 -29.42 53.25
N ARG B 202 -18.81 -28.21 53.38
CA ARG B 202 -19.52 -26.96 53.16
C ARG B 202 -18.63 -25.97 52.42
N GLY B 203 -19.24 -25.18 51.52
CA GLY B 203 -18.57 -24.09 50.81
C GLY B 203 -18.28 -24.42 49.34
N PRO B 204 -17.63 -23.48 48.59
CA PRO B 204 -17.48 -23.55 47.13
C PRO B 204 -16.70 -24.72 46.54
N ALA B 205 -15.80 -25.29 47.35
CA ALA B 205 -14.84 -26.29 46.90
C ALA B 205 -15.55 -27.56 46.39
N PRO B 206 -15.18 -28.03 45.17
CA PRO B 206 -15.81 -29.20 44.55
C PRO B 206 -15.36 -30.59 45.03
N LEU B 207 -14.06 -30.73 45.34
CA LEU B 207 -13.44 -32.02 45.59
C LEU B 207 -12.87 -32.06 47.01
N ASN B 208 -12.55 -33.27 47.48
CA ASN B 208 -11.84 -33.43 48.73
C ASN B 208 -10.35 -33.16 48.51
N LEU B 209 -9.69 -32.68 49.57
CA LEU B 209 -8.27 -32.34 49.56
C LEU B 209 -7.46 -33.53 49.07
N GLU B 210 -6.78 -33.36 47.93
CA GLU B 210 -5.98 -34.39 47.26
C GLU B 210 -5.03 -35.10 48.22
N ILE B 211 -4.85 -36.40 47.92
CA ILE B 211 -3.91 -37.22 48.66
C ILE B 211 -2.72 -37.43 47.73
N PRO B 212 -1.49 -37.11 48.20
CA PRO B 212 -0.32 -37.35 47.36
C PRO B 212 -0.05 -38.85 47.25
N GLU B 213 0.86 -39.26 46.38
CA GLU B 213 1.34 -40.63 46.43
C GLU B 213 2.43 -40.72 47.48
N TYR B 214 2.08 -41.36 48.60
CA TYR B 214 2.99 -41.45 49.71
C TYR B 214 3.11 -42.91 50.10
N ASP B 215 4.33 -43.31 50.49
CA ASP B 215 4.61 -44.65 50.96
C ASP B 215 5.40 -44.57 52.27
N PHE B 216 5.04 -45.44 53.22
CA PHE B 216 5.79 -45.59 54.45
C PHE B 216 6.96 -46.55 54.20
N ALA B 217 8.14 -45.97 54.00
CA ALA B 217 9.41 -46.69 53.86
C ALA B 217 9.74 -47.40 55.17
N ASP B 218 9.78 -46.62 56.25
CA ASP B 218 9.78 -47.10 57.62
C ASP B 218 8.41 -46.78 58.23
N ALA B 219 8.19 -47.23 59.48
CA ALA B 219 6.96 -46.94 60.20
C ALA B 219 7.03 -45.54 60.85
N GLU B 220 8.18 -44.89 60.73
CA GLU B 220 8.50 -43.64 61.40
C GLU B 220 8.88 -42.57 60.37
N THR B 221 8.98 -42.96 59.08
CA THR B 221 9.30 -42.06 57.99
C THR B 221 8.50 -42.42 56.74
N LEU B 222 7.92 -41.40 56.10
CA LEU B 222 7.25 -41.58 54.81
C LEU B 222 7.91 -40.70 53.76
N VAL B 223 7.90 -41.19 52.51
CA VAL B 223 8.32 -40.44 51.33
C VAL B 223 7.07 -40.03 50.56
N ILE B 224 7.13 -38.86 49.90
CA ILE B 224 5.92 -38.32 49.30
C ILE B 224 6.16 -38.19 47.78
N ALA C 2 -28.44 -5.76 8.83
CA ALA C 2 -29.77 -6.11 8.10
C ALA C 2 -29.95 -5.50 6.71
N SER C 3 -30.90 -6.07 5.96
CA SER C 3 -31.21 -5.55 4.65
C SER C 3 -32.36 -4.54 4.75
N ILE C 4 -32.30 -3.54 3.89
CA ILE C 4 -33.37 -2.55 3.83
C ILE C 4 -34.65 -3.24 3.42
N THR C 5 -34.54 -4.27 2.56
CA THR C 5 -35.72 -5.01 2.15
C THR C 5 -36.46 -5.54 3.37
N SER C 6 -35.71 -6.16 4.31
CA SER C 6 -36.27 -6.73 5.53
C SER C 6 -37.03 -5.67 6.32
N VAL C 7 -36.40 -4.51 6.45
CA VAL C 7 -36.95 -3.41 7.24
C VAL C 7 -38.27 -2.97 6.60
N VAL C 8 -38.23 -2.82 5.28
CA VAL C 8 -39.39 -2.34 4.56
C VAL C 8 -40.53 -3.34 4.63
N LYS C 9 -40.25 -4.64 4.45
CA LYS C 9 -41.30 -5.65 4.46
C LYS C 9 -41.98 -5.71 5.83
N THR C 10 -41.15 -5.72 6.88
CA THR C 10 -41.66 -5.83 8.22
C THR C 10 -42.55 -4.62 8.55
N SER C 11 -42.08 -3.46 8.14
CA SER C 11 -42.83 -2.24 8.35
C SER C 11 -44.18 -2.31 7.64
N GLU C 12 -44.22 -2.94 6.48
CA GLU C 12 -45.48 -3.01 5.75
C GLU C 12 -46.47 -3.93 6.45
N LEU C 13 -45.97 -5.03 7.04
CA LEU C 13 -46.81 -5.93 7.84
C LEU C 13 -47.48 -5.17 8.99
N ILE C 14 -46.73 -4.24 9.59
CA ILE C 14 -47.20 -3.51 10.76
C ILE C 14 -48.26 -2.49 10.33
N LEU C 15 -47.97 -1.78 9.24
CA LEU C 15 -48.87 -0.75 8.76
C LEU C 15 -50.20 -1.34 8.28
N LYS C 16 -50.17 -2.60 7.80
CA LYS C 16 -51.39 -3.30 7.39
C LYS C 16 -52.31 -3.55 8.58
N SER C 17 -51.79 -4.20 9.64
CA SER C 17 -52.57 -4.56 10.82
C SER C 17 -53.07 -3.29 11.52
N PRO C 18 -54.41 -3.06 11.63
CA PRO C 18 -54.92 -1.82 12.22
C PRO C 18 -54.48 -1.67 13.68
N LEU C 19 -54.64 -2.74 14.46
CA LEU C 19 -54.21 -2.87 15.84
C LEU C 19 -52.74 -2.44 16.00
N LEU C 20 -51.87 -3.10 15.23
CA LEU C 20 -50.44 -2.88 15.31
C LEU C 20 -50.10 -1.44 14.97
N SER C 21 -50.65 -0.91 13.86
CA SER C 21 -50.35 0.46 13.46
C SER C 21 -50.81 1.45 14.51
N LYS C 22 -51.97 1.18 15.15
CA LYS C 22 -52.53 2.06 16.16
C LYS C 22 -51.57 2.26 17.32
N ILE C 23 -50.75 1.24 17.61
CA ILE C 23 -49.87 1.31 18.77
C ILE C 23 -48.43 1.64 18.36
N VAL C 24 -48.04 1.31 17.11
CA VAL C 24 -46.65 1.40 16.72
C VAL C 24 -46.37 2.74 16.04
N VAL C 25 -47.29 3.22 15.23
CA VAL C 25 -47.00 4.45 14.49
C VAL C 25 -46.77 5.63 15.44
N PRO C 26 -47.56 5.83 16.51
CA PRO C 26 -47.26 6.89 17.47
C PRO C 26 -45.91 6.72 18.18
N LEU C 27 -45.55 5.47 18.48
CA LEU C 27 -44.27 5.19 19.09
C LEU C 27 -43.15 5.60 18.14
N ALA C 28 -43.31 5.24 16.86
CA ALA C 28 -42.22 5.46 15.93
C ALA C 28 -42.06 6.95 15.70
N LYS C 29 -43.16 7.71 15.75
CA LYS C 29 -43.06 9.15 15.60
C LYS C 29 -42.31 9.77 16.77
N THR C 30 -42.55 9.26 18.00
CA THR C 30 -41.84 9.83 19.14
C THR C 30 -40.37 9.42 19.07
N TYR C 31 -40.14 8.17 18.65
CA TYR C 31 -38.78 7.67 18.58
C TYR C 31 -37.97 8.61 17.70
N VAL C 32 -38.57 8.99 16.57
CA VAL C 32 -37.81 9.76 15.62
C VAL C 32 -37.59 11.16 16.16
N LYS C 33 -38.53 11.67 16.97
CA LYS C 33 -38.39 12.98 17.58
C LYS C 33 -37.25 12.95 18.61
N PHE C 34 -37.18 11.89 19.41
CA PHE C 34 -36.10 11.74 20.37
C PHE C 34 -34.76 11.44 19.72
N SER C 35 -34.78 10.76 18.56
CA SER C 35 -33.57 10.35 17.87
C SER C 35 -32.71 11.57 17.57
N GLY C 36 -33.38 12.60 17.04
CA GLY C 36 -32.78 13.91 16.95
C GLY C 36 -31.91 14.06 15.70
N TYR C 37 -32.05 13.16 14.72
CA TYR C 37 -31.26 13.37 13.53
C TYR C 37 -31.75 14.59 12.75
N ARG C 38 -33.02 14.96 12.94
CA ARG C 38 -33.54 16.09 12.19
C ARG C 38 -32.88 17.38 12.66
N GLN C 39 -32.36 17.39 13.89
CA GLN C 39 -31.77 18.58 14.45
C GLN C 39 -30.37 18.82 13.86
N LEU C 40 -29.89 17.88 13.04
CA LEU C 40 -28.62 18.10 12.35
C LEU C 40 -28.88 18.26 10.86
N GLY C 41 -30.16 18.34 10.51
CA GLY C 41 -30.52 18.63 9.14
C GLY C 41 -30.40 17.40 8.25
N PHE C 42 -30.48 16.21 8.85
CA PHE C 42 -30.44 14.99 8.07
C PHE C 42 -31.85 14.56 7.71
N LYS C 43 -31.99 13.89 6.57
CA LYS C 43 -33.16 13.07 6.32
C LYS C 43 -32.84 11.65 6.77
N MET C 44 -33.86 10.90 7.20
CA MET C 44 -33.61 9.58 7.75
C MET C 44 -32.62 8.81 6.88
N ASN C 45 -32.82 8.84 5.55
CA ASN C 45 -32.09 7.93 4.68
C ASN C 45 -30.62 8.26 4.64
N ASP C 46 -30.24 9.49 5.00
CA ASP C 46 -28.84 9.88 5.04
C ASP C 46 -28.07 9.05 6.07
N LEU C 47 -28.77 8.41 7.01
CA LEU C 47 -28.07 7.70 8.06
C LEU C 47 -27.79 6.25 7.71
N ILE C 48 -28.33 5.74 6.59
CA ILE C 48 -28.14 4.32 6.30
C ILE C 48 -26.69 4.04 5.89
N ILE C 49 -26.14 2.94 6.42
CA ILE C 49 -24.73 2.58 6.24
C ILE C 49 -24.46 2.40 4.76
N GLU C 50 -23.41 3.04 4.24
CA GLU C 50 -23.25 3.02 2.80
C GLU C 50 -22.01 2.25 2.35
N GLU C 51 -21.19 1.78 3.27
CA GLU C 51 -19.99 1.08 2.87
C GLU C 51 -20.34 -0.38 2.70
N THR C 52 -21.18 -0.67 1.69
CA THR C 52 -21.55 -2.00 1.29
C THR C 52 -21.65 -1.93 -0.23
N PRO C 53 -21.38 -2.99 -1.02
CA PRO C 53 -21.43 -2.84 -2.47
C PRO C 53 -22.83 -2.43 -2.94
N ASN C 54 -23.87 -3.02 -2.32
CA ASN C 54 -25.24 -2.71 -2.67
C ASN C 54 -25.52 -1.22 -2.51
N MET C 55 -25.10 -0.66 -1.39
CA MET C 55 -25.44 0.72 -1.10
C MET C 55 -24.63 1.66 -1.94
N GLN C 56 -23.40 1.28 -2.27
CA GLN C 56 -22.60 2.08 -3.16
C GLN C 56 -23.30 2.17 -4.52
N LEU C 57 -23.85 1.04 -4.96
CA LEU C 57 -24.56 1.02 -6.22
C LEU C 57 -25.83 1.86 -6.15
N ALA C 58 -26.57 1.79 -5.03
CA ALA C 58 -27.78 2.59 -4.95
C ALA C 58 -27.43 4.07 -4.98
N LEU C 59 -26.29 4.44 -4.39
CA LEU C 59 -25.97 5.86 -4.35
C LEU C 59 -25.60 6.39 -5.72
N ARG C 60 -24.97 5.53 -6.53
CA ARG C 60 -24.60 5.87 -7.89
C ARG C 60 -25.84 6.03 -8.77
N ARG C 61 -26.96 5.45 -8.35
CA ARG C 61 -28.19 5.51 -9.14
C ARG C 61 -29.06 6.70 -8.76
N LEU C 62 -28.67 7.45 -7.72
CA LEU C 62 -29.43 8.63 -7.38
C LEU C 62 -29.41 9.64 -8.53
N PRO C 63 -30.53 10.37 -8.78
CA PRO C 63 -30.54 11.48 -9.73
C PRO C 63 -29.53 12.54 -9.29
N PRO C 64 -28.86 13.26 -10.22
CA PRO C 64 -27.72 14.10 -9.85
C PRO C 64 -28.05 15.14 -8.77
N THR C 65 -29.22 15.79 -8.91
CA THR C 65 -29.71 16.78 -7.96
C THR C 65 -29.81 16.19 -6.56
N GLU C 66 -30.47 15.03 -6.42
CA GLU C 66 -30.64 14.38 -5.12
C GLU C 66 -29.27 14.03 -4.55
N SER C 67 -28.34 13.66 -5.43
CA SER C 67 -27.04 13.28 -4.94
C SER C 67 -26.28 14.49 -4.43
N TYR C 68 -26.39 15.62 -5.15
CA TYR C 68 -25.68 16.81 -4.73
C TYR C 68 -26.25 17.31 -3.43
N ASP C 69 -27.57 17.15 -3.25
CA ASP C 69 -28.20 17.63 -2.04
C ASP C 69 -27.77 16.78 -0.86
N ARG C 70 -27.59 15.48 -1.11
CA ARG C 70 -27.20 14.59 -0.03
C ARG C 70 -25.80 14.97 0.42
N VAL C 71 -24.91 15.26 -0.52
CA VAL C 71 -23.55 15.60 -0.16
C VAL C 71 -23.60 16.87 0.69
N TYR C 72 -24.41 17.83 0.31
CA TYR C 72 -24.50 19.01 1.15
C TYR C 72 -25.03 18.68 2.55
N ARG C 73 -26.09 17.90 2.68
CA ARG C 73 -26.57 17.57 4.01
C ARG C 73 -25.51 16.87 4.84
N LEU C 74 -24.70 16.00 4.24
CA LEU C 74 -23.70 15.32 5.05
C LEU C 74 -22.63 16.28 5.49
N ILE C 75 -22.26 17.22 4.61
CA ILE C 75 -21.19 18.12 4.97
C ILE C 75 -21.69 19.10 6.01
N ARG C 76 -22.91 19.59 5.83
CA ARG C 76 -23.51 20.47 6.81
C ARG C 76 -23.57 19.77 8.16
N ALA C 77 -24.02 18.51 8.20
CA ALA C 77 -24.18 17.85 9.48
C ALA C 77 -22.83 17.63 10.11
N THR C 78 -21.83 17.29 9.30
CA THR C 78 -20.52 17.07 9.84
C THR C 78 -20.00 18.36 10.49
N GLN C 79 -20.33 19.49 9.91
CA GLN C 79 -19.86 20.74 10.46
C GLN C 79 -20.60 21.03 11.75
N PHE C 80 -21.90 20.74 11.83
CA PHE C 80 -22.59 20.97 13.09
C PHE C 80 -22.07 20.04 14.17
N SER C 81 -21.79 18.80 13.80
CA SER C 81 -21.23 17.83 14.72
C SER C 81 -19.93 18.38 15.31
N LEU C 82 -19.03 18.86 14.47
CA LEU C 82 -17.71 19.17 15.00
C LEU C 82 -17.74 20.46 15.80
N SER C 83 -18.74 21.30 15.53
CA SER C 83 -18.93 22.56 16.23
C SER C 83 -19.72 22.38 17.51
N HIS C 84 -20.35 21.20 17.69
CA HIS C 84 -21.29 20.93 18.78
C HIS C 84 -22.44 21.93 18.79
N LYS C 85 -22.93 22.28 17.61
CA LYS C 85 -24.07 23.16 17.44
C LYS C 85 -25.20 22.31 16.87
N LEU C 86 -26.43 22.79 16.97
CA LEU C 86 -27.50 22.12 16.24
C LEU C 86 -27.92 23.00 15.07
N ALA C 87 -28.68 22.42 14.15
CA ALA C 87 -29.29 23.18 13.08
C ALA C 87 -30.28 24.17 13.67
N THR C 88 -30.43 25.33 13.04
CA THR C 88 -31.49 26.24 13.42
C THR C 88 -32.26 26.63 12.16
N GLY C 89 -33.52 27.03 12.33
CA GLY C 89 -34.27 27.63 11.25
C GLY C 89 -34.49 26.64 10.10
N ASN C 90 -33.99 26.99 8.93
CA ASN C 90 -34.29 26.25 7.70
C ASN C 90 -33.45 24.98 7.62
N ASP C 91 -32.43 24.89 8.46
CA ASP C 91 -31.53 23.76 8.43
C ASP C 91 -32.20 22.57 9.12
N ILE C 92 -33.12 22.82 10.05
CA ILE C 92 -33.78 21.72 10.72
C ILE C 92 -34.69 21.04 9.72
N THR C 93 -34.62 19.71 9.66
CA THR C 93 -35.46 18.94 8.75
C THR C 93 -36.87 18.88 9.31
N LYS C 94 -37.82 19.41 8.54
CA LYS C 94 -39.20 19.41 8.98
C LYS C 94 -39.76 18.04 8.62
N PRO C 95 -40.74 17.49 9.39
CA PRO C 95 -41.28 16.14 9.11
C PRO C 95 -41.71 15.88 7.67
N GLU C 96 -42.18 16.92 6.97
CA GLU C 96 -42.68 16.87 5.60
C GLU C 96 -41.55 16.80 4.59
N GLU C 97 -40.34 17.20 5.01
CA GLU C 97 -39.18 17.20 4.12
C GLU C 97 -38.39 15.90 4.30
N ASP C 98 -38.76 15.06 5.26
CA ASP C 98 -37.99 13.86 5.54
C ASP C 98 -38.48 12.76 4.60
N ASP C 99 -38.13 12.87 3.32
CA ASP C 99 -38.63 11.96 2.30
C ASP C 99 -37.64 10.82 2.12
N HIS C 100 -38.16 9.64 1.81
CA HIS C 100 -37.36 8.45 1.60
C HIS C 100 -36.78 8.44 0.18
N TYR C 101 -35.78 9.30 -0.07
CA TYR C 101 -35.32 9.52 -1.43
C TYR C 101 -34.52 8.30 -1.90
N LEU C 102 -33.98 7.55 -0.95
CA LEU C 102 -33.03 6.53 -1.34
C LEU C 102 -33.68 5.17 -1.30
N ILE C 103 -34.76 5.00 -0.54
CA ILE C 103 -35.32 3.68 -0.30
C ILE C 103 -35.66 3.01 -1.62
N PRO C 104 -36.34 3.68 -2.61
CA PRO C 104 -36.61 3.08 -3.91
C PRO C 104 -35.40 2.49 -4.62
N TYR C 105 -34.28 3.21 -4.58
CA TYR C 105 -33.07 2.76 -5.27
C TYR C 105 -32.46 1.56 -4.57
N ILE C 106 -32.42 1.59 -3.24
CA ILE C 106 -31.76 0.47 -2.58
C ILE C 106 -32.66 -0.75 -2.65
N LEU C 107 -33.97 -0.53 -2.67
CA LEU C 107 -34.85 -1.69 -2.79
C LEU C 107 -34.68 -2.34 -4.14
N ASP C 108 -34.39 -1.58 -5.20
CA ASP C 108 -34.18 -2.15 -6.52
C ASP C 108 -32.85 -2.90 -6.58
N VAL C 109 -31.80 -2.31 -6.03
CA VAL C 109 -30.50 -2.96 -6.02
C VAL C 109 -30.61 -4.27 -5.29
N GLU C 110 -31.25 -4.26 -4.11
CA GLU C 110 -31.32 -5.46 -3.31
C GLU C 110 -32.25 -6.48 -3.96
N ALA C 111 -33.33 -6.03 -4.60
CA ALA C 111 -34.25 -6.95 -5.23
C ALA C 111 -33.48 -7.82 -6.19
N GLU C 112 -32.62 -7.19 -7.00
CA GLU C 112 -31.86 -7.91 -8.00
C GLU C 112 -30.85 -8.82 -7.32
N ALA C 113 -30.17 -8.32 -6.29
CA ALA C 113 -29.17 -9.12 -5.62
C ALA C 113 -29.81 -10.36 -4.98
N PHE C 114 -31.02 -10.22 -4.46
CA PHE C 114 -31.65 -11.36 -3.79
C PHE C 114 -32.24 -12.31 -4.81
N GLU C 115 -32.69 -11.80 -5.96
CA GLU C 115 -33.15 -12.67 -7.02
C GLU C 115 -31.96 -13.48 -7.50
N LYS C 116 -30.82 -12.84 -7.62
CA LYS C 116 -29.62 -13.47 -8.14
C LYS C 116 -29.25 -14.64 -7.24
N ASP C 117 -29.23 -14.43 -5.92
CA ASP C 117 -29.01 -15.49 -4.94
C ASP C 117 -30.05 -16.62 -5.08
N ALA C 118 -31.32 -16.27 -5.26
CA ALA C 118 -32.32 -17.31 -5.37
C ALA C 118 -32.05 -18.15 -6.61
N LEU C 119 -31.78 -17.48 -7.73
CA LEU C 119 -31.71 -18.14 -9.01
C LEU C 119 -30.42 -18.96 -9.12
N ASP C 120 -29.42 -18.62 -8.31
CA ASP C 120 -28.18 -19.38 -8.23
C ASP C 120 -28.43 -20.75 -7.57
N ASN C 121 -29.61 -20.88 -6.97
CA ASN C 121 -29.98 -22.07 -6.24
C ASN C 121 -31.21 -22.71 -6.89
N LEU C 122 -31.40 -22.51 -8.20
CA LEU C 122 -32.58 -23.10 -8.77
C LEU C 122 -32.30 -24.55 -9.16
N GLU C 123 -33.34 -25.39 -9.06
CA GLU C 123 -33.29 -26.79 -9.43
C GLU C 123 -34.36 -27.07 -10.48
N VAL C 124 -33.92 -27.42 -11.69
CA VAL C 124 -34.82 -27.84 -12.74
C VAL C 124 -35.60 -29.08 -12.27
N VAL C 125 -36.93 -28.95 -12.27
CA VAL C 125 -37.82 -30.01 -11.82
C VAL C 125 -38.22 -30.88 -13.01
N PRO D 66 1.37 12.00 81.42
CA PRO D 66 0.48 10.85 81.14
C PRO D 66 -0.28 10.90 79.80
N ASP D 67 -0.74 9.71 79.39
CA ASP D 67 -1.13 9.45 78.01
C ASP D 67 -2.38 10.25 77.67
N PRO D 68 -2.31 11.15 76.65
CA PRO D 68 -3.42 12.03 76.29
C PRO D 68 -4.63 11.23 75.85
N ALA D 69 -4.38 10.06 75.25
CA ALA D 69 -5.45 9.26 74.65
C ALA D 69 -6.46 8.81 75.70
N ILE D 70 -5.97 8.48 76.89
CA ILE D 70 -6.78 7.94 77.98
C ILE D 70 -7.93 8.90 78.28
N ALA D 71 -7.59 10.19 78.50
CA ALA D 71 -8.55 11.23 78.83
C ALA D 71 -9.52 11.48 77.67
N LEU D 72 -8.99 11.50 76.44
CA LEU D 72 -9.80 11.82 75.27
C LEU D 72 -10.84 10.74 75.01
N HIS D 73 -10.44 9.48 75.21
CA HIS D 73 -11.30 8.33 75.00
C HIS D 73 -12.40 8.30 76.05
N GLU D 74 -12.07 8.72 77.28
CA GLU D 74 -13.03 8.65 78.36
C GLU D 74 -14.11 9.70 78.15
N ALA D 75 -13.65 10.89 77.74
CA ALA D 75 -14.48 12.05 77.45
C ALA D 75 -15.43 11.77 76.29
N ALA D 76 -14.93 11.07 75.28
CA ALA D 76 -15.73 10.76 74.09
C ALA D 76 -16.75 9.66 74.39
N ALA D 77 -16.45 8.83 75.40
CA ALA D 77 -17.37 7.75 75.75
C ALA D 77 -18.55 8.31 76.53
N GLU D 78 -18.28 9.28 77.42
CA GLU D 78 -19.28 9.88 78.29
C GLU D 78 -20.15 10.87 77.52
N GLY D 79 -19.56 11.43 76.45
CA GLY D 79 -20.17 12.49 75.67
C GLY D 79 -20.81 11.97 74.38
N PRO D 80 -20.17 12.18 73.20
CA PRO D 80 -20.78 11.90 71.90
C PRO D 80 -21.05 10.43 71.57
N CYS D 81 -20.43 9.53 72.33
CA CYS D 81 -20.60 8.11 72.06
C CYS D 81 -21.22 7.44 73.28
N HIS D 82 -22.22 8.11 73.89
CA HIS D 82 -22.80 7.63 75.14
C HIS D 82 -23.75 6.47 74.88
N ASP D 83 -24.44 6.53 73.73
CA ASP D 83 -25.41 5.50 73.34
C ASP D 83 -24.66 4.19 73.10
N PHE D 84 -23.49 4.30 72.45
CA PHE D 84 -22.69 3.13 72.12
C PHE D 84 -22.02 2.57 73.37
N LYS D 85 -21.67 3.46 74.30
CA LYS D 85 -21.06 3.07 75.56
C LYS D 85 -22.05 2.17 76.32
N HIS D 86 -23.31 2.64 76.35
CA HIS D 86 -24.38 1.99 77.07
C HIS D 86 -24.71 0.64 76.40
N HIS D 87 -24.65 0.58 75.05
CA HIS D 87 -24.89 -0.67 74.31
C HIS D 87 -23.88 -1.73 74.71
N PHE D 88 -22.61 -1.34 74.66
CA PHE D 88 -21.52 -2.25 74.99
C PHE D 88 -21.68 -2.73 76.43
N ASP D 89 -21.97 -1.80 77.35
CA ASP D 89 -22.16 -2.13 78.75
C ASP D 89 -23.27 -3.15 78.94
N GLU D 90 -24.44 -2.89 78.34
CA GLU D 90 -25.57 -3.79 78.46
C GLU D 90 -25.21 -5.17 77.89
N CYS D 91 -24.52 -5.18 76.74
CA CYS D 91 -24.04 -6.43 76.14
C CYS D 91 -23.19 -7.21 77.15
N VAL D 92 -22.21 -6.55 77.74
CA VAL D 92 -21.27 -7.21 78.64
C VAL D 92 -22.05 -7.83 79.81
N GLU D 93 -22.99 -7.07 80.38
CA GLU D 93 -23.85 -7.54 81.47
C GLU D 93 -24.53 -8.86 81.08
N ARG D 94 -25.12 -8.91 79.88
CA ARG D 94 -25.85 -10.08 79.38
C ARG D 94 -24.91 -11.28 79.26
N VAL D 95 -23.73 -11.04 78.68
CA VAL D 95 -22.83 -12.14 78.35
C VAL D 95 -22.23 -12.72 79.62
N THR D 96 -21.80 -11.86 80.55
CA THR D 96 -21.23 -12.28 81.82
C THR D 96 -22.23 -13.13 82.59
N LYS D 97 -23.49 -12.68 82.60
CA LYS D 97 -24.60 -13.34 83.29
C LYS D 97 -24.87 -14.71 82.64
N ALA D 98 -24.70 -14.77 81.32
CA ALA D 98 -24.96 -15.98 80.56
C ALA D 98 -23.85 -17.00 80.82
N GLN D 99 -22.63 -16.50 81.06
CA GLN D 99 -21.47 -17.34 81.31
C GLN D 99 -21.54 -17.88 82.73
N GLU D 100 -22.16 -17.09 83.63
CA GLU D 100 -22.36 -17.42 85.04
C GLU D 100 -23.27 -18.65 85.18
N ALA D 101 -24.31 -18.70 84.34
CA ALA D 101 -25.26 -19.80 84.32
C ALA D 101 -24.57 -21.08 83.85
N GLU D 102 -25.00 -22.22 84.44
CA GLU D 102 -24.43 -23.53 84.14
C GLU D 102 -25.01 -24.05 82.82
N ASP D 103 -24.26 -25.00 82.22
CA ASP D 103 -24.52 -25.58 80.91
C ASP D 103 -24.41 -24.49 79.85
N TYR D 104 -23.52 -23.53 80.09
CA TYR D 104 -23.14 -22.54 79.12
C TYR D 104 -22.11 -23.13 78.16
N ASP D 105 -21.24 -24.01 78.70
CA ASP D 105 -20.18 -24.65 77.94
C ASP D 105 -20.76 -25.63 76.92
N HIS D 106 -21.95 -26.17 77.22
CA HIS D 106 -22.67 -27.08 76.34
C HIS D 106 -23.83 -26.36 75.66
N ALA D 107 -23.56 -25.12 75.21
CA ALA D 107 -24.53 -24.37 74.41
C ALA D 107 -24.06 -24.33 72.96
N GLU D 108 -25.01 -24.09 72.04
CA GLU D 108 -24.71 -24.06 70.63
C GLU D 108 -24.04 -22.72 70.28
N TYR D 109 -24.72 -21.63 70.63
CA TYR D 109 -24.30 -20.27 70.31
C TYR D 109 -23.83 -19.54 71.56
N LYS D 110 -22.56 -19.13 71.56
CA LYS D 110 -21.99 -18.31 72.62
C LYS D 110 -21.84 -16.87 72.12
N GLU D 111 -22.64 -15.97 72.72
CA GLU D 111 -22.71 -14.56 72.37
C GLU D 111 -21.43 -13.86 72.80
N ASP D 112 -20.93 -12.97 71.94
CA ASP D 112 -19.83 -12.07 72.23
C ASP D 112 -20.33 -10.63 72.23
N CYS D 113 -19.41 -9.70 72.45
CA CYS D 113 -19.73 -8.29 72.49
C CYS D 113 -18.88 -7.52 71.48
N VAL D 114 -18.38 -8.24 70.48
CA VAL D 114 -17.41 -7.65 69.58
C VAL D 114 -18.08 -6.57 68.74
N GLU D 115 -19.30 -6.89 68.29
CA GLU D 115 -20.01 -5.96 67.43
C GLU D 115 -20.18 -4.61 68.13
N GLU D 116 -20.66 -4.66 69.39
CA GLU D 116 -20.92 -3.47 70.16
C GLU D 116 -19.62 -2.73 70.45
N PHE D 117 -18.57 -3.52 70.68
CA PHE D 117 -17.25 -2.97 70.95
C PHE D 117 -16.77 -2.19 69.74
N PHE D 118 -16.94 -2.78 68.56
CA PHE D 118 -16.53 -2.09 67.34
C PHE D 118 -17.33 -0.82 67.15
N HIS D 119 -18.62 -0.87 67.45
CA HIS D 119 -19.41 0.33 67.20
C HIS D 119 -18.92 1.45 68.11
N LEU D 120 -18.55 1.09 69.34
CA LEU D 120 -18.10 2.06 70.31
C LEU D 120 -16.75 2.61 69.88
N GLN D 121 -15.81 1.71 69.52
CA GLN D 121 -14.44 2.11 69.22
C GLN D 121 -14.44 2.96 67.96
N HIS D 122 -15.24 2.53 66.99
CA HIS D 122 -15.31 3.24 65.73
C HIS D 122 -15.80 4.67 65.95
N CYS D 123 -16.77 4.81 66.86
CA CYS D 123 -17.32 6.11 67.23
C CYS D 123 -16.26 6.93 67.97
N ILE D 124 -15.60 6.33 68.97
CA ILE D 124 -14.61 7.04 69.76
C ILE D 124 -13.52 7.57 68.85
N ASN D 125 -13.10 6.76 67.87
CA ASN D 125 -12.00 7.13 67.01
C ASN D 125 -12.36 8.33 66.14
N ASP D 126 -13.62 8.36 65.68
CA ASP D 126 -14.13 9.44 64.84
C ASP D 126 -14.12 10.78 65.59
N ASN D 127 -14.25 10.71 66.93
CA ASN D 127 -14.37 11.93 67.72
C ASN D 127 -13.07 12.34 68.38
N THR D 128 -11.96 11.67 68.06
CA THR D 128 -10.79 11.75 68.90
C THR D 128 -9.53 11.92 68.05
N ALA D 129 -9.50 11.21 66.91
CA ALA D 129 -8.36 11.18 66.00
C ALA D 129 -7.71 12.56 65.87
N ASP D 130 -8.48 13.57 65.47
CA ASP D 130 -7.91 14.89 65.20
C ASP D 130 -7.42 15.54 66.50
N LYS D 131 -8.16 15.35 67.58
CA LYS D 131 -7.84 15.98 68.84
C LYS D 131 -6.52 15.42 69.39
N LEU D 132 -6.31 14.10 69.19
CA LEU D 132 -5.17 13.40 69.74
C LEU D 132 -3.89 13.85 69.04
N PHE D 133 -3.96 13.88 67.71
CA PHE D 133 -2.77 14.25 66.95
C PHE D 133 -2.43 15.73 67.15
N ARG D 134 -3.37 16.51 67.65
CA ARG D 134 -3.14 17.92 67.91
C ARG D 134 -2.28 18.13 69.15
N VAL D 135 -2.24 17.14 70.06
CA VAL D 135 -1.49 17.27 71.30
C VAL D 135 -0.20 16.44 71.29
N LEU D 136 0.30 16.09 70.09
CA LEU D 136 1.56 15.36 69.95
C LEU D 136 2.56 16.14 69.07
N VAL E 26 14.11 55.60 -27.92
CA VAL E 26 13.66 56.80 -27.08
C VAL E 26 12.26 57.27 -27.52
N SER E 27 11.28 57.10 -26.63
CA SER E 27 9.88 57.37 -26.92
C SER E 27 9.61 58.88 -27.00
N PRO E 28 8.62 59.36 -27.80
CA PRO E 28 8.23 60.77 -27.74
C PRO E 28 7.62 61.13 -26.40
N LYS E 29 7.82 62.40 -26.03
CA LYS E 29 7.43 63.00 -24.77
C LYS E 29 5.90 62.97 -24.61
N THR E 30 5.44 62.60 -23.41
CA THR E 30 4.01 62.65 -23.10
C THR E 30 3.64 64.06 -22.65
N ARG E 31 2.84 64.76 -23.46
CA ARG E 31 2.45 66.11 -23.14
C ARG E 31 1.20 66.06 -22.25
N THR E 32 1.13 67.01 -21.31
CA THR E 32 0.07 67.07 -20.32
C THR E 32 -0.37 68.52 -20.17
N SER E 33 -1.69 68.73 -20.28
CA SER E 33 -2.30 70.02 -20.00
C SER E 33 -3.52 69.80 -19.13
N ASN E 34 -3.88 70.89 -18.44
CA ASN E 34 -5.10 70.98 -17.67
C ASN E 34 -6.04 71.98 -18.33
N LEU E 35 -7.35 71.79 -18.04
CA LEU E 35 -8.36 72.79 -18.28
C LEU E 35 -8.63 73.59 -17.00
N LYS E 36 -9.60 74.50 -17.09
CA LYS E 36 -10.00 75.35 -15.99
C LYS E 36 -10.77 74.55 -14.93
N ASN E 37 -11.62 73.62 -15.37
CA ASN E 37 -12.40 72.80 -14.45
C ASN E 37 -11.49 71.82 -13.72
N GLY E 38 -10.39 71.44 -14.36
CA GLY E 38 -9.38 70.59 -13.75
C GLY E 38 -9.26 69.24 -14.45
N LEU E 39 -9.83 69.18 -15.67
CA LEU E 39 -9.67 68.02 -16.52
C LEU E 39 -8.23 67.97 -17.02
N THR E 40 -7.58 66.81 -16.84
CA THR E 40 -6.27 66.55 -17.38
C THR E 40 -6.37 66.00 -18.81
N ILE E 41 -5.54 66.56 -19.70
CA ILE E 41 -5.41 66.05 -21.05
C ILE E 41 -3.98 65.58 -21.22
N ALA E 42 -3.83 64.31 -21.64
CA ALA E 42 -2.51 63.70 -21.69
C ALA E 42 -2.37 62.95 -23.00
N SER E 43 -1.31 63.24 -23.74
CA SER E 43 -1.24 62.75 -25.10
C SER E 43 0.16 62.24 -25.43
N GLU E 44 0.24 61.15 -26.19
CA GLU E 44 1.50 60.69 -26.72
C GLU E 44 1.40 60.39 -28.21
N SER E 45 1.89 61.33 -29.02
CA SER E 45 1.81 61.30 -30.48
C SER E 45 2.85 60.37 -31.08
N ASN E 46 2.46 59.70 -32.16
CA ASN E 46 3.28 58.72 -32.87
C ASN E 46 3.06 58.90 -34.37
N PRO E 47 3.91 59.69 -35.06
CA PRO E 47 3.65 60.03 -36.47
C PRO E 47 3.90 58.89 -37.46
N LEU E 48 4.08 57.67 -36.92
CA LEU E 48 4.33 56.46 -37.66
C LEU E 48 3.04 55.67 -37.88
N VAL E 49 2.01 55.92 -37.06
CA VAL E 49 0.75 55.21 -37.15
C VAL E 49 -0.32 56.11 -37.76
N GLN E 50 -1.46 55.50 -38.10
CA GLN E 50 -2.50 56.16 -38.87
C GLN E 50 -3.80 56.16 -38.09
N THR E 51 -3.83 55.36 -37.01
CA THR E 51 -4.98 55.32 -36.11
C THR E 51 -4.69 56.13 -34.85
N ALA E 52 -5.76 56.46 -34.10
CA ALA E 52 -5.62 57.10 -32.80
C ALA E 52 -6.56 56.44 -31.80
N THR E 53 -6.12 56.33 -30.54
CA THR E 53 -7.03 55.99 -29.45
C THR E 53 -7.22 57.21 -28.55
N VAL E 54 -8.40 57.83 -28.60
CA VAL E 54 -8.75 58.77 -27.54
C VAL E 54 -9.68 58.07 -26.57
N GLY E 55 -9.57 58.45 -25.31
CA GLY E 55 -10.55 58.01 -24.35
C GLY E 55 -10.48 58.78 -23.04
N VAL E 56 -11.39 58.42 -22.14
CA VAL E 56 -11.49 59.06 -20.84
C VAL E 56 -11.22 57.99 -19.80
N TRP E 57 -10.16 58.20 -19.01
CA TRP E 57 -9.88 57.34 -17.87
C TRP E 57 -10.39 58.06 -16.65
N ILE E 58 -11.18 57.34 -15.85
CA ILE E 58 -11.78 57.94 -14.67
C ILE E 58 -11.26 57.27 -13.43
N ASP E 59 -10.81 58.08 -12.47
CA ASP E 59 -10.37 57.61 -11.18
C ASP E 59 -11.60 57.38 -10.29
N ALA E 60 -12.37 56.36 -10.64
CA ALA E 60 -13.63 56.02 -9.99
C ALA E 60 -14.01 54.64 -10.51
N GLY E 61 -14.64 53.84 -9.67
CA GLY E 61 -15.04 52.51 -10.10
C GLY E 61 -16.02 51.95 -9.09
N SER E 62 -16.11 50.62 -9.01
CA SER E 62 -17.04 49.98 -8.08
C SER E 62 -16.79 50.36 -6.63
N ARG E 63 -15.55 50.66 -6.33
CA ARG E 63 -15.17 50.91 -4.95
C ARG E 63 -15.84 52.19 -4.43
N ASN E 64 -16.39 52.99 -5.34
CA ASN E 64 -16.93 54.28 -4.98
C ASN E 64 -18.38 54.17 -4.58
N GLU E 65 -18.96 52.99 -4.82
CA GLU E 65 -20.32 52.71 -4.39
C GLU E 65 -20.33 52.31 -2.91
N ASN E 66 -21.49 52.46 -2.27
CA ASN E 66 -21.77 51.81 -0.99
C ASN E 66 -22.48 50.49 -1.26
N ALA E 67 -23.07 49.88 -0.22
CA ALA E 67 -23.56 48.53 -0.39
C ALA E 67 -24.93 48.53 -1.08
N TYR E 68 -25.64 49.67 -1.00
CA TYR E 68 -26.98 49.80 -1.54
C TYR E 68 -26.95 50.07 -3.03
N ASN E 69 -25.94 50.82 -3.48
CA ASN E 69 -25.87 51.15 -4.89
C ASN E 69 -24.72 50.39 -5.54
N ASN E 70 -24.36 49.24 -4.97
CA ASN E 70 -23.29 48.44 -5.56
C ASN E 70 -23.79 47.84 -6.87
N GLY E 71 -23.05 48.12 -7.95
CA GLY E 71 -23.36 47.65 -9.29
C GLY E 71 -23.72 48.83 -10.18
N THR E 72 -23.83 50.03 -9.59
CA THR E 72 -24.21 51.24 -10.31
C THR E 72 -23.23 51.53 -11.43
N ALA E 73 -21.93 51.49 -11.10
CA ALA E 73 -20.89 51.86 -12.03
C ALA E 73 -20.94 50.98 -13.28
N HIS E 74 -21.20 49.69 -13.07
CA HIS E 74 -21.26 48.78 -14.19
C HIS E 74 -22.55 48.98 -14.97
N PHE E 75 -23.62 49.32 -14.24
CA PHE E 75 -24.89 49.59 -14.84
C PHE E 75 -24.75 50.77 -15.79
N PHE E 76 -24.03 51.80 -15.33
CA PHE E 76 -23.91 53.02 -16.10
C PHE E 76 -23.21 52.76 -17.42
N GLU E 77 -22.19 51.92 -17.38
CA GLU E 77 -21.48 51.49 -18.58
C GLU E 77 -22.44 51.00 -19.66
N HIS E 78 -23.49 50.26 -19.27
CA HIS E 78 -24.48 49.76 -20.23
C HIS E 78 -25.34 50.91 -20.76
N LEU E 79 -25.69 51.84 -19.87
CA LEU E 79 -26.62 52.89 -20.22
C LEU E 79 -25.95 54.01 -21.00
N ALA E 80 -24.61 54.07 -20.92
CA ALA E 80 -23.87 55.14 -21.56
C ALA E 80 -24.06 55.02 -23.06
N PHE E 81 -24.34 53.79 -23.50
CA PHE E 81 -24.47 53.55 -24.93
C PHE E 81 -25.92 53.41 -25.35
N LYS E 82 -26.82 53.87 -24.48
CA LYS E 82 -28.24 53.69 -24.71
C LYS E 82 -28.86 55.01 -25.14
N GLY E 83 -28.03 56.03 -25.44
CA GLY E 83 -28.53 57.25 -26.06
C GLY E 83 -28.45 58.48 -25.17
N THR E 84 -28.33 59.64 -25.83
CA THR E 84 -28.09 60.92 -25.18
C THR E 84 -29.27 61.84 -25.47
N ASP E 85 -29.20 63.06 -24.93
CA ASP E 85 -30.22 64.08 -25.09
C ASP E 85 -30.41 64.47 -26.56
N LYS E 86 -29.34 64.41 -27.39
CA LYS E 86 -29.41 64.66 -28.82
C LYS E 86 -29.64 63.35 -29.57
N ARG E 87 -28.57 62.55 -29.69
CA ARG E 87 -28.62 61.33 -30.49
C ARG E 87 -29.32 60.24 -29.69
N SER E 88 -30.29 59.58 -30.35
CA SER E 88 -30.98 58.41 -29.79
C SER E 88 -30.03 57.22 -29.83
N GLN E 89 -30.48 56.07 -29.31
CA GLN E 89 -29.66 54.87 -29.30
C GLN E 89 -29.21 54.54 -30.73
N HIS E 90 -30.15 54.70 -31.66
CA HIS E 90 -29.95 54.29 -33.03
C HIS E 90 -28.99 55.24 -33.74
N GLN E 91 -29.21 56.54 -33.50
CA GLN E 91 -28.39 57.60 -34.06
C GLN E 91 -26.95 57.42 -33.57
N LEU E 92 -26.79 57.10 -32.28
CA LEU E 92 -25.49 56.86 -31.68
C LEU E 92 -24.76 55.77 -32.45
N GLU E 93 -25.43 54.63 -32.63
CA GLU E 93 -24.86 53.49 -33.34
C GLU E 93 -24.38 53.93 -34.72
N LEU E 94 -25.24 54.64 -35.45
CA LEU E 94 -24.92 55.08 -36.79
C LEU E 94 -23.73 56.04 -36.81
N ASP E 95 -23.67 56.96 -35.82
CA ASP E 95 -22.64 58.00 -35.80
C ASP E 95 -21.26 57.36 -35.67
N ILE E 96 -21.17 56.29 -34.85
CA ILE E 96 -19.93 55.56 -34.63
C ILE E 96 -19.60 54.73 -35.86
N GLU E 97 -20.61 54.11 -36.46
CA GLU E 97 -20.39 53.33 -37.66
C GLU E 97 -19.84 54.23 -38.77
N ASN E 98 -20.32 55.48 -38.84
CA ASN E 98 -19.91 56.43 -39.88
C ASN E 98 -18.49 56.95 -39.62
N MET E 99 -18.07 56.96 -38.34
CA MET E 99 -16.71 57.32 -37.96
C MET E 99 -15.76 56.30 -38.56
N GLY E 100 -16.11 55.02 -38.42
CA GLY E 100 -15.26 53.97 -38.96
C GLY E 100 -14.70 53.04 -37.89
N GLY E 101 -14.31 53.61 -36.75
CA GLY E 101 -13.68 52.81 -35.72
C GLY E 101 -14.68 52.19 -34.75
N HIS E 102 -14.24 51.96 -33.52
CA HIS E 102 -15.13 51.42 -32.50
C HIS E 102 -14.93 52.14 -31.17
N LEU E 103 -15.92 51.95 -30.28
CA LEU E 103 -15.90 52.39 -28.90
C LEU E 103 -15.80 51.17 -28.01
N ASN E 104 -15.20 51.36 -26.84
CA ASN E 104 -15.09 50.28 -25.88
C ASN E 104 -15.09 50.89 -24.49
N ALA E 105 -15.55 50.12 -23.50
CA ALA E 105 -15.61 50.59 -22.13
C ALA E 105 -15.34 49.41 -21.19
N TYR E 106 -14.70 49.66 -20.05
CA TYR E 106 -14.75 48.71 -18.96
C TYR E 106 -14.70 49.42 -17.62
N THR E 107 -15.37 48.79 -16.65
CA THR E 107 -15.40 49.24 -15.28
C THR E 107 -14.62 48.23 -14.45
N SER E 108 -13.65 48.73 -13.68
CA SER E 108 -13.01 47.88 -12.69
C SER E 108 -13.35 48.41 -11.30
N ARG E 109 -12.58 47.93 -10.32
CA ARG E 109 -12.86 48.32 -8.95
C ARG E 109 -12.49 49.77 -8.70
N GLU E 110 -11.40 50.22 -9.32
CA GLU E 110 -10.91 51.55 -9.03
C GLU E 110 -10.86 52.47 -10.24
N SER E 111 -11.19 51.92 -11.42
CA SER E 111 -10.95 52.66 -12.64
C SER E 111 -12.07 52.38 -13.64
N THR E 112 -12.51 53.41 -14.36
CA THR E 112 -13.46 53.21 -15.43
C THR E 112 -12.89 53.84 -16.69
N VAL E 113 -13.00 53.14 -17.83
CA VAL E 113 -12.39 53.60 -19.06
C VAL E 113 -13.41 53.60 -20.19
N TYR E 114 -13.40 54.64 -21.02
CA TYR E 114 -14.29 54.71 -22.16
C TYR E 114 -13.46 55.27 -23.29
N TYR E 115 -13.18 54.44 -24.29
CA TYR E 115 -12.28 54.92 -25.32
C TYR E 115 -12.78 54.61 -26.72
N ALA E 116 -12.15 55.27 -27.69
CA ALA E 116 -12.61 55.26 -29.06
C ALA E 116 -11.39 55.19 -29.95
N LYS E 117 -11.26 54.06 -30.64
CA LYS E 117 -10.23 53.85 -31.63
C LYS E 117 -10.76 54.31 -32.98
N SER E 118 -10.00 55.17 -33.66
CA SER E 118 -10.50 55.77 -34.90
C SER E 118 -9.36 55.98 -35.88
N PHE E 119 -9.68 56.68 -36.97
CA PHE E 119 -8.70 57.16 -37.90
C PHE E 119 -8.18 58.51 -37.44
N LYS E 120 -7.08 58.98 -38.03
CA LYS E 120 -6.40 60.18 -37.61
C LYS E 120 -7.34 61.39 -37.58
N ASP E 121 -8.19 61.52 -38.60
CA ASP E 121 -8.90 62.77 -38.82
C ASP E 121 -10.34 62.64 -38.33
N ASP E 122 -10.62 61.49 -37.69
CA ASP E 122 -11.91 61.15 -37.11
C ASP E 122 -11.88 61.34 -35.60
N VAL E 123 -10.84 62.03 -35.13
CA VAL E 123 -10.66 62.22 -33.70
C VAL E 123 -11.67 63.26 -33.19
N PRO E 124 -11.90 64.40 -33.89
CA PRO E 124 -12.93 65.34 -33.44
C PRO E 124 -14.33 64.76 -33.28
N LYS E 125 -14.65 63.73 -34.08
CA LYS E 125 -15.97 63.11 -34.00
C LYS E 125 -16.04 62.29 -32.71
N SER E 126 -14.99 61.53 -32.47
CA SER E 126 -14.93 60.57 -31.37
C SER E 126 -14.88 61.29 -30.03
N VAL E 127 -14.16 62.43 -29.97
CA VAL E 127 -14.11 63.15 -28.71
C VAL E 127 -15.49 63.71 -28.41
N GLU E 128 -16.17 64.16 -29.46
CA GLU E 128 -17.50 64.73 -29.36
C GLU E 128 -18.48 63.66 -28.89
N ILE E 129 -18.36 62.43 -29.41
CA ILE E 129 -19.22 61.33 -28.99
C ILE E 129 -18.96 60.95 -27.53
N LEU E 130 -17.69 60.88 -27.11
CA LEU E 130 -17.44 60.46 -25.74
C LEU E 130 -17.91 61.52 -24.75
N ALA E 131 -17.76 62.79 -25.13
CA ALA E 131 -18.15 63.88 -24.26
C ALA E 131 -19.67 63.84 -24.08
N ASP E 132 -20.34 63.39 -25.13
CA ASP E 132 -21.79 63.35 -25.17
C ASP E 132 -22.31 62.24 -24.26
N ILE E 133 -21.69 61.06 -24.34
CA ILE E 133 -22.23 59.91 -23.62
C ILE E 133 -21.93 60.02 -22.14
N LEU E 134 -20.91 60.80 -21.76
CA LEU E 134 -20.57 60.96 -20.36
C LEU E 134 -21.32 62.10 -19.68
N GLN E 135 -21.60 63.19 -20.41
CA GLN E 135 -22.21 64.34 -19.76
C GLN E 135 -23.72 64.37 -19.97
N HIS E 136 -24.16 63.83 -21.10
CA HIS E 136 -25.52 64.13 -21.56
C HIS E 136 -26.27 62.85 -21.87
N SER E 137 -26.09 61.83 -21.02
CA SER E 137 -26.78 60.57 -21.23
C SER E 137 -28.22 60.68 -20.76
N LYS E 138 -29.15 60.01 -21.48
CA LYS E 138 -30.56 60.17 -21.17
C LYS E 138 -30.90 59.45 -19.87
N LEU E 139 -30.47 58.18 -19.76
CA LEU E 139 -30.84 57.28 -18.67
C LEU E 139 -32.36 57.33 -18.48
N ALA E 140 -33.08 56.88 -19.51
CA ALA E 140 -34.53 56.87 -19.53
C ALA E 140 -35.02 55.60 -18.84
N GLU E 141 -36.05 55.73 -18.00
CA GLU E 141 -36.61 54.64 -17.20
C GLU E 141 -36.83 53.38 -18.06
N SER E 142 -37.27 53.56 -19.31
CA SER E 142 -37.52 52.47 -20.24
C SER E 142 -36.26 51.67 -20.53
N ALA E 143 -35.11 52.36 -20.58
CA ALA E 143 -33.83 51.76 -20.95
C ALA E 143 -33.20 51.10 -19.73
N ILE E 144 -33.38 51.74 -18.57
CA ILE E 144 -32.94 51.17 -17.29
C ILE E 144 -33.62 49.82 -17.12
N ASP E 145 -34.92 49.76 -17.47
CA ASP E 145 -35.73 48.57 -17.24
C ASP E 145 -35.31 47.46 -18.19
N ARG E 146 -34.95 47.83 -19.42
CA ARG E 146 -34.50 46.90 -20.44
C ARG E 146 -33.15 46.28 -20.06
N GLU E 147 -32.22 47.10 -19.54
CA GLU E 147 -30.86 46.64 -19.25
C GLU E 147 -30.83 45.80 -17.99
N ARG E 148 -31.83 46.04 -17.14
CA ARG E 148 -31.96 45.37 -15.86
C ARG E 148 -32.09 43.86 -16.06
N GLU E 149 -32.53 43.44 -17.27
CA GLU E 149 -32.65 42.02 -17.55
C GLU E 149 -31.36 41.50 -18.14
N VAL E 150 -30.73 42.33 -18.97
CA VAL E 150 -29.48 42.01 -19.66
C VAL E 150 -28.40 41.77 -18.63
N ILE E 151 -28.36 42.64 -17.62
CA ILE E 151 -27.35 42.59 -16.58
C ILE E 151 -27.67 41.42 -15.66
N THR E 152 -28.95 41.14 -15.47
CA THR E 152 -29.34 40.03 -14.61
C THR E 152 -28.84 38.73 -15.21
N ARG E 153 -28.91 38.62 -16.54
CA ARG E 153 -28.46 37.46 -17.27
C ARG E 153 -26.92 37.37 -17.27
N GLU E 154 -26.22 38.48 -17.07
CA GLU E 154 -24.77 38.48 -17.05
C GLU E 154 -24.27 37.86 -15.77
N LEU E 155 -25.05 37.94 -14.68
CA LEU E 155 -24.76 37.25 -13.43
C LEU E 155 -24.65 35.73 -13.61
N GLU E 156 -25.39 35.15 -14.57
CA GLU E 156 -25.34 33.71 -14.75
C GLU E 156 -24.53 33.27 -15.99
N GLU E 157 -23.57 34.07 -16.44
CA GLU E 157 -22.78 33.75 -17.63
C GLU E 157 -21.30 34.11 -17.45
N VAL E 158 -21.00 34.91 -16.41
CA VAL E 158 -19.65 35.12 -15.87
C VAL E 158 -19.15 33.80 -15.31
N ASN E 159 -20.09 32.99 -14.80
CA ASN E 159 -19.93 31.67 -14.19
C ASN E 159 -18.99 30.78 -15.02
N LYS E 160 -18.90 31.09 -16.32
CA LYS E 160 -18.15 30.34 -17.30
C LYS E 160 -16.69 30.83 -17.37
N GLN E 161 -16.46 32.13 -17.13
CA GLN E 161 -15.14 32.73 -17.18
C GLN E 161 -14.38 32.43 -15.89
N TYR E 162 -13.67 31.29 -15.85
CA TYR E 162 -13.24 30.76 -14.57
C TYR E 162 -12.22 31.66 -13.90
N GLU E 163 -11.30 32.22 -14.69
CA GLU E 163 -10.33 33.10 -14.10
C GLU E 163 -11.05 34.26 -13.39
N GLU E 164 -12.07 34.81 -14.03
CA GLU E 164 -12.74 35.94 -13.43
C GLU E 164 -13.51 35.51 -12.19
N VAL E 165 -14.11 34.33 -12.22
CA VAL E 165 -14.80 33.82 -11.05
C VAL E 165 -13.83 33.71 -9.87
N VAL E 166 -12.66 33.17 -10.17
CA VAL E 166 -11.68 32.97 -9.11
C VAL E 166 -11.23 34.32 -8.59
N PHE E 167 -10.89 35.25 -9.47
CA PHE E 167 -10.47 36.53 -8.94
C PHE E 167 -11.57 37.27 -8.21
N ASP E 168 -12.83 37.10 -8.62
CA ASP E 168 -13.88 37.83 -7.92
C ASP E 168 -14.05 37.28 -6.52
N HIS E 169 -13.96 35.95 -6.38
CA HIS E 169 -14.03 35.40 -5.04
C HIS E 169 -12.82 35.80 -4.23
N LEU E 170 -11.66 35.87 -4.89
CA LEU E 170 -10.45 36.21 -4.17
C LEU E 170 -10.57 37.61 -3.58
N HIS E 171 -11.11 38.58 -4.30
CA HIS E 171 -11.25 39.88 -3.69
C HIS E 171 -12.31 39.87 -2.61
N ALA E 172 -13.37 39.09 -2.82
CA ALA E 172 -14.48 39.06 -1.88
C ALA E 172 -14.00 38.61 -0.52
N THR E 173 -13.11 37.61 -0.54
CA THR E 173 -12.67 37.05 0.71
C THR E 173 -11.51 37.85 1.30
N ALA E 174 -10.52 38.22 0.48
CA ALA E 174 -9.39 38.98 0.96
C ALA E 174 -9.85 40.28 1.61
N PHE E 175 -10.84 40.96 1.02
CA PHE E 175 -11.25 42.23 1.60
C PHE E 175 -12.68 42.11 2.08
N MET E 176 -12.91 41.14 2.94
CA MET E 176 -14.23 40.76 3.39
C MET E 176 -14.96 41.97 3.99
N ASN E 177 -16.20 42.21 3.54
CA ASN E 177 -17.09 43.30 3.95
C ASN E 177 -16.45 44.67 3.85
N GLN E 178 -15.57 44.84 2.87
CA GLN E 178 -15.01 46.14 2.64
C GLN E 178 -15.32 46.53 1.21
N PRO E 179 -15.22 47.83 0.85
CA PRO E 179 -15.47 48.25 -0.52
C PRO E 179 -14.73 47.49 -1.62
N LEU E 180 -13.44 47.20 -1.42
CA LEU E 180 -12.72 46.44 -2.43
C LEU E 180 -13.25 45.01 -2.55
N GLY E 181 -14.00 44.53 -1.58
CA GLY E 181 -14.40 43.13 -1.61
C GLY E 181 -15.67 42.92 -2.41
N ARG E 182 -16.36 44.00 -2.74
CA ARG E 182 -17.60 43.90 -3.50
C ARG E 182 -17.26 43.54 -4.94
N THR E 183 -18.24 42.90 -5.62
CA THR E 183 -18.06 42.61 -7.03
C THR E 183 -18.41 43.85 -7.83
N ILE E 184 -18.11 43.78 -9.13
CA ILE E 184 -18.37 44.88 -10.02
C ILE E 184 -19.83 44.87 -10.44
N LEU E 185 -20.36 43.65 -10.66
CA LEU E 185 -21.73 43.50 -11.13
C LEU E 185 -22.74 43.89 -10.05
N GLY E 186 -22.37 43.65 -8.79
CA GLY E 186 -23.26 43.96 -7.69
C GLY E 186 -24.20 42.78 -7.46
N PRO E 187 -24.95 42.75 -6.33
CA PRO E 187 -25.88 41.67 -6.07
C PRO E 187 -27.13 41.82 -6.93
N ARG E 188 -27.80 40.68 -7.16
CA ARG E 188 -29.04 40.56 -7.92
C ARG E 188 -30.09 41.56 -7.41
N GLU E 189 -30.14 41.71 -6.08
CA GLU E 189 -31.08 42.56 -5.37
C GLU E 189 -30.98 44.02 -5.83
N ASN E 190 -29.74 44.49 -6.04
CA ASN E 190 -29.49 45.88 -6.38
C ASN E 190 -29.85 46.15 -7.83
N ILE E 191 -29.57 45.14 -8.67
CA ILE E 191 -29.83 45.27 -10.08
C ILE E 191 -31.32 45.55 -10.29
N GLN E 192 -32.18 44.96 -9.45
CA GLN E 192 -33.62 45.15 -9.55
C GLN E 192 -34.08 46.51 -9.02
N THR E 193 -33.22 47.22 -8.26
CA THR E 193 -33.64 48.42 -7.57
C THR E 193 -32.84 49.67 -7.95
N ILE E 194 -31.97 49.56 -8.95
CA ILE E 194 -31.20 50.70 -9.42
C ILE E 194 -32.14 51.64 -10.21
N THR E 195 -32.23 52.92 -9.80
CA THR E 195 -33.07 53.90 -10.46
C THR E 195 -32.20 54.87 -11.25
N ASN E 196 -32.83 55.58 -12.19
CA ASN E 196 -32.13 56.61 -12.94
C ASN E 196 -31.59 57.70 -12.02
N THR E 197 -32.24 57.91 -10.86
CA THR E 197 -31.90 58.94 -9.90
C THR E 197 -30.54 58.62 -9.28
N GLU E 198 -30.40 57.37 -8.84
CA GLU E 198 -29.17 56.99 -8.18
C GLU E 198 -28.05 56.85 -9.19
N LEU E 199 -28.37 56.51 -10.44
CA LEU E 199 -27.35 56.48 -11.48
C LEU E 199 -26.84 57.89 -11.72
N ARG E 200 -27.76 58.86 -11.79
CA ARG E 200 -27.44 60.25 -12.07
C ARG E 200 -26.57 60.77 -10.93
N LYS E 201 -26.95 60.42 -9.70
CA LYS E 201 -26.29 60.87 -8.49
C LYS E 201 -24.86 60.33 -8.47
N PHE E 202 -24.69 59.09 -8.94
CA PHE E 202 -23.38 58.46 -8.86
C PHE E 202 -22.44 59.14 -9.83
N ILE E 203 -22.89 59.40 -11.05
CA ILE E 203 -21.99 59.91 -12.05
C ILE E 203 -21.79 61.42 -11.86
N THR E 204 -22.61 62.03 -11.00
CA THR E 204 -22.48 63.45 -10.73
C THR E 204 -21.48 63.65 -9.60
N GLU E 205 -21.45 62.70 -8.68
CA GLU E 205 -20.53 62.75 -7.56
C GLU E 205 -19.14 62.28 -7.98
N ASN E 206 -19.06 61.38 -8.97
CA ASN E 206 -17.82 60.65 -9.20
C ASN E 206 -17.11 61.03 -10.49
N TYR E 207 -17.88 61.17 -11.59
CA TYR E 207 -17.28 61.50 -12.87
C TYR E 207 -17.09 63.00 -12.96
N THR E 208 -16.17 63.49 -12.13
CA THR E 208 -15.87 64.90 -12.09
C THR E 208 -14.56 65.15 -12.81
N ALA E 209 -14.42 66.40 -13.26
CA ALA E 209 -13.35 66.83 -14.13
C ALA E 209 -12.01 66.53 -13.47
N ASP E 210 -11.94 66.68 -12.15
CA ASP E 210 -10.68 66.55 -11.47
C ASP E 210 -10.32 65.07 -11.28
N ARG E 211 -11.23 64.19 -11.68
CA ARG E 211 -10.95 62.75 -11.56
C ARG E 211 -10.81 62.06 -12.92
N MET E 212 -10.83 62.88 -13.96
CA MET E 212 -10.89 62.34 -15.31
C MET E 212 -9.66 62.75 -16.08
N VAL E 213 -9.18 61.82 -16.91
CA VAL E 213 -8.10 62.13 -17.81
C VAL E 213 -8.54 61.81 -19.23
N LEU E 214 -8.45 62.83 -20.11
CA LEU E 214 -8.67 62.59 -21.52
C LEU E 214 -7.32 62.27 -22.12
N VAL E 215 -7.22 61.08 -22.71
CA VAL E 215 -5.97 60.53 -23.16
C VAL E 215 -6.03 60.38 -24.67
N GLY E 216 -4.99 60.84 -25.37
CA GLY E 216 -4.85 60.55 -26.78
C GLY E 216 -3.51 59.88 -27.08
N ALA E 217 -3.56 58.76 -27.78
CA ALA E 217 -2.35 58.11 -28.24
C ALA E 217 -2.45 57.80 -29.73
N GLY E 218 -1.32 57.90 -30.44
CA GLY E 218 -1.27 57.62 -31.85
C GLY E 218 -1.22 58.90 -32.65
N ALA E 219 -2.05 58.96 -33.69
CA ALA E 219 -2.03 60.11 -34.57
C ALA E 219 -2.92 61.22 -34.01
N VAL E 220 -2.46 61.86 -32.93
CA VAL E 220 -3.17 62.96 -32.31
C VAL E 220 -2.19 64.13 -32.18
N ASP E 221 -2.65 65.36 -32.44
CA ASP E 221 -1.89 66.51 -31.99
C ASP E 221 -2.41 66.91 -30.61
N HIS E 222 -1.49 67.15 -29.67
CA HIS E 222 -1.89 67.51 -28.32
C HIS E 222 -2.69 68.81 -28.32
N ASP E 223 -2.25 69.80 -29.10
CA ASP E 223 -2.89 71.11 -29.05
C ASP E 223 -4.30 71.05 -29.64
N ALA E 224 -4.50 70.12 -30.59
CA ALA E 224 -5.79 69.90 -31.22
C ALA E 224 -6.74 69.24 -30.23
N LEU E 225 -6.19 68.32 -29.41
CA LEU E 225 -6.93 67.56 -28.43
C LEU E 225 -7.39 68.46 -27.29
N VAL E 226 -6.54 69.44 -26.95
CA VAL E 226 -6.83 70.37 -25.87
C VAL E 226 -7.95 71.32 -26.30
N GLU E 227 -7.99 71.65 -27.60
CA GLU E 227 -9.01 72.54 -28.14
C GLU E 227 -10.36 71.82 -28.14
N LEU E 228 -10.32 70.53 -28.46
CA LEU E 228 -11.50 69.69 -28.47
C LEU E 228 -12.02 69.48 -27.06
N ALA E 229 -11.14 69.54 -26.07
CA ALA E 229 -11.53 69.36 -24.68
C ALA E 229 -12.19 70.63 -24.17
N GLU E 230 -11.74 71.79 -24.68
CA GLU E 230 -12.24 73.09 -24.32
C GLU E 230 -13.62 73.30 -24.95
N LYS E 231 -13.88 72.53 -26.00
CA LYS E 231 -15.10 72.66 -26.77
C LYS E 231 -16.18 71.75 -26.18
N TYR E 232 -15.76 70.61 -25.63
CA TYR E 232 -16.71 69.55 -25.33
C TYR E 232 -16.76 69.22 -23.83
N PHE E 233 -15.62 69.27 -23.15
CA PHE E 233 -15.62 68.92 -21.75
C PHE E 233 -15.51 70.14 -20.85
N SER E 234 -15.97 71.31 -21.31
CA SER E 234 -15.75 72.50 -20.50
C SER E 234 -16.80 72.61 -19.39
N HIS E 235 -18.03 72.19 -19.67
CA HIS E 235 -19.10 72.19 -18.68
C HIS E 235 -19.20 70.82 -18.02
N LEU E 236 -18.06 70.31 -17.52
CA LEU E 236 -18.06 69.16 -16.62
C LEU E 236 -18.09 69.69 -15.19
N PRO E 237 -18.81 69.00 -14.27
CA PRO E 237 -18.80 69.32 -12.84
C PRO E 237 -17.40 69.19 -12.25
N SER E 238 -17.05 70.12 -11.36
CA SER E 238 -15.86 69.97 -10.54
C SER E 238 -16.29 69.49 -9.15
N SER E 239 -15.48 68.63 -8.54
CA SER E 239 -15.75 68.18 -7.17
C SER E 239 -15.47 69.33 -6.20
N GLN E 240 -16.13 69.30 -5.03
CA GLN E 240 -16.06 70.32 -3.99
C GLN E 240 -14.65 70.40 -3.42
N SER E 241 -14.06 69.22 -3.17
CA SER E 241 -12.73 69.04 -2.59
C SER E 241 -11.81 68.36 -3.60
N PRO E 242 -11.16 69.11 -4.53
CA PRO E 242 -10.23 68.52 -5.50
C PRO E 242 -8.95 68.02 -4.85
N VAL E 243 -8.91 66.68 -4.64
CA VAL E 243 -7.70 65.99 -4.24
C VAL E 243 -6.87 65.68 -5.50
N PRO E 244 -5.54 65.42 -5.40
CA PRO E 244 -4.74 65.04 -6.56
C PRO E 244 -5.17 63.68 -7.10
N LEU E 245 -4.85 63.40 -8.36
CA LEU E 245 -5.20 62.12 -8.97
C LEU E 245 -4.46 60.97 -8.27
N GLY E 246 -5.18 59.86 -8.11
CA GLY E 246 -4.66 58.64 -7.50
C GLY E 246 -4.59 58.72 -5.97
N THR E 247 -5.45 59.54 -5.37
CA THR E 247 -5.59 59.63 -3.92
C THR E 247 -6.68 58.65 -3.50
N PRO E 248 -6.47 57.83 -2.45
CA PRO E 248 -7.48 56.87 -1.96
C PRO E 248 -8.93 57.36 -1.77
N ILE E 260 -10.71 51.57 5.19
CA ILE E 260 -9.21 51.46 5.11
C ILE E 260 -8.81 49.99 5.05
N PRO E 261 -8.22 49.48 3.93
CA PRO E 261 -8.25 48.03 3.66
C PRO E 261 -7.51 47.17 4.67
N ASN E 262 -8.20 46.12 5.10
CA ASN E 262 -7.74 45.28 6.19
C ASN E 262 -7.90 43.88 5.67
N PHE E 263 -6.82 43.32 5.15
CA PHE E 263 -6.85 42.03 4.50
C PHE E 263 -7.28 40.93 5.48
N VAL E 264 -8.04 39.95 4.99
CA VAL E 264 -8.48 38.87 5.86
C VAL E 264 -7.92 37.59 5.30
N GLY E 265 -7.02 36.92 6.03
CA GLY E 265 -6.57 35.63 5.54
C GLY E 265 -7.73 34.64 5.61
N SER E 266 -8.01 33.96 4.50
CA SER E 266 -9.30 33.27 4.43
C SER E 266 -9.33 32.41 3.18
N GLU E 267 -10.30 31.53 3.08
CA GLU E 267 -10.35 30.68 1.90
C GLU E 267 -11.79 30.50 1.46
N VAL E 268 -11.96 30.42 0.15
CA VAL E 268 -13.22 30.05 -0.46
C VAL E 268 -12.96 28.78 -1.25
N ARG E 269 -13.71 27.73 -0.98
CA ARG E 269 -13.64 26.58 -1.86
C ARG E 269 -14.94 26.43 -2.62
N LEU E 270 -14.82 26.33 -3.93
CA LEU E 270 -15.99 26.15 -4.77
C LEU E 270 -15.76 24.85 -5.49
N ARG E 271 -15.87 23.78 -4.74
CA ARG E 271 -15.58 22.50 -5.30
C ARG E 271 -16.64 22.13 -6.34
N ASP E 272 -16.18 21.62 -7.48
CA ASP E 272 -17.04 21.23 -8.58
C ASP E 272 -16.36 20.05 -9.25
N ASP E 273 -16.76 18.84 -8.87
CA ASP E 273 -16.08 17.65 -9.32
C ASP E 273 -16.35 17.40 -10.80
N THR E 274 -17.34 18.10 -11.38
CA THR E 274 -17.68 17.90 -12.77
C THR E 274 -16.72 18.65 -13.70
N MET E 275 -16.04 19.69 -13.18
CA MET E 275 -15.04 20.39 -13.96
C MET E 275 -13.78 19.53 -14.07
N PRO E 276 -13.14 19.52 -15.26
CA PRO E 276 -11.88 18.80 -15.46
C PRO E 276 -10.62 19.46 -14.92
N VAL E 277 -10.60 20.80 -14.85
CA VAL E 277 -9.43 21.57 -14.46
C VAL E 277 -9.72 22.30 -13.16
N ALA E 278 -8.77 22.28 -12.22
CA ALA E 278 -8.88 23.05 -10.99
C ALA E 278 -8.24 24.40 -11.20
N HIS E 279 -8.83 25.43 -10.62
CA HIS E 279 -8.31 26.77 -10.72
C HIS E 279 -8.08 27.22 -9.29
N ILE E 280 -6.91 27.73 -9.00
CA ILE E 280 -6.58 28.08 -7.63
C ILE E 280 -5.85 29.40 -7.63
N ALA E 281 -6.25 30.31 -6.77
CA ALA E 281 -5.49 31.53 -6.62
C ALA E 281 -5.01 31.57 -5.19
N ILE E 282 -3.79 32.05 -4.98
CA ILE E 282 -3.32 32.28 -3.63
C ILE E 282 -2.77 33.68 -3.64
N ALA E 283 -3.08 34.49 -2.64
CA ALA E 283 -2.58 35.84 -2.67
C ALA E 283 -2.25 36.24 -1.25
N VAL E 284 -1.33 37.18 -1.09
CA VAL E 284 -1.18 37.87 0.18
C VAL E 284 -1.46 39.33 -0.08
N GLU E 285 -1.57 40.12 0.99
CA GLU E 285 -1.75 41.54 0.78
C GLU E 285 -0.50 42.07 0.11
N GLY E 286 -0.67 42.75 -1.03
CA GLY E 286 0.42 43.26 -1.84
C GLY E 286 0.62 44.75 -1.60
N VAL E 287 0.93 45.47 -2.68
CA VAL E 287 1.46 46.83 -2.54
C VAL E 287 0.59 47.77 -3.34
N SER E 288 0.50 49.01 -2.87
CA SER E 288 -0.29 50.00 -3.60
C SER E 288 0.56 50.59 -4.70
N TRP E 289 -0.04 51.40 -5.57
CA TRP E 289 0.68 51.93 -6.71
C TRP E 289 1.83 52.77 -6.22
N THR E 290 1.61 53.45 -5.09
CA THR E 290 2.56 54.45 -4.68
C THR E 290 3.43 53.94 -3.55
N SER E 291 3.34 52.63 -3.27
CA SER E 291 4.30 52.02 -2.37
C SER E 291 5.72 52.23 -2.84
N GLU E 292 6.63 52.31 -1.85
CA GLU E 292 8.06 52.33 -2.11
C GLU E 292 8.51 50.96 -2.55
N ASP E 293 7.66 49.96 -2.35
CA ASP E 293 8.01 48.59 -2.65
C ASP E 293 7.36 48.10 -3.93
N TYR E 294 6.77 49.02 -4.69
CA TYR E 294 6.03 48.66 -5.87
C TYR E 294 6.93 47.90 -6.83
N TYR E 295 8.14 48.41 -7.09
CA TYR E 295 8.98 47.74 -8.06
C TYR E 295 9.59 46.49 -7.47
N THR E 296 9.82 46.53 -6.16
CA THR E 296 10.38 45.37 -5.52
C THR E 296 9.41 44.20 -5.64
N ALA E 297 8.12 44.48 -5.44
CA ALA E 297 7.12 43.44 -5.57
C ALA E 297 7.02 42.94 -6.99
N LEU E 298 7.24 43.80 -8.00
CA LEU E 298 7.17 43.34 -9.37
C LEU E 298 8.35 42.45 -9.68
N VAL E 299 9.54 42.83 -9.23
CA VAL E 299 10.65 41.93 -9.43
C VAL E 299 10.37 40.60 -8.75
N ALA E 300 9.81 40.62 -7.54
CA ALA E 300 9.61 39.34 -6.88
C ALA E 300 8.64 38.50 -7.69
N GLN E 301 7.61 39.14 -8.24
CA GLN E 301 6.62 38.46 -9.04
C GLN E 301 7.31 37.84 -10.26
N ALA E 302 8.28 38.53 -10.84
CA ALA E 302 8.95 38.04 -12.04
C ALA E 302 9.88 36.86 -11.74
N ILE E 303 10.37 36.77 -10.51
CA ILE E 303 11.21 35.65 -10.13
C ILE E 303 10.38 34.37 -10.17
N ILE E 304 9.11 34.42 -9.80
CA ILE E 304 8.30 33.23 -9.92
C ILE E 304 7.81 33.08 -11.35
N GLY E 305 7.21 34.14 -11.88
CA GLY E 305 6.91 34.21 -13.29
C GLY E 305 5.67 33.44 -13.67
N ASN E 306 5.54 33.20 -14.97
CA ASN E 306 4.36 32.61 -15.54
C ASN E 306 4.79 31.33 -16.22
N TYR E 307 3.82 30.49 -16.53
CA TYR E 307 4.12 29.27 -17.22
C TYR E 307 2.87 28.81 -17.92
N ASP E 308 3.00 28.26 -19.13
CA ASP E 308 1.83 27.73 -19.83
C ASP E 308 2.26 26.53 -20.66
N ARG E 309 1.69 25.34 -20.42
CA ARG E 309 2.17 24.16 -21.09
C ARG E 309 1.91 24.23 -22.60
N ALA E 310 1.00 25.12 -23.00
CA ALA E 310 0.69 25.24 -24.42
C ALA E 310 1.71 26.09 -25.16
N VAL E 311 2.55 26.83 -24.43
CA VAL E 311 3.56 27.63 -25.11
C VAL E 311 4.82 26.77 -25.21
N GLY E 312 5.49 26.81 -26.36
CA GLY E 312 6.67 25.97 -26.61
C GLY E 312 7.83 26.25 -25.65
N THR E 313 8.11 27.53 -25.43
CA THR E 313 9.29 27.99 -24.72
C THR E 313 9.18 27.74 -23.21
N SER E 314 7.97 27.47 -22.72
CA SER E 314 7.75 27.55 -21.28
C SER E 314 8.50 26.45 -20.55
N ARG E 315 8.79 25.33 -21.20
CA ARG E 315 9.49 24.30 -20.44
C ARG E 315 10.95 24.67 -20.22
N HIS E 316 11.41 25.74 -20.86
CA HIS E 316 12.82 26.09 -20.79
C HIS E 316 13.06 27.30 -19.93
N GLN E 317 12.00 27.86 -19.35
CA GLN E 317 12.09 29.08 -18.56
C GLN E 317 12.95 28.84 -17.32
N GLY E 318 13.56 29.94 -16.85
CA GLY E 318 14.58 29.85 -15.81
C GLY E 318 14.01 29.69 -14.40
N SER E 319 12.81 30.24 -14.20
CA SER E 319 12.05 30.17 -12.96
C SER E 319 12.06 28.78 -12.34
N ARG E 320 12.35 28.71 -11.03
CA ARG E 320 12.49 27.42 -10.41
C ARG E 320 11.15 26.69 -10.36
N LEU E 321 10.07 27.45 -10.10
CA LEU E 321 8.74 26.87 -10.06
C LEU E 321 8.37 26.35 -11.44
N SER E 322 8.74 27.09 -12.48
CA SER E 322 8.47 26.66 -13.84
C SER E 322 9.09 25.28 -14.08
N ASN E 323 10.34 25.11 -13.65
CA ASN E 323 11.02 23.86 -13.89
C ASN E 323 10.33 22.72 -13.14
N ILE E 324 9.95 22.95 -11.89
CA ILE E 324 9.36 21.89 -11.09
C ILE E 324 8.04 21.47 -11.73
N VAL E 325 7.28 22.47 -12.14
CA VAL E 325 5.93 22.21 -12.60
C VAL E 325 5.99 21.50 -13.94
N SER E 326 6.91 21.92 -14.81
CA SER E 326 6.95 21.35 -16.13
C SER E 326 7.47 19.91 -16.09
N GLU E 327 8.51 19.66 -15.27
CA GLU E 327 9.11 18.33 -15.19
C GLU E 327 8.12 17.30 -14.62
N ASN E 328 7.26 17.78 -13.72
CA ASN E 328 6.38 16.90 -12.96
C ASN E 328 4.94 16.91 -13.48
N ASN E 329 4.66 17.63 -14.58
CA ASN E 329 3.32 17.84 -15.12
C ASN E 329 2.33 18.24 -14.04
N LEU E 330 2.67 19.21 -13.21
CA LEU E 330 1.80 19.52 -12.11
C LEU E 330 0.69 20.46 -12.51
N ALA E 331 0.88 21.24 -13.58
CA ALA E 331 -0.10 22.26 -13.86
C ALA E 331 -0.18 22.49 -15.37
N ASN E 332 -1.31 23.05 -15.78
CA ASN E 332 -1.47 23.51 -17.13
C ASN E 332 -0.83 24.87 -17.24
N SER E 333 -0.96 25.67 -16.19
CA SER E 333 -0.48 27.03 -16.27
C SER E 333 -0.37 27.60 -14.87
N PHE E 334 0.49 28.59 -14.74
CA PHE E 334 0.37 29.48 -13.62
C PHE E 334 0.76 30.87 -14.07
N GLN E 335 0.23 31.87 -13.37
CA GLN E 335 0.39 33.26 -13.72
C GLN E 335 0.58 33.98 -12.40
N SER E 336 1.76 34.54 -12.18
CA SER E 336 1.97 35.36 -11.00
C SER E 336 1.34 36.71 -11.26
N PHE E 337 0.77 37.32 -10.24
CA PHE E 337 0.22 38.64 -10.46
C PHE E 337 0.58 39.53 -9.30
N SER E 338 0.59 40.84 -9.57
CA SER E 338 0.70 41.80 -8.50
C SER E 338 -0.25 42.94 -8.82
N THR E 339 -1.49 42.78 -8.35
CA THR E 339 -2.52 43.77 -8.54
C THR E 339 -2.40 44.88 -7.50
N SER E 340 -2.39 46.15 -7.94
CA SER E 340 -2.31 47.25 -7.00
C SER E 340 -3.60 48.05 -7.00
N TYR E 341 -3.89 48.64 -5.86
CA TYR E 341 -4.94 49.63 -5.76
C TYR E 341 -4.34 50.86 -5.11
N SER E 342 -5.19 51.84 -4.81
CA SER E 342 -4.66 53.11 -4.36
C SER E 342 -4.02 52.94 -2.98
N ASP E 343 -4.54 52.00 -2.18
CA ASP E 343 -4.13 51.93 -0.79
C ASP E 343 -3.79 50.52 -0.35
N THR E 344 -3.88 49.55 -1.26
CA THR E 344 -3.51 48.18 -0.93
C THR E 344 -3.21 47.43 -2.21
N GLY E 345 -3.09 46.11 -2.15
CA GLY E 345 -2.97 45.32 -3.37
C GLY E 345 -3.07 43.83 -3.06
N LEU E 346 -2.98 43.00 -4.08
CA LEU E 346 -2.92 41.56 -3.86
C LEU E 346 -1.75 41.06 -4.67
N TRP E 347 -0.94 40.19 -4.10
CA TRP E 347 0.20 39.69 -4.82
C TRP E 347 0.08 38.20 -4.67
N GLY E 348 0.19 37.48 -5.77
CA GLY E 348 -0.06 36.06 -5.63
C GLY E 348 0.11 35.31 -6.92
N ILE E 349 -0.57 34.19 -7.04
CA ILE E 349 -0.38 33.39 -8.22
C ILE E 349 -1.71 32.75 -8.55
N TYR E 350 -1.95 32.50 -9.82
CA TYR E 350 -3.15 31.81 -10.20
C TYR E 350 -2.71 30.55 -10.94
N LEU E 351 -3.16 29.39 -10.49
CA LEU E 351 -2.70 28.11 -11.03
C LEU E 351 -3.86 27.40 -11.68
N THR E 352 -3.60 26.65 -12.76
CA THR E 352 -4.65 25.78 -13.26
C THR E 352 -4.02 24.43 -13.53
N SER E 353 -4.80 23.38 -13.33
CA SER E 353 -4.22 22.06 -13.29
C SER E 353 -5.31 21.04 -13.53
N GLU E 354 -4.98 20.02 -14.33
CA GLU E 354 -5.82 18.85 -14.49
C GLU E 354 -5.27 17.69 -13.64
N ASN E 355 -4.12 17.91 -13.00
CA ASN E 355 -3.52 16.83 -12.25
C ASN E 355 -4.14 16.85 -10.86
N THR E 356 -5.29 16.22 -10.72
CA THR E 356 -6.08 16.49 -9.54
C THR E 356 -5.56 15.72 -8.32
N THR E 357 -4.69 14.73 -8.54
CA THR E 357 -4.12 13.99 -7.43
C THR E 357 -2.80 14.60 -6.98
N GLN E 358 -2.33 15.66 -7.64
CA GLN E 358 -1.07 16.22 -7.19
C GLN E 358 -1.22 17.72 -7.01
N ILE E 359 -2.45 18.16 -6.74
CA ILE E 359 -2.66 19.54 -6.44
C ILE E 359 -1.86 19.91 -5.19
N ASP E 360 -1.78 18.99 -4.23
CA ASP E 360 -1.03 19.22 -3.02
C ASP E 360 0.41 19.54 -3.37
N ASP E 361 1.01 18.80 -4.31
CA ASP E 361 2.39 19.03 -4.73
C ASP E 361 2.51 20.39 -5.42
N LEU E 362 1.59 20.68 -6.32
CA LEU E 362 1.61 21.97 -6.96
C LEU E 362 1.59 23.11 -5.93
N VAL E 363 0.66 23.05 -4.98
CA VAL E 363 0.59 24.13 -4.00
C VAL E 363 1.82 24.10 -3.11
N HIS E 364 2.22 22.91 -2.66
CA HIS E 364 3.44 22.77 -1.88
C HIS E 364 4.62 23.45 -2.57
N PHE E 365 4.92 23.06 -3.82
CA PHE E 365 6.07 23.60 -4.51
C PHE E 365 5.96 25.10 -4.76
N THR E 366 4.76 25.57 -5.06
CA THR E 366 4.58 26.99 -5.26
C THR E 366 4.94 27.71 -3.99
N LEU E 367 4.45 27.25 -2.85
CA LEU E 367 4.64 28.07 -1.67
C LEU E 367 6.08 27.99 -1.18
N LYS E 368 6.74 26.88 -1.47
CA LYS E 368 8.15 26.77 -1.13
C LYS E 368 8.98 27.67 -2.02
N GLU E 369 8.55 27.93 -3.26
CA GLU E 369 9.25 28.88 -4.09
C GLU E 369 9.09 30.29 -3.58
N TRP E 370 7.92 30.61 -3.04
CA TRP E 370 7.78 31.91 -2.42
C TRP E 370 8.67 31.99 -1.19
N ASN E 371 8.78 30.90 -0.43
CA ASN E 371 9.60 30.98 0.77
C ASN E 371 11.00 31.42 0.41
N ARG E 372 11.51 30.95 -0.73
CA ARG E 372 12.86 31.26 -1.16
C ARG E 372 13.06 32.73 -1.51
N LEU E 373 11.99 33.50 -1.70
CA LEU E 373 12.18 34.92 -1.90
C LEU E 373 12.69 35.53 -0.60
N SER E 374 12.32 34.89 0.52
CA SER E 374 12.70 35.35 1.85
C SER E 374 14.06 34.81 2.23
N THR E 375 14.34 33.57 1.81
CA THR E 375 15.46 32.90 2.44
C THR E 375 16.68 32.85 1.53
N SER E 376 16.48 32.79 0.22
CA SER E 376 17.54 32.33 -0.66
C SER E 376 17.86 33.27 -1.82
N VAL E 377 17.03 34.28 -2.12
CA VAL E 377 17.29 34.97 -3.38
C VAL E 377 18.56 35.76 -3.28
N SER E 378 19.30 35.73 -4.38
CA SER E 378 20.61 36.33 -4.44
C SER E 378 20.65 37.18 -5.69
N ASN E 379 21.84 37.71 -5.99
CA ASN E 379 22.00 38.53 -7.17
C ASN E 379 21.65 37.76 -8.43
N LEU E 380 21.70 36.42 -8.34
CA LEU E 380 21.48 35.63 -9.52
C LEU E 380 20.06 35.81 -10.05
N GLN E 381 19.07 35.62 -9.17
CA GLN E 381 17.68 35.65 -9.62
C GLN E 381 17.27 37.10 -9.80
N VAL E 382 17.70 37.98 -8.88
CA VAL E 382 17.21 39.34 -8.91
C VAL E 382 17.66 40.03 -10.19
N GLU E 383 18.92 39.85 -10.61
CA GLU E 383 19.42 40.51 -11.81
C GLU E 383 18.75 39.96 -13.06
N ARG E 384 18.44 38.67 -13.05
CA ARG E 384 17.75 38.05 -14.16
C ARG E 384 16.34 38.64 -14.31
N ALA E 385 15.65 38.85 -13.20
CA ALA E 385 14.27 39.28 -13.23
C ALA E 385 14.18 40.76 -13.54
N LYS E 386 15.19 41.52 -13.09
CA LYS E 386 15.25 42.93 -13.46
C LYS E 386 15.41 43.05 -14.97
N SER E 387 16.26 42.22 -15.58
CA SER E 387 16.50 42.27 -17.01
C SER E 387 15.22 41.99 -17.80
N GLN E 388 14.46 41.00 -17.34
CA GLN E 388 13.21 40.62 -17.96
C GLN E 388 12.16 41.71 -17.81
N LEU E 389 12.28 42.57 -16.81
CA LEU E 389 11.22 43.53 -16.51
C LEU E 389 11.51 44.86 -17.21
N LYS E 390 12.80 45.18 -17.30
CA LYS E 390 13.30 46.39 -17.94
C LYS E 390 12.75 46.42 -19.37
N ALA E 391 12.64 45.24 -20.00
CA ALA E 391 12.00 45.08 -21.30
C ALA E 391 10.48 45.02 -21.14
N GLY E 392 9.99 44.18 -20.22
CA GLY E 392 8.59 43.81 -20.13
C GLY E 392 7.66 44.99 -19.95
N LEU E 393 8.11 46.00 -19.19
CA LEU E 393 7.29 47.16 -18.88
C LEU E 393 7.20 48.10 -20.07
N LEU E 394 8.13 47.95 -21.02
CA LEU E 394 8.12 48.71 -22.25
C LEU E 394 7.46 47.92 -23.39
N LEU E 395 7.58 46.58 -23.36
CA LEU E 395 7.12 45.66 -24.41
C LEU E 395 5.59 45.69 -24.47
N SER E 396 4.97 45.72 -23.29
CA SER E 396 3.52 45.78 -23.13
C SER E 396 2.89 46.84 -24.03
N LEU E 397 3.59 47.98 -24.25
CA LEU E 397 3.09 49.08 -25.06
C LEU E 397 3.43 48.87 -26.54
N ASP E 398 2.57 48.11 -27.23
CA ASP E 398 2.85 47.75 -28.63
C ASP E 398 1.79 48.19 -29.64
N GLY E 399 0.71 48.87 -29.19
CA GLY E 399 -0.31 49.48 -30.03
C GLY E 399 -0.88 50.71 -29.36
N THR E 400 -1.67 51.52 -30.08
CA THR E 400 -2.10 52.79 -29.54
C THR E 400 -3.00 52.58 -28.33
N THR E 401 -3.74 51.48 -28.32
CA THR E 401 -4.65 51.18 -27.22
C THR E 401 -3.85 50.91 -25.96
N TYR E 402 -2.71 50.24 -26.12
CA TYR E 402 -1.89 49.88 -24.99
C TYR E 402 -1.14 51.09 -24.47
N VAL E 403 -0.74 51.97 -25.39
CA VAL E 403 -0.09 53.19 -24.96
C VAL E 403 -1.10 54.06 -24.23
N ALA E 404 -2.32 54.16 -24.75
CA ALA E 404 -3.32 54.99 -24.12
C ALA E 404 -3.68 54.41 -22.76
N GLU E 405 -3.69 53.08 -22.67
CA GLU E 405 -4.04 52.44 -21.42
C GLU E 405 -2.95 52.71 -20.41
N ASP E 406 -1.70 52.79 -20.90
CA ASP E 406 -0.61 53.07 -19.99
C ASP E 406 -0.65 54.52 -19.53
N ILE E 407 -0.90 55.46 -20.43
CA ILE E 407 -0.91 56.84 -20.01
C ILE E 407 -2.05 57.03 -19.03
N GLY E 408 -3.21 56.48 -19.38
CA GLY E 408 -4.40 56.61 -18.57
C GLY E 408 -4.23 56.03 -17.18
N ARG E 409 -3.64 54.83 -17.12
CA ARG E 409 -3.50 54.11 -15.86
C ARG E 409 -2.55 54.92 -14.98
N GLN E 410 -1.40 55.30 -15.52
CA GLN E 410 -0.43 55.99 -14.70
C GLN E 410 -0.92 57.36 -14.26
N LEU E 411 -1.72 58.06 -15.08
CA LEU E 411 -2.10 59.40 -14.70
C LEU E 411 -3.15 59.32 -13.59
N THR E 412 -3.92 58.22 -13.58
CA THR E 412 -5.01 58.13 -12.62
C THR E 412 -4.57 57.43 -11.35
N THR E 413 -3.33 56.90 -11.33
CA THR E 413 -2.85 56.19 -10.15
C THR E 413 -1.67 56.92 -9.50
N LEU E 414 -0.86 57.63 -10.28
CA LEU E 414 0.33 58.26 -9.74
C LEU E 414 0.28 59.77 -9.95
N GLY E 415 -0.61 60.21 -10.84
CA GLY E 415 -0.75 61.64 -11.10
C GLY E 415 0.21 62.17 -12.15
N ARG E 416 1.06 61.28 -12.65
CA ARG E 416 1.98 61.62 -13.72
C ARG E 416 2.31 60.36 -14.51
N ARG E 417 2.81 60.58 -15.73
CA ARG E 417 3.39 59.51 -16.53
C ARG E 417 4.83 59.38 -16.10
N VAL E 418 5.21 58.16 -15.73
CA VAL E 418 6.60 57.89 -15.42
C VAL E 418 7.32 57.52 -16.72
N THR E 419 8.36 58.33 -17.06
CA THR E 419 9.17 58.16 -18.26
C THR E 419 9.91 56.84 -18.18
N PRO E 420 10.25 56.17 -19.31
CA PRO E 420 11.02 54.93 -19.27
C PRO E 420 12.38 55.01 -18.56
N ALA E 421 12.99 56.21 -18.59
CA ALA E 421 14.27 56.47 -17.93
C ALA E 421 14.12 56.37 -16.41
N GLU E 422 13.01 56.91 -15.87
CA GLU E 422 12.74 56.86 -14.44
C GLU E 422 12.41 55.43 -14.04
N VAL E 423 11.66 54.70 -14.89
CA VAL E 423 11.27 53.33 -14.62
C VAL E 423 12.52 52.47 -14.61
N GLU E 424 13.48 52.79 -15.48
CA GLU E 424 14.68 52.00 -15.57
C GLU E 424 15.55 52.25 -14.33
N ALA E 425 15.51 53.46 -13.79
CA ALA E 425 16.25 53.81 -12.59
C ALA E 425 15.66 53.16 -11.34
N LYS E 426 14.31 53.11 -11.26
CA LYS E 426 13.61 52.51 -10.13
C LYS E 426 13.86 51.00 -10.11
N LEU E 427 13.88 50.36 -11.28
CA LEU E 427 14.21 48.95 -11.37
C LEU E 427 15.66 48.70 -11.00
N GLU E 428 16.57 49.57 -11.44
CA GLU E 428 17.98 49.40 -11.13
C GLU E 428 18.24 49.52 -9.63
N ALA E 429 17.40 50.27 -8.94
CA ALA E 429 17.58 50.46 -7.51
C ALA E 429 17.15 49.23 -6.71
N VAL E 430 16.48 48.25 -7.35
CA VAL E 430 15.99 47.07 -6.63
C VAL E 430 17.16 46.12 -6.44
N THR E 431 17.58 45.86 -5.20
CA THR E 431 18.69 44.95 -4.98
C THR E 431 18.14 43.62 -4.48
N GLU E 432 19.01 42.60 -4.41
CA GLU E 432 18.59 41.33 -3.80
C GLU E 432 18.18 41.55 -2.36
N HIS E 433 18.84 42.51 -1.72
CA HIS E 433 18.62 42.71 -0.31
C HIS E 433 17.22 43.29 -0.10
N ASP E 434 16.81 44.18 -1.03
CA ASP E 434 15.47 44.75 -1.04
C ASP E 434 14.42 43.67 -1.24
N VAL E 435 14.65 42.77 -2.18
CA VAL E 435 13.66 41.74 -2.41
C VAL E 435 13.53 40.86 -1.17
N ARG E 436 14.67 40.42 -0.60
CA ARG E 436 14.56 39.59 0.60
C ARG E 436 13.82 40.37 1.70
N ALA E 437 14.13 41.67 1.86
CA ALA E 437 13.50 42.42 2.91
C ALA E 437 12.00 42.45 2.70
N TRP E 438 11.60 42.68 1.45
CA TRP E 438 10.20 42.86 1.13
C TRP E 438 9.48 41.54 1.38
N ALA E 439 10.09 40.43 0.96
CA ALA E 439 9.40 39.16 1.04
C ALA E 439 9.24 38.76 2.50
N GLN E 440 10.21 39.13 3.32
CA GLN E 440 10.17 38.71 4.71
C GLN E 440 9.10 39.50 5.46
N LYS E 441 8.73 40.67 4.94
CA LYS E 441 7.72 41.48 5.60
C LYS E 441 6.33 41.23 5.02
N THR E 442 6.28 40.67 3.80
CA THR E 442 5.04 40.62 3.06
C THR E 442 4.59 39.19 2.83
N LEU E 443 5.52 38.25 2.71
CA LEU E 443 5.11 36.92 2.33
C LEU E 443 5.37 35.94 3.44
N TYR E 444 6.55 36.05 4.05
CA TYR E 444 6.98 35.02 4.96
C TYR E 444 6.03 34.92 6.12
N ASP E 445 5.43 33.73 6.31
CA ASP E 445 4.60 33.46 7.47
C ASP E 445 3.45 34.47 7.55
N LYS E 446 2.84 34.79 6.41
CA LYS E 446 1.74 35.73 6.43
C LYS E 446 0.47 34.97 6.05
N ASP E 447 -0.67 35.59 6.33
CA ASP E 447 -1.94 34.96 6.01
C ASP E 447 -2.17 35.04 4.52
N ILE E 448 -2.81 34.02 3.97
CA ILE E 448 -3.06 34.06 2.55
C ILE E 448 -4.56 34.11 2.35
N ALA E 449 -4.96 34.59 1.19
CA ALA E 449 -6.33 34.40 0.77
C ALA E 449 -6.23 33.34 -0.29
N LEU E 450 -7.13 32.37 -0.26
CA LEU E 450 -6.96 31.20 -1.09
C LEU E 450 -8.31 30.89 -1.71
N VAL E 451 -8.36 30.72 -3.02
CA VAL E 451 -9.63 30.36 -3.62
C VAL E 451 -9.37 29.18 -4.51
N GLY E 452 -10.20 28.15 -4.37
CA GLY E 452 -10.07 27.02 -5.25
C GLY E 452 -11.41 26.77 -5.91
N LEU E 453 -11.36 26.45 -7.19
CA LEU E 453 -12.59 26.20 -7.92
C LEU E 453 -12.36 24.94 -8.75
N GLY E 454 -13.31 24.03 -8.72
CA GLY E 454 -13.16 22.87 -9.56
C GLY E 454 -12.91 21.62 -8.74
N PRO E 455 -12.22 20.64 -9.30
CA PRO E 455 -11.94 19.41 -8.57
C PRO E 455 -10.78 19.57 -7.60
N ILE E 456 -11.06 20.14 -6.42
CA ILE E 456 -10.02 20.60 -5.53
C ILE E 456 -10.08 19.79 -4.25
N GLU E 457 -10.62 18.57 -4.34
CA GLU E 457 -10.61 17.67 -3.20
C GLU E 457 -9.20 17.56 -2.61
N GLY E 458 -8.20 17.54 -3.50
CA GLY E 458 -6.83 17.33 -3.10
C GLY E 458 -6.17 18.59 -2.53
N LEU E 459 -6.86 19.73 -2.55
CA LEU E 459 -6.27 20.91 -1.97
C LEU E 459 -6.48 20.80 -0.47
N TYR E 460 -5.40 20.84 0.33
CA TYR E 460 -5.57 20.66 1.76
C TYR E 460 -6.28 21.85 2.36
N ASP E 461 -6.66 21.71 3.63
CA ASP E 461 -7.32 22.75 4.40
C ASP E 461 -6.43 23.97 4.57
N TYR E 462 -7.03 25.05 5.09
CA TYR E 462 -6.33 26.31 5.20
C TYR E 462 -5.00 26.15 5.94
N ASN E 463 -5.01 25.47 7.10
CA ASN E 463 -3.80 25.42 7.90
C ASN E 463 -2.63 24.84 7.12
N ARG E 464 -2.85 23.73 6.44
CA ARG E 464 -1.71 23.13 5.77
C ARG E 464 -1.20 23.99 4.63
N ILE E 465 -2.07 24.73 3.95
CA ILE E 465 -1.55 25.62 2.94
C ILE E 465 -0.78 26.74 3.64
N ARG E 466 -1.38 27.37 4.63
CA ARG E 466 -0.71 28.46 5.31
C ARG E 466 0.57 28.01 6.00
N ASN E 467 0.70 26.73 6.38
CA ASN E 467 1.93 26.29 7.00
C ASN E 467 3.10 26.30 6.04
N ASP E 468 2.81 26.23 4.73
CA ASP E 468 3.87 26.32 3.75
C ASP E 468 4.34 27.74 3.55
N MET E 469 3.78 28.70 4.27
CA MET E 469 4.23 30.06 4.11
C MET E 469 5.49 30.30 4.91
N SER E 470 5.99 29.28 5.60
CA SER E 470 7.27 29.42 6.26
C SER E 470 8.04 28.12 6.12
N MET E 471 9.32 28.15 6.45
CA MET E 471 10.15 26.98 6.36
C MET E 471 10.69 26.71 7.75
N MET E 472 10.53 25.48 8.23
CA MET E 472 11.03 25.20 9.57
C MET E 472 12.55 25.12 9.57
N ARG E 473 13.13 24.89 8.39
CA ARG E 473 14.56 24.70 8.28
C ARG E 473 15.26 26.04 8.36
N TRP E 474 14.49 27.13 8.23
CA TRP E 474 15.09 28.45 8.25
C TRP E 474 14.72 29.16 9.56
N PHE F 15 7.71 51.26 -44.62
CA PHE F 15 8.69 50.14 -44.66
C PHE F 15 9.54 50.22 -45.93
N SER F 16 10.81 50.63 -45.76
CA SER F 16 11.77 50.62 -46.84
C SER F 16 12.21 49.19 -47.18
N THR F 17 11.65 48.69 -48.29
CA THR F 17 12.00 47.41 -48.88
C THR F 17 13.42 47.51 -49.44
N ALA F 18 14.28 46.55 -49.06
CA ALA F 18 15.56 46.35 -49.72
C ALA F 18 15.91 44.86 -49.78
N GLU F 19 17.17 44.61 -50.17
CA GLU F 19 17.68 43.28 -50.36
C GLU F 19 19.04 43.17 -49.67
N ALA F 20 19.18 42.11 -48.89
CA ALA F 20 20.42 41.88 -48.16
C ALA F 20 20.81 40.43 -48.34
N ALA F 21 21.91 40.22 -49.08
CA ALA F 21 22.42 38.90 -49.44
C ALA F 21 21.30 37.99 -49.94
N GLY F 22 20.45 38.52 -50.82
CA GLY F 22 19.48 37.69 -51.52
C GLY F 22 18.18 37.50 -50.72
N VAL F 23 18.14 38.08 -49.52
CA VAL F 23 16.96 38.04 -48.67
C VAL F 23 16.32 39.42 -48.70
N LYS F 24 15.00 39.43 -48.90
CA LYS F 24 14.21 40.65 -48.89
C LYS F 24 13.95 41.11 -47.46
N VAL F 25 14.37 42.35 -47.16
CA VAL F 25 14.34 42.91 -45.82
C VAL F 25 13.59 44.23 -45.87
N ALA F 26 12.54 44.34 -45.04
CA ALA F 26 11.74 45.55 -44.94
C ALA F 26 11.77 46.06 -43.50
N ALA F 27 12.20 47.31 -43.34
CA ALA F 27 12.26 47.89 -42.01
C ALA F 27 11.71 49.32 -42.05
N GLN F 28 11.16 49.69 -40.90
CA GLN F 28 10.64 51.02 -40.68
C GLN F 28 11.15 51.45 -39.32
N ASP F 29 11.97 52.51 -39.31
CA ASP F 29 12.47 53.04 -38.05
C ASP F 29 11.37 53.85 -37.39
N GLY F 30 11.38 53.82 -36.05
CA GLY F 30 10.34 54.42 -35.23
C GLY F 30 10.95 55.10 -34.01
N GLN F 31 10.09 55.59 -33.13
CA GLN F 31 10.52 56.24 -31.92
C GLN F 31 9.88 55.52 -30.75
N SER F 32 10.43 54.36 -30.42
CA SER F 32 9.92 53.51 -29.37
C SER F 32 11.09 52.69 -28.86
N PRO F 33 11.06 52.16 -27.62
CA PRO F 33 12.12 51.29 -27.14
C PRO F 33 11.98 49.83 -27.58
N ILE F 34 10.92 49.52 -28.34
CA ILE F 34 10.55 48.14 -28.60
C ILE F 34 10.62 47.83 -30.09
N SER F 35 11.42 46.82 -30.44
CA SER F 35 11.54 46.41 -31.83
C SER F 35 10.87 45.05 -32.00
N ASP F 36 10.22 44.90 -33.15
CA ASP F 36 9.63 43.63 -33.54
C ASP F 36 10.34 43.15 -34.79
N LEU F 37 11.05 42.03 -34.68
CA LEU F 37 11.66 41.42 -35.84
C LEU F 37 10.88 40.17 -36.19
N SER F 38 10.44 40.08 -37.44
CA SER F 38 9.65 38.94 -37.86
C SER F 38 10.24 38.31 -39.12
N VAL F 39 10.45 37.00 -39.06
CA VAL F 39 10.76 36.26 -40.26
C VAL F 39 9.46 35.73 -40.86
N VAL F 40 9.13 36.14 -42.09
CA VAL F 40 7.96 35.61 -42.75
C VAL F 40 8.44 34.58 -43.76
N LEU F 41 7.90 33.36 -43.65
CA LEU F 41 8.27 32.30 -44.57
C LEU F 41 7.13 31.99 -45.52
N ARG F 42 7.47 31.78 -46.79
CA ARG F 42 6.53 31.26 -47.77
C ARG F 42 6.37 29.79 -47.45
N GLY F 43 5.70 29.48 -46.34
CA GLY F 43 5.71 28.11 -45.85
C GLY F 43 4.36 27.75 -45.25
N GLY F 44 3.34 28.53 -45.60
CA GLY F 44 2.04 28.28 -45.03
C GLY F 44 1.49 26.95 -45.50
N SER F 45 0.26 26.65 -45.11
CA SER F 45 -0.32 25.36 -45.38
C SER F 45 -0.62 25.12 -46.86
N ARG F 46 -0.74 26.18 -47.67
CA ARG F 46 -1.08 25.92 -49.05
C ARG F 46 0.13 25.30 -49.76
N TYR F 47 1.29 25.41 -49.11
CA TYR F 47 2.51 24.95 -49.73
C TYR F 47 2.89 23.61 -49.11
N ALA F 48 2.13 23.19 -48.10
CA ALA F 48 2.44 22.00 -47.34
C ALA F 48 2.47 20.78 -48.25
N THR F 49 3.55 20.04 -48.13
CA THR F 49 3.69 18.74 -48.76
C THR F 49 2.62 17.77 -48.23
N VAL F 50 2.55 17.65 -46.90
CA VAL F 50 1.67 16.72 -46.20
C VAL F 50 0.84 17.50 -45.17
N PRO F 51 -0.37 17.03 -44.82
CA PRO F 51 -1.25 17.74 -43.88
C PRO F 51 -0.66 17.98 -42.51
N GLY F 52 -0.52 19.26 -42.14
CA GLY F 52 -0.11 19.63 -40.80
C GLY F 52 1.36 20.00 -40.72
N VAL F 53 2.09 19.86 -41.83
CA VAL F 53 3.52 20.01 -41.74
C VAL F 53 3.91 21.46 -41.45
N SER F 54 3.12 22.43 -41.94
CA SER F 54 3.56 23.80 -41.79
C SER F 54 3.36 24.21 -40.34
N HIS F 55 2.32 23.67 -39.70
CA HIS F 55 2.11 23.93 -38.28
C HIS F 55 3.26 23.37 -37.45
N ILE F 56 3.68 22.14 -37.76
CA ILE F 56 4.77 21.50 -37.03
C ILE F 56 6.07 22.27 -37.30
N LEU F 57 6.34 22.66 -38.54
CA LEU F 57 7.53 23.43 -38.80
C LEU F 57 7.56 24.74 -37.99
N GLU F 58 6.41 25.39 -37.84
CA GLU F 58 6.29 26.60 -37.04
C GLU F 58 6.64 26.30 -35.59
N LYS F 59 6.11 25.18 -35.08
CA LYS F 59 6.37 24.82 -33.69
C LYS F 59 7.78 24.25 -33.51
N PHE F 60 8.49 23.95 -34.60
CA PHE F 60 9.84 23.44 -34.46
C PHE F 60 10.83 24.60 -34.55
N ALA F 61 10.33 25.83 -34.68
CA ALA F 61 11.25 26.96 -34.66
C ALA F 61 11.67 27.20 -33.22
N PHE F 62 12.94 27.56 -33.07
CA PHE F 62 13.55 27.81 -31.78
C PHE F 62 13.60 26.54 -30.94
N GLN F 63 13.70 25.39 -31.62
CA GLN F 63 14.13 24.16 -30.97
C GLN F 63 15.65 24.11 -31.04
N ASN F 64 16.23 22.92 -30.84
CA ASN F 64 17.67 22.83 -30.77
C ASN F 64 18.28 23.16 -32.12
N THR F 65 19.18 24.13 -32.14
CA THR F 65 20.02 24.29 -33.31
C THR F 65 21.38 23.73 -32.93
N VAL F 66 22.26 23.66 -33.92
CA VAL F 66 23.62 23.18 -33.69
C VAL F 66 24.39 24.18 -32.82
N PRO F 67 24.38 25.51 -33.08
CA PRO F 67 25.09 26.46 -32.20
C PRO F 67 24.51 26.69 -30.81
N LYS F 68 23.19 26.51 -30.66
CA LYS F 68 22.51 26.96 -29.45
C LYS F 68 21.29 26.09 -29.21
N SER F 69 21.21 25.48 -28.02
CA SER F 69 20.11 24.59 -27.68
C SER F 69 18.85 25.40 -27.44
N ALA F 70 17.70 24.74 -27.54
CA ALA F 70 16.44 25.37 -27.23
C ALA F 70 16.47 25.97 -25.85
N LEU F 71 17.01 25.19 -24.91
CA LEU F 71 17.12 25.66 -23.53
C LEU F 71 17.98 26.91 -23.45
N ARG F 72 19.17 26.89 -24.05
CA ARG F 72 20.01 28.07 -23.93
C ARG F 72 19.32 29.27 -24.58
N PHE F 73 18.63 29.06 -25.67
CA PHE F 73 17.98 30.18 -26.34
C PHE F 73 16.94 30.80 -25.40
N VAL F 74 16.08 29.97 -24.83
CA VAL F 74 15.02 30.47 -23.96
C VAL F 74 15.60 31.21 -22.76
N ARG F 75 16.65 30.66 -22.13
CA ARG F 75 17.20 31.34 -20.97
C ARG F 75 17.86 32.66 -21.34
N GLU F 76 18.39 32.77 -22.56
CA GLU F 76 19.06 34.01 -22.91
C GLU F 76 18.04 35.03 -23.36
N LEU F 77 16.95 34.57 -23.95
CA LEU F 77 15.90 35.46 -24.40
C LEU F 77 15.24 36.11 -23.18
N GLU F 78 15.21 35.39 -22.06
CA GLU F 78 14.69 35.94 -20.81
C GLU F 78 15.62 36.99 -20.22
N LEU F 79 16.92 36.91 -20.51
CA LEU F 79 17.84 37.94 -20.05
C LEU F 79 17.71 39.22 -20.87
N PHE F 80 17.15 39.13 -22.06
CA PHE F 80 16.93 40.32 -22.88
C PHE F 80 15.48 40.76 -22.75
N GLY F 81 14.73 39.95 -22.00
CA GLY F 81 13.31 40.11 -21.77
C GLY F 81 12.49 40.09 -23.05
N GLY F 82 13.07 39.55 -24.12
CA GLY F 82 12.35 39.30 -25.36
C GLY F 82 11.18 38.32 -25.19
N LYS F 83 10.28 38.35 -26.17
CA LYS F 83 9.21 37.37 -26.23
C LYS F 83 9.23 36.81 -27.64
N LEU F 84 8.66 35.61 -27.76
CA LEU F 84 8.64 34.89 -29.01
C LEU F 84 7.21 34.54 -29.37
N TYR F 85 6.83 34.80 -30.62
CA TYR F 85 5.46 34.53 -31.03
C TYR F 85 5.53 33.95 -32.42
N THR F 86 4.78 32.88 -32.62
CA THR F 86 4.84 32.21 -33.90
C THR F 86 3.41 31.88 -34.31
N HIS F 87 3.11 31.93 -35.61
CA HIS F 87 1.83 31.42 -36.05
C HIS F 87 1.93 30.98 -37.50
N THR F 88 0.98 30.12 -37.88
CA THR F 88 0.90 29.60 -39.23
C THR F 88 -0.39 30.12 -39.86
N THR F 89 -0.31 30.57 -41.11
CA THR F 89 -1.50 30.86 -41.87
C THR F 89 -1.56 29.90 -43.05
N ARG F 90 -2.44 30.17 -44.00
CA ARG F 90 -2.43 29.35 -45.18
C ARG F 90 -1.32 29.76 -46.12
N GLU F 91 -0.81 30.98 -45.95
CA GLU F 91 0.12 31.54 -46.88
C GLU F 91 1.53 31.57 -46.25
N HIS F 92 1.60 31.83 -44.94
CA HIS F 92 2.89 32.11 -44.34
C HIS F 92 3.06 31.36 -43.03
N ILE F 93 4.32 31.19 -42.63
CA ILE F 93 4.63 30.96 -41.24
C ILE F 93 5.29 32.25 -40.80
N VAL F 94 4.89 32.72 -39.61
CA VAL F 94 5.45 33.95 -39.10
C VAL F 94 6.09 33.67 -37.75
N LEU F 95 7.35 34.08 -37.63
CA LEU F 95 8.07 33.97 -36.37
C LEU F 95 8.47 35.37 -35.97
N ARG F 96 7.93 35.80 -34.83
CA ARG F 96 8.11 37.19 -34.46
C ARG F 96 8.80 37.24 -33.10
N THR F 97 9.79 38.12 -32.99
CA THR F 97 10.34 38.35 -31.68
C THR F 97 10.16 39.82 -31.32
N GLN F 98 9.89 40.03 -30.03
CA GLN F 98 9.74 41.37 -29.54
C GLN F 98 10.84 41.60 -28.51
N PHE F 99 11.62 42.66 -28.67
CA PHE F 99 12.74 42.88 -27.77
C PHE F 99 13.03 44.38 -27.70
N LEU F 100 14.05 44.74 -26.92
CA LEU F 100 14.46 46.14 -26.87
C LEU F 100 15.33 46.45 -28.08
N LYS F 101 15.28 47.71 -28.53
CA LYS F 101 15.85 48.10 -29.80
C LYS F 101 17.29 47.60 -29.88
N GLN F 102 18.00 47.76 -28.77
CA GLN F 102 19.44 47.62 -28.76
C GLN F 102 19.86 46.18 -29.02
N ASP F 103 18.98 45.22 -28.72
CA ASP F 103 19.33 43.79 -28.77
C ASP F 103 19.12 43.18 -30.15
N LEU F 104 19.02 44.03 -31.18
CA LEU F 104 18.70 43.55 -32.51
C LEU F 104 19.69 42.48 -33.00
N PRO F 105 21.04 42.66 -32.88
CA PRO F 105 21.98 41.71 -33.49
C PRO F 105 21.80 40.28 -33.02
N TYR F 106 21.46 40.14 -31.72
CA TYR F 106 21.22 38.84 -31.12
C TYR F 106 20.09 38.14 -31.83
N PHE F 107 18.98 38.84 -32.07
CA PHE F 107 17.80 38.22 -32.64
C PHE F 107 18.00 37.92 -34.12
N VAL F 108 18.81 38.72 -34.82
CA VAL F 108 19.07 38.43 -36.21
C VAL F 108 19.83 37.12 -36.28
N ASP F 109 20.86 36.97 -35.42
CA ASP F 109 21.68 35.78 -35.40
C ASP F 109 20.88 34.56 -34.98
N ALA F 110 19.86 34.73 -34.12
CA ALA F 110 19.05 33.62 -33.65
C ALA F 110 18.16 33.09 -34.77
N PHE F 111 17.59 34.00 -35.55
CA PHE F 111 16.80 33.60 -36.70
C PHE F 111 17.70 32.89 -37.69
N ALA F 112 18.92 33.41 -37.91
CA ALA F 112 19.84 32.76 -38.82
C ALA F 112 20.12 31.33 -38.37
N ASN F 113 20.29 31.10 -37.06
CA ASN F 113 20.56 29.75 -36.58
C ASN F 113 19.37 28.84 -36.84
N VAL F 114 18.16 29.37 -36.76
CA VAL F 114 16.98 28.54 -36.88
C VAL F 114 16.83 28.09 -38.33
N LEU F 115 17.19 28.97 -39.25
CA LEU F 115 16.97 28.71 -40.66
C LEU F 115 18.09 27.83 -41.22
N LYS F 116 19.29 27.95 -40.64
CA LYS F 116 20.47 27.29 -41.17
C LYS F 116 20.71 25.95 -40.49
N GLU F 117 20.45 25.89 -39.18
CA GLU F 117 21.10 24.88 -38.36
C GLU F 117 20.15 24.16 -37.39
N THR F 118 18.85 24.11 -37.69
CA THR F 118 17.95 23.38 -36.81
C THR F 118 18.22 21.89 -36.95
N LYS F 119 18.51 21.24 -35.82
CA LYS F 119 18.65 19.79 -35.77
C LYS F 119 17.25 19.24 -35.58
N PHE F 120 16.61 18.67 -36.60
CA PHE F 120 15.24 18.25 -36.35
C PHE F 120 15.30 16.86 -35.75
N GLN F 121 15.16 16.79 -34.43
CA GLN F 121 15.46 15.56 -33.73
C GLN F 121 14.14 14.87 -33.42
N GLN F 122 14.14 13.54 -33.52
CA GLN F 122 12.87 12.86 -33.46
C GLN F 122 12.22 13.03 -32.08
N PHE F 123 13.05 13.13 -31.04
CA PHE F 123 12.50 13.23 -29.70
C PHE F 123 11.82 14.60 -29.53
N GLU F 124 12.32 15.65 -30.19
CA GLU F 124 11.71 16.97 -30.08
C GLU F 124 10.34 16.88 -30.72
N LEU F 125 10.23 16.13 -31.83
CA LEU F 125 8.93 16.02 -32.45
C LEU F 125 7.97 15.25 -31.56
N THR F 126 8.39 14.14 -30.96
CA THR F 126 7.48 13.32 -30.18
C THR F 126 7.10 13.98 -28.85
N GLU F 127 8.06 14.62 -28.19
CA GLU F 127 7.85 14.99 -26.81
C GLU F 127 7.56 16.48 -26.68
N ARG F 128 8.04 17.28 -27.63
CA ARG F 128 7.96 18.72 -27.48
C ARG F 128 6.99 19.30 -28.51
N VAL F 129 7.29 19.05 -29.79
CA VAL F 129 6.65 19.79 -30.85
C VAL F 129 5.23 19.28 -31.04
N ALA F 130 5.03 17.97 -31.25
CA ALA F 130 3.71 17.43 -31.52
C ALA F 130 2.72 17.76 -30.40
N PRO F 131 3.05 17.54 -29.10
CA PRO F 131 2.13 17.84 -28.00
C PRO F 131 1.69 19.30 -27.88
N VAL F 132 2.60 20.22 -28.19
CA VAL F 132 2.30 21.63 -28.15
C VAL F 132 1.44 21.98 -29.34
N ALA F 133 1.73 21.40 -30.51
CA ALA F 133 0.89 21.66 -31.66
C ALA F 133 -0.51 21.15 -31.40
N GLU F 134 -0.64 20.07 -30.62
CA GLU F 134 -1.95 19.52 -30.36
C GLU F 134 -2.74 20.40 -29.39
N LEU F 135 -2.07 20.99 -28.42
CA LEU F 135 -2.73 21.89 -27.48
C LEU F 135 -3.08 23.21 -28.16
N ASP F 136 -2.27 23.64 -29.13
CA ASP F 136 -2.54 24.86 -29.88
C ASP F 136 -3.88 24.68 -30.58
N LEU F 137 -4.08 23.51 -31.19
CA LEU F 137 -5.27 23.30 -31.97
C LEU F 137 -6.48 23.15 -31.06
N LEU F 138 -6.34 22.42 -29.95
CA LEU F 138 -7.46 22.23 -29.02
C LEU F 138 -7.94 23.56 -28.45
N LYS F 139 -7.01 24.49 -28.24
CA LYS F 139 -7.40 25.77 -27.70
C LYS F 139 -8.18 26.56 -28.74
N ARG F 140 -7.80 26.43 -30.01
CA ARG F 140 -8.46 27.19 -31.06
C ARG F 140 -9.86 26.64 -31.32
N GLU F 141 -10.00 25.31 -31.22
CA GLU F 141 -11.23 24.61 -31.52
C GLU F 141 -12.26 24.78 -30.41
N SER F 142 -11.83 25.30 -29.25
CA SER F 142 -12.78 25.65 -28.20
C SER F 142 -13.82 26.65 -28.72
N ASP F 143 -13.41 27.51 -29.67
CA ASP F 143 -14.30 28.40 -30.40
C ASP F 143 -14.88 27.68 -31.62
N PRO F 144 -16.20 27.37 -31.66
CA PRO F 144 -16.75 26.63 -32.79
C PRO F 144 -16.72 27.41 -34.11
N ALA F 145 -16.58 28.74 -34.02
CA ALA F 145 -16.54 29.58 -35.20
C ALA F 145 -15.24 29.34 -35.97
N PHE F 146 -14.20 29.02 -35.20
CA PHE F 146 -12.90 28.76 -35.79
C PHE F 146 -13.00 27.49 -36.62
N THR F 147 -13.49 26.43 -35.98
CA THR F 147 -13.71 25.18 -36.68
C THR F 147 -14.57 25.36 -37.94
N ALA F 148 -15.63 26.15 -37.85
CA ALA F 148 -16.50 26.33 -39.01
C ALA F 148 -15.75 27.00 -40.15
N LEU F 149 -14.92 27.98 -39.84
CA LEU F 149 -14.27 28.69 -40.92
C LEU F 149 -13.17 27.84 -41.53
N GLU F 150 -12.56 26.98 -40.69
CA GLU F 150 -11.58 26.00 -41.16
C GLU F 150 -12.23 25.00 -42.11
N ALA F 151 -13.36 24.44 -41.67
CA ALA F 151 -14.09 23.49 -42.48
C ALA F 151 -14.50 24.12 -43.81
N ALA F 152 -14.83 25.41 -43.81
CA ALA F 152 -15.31 26.02 -45.04
C ALA F 152 -14.19 26.11 -46.06
N HIS F 153 -12.96 26.37 -45.59
CA HIS F 153 -11.86 26.46 -46.54
C HIS F 153 -11.60 25.11 -47.15
N GLU F 154 -11.89 24.06 -46.38
CA GLU F 154 -11.57 22.71 -46.79
C GLU F 154 -12.50 22.29 -47.93
N VAL F 155 -13.75 22.65 -47.77
CA VAL F 155 -14.75 22.37 -48.78
C VAL F 155 -14.53 23.22 -50.02
N ALA F 156 -14.13 24.48 -49.83
CA ALA F 156 -14.12 25.39 -50.96
C ALA F 156 -12.93 25.08 -51.86
N PHE F 157 -11.83 24.64 -51.26
CA PHE F 157 -10.61 24.57 -52.05
C PHE F 157 -10.08 23.15 -52.20
N ARG F 158 -10.46 22.26 -51.27
CA ARG F 158 -10.08 20.85 -51.24
C ARG F 158 -8.61 20.67 -50.90
N THR F 159 -7.72 21.10 -51.80
CA THR F 159 -6.30 21.04 -51.57
C THR F 159 -5.74 22.45 -51.61
N GLY F 160 -4.44 22.60 -51.42
CA GLY F 160 -3.83 23.91 -51.46
C GLY F 160 -4.34 24.77 -50.31
N LEU F 161 -5.19 25.75 -50.64
CA LEU F 161 -5.80 26.55 -49.61
C LEU F 161 -6.72 25.69 -48.76
N GLY F 162 -7.05 24.51 -49.28
CA GLY F 162 -7.99 23.65 -48.59
C GLY F 162 -7.31 22.75 -47.59
N ASN F 163 -5.96 22.66 -47.64
CA ASN F 163 -5.24 21.83 -46.67
C ASN F 163 -5.50 22.39 -45.27
N SER F 164 -5.49 21.53 -44.25
CA SER F 164 -5.66 22.06 -42.89
C SER F 164 -4.44 22.90 -42.50
N VAL F 165 -4.67 23.95 -41.71
CA VAL F 165 -3.57 24.79 -41.28
C VAL F 165 -2.85 24.11 -40.13
N TYR F 166 -3.64 23.42 -39.30
CA TYR F 166 -3.12 22.91 -38.05
C TYR F 166 -2.95 21.41 -38.16
N ALA F 167 -2.03 20.90 -37.35
CA ALA F 167 -1.73 19.49 -37.33
C ALA F 167 -2.84 18.76 -36.59
N GLN F 168 -3.40 17.73 -37.24
CA GLN F 168 -4.43 16.96 -36.60
C GLN F 168 -3.90 15.56 -36.27
N GLY F 169 -4.54 14.95 -35.27
CA GLY F 169 -4.16 13.64 -34.74
C GLY F 169 -4.39 12.51 -35.74
N TYR F 170 -5.40 12.70 -36.60
CA TYR F 170 -5.81 11.66 -37.53
C TYR F 170 -4.75 11.45 -38.64
N SER F 171 -4.01 12.50 -38.99
CA SER F 171 -2.97 12.39 -40.01
C SER F 171 -1.61 12.79 -39.44
N PRO F 172 -0.77 11.81 -39.01
CA PRO F 172 0.48 12.11 -38.29
C PRO F 172 1.62 12.59 -39.19
N VAL F 173 2.32 13.63 -38.72
CA VAL F 173 3.46 14.21 -39.43
C VAL F 173 4.70 13.48 -38.93
N THR F 174 5.55 13.01 -39.87
CA THR F 174 6.76 12.31 -39.50
C THR F 174 7.95 13.25 -39.56
N LEU F 175 9.06 12.84 -38.95
CA LEU F 175 10.22 13.70 -38.92
C LEU F 175 10.80 13.85 -40.31
N GLU F 176 10.54 12.87 -41.18
CA GLU F 176 11.05 12.97 -42.53
C GLU F 176 10.28 14.01 -43.35
N ASP F 177 8.95 14.03 -43.15
CA ASP F 177 8.06 15.03 -43.71
C ASP F 177 8.51 16.42 -43.31
N VAL F 178 8.73 16.62 -42.00
CA VAL F 178 9.06 17.96 -41.55
C VAL F 178 10.44 18.37 -42.08
N LYS F 179 11.38 17.42 -42.15
CA LYS F 179 12.71 17.76 -42.60
C LYS F 179 12.75 18.12 -44.08
N GLU F 180 11.90 17.43 -44.87
CA GLU F 180 11.80 17.69 -46.30
C GLU F 180 11.24 19.08 -46.56
N PHE F 181 10.13 19.36 -45.88
CA PHE F 181 9.47 20.62 -46.02
C PHE F 181 10.43 21.75 -45.66
N ALA F 182 11.16 21.57 -44.55
CA ALA F 182 12.08 22.60 -44.10
C ALA F 182 13.21 22.86 -45.10
N ARG F 183 13.60 21.81 -45.85
CA ARG F 183 14.65 21.93 -46.85
C ARG F 183 14.19 22.88 -47.96
N GLN F 184 12.89 22.85 -48.26
CA GLN F 184 12.31 23.70 -49.29
C GLN F 184 12.12 25.12 -48.74
N VAL F 185 11.54 25.20 -47.54
CA VAL F 185 11.10 26.45 -46.97
C VAL F 185 12.29 27.31 -46.53
N TYR F 186 13.21 26.72 -45.78
CA TYR F 186 14.20 27.57 -45.16
C TYR F 186 15.30 27.90 -46.16
N ALA F 187 15.01 28.80 -47.09
CA ALA F 187 15.88 29.12 -48.21
C ALA F 187 15.70 30.60 -48.54
N LYS F 188 16.72 31.21 -49.12
CA LYS F 188 16.67 32.65 -49.34
C LYS F 188 15.43 33.05 -50.14
N GLN F 189 14.90 32.12 -50.94
CA GLN F 189 13.86 32.48 -51.88
C GLN F 189 12.52 32.55 -51.16
N ASN F 190 12.46 32.03 -49.94
CA ASN F 190 11.17 31.90 -49.29
C ASN F 190 11.14 32.62 -47.96
N VAL F 191 12.10 33.52 -47.76
CA VAL F 191 12.23 34.20 -46.49
C VAL F 191 12.16 35.70 -46.73
N ALA F 192 11.37 36.37 -45.88
CA ALA F 192 11.33 37.82 -45.79
C ALA F 192 11.54 38.23 -44.34
N VAL F 193 12.38 39.24 -44.13
CA VAL F 193 12.61 39.74 -42.79
C VAL F 193 11.94 41.11 -42.68
N VAL F 194 11.07 41.26 -41.66
CA VAL F 194 10.32 42.47 -41.43
C VAL F 194 10.65 43.04 -40.06
N GLY F 195 11.17 44.28 -40.05
CA GLY F 195 11.62 44.93 -38.85
C GLY F 195 10.85 46.20 -38.54
N ASN F 196 9.96 46.10 -37.54
CA ASN F 196 9.22 47.22 -36.98
C ASN F 196 10.03 47.91 -35.88
N ASN F 197 10.31 49.20 -36.10
CA ASN F 197 11.08 50.04 -35.18
C ASN F 197 12.53 49.55 -35.15
N VAL F 198 13.03 49.25 -36.33
CA VAL F 198 14.40 48.81 -36.51
C VAL F 198 15.00 49.77 -37.54
N VAL F 199 16.21 50.27 -37.28
CA VAL F 199 16.88 51.15 -38.23
C VAL F 199 17.13 50.38 -39.52
N PRO F 200 16.57 50.79 -40.69
CA PRO F 200 16.67 49.97 -41.89
C PRO F 200 18.08 49.70 -42.40
N ALA F 201 19.00 50.65 -42.18
CA ALA F 201 20.36 50.50 -42.67
C ALA F 201 21.09 49.42 -41.86
N ASP F 202 20.76 49.37 -40.57
CA ASP F 202 21.41 48.49 -39.60
C ASP F 202 20.93 47.07 -39.78
N LEU F 203 19.65 46.90 -40.14
CA LEU F 203 19.10 45.57 -40.33
C LEU F 203 19.70 44.95 -41.59
N GLN F 204 19.82 45.75 -42.66
CA GLN F 204 20.35 45.25 -43.93
C GLN F 204 21.78 44.73 -43.74
N GLN F 205 22.56 45.45 -42.93
CA GLN F 205 23.94 45.12 -42.66
C GLN F 205 24.02 43.81 -41.87
N LEU F 206 23.07 43.57 -40.97
CA LEU F 206 23.14 42.41 -40.09
C LEU F 206 22.61 41.18 -40.82
N VAL F 207 21.53 41.35 -41.57
CA VAL F 207 20.95 40.21 -42.26
C VAL F 207 21.90 39.80 -43.40
N GLY F 208 22.67 40.78 -43.86
CA GLY F 208 23.60 40.58 -44.96
C GLY F 208 24.80 39.73 -44.54
N THR F 209 25.05 39.67 -43.23
CA THR F 209 26.20 38.92 -42.75
C THR F 209 25.73 37.57 -42.23
N ALA F 210 24.49 37.53 -41.74
CA ALA F 210 24.02 36.38 -40.98
C ALA F 210 23.34 35.37 -41.89
N PHE F 211 22.65 35.85 -42.93
CA PHE F 211 21.89 34.98 -43.80
C PHE F 211 22.60 34.82 -45.13
N ALA F 212 23.92 34.95 -45.13
CA ALA F 212 24.69 34.88 -46.37
C ALA F 212 24.88 33.42 -46.78
N ASP F 213 24.89 32.52 -45.78
CA ASP F 213 25.25 31.12 -45.95
C ASP F 213 24.00 30.25 -46.00
N LEU F 214 22.83 30.90 -46.00
CA LEU F 214 21.57 30.20 -46.16
C LEU F 214 21.48 29.69 -47.60
N GLN F 215 20.90 28.50 -47.82
CA GLN F 215 20.66 28.01 -49.17
C GLN F 215 19.93 29.06 -49.98
N GLU F 216 20.16 29.09 -51.29
CA GLU F 216 19.32 29.93 -52.13
C GLU F 216 17.97 29.26 -52.35
N GLY F 217 17.99 27.95 -52.66
CA GLY F 217 16.77 27.18 -52.84
C GLY F 217 15.96 27.69 -54.03
N SER F 218 14.68 27.33 -54.05
CA SER F 218 13.76 27.83 -55.07
C SER F 218 12.46 28.22 -54.40
N LYS F 219 11.67 29.06 -55.09
CA LYS F 219 10.34 29.41 -54.64
C LYS F 219 9.51 28.16 -54.49
N VAL F 220 8.98 28.00 -53.29
CA VAL F 220 7.99 26.98 -52.96
C VAL F 220 6.73 27.28 -53.75
N THR F 221 6.13 26.22 -54.29
CA THR F 221 4.93 26.35 -55.08
C THR F 221 3.86 25.40 -54.56
N GLN F 222 2.61 25.78 -54.84
CA GLN F 222 1.45 25.00 -54.55
C GLN F 222 1.41 23.87 -55.58
N ALA F 223 1.35 22.64 -55.09
CA ALA F 223 1.09 21.49 -55.94
C ALA F 223 -0.33 21.57 -56.48
N GLY F 224 -0.44 21.95 -57.76
CA GLY F 224 -1.72 22.05 -58.47
C GLY F 224 -2.29 23.48 -58.42
N THR F 225 -3.12 23.81 -59.40
CA THR F 225 -3.76 25.12 -59.42
C THR F 225 -4.97 25.12 -58.48
N THR F 226 -5.31 26.32 -58.00
CA THR F 226 -6.44 26.51 -57.10
C THR F 226 -7.74 26.33 -57.88
N THR F 227 -8.50 25.33 -57.46
CA THR F 227 -9.83 25.06 -57.99
C THR F 227 -10.85 25.35 -56.89
N LEU F 228 -11.94 26.01 -57.27
CA LEU F 228 -13.03 26.32 -56.35
C LEU F 228 -14.14 25.31 -56.52
N HIS F 229 -14.78 24.99 -55.40
CA HIS F 229 -15.84 24.00 -55.36
C HIS F 229 -16.83 24.45 -54.33
N GLY F 230 -18.08 24.02 -54.50
CA GLY F 230 -19.11 24.26 -53.51
C GLY F 230 -19.28 23.05 -52.62
N GLY F 231 -20.18 23.14 -51.64
CA GLY F 231 -20.46 21.94 -50.88
C GLY F 231 -20.92 22.21 -49.46
N GLU F 232 -20.81 21.19 -48.62
CA GLU F 232 -21.20 21.26 -47.22
C GLU F 232 -20.23 20.44 -46.40
N ALA F 233 -20.00 20.94 -45.19
CA ALA F 233 -19.20 20.25 -44.21
C ALA F 233 -20.00 20.24 -42.91
N ARG F 234 -19.98 19.09 -42.23
CA ARG F 234 -20.83 18.93 -41.07
C ARG F 234 -20.04 18.32 -39.92
N VAL F 235 -19.31 19.17 -39.22
CA VAL F 235 -18.46 18.73 -38.13
C VAL F 235 -19.30 18.60 -36.86
N ARG F 236 -19.62 17.36 -36.47
CA ARG F 236 -20.42 17.13 -35.28
C ARG F 236 -19.56 17.25 -34.03
N THR F 237 -19.79 18.31 -33.25
CA THR F 237 -19.11 18.49 -31.97
C THR F 237 -20.15 18.59 -30.87
N SER F 238 -19.68 18.61 -29.61
CA SER F 238 -20.51 18.80 -28.44
C SER F 238 -20.21 20.14 -27.76
N THR F 239 -19.36 20.96 -28.40
CA THR F 239 -18.78 22.12 -27.73
C THR F 239 -19.15 23.41 -28.46
N GLY F 240 -20.46 23.69 -28.56
CA GLY F 240 -20.95 24.91 -29.18
C GLY F 240 -21.31 24.70 -30.66
N ASN F 241 -21.95 25.72 -31.22
CA ASN F 241 -22.56 25.62 -32.53
C ASN F 241 -22.11 26.79 -33.36
N ALA F 242 -21.78 26.53 -34.61
CA ALA F 242 -21.49 27.64 -35.49
C ALA F 242 -21.82 27.24 -36.92
N LEU F 243 -21.82 28.24 -37.79
CA LEU F 243 -22.20 28.00 -39.16
C LEU F 243 -21.50 29.04 -40.03
N THR F 244 -20.73 28.56 -41.00
CA THR F 244 -20.12 29.46 -41.95
C THR F 244 -20.83 29.36 -43.28
N ILE F 245 -21.08 30.52 -43.90
CA ILE F 245 -21.58 30.56 -45.25
C ILE F 245 -20.50 31.18 -46.13
N ALA F 246 -19.74 30.35 -46.82
CA ALA F 246 -18.63 30.89 -47.55
C ALA F 246 -18.96 30.93 -49.04
N LEU F 247 -18.38 31.91 -49.73
CA LEU F 247 -18.51 31.98 -51.17
C LEU F 247 -17.11 32.13 -51.75
N PRO F 248 -16.58 31.08 -52.39
CA PRO F 248 -15.28 31.18 -53.03
C PRO F 248 -15.29 32.20 -54.17
N ILE F 249 -14.19 32.96 -54.28
CA ILE F 249 -14.09 34.01 -55.28
C ILE F 249 -12.96 33.62 -56.23
N ALA F 250 -13.29 33.63 -57.52
CA ALA F 250 -12.37 33.22 -58.57
C ALA F 250 -11.46 34.39 -58.94
N GLU F 251 -12.03 35.61 -58.94
CA GLU F 251 -11.26 36.82 -59.22
C GLU F 251 -11.27 37.66 -57.96
N PRO F 252 -10.25 37.55 -57.07
CA PRO F 252 -10.19 38.39 -55.87
C PRO F 252 -10.02 39.85 -56.29
N LYS F 253 -10.92 40.70 -55.78
CA LYS F 253 -10.98 42.11 -56.07
C LYS F 253 -11.04 42.86 -54.74
N PRO F 254 -10.47 44.10 -54.62
CA PRO F 254 -10.46 44.82 -53.34
C PRO F 254 -11.84 45.27 -52.86
N VAL F 255 -12.83 45.24 -53.75
CA VAL F 255 -14.19 45.61 -53.39
C VAL F 255 -14.75 44.67 -52.32
N TYR F 256 -14.22 43.44 -52.22
CA TYR F 256 -14.81 42.50 -51.27
C TYR F 256 -14.45 42.86 -49.83
N HIS F 257 -13.35 43.60 -49.66
CA HIS F 257 -13.01 44.16 -48.36
C HIS F 257 -14.08 45.14 -47.92
N ALA F 258 -14.41 46.06 -48.82
CA ALA F 258 -15.44 47.04 -48.55
C ALA F 258 -16.76 46.33 -48.26
N LEU F 259 -17.07 45.29 -49.03
CA LEU F 259 -18.33 44.61 -48.80
C LEU F 259 -18.31 43.89 -47.45
N ALA F 260 -17.16 43.34 -47.06
CA ALA F 260 -17.11 42.61 -45.79
C ALA F 260 -17.32 43.55 -44.62
N SER F 261 -16.76 44.77 -44.74
CA SER F 261 -16.82 45.74 -43.67
C SER F 261 -18.22 46.33 -43.62
N PHE F 262 -18.83 46.58 -44.79
CA PHE F 262 -20.20 47.06 -44.86
C PHE F 262 -21.13 46.07 -44.18
N LEU F 263 -21.13 44.82 -44.64
CA LEU F 263 -22.01 43.79 -44.08
C LEU F 263 -21.74 43.63 -42.61
N GLY F 264 -20.47 43.78 -42.24
CA GLY F 264 -20.00 43.87 -40.86
C GLY F 264 -20.37 42.66 -40.03
N GLY F 265 -21.09 42.91 -38.93
CA GLY F 265 -21.49 41.84 -38.03
C GLY F 265 -21.16 42.13 -36.56
N PRO F 266 -19.88 42.39 -36.18
CA PRO F 266 -19.54 42.72 -34.80
C PRO F 266 -19.95 44.17 -34.49
N ALA F 267 -20.15 44.44 -33.19
CA ALA F 267 -20.67 45.72 -32.74
C ALA F 267 -19.51 46.72 -32.51
N SER F 268 -19.80 48.01 -32.72
CA SER F 268 -18.80 49.05 -32.68
C SER F 268 -18.92 49.85 -31.39
N MET F 269 -19.46 49.18 -30.36
CA MET F 269 -19.96 49.76 -29.13
C MET F 269 -20.29 48.60 -28.21
N PRO F 270 -20.00 48.67 -26.90
CA PRO F 270 -20.31 47.57 -25.99
C PRO F 270 -21.82 47.46 -25.79
N TRP F 271 -22.27 46.21 -25.55
CA TRP F 271 -23.66 45.89 -25.20
C TRP F 271 -24.63 46.39 -26.26
N SER F 272 -24.16 46.46 -27.50
CA SER F 272 -25.04 46.94 -28.57
C SER F 272 -25.13 45.86 -29.64
N VAL F 273 -26.03 46.09 -30.60
CA VAL F 273 -26.15 45.17 -31.71
C VAL F 273 -25.29 45.64 -32.87
N GLY F 274 -25.38 46.92 -33.25
CA GLY F 274 -24.65 47.45 -34.40
C GLY F 274 -25.61 47.84 -35.53
N ALA F 275 -25.11 48.65 -36.46
CA ALA F 275 -25.97 49.24 -37.49
C ALA F 275 -25.70 48.60 -38.84
N SER F 276 -24.80 47.59 -38.81
CA SER F 276 -24.43 46.81 -39.97
C SER F 276 -25.56 45.84 -40.29
N PRO F 277 -25.86 45.57 -41.60
CA PRO F 277 -26.94 44.65 -41.96
C PRO F 277 -26.91 43.29 -41.27
N LEU F 278 -25.69 42.73 -41.12
CA LEU F 278 -25.55 41.41 -40.51
C LEU F 278 -25.73 41.48 -39.00
N ALA F 279 -25.44 42.65 -38.43
CA ALA F 279 -25.58 42.82 -37.00
C ALA F 279 -27.07 42.88 -36.66
N GLN F 280 -27.84 43.53 -37.54
CA GLN F 280 -29.27 43.76 -37.37
C GLN F 280 -30.02 42.44 -37.60
N ALA F 281 -29.30 41.43 -38.11
CA ALA F 281 -29.86 40.12 -38.36
C ALA F 281 -29.85 39.27 -37.09
N THR F 282 -29.21 39.78 -36.03
CA THR F 282 -29.04 38.98 -34.82
C THR F 282 -30.00 39.45 -33.73
N VAL F 283 -30.92 40.37 -34.05
CA VAL F 283 -31.69 41.04 -33.01
C VAL F 283 -32.66 40.05 -32.35
N GLY F 284 -32.54 39.95 -31.02
CA GLY F 284 -33.39 39.09 -30.20
C GLY F 284 -32.81 37.68 -30.05
N THR F 285 -31.57 37.51 -30.51
CA THR F 285 -30.85 36.25 -30.40
C THR F 285 -29.50 36.51 -29.74
N HIS F 286 -29.02 35.51 -28.99
CA HIS F 286 -27.70 35.53 -28.39
C HIS F 286 -26.72 34.88 -29.37
N THR F 287 -26.60 35.50 -30.54
CA THR F 287 -25.74 35.00 -31.60
C THR F 287 -24.85 36.15 -32.04
N SER F 288 -23.66 35.79 -32.48
CA SER F 288 -22.77 36.75 -33.13
C SER F 288 -22.50 36.31 -34.56
N VAL F 289 -22.13 37.31 -35.37
CA VAL F 289 -21.95 37.20 -36.80
C VAL F 289 -20.71 38.00 -37.15
N LYS F 290 -20.03 37.61 -38.23
CA LYS F 290 -18.77 38.22 -38.60
C LYS F 290 -18.52 37.95 -40.08
N ALA F 291 -18.40 38.99 -40.90
CA ALA F 291 -18.07 38.75 -42.29
C ALA F 291 -16.57 38.95 -42.47
N THR F 292 -15.92 38.01 -43.15
CA THR F 292 -14.51 38.18 -43.45
C THR F 292 -14.24 37.92 -44.93
N TYR F 293 -13.29 38.67 -45.50
CA TYR F 293 -12.86 38.33 -46.83
C TYR F 293 -11.37 38.04 -46.78
N HIS F 294 -10.97 36.92 -47.40
CA HIS F 294 -9.57 36.56 -47.40
C HIS F 294 -9.09 36.46 -48.84
N ASN F 295 -8.15 37.36 -49.16
CA ASN F 295 -7.50 37.35 -50.44
C ASN F 295 -6.33 36.38 -50.31
N TYR F 296 -6.18 35.46 -51.27
CA TYR F 296 -5.01 34.59 -51.28
C TYR F 296 -4.34 34.66 -52.64
N GLY F 297 -4.57 35.76 -53.35
CA GLY F 297 -3.85 36.05 -54.58
C GLY F 297 -4.63 35.60 -55.81
N ASP F 298 -4.89 34.30 -55.86
CA ASP F 298 -5.40 33.67 -57.06
C ASP F 298 -6.82 33.19 -56.81
N ALA F 299 -7.20 33.21 -55.52
CA ALA F 299 -8.55 32.88 -55.11
C ALA F 299 -8.83 33.57 -53.79
N GLY F 300 -10.12 33.69 -53.50
CA GLY F 300 -10.55 34.46 -52.35
C GLY F 300 -11.66 33.72 -51.65
N LEU F 301 -11.87 34.05 -50.38
CA LEU F 301 -13.01 33.47 -49.70
C LEU F 301 -13.75 34.54 -48.93
N PHE F 302 -15.03 34.70 -49.25
CA PHE F 302 -15.86 35.59 -48.49
C PHE F 302 -16.70 34.73 -47.57
N ALA F 303 -16.58 34.97 -46.28
CA ALA F 303 -17.26 34.08 -45.34
C ALA F 303 -18.09 34.91 -44.37
N ILE F 304 -19.19 34.31 -43.91
CA ILE F 304 -20.08 34.91 -42.93
C ILE F 304 -20.30 33.84 -41.89
N THR F 305 -19.82 34.09 -40.70
CA THR F 305 -19.80 33.04 -39.69
C THR F 305 -20.73 33.46 -38.58
N ILE F 306 -21.47 32.48 -38.07
CA ILE F 306 -22.51 32.71 -37.09
C ILE F 306 -22.27 31.73 -35.96
N LYS F 307 -21.96 32.22 -34.77
CA LYS F 307 -21.95 31.29 -33.65
C LYS F 307 -23.06 31.66 -32.69
N GLY F 308 -23.36 30.73 -31.78
CA GLY F 308 -24.48 30.86 -30.87
C GLY F 308 -24.68 29.55 -30.12
N ASP F 309 -25.59 29.55 -29.14
CA ASP F 309 -25.83 28.38 -28.32
C ASP F 309 -27.06 27.63 -28.82
N SER F 310 -27.92 28.35 -29.55
CA SER F 310 -29.15 27.76 -30.04
C SER F 310 -29.01 27.48 -31.54
N PRO F 311 -29.17 26.21 -31.97
CA PRO F 311 -29.13 25.91 -33.40
C PRO F 311 -30.35 26.50 -34.13
N ALA F 312 -31.46 26.63 -33.41
CA ALA F 312 -32.68 27.24 -33.94
C ALA F 312 -32.45 28.72 -34.28
N GLU F 313 -31.73 29.42 -33.38
CA GLU F 313 -31.44 30.83 -33.56
C GLU F 313 -30.44 31.01 -34.71
N ILE F 314 -29.46 30.11 -34.76
CA ILE F 314 -28.44 30.18 -35.79
C ILE F 314 -29.11 30.07 -37.17
N SER F 315 -30.06 29.13 -37.29
CA SER F 315 -30.79 28.89 -38.52
C SER F 315 -31.57 30.13 -38.95
N GLN F 316 -32.22 30.74 -37.96
CA GLN F 316 -33.02 31.95 -38.11
C GLN F 316 -32.14 33.10 -38.61
N VAL F 317 -30.94 33.23 -38.04
CA VAL F 317 -30.01 34.30 -38.38
C VAL F 317 -29.52 34.10 -39.81
N ALA F 318 -29.25 32.83 -40.12
CA ALA F 318 -28.63 32.46 -41.38
C ALA F 318 -29.53 32.88 -42.53
N HIS F 319 -30.86 32.71 -42.36
CA HIS F 319 -31.79 33.12 -43.39
C HIS F 319 -31.74 34.63 -43.60
N LYS F 320 -31.73 35.38 -42.49
CA LYS F 320 -31.70 36.83 -42.53
C LYS F 320 -30.41 37.30 -43.17
N ALA F 321 -29.32 36.58 -42.88
CA ALA F 321 -27.99 36.92 -43.33
C ALA F 321 -27.90 36.80 -44.85
N VAL F 322 -28.49 35.74 -45.41
CA VAL F 322 -28.37 35.59 -46.85
C VAL F 322 -29.27 36.61 -47.53
N GLN F 323 -30.40 36.92 -46.90
CA GLN F 323 -31.32 37.95 -47.37
C GLN F 323 -30.61 39.29 -47.43
N ALA F 324 -29.88 39.64 -46.36
CA ALA F 324 -29.11 40.86 -46.24
C ALA F 324 -28.16 41.03 -47.44
N LEU F 325 -27.48 39.93 -47.80
CA LEU F 325 -26.55 39.95 -48.92
C LEU F 325 -27.31 40.21 -50.24
N LYS F 326 -28.51 39.62 -50.41
CA LYS F 326 -29.33 39.80 -51.60
C LYS F 326 -29.85 41.23 -51.69
N ASP F 327 -30.32 41.76 -50.56
CA ASP F 327 -30.77 43.14 -50.40
C ASP F 327 -29.67 44.13 -50.75
N THR F 328 -28.42 43.77 -50.41
CA THR F 328 -27.28 44.61 -50.76
C THR F 328 -27.09 44.61 -52.28
N GLY F 329 -27.30 43.44 -52.89
CA GLY F 329 -27.19 43.24 -54.33
C GLY F 329 -28.18 44.12 -55.11
N ALA F 330 -29.29 44.46 -54.43
CA ALA F 330 -30.35 45.30 -54.97
C ALA F 330 -29.89 46.75 -55.02
N GLU F 331 -29.70 47.37 -53.83
CA GLU F 331 -29.39 48.78 -53.75
C GLU F 331 -28.63 49.09 -52.45
N VAL F 332 -27.57 49.89 -52.60
CA VAL F 332 -26.84 50.50 -51.49
C VAL F 332 -27.06 52.02 -51.56
N THR F 333 -27.21 52.65 -50.39
CA THR F 333 -27.37 54.11 -50.31
C THR F 333 -25.98 54.75 -50.37
N GLU F 334 -25.92 56.06 -50.64
CA GLU F 334 -24.66 56.79 -50.65
C GLU F 334 -24.06 56.82 -49.25
N GLU F 335 -24.92 57.00 -48.23
CA GLU F 335 -24.52 56.98 -46.83
C GLU F 335 -23.83 55.66 -46.50
N GLN F 336 -24.40 54.55 -46.99
CA GLN F 336 -23.94 53.21 -46.65
C GLN F 336 -22.63 52.92 -47.35
N ALA F 337 -22.46 53.52 -48.54
CA ALA F 337 -21.23 53.33 -49.28
C ALA F 337 -20.11 54.08 -48.59
N ALA F 338 -20.43 55.22 -47.97
CA ALA F 338 -19.40 56.01 -47.30
C ALA F 338 -19.03 55.34 -45.98
N ARG F 339 -20.04 54.78 -45.31
CA ARG F 339 -19.84 54.02 -44.10
C ARG F 339 -18.93 52.82 -44.37
N ALA F 340 -18.99 52.32 -45.61
CA ALA F 340 -18.20 51.14 -45.91
C ALA F 340 -16.75 51.54 -46.13
N TYR F 341 -16.56 52.71 -46.76
CA TYR F 341 -15.24 53.25 -47.03
C TYR F 341 -14.54 53.52 -45.71
N ALA F 342 -15.30 54.07 -44.76
CA ALA F 342 -14.72 54.48 -43.50
C ALA F 342 -14.37 53.24 -42.69
N LYS F 343 -15.28 52.27 -42.62
CA LYS F 343 -14.99 51.08 -41.84
C LYS F 343 -13.85 50.31 -42.49
N SER F 344 -13.70 50.43 -43.81
CA SER F 344 -12.68 49.62 -44.48
C SER F 344 -11.30 50.26 -44.35
N LYS F 345 -11.22 51.60 -44.48
CA LYS F 345 -9.96 52.33 -44.27
C LYS F 345 -9.45 51.98 -42.87
N PHE F 346 -10.36 51.96 -41.91
CA PHE F 346 -9.99 51.74 -40.52
C PHE F 346 -9.50 50.32 -40.38
N ALA F 347 -10.19 49.36 -40.99
CA ALA F 347 -9.77 47.98 -40.85
C ALA F 347 -8.35 47.83 -41.40
N ALA F 348 -8.06 48.51 -42.51
CA ALA F 348 -6.74 48.42 -43.13
C ALA F 348 -5.68 49.00 -42.21
N ALA F 349 -6.01 50.12 -41.55
CA ALA F 349 -5.05 50.82 -40.71
C ALA F 349 -4.69 49.99 -39.49
N GLU F 350 -5.70 49.45 -38.80
CA GLU F 350 -5.48 48.70 -37.56
C GLU F 350 -4.81 47.36 -37.84
N ALA F 351 -4.95 46.84 -39.07
CA ALA F 351 -4.26 45.62 -39.46
C ALA F 351 -2.78 45.90 -39.60
N PHE F 352 -2.43 47.04 -40.18
CA PHE F 352 -1.05 47.41 -40.40
C PHE F 352 -0.41 47.90 -39.10
N GLU F 353 -1.20 48.03 -38.03
CA GLU F 353 -0.68 48.40 -36.72
C GLU F 353 -0.37 47.16 -35.90
N ASN F 354 -1.35 46.25 -35.76
CA ASN F 354 -1.17 44.99 -35.04
C ASN F 354 0.04 44.24 -35.59
N PRO F 355 1.07 43.92 -34.77
CA PRO F 355 2.32 43.32 -35.25
C PRO F 355 2.15 42.00 -36.00
N ASP F 356 1.22 41.16 -35.55
CA ASP F 356 0.99 39.86 -36.18
C ASP F 356 0.61 40.04 -37.64
N SER F 357 -0.39 40.89 -37.89
CA SER F 357 -0.93 41.06 -39.23
C SER F 357 -0.01 41.96 -40.05
N SER F 358 0.65 42.93 -39.39
CA SER F 358 1.57 43.85 -40.05
C SER F 358 2.61 43.06 -40.82
N ALA F 359 3.26 42.15 -40.08
CA ALA F 359 4.33 41.31 -40.58
C ALA F 359 3.91 40.62 -41.87
N SER F 360 2.74 39.98 -41.84
CA SER F 360 2.26 39.20 -42.97
C SER F 360 1.89 40.08 -44.16
N VAL F 361 1.47 41.33 -43.91
CA VAL F 361 1.08 42.23 -44.97
C VAL F 361 2.30 42.61 -45.81
N ILE F 362 3.37 43.08 -45.16
CA ILE F 362 4.61 43.41 -45.86
C ILE F 362 5.30 42.14 -46.33
N GLY F 363 5.14 41.06 -45.55
CA GLY F 363 5.60 39.74 -45.97
C GLY F 363 5.07 39.39 -47.36
N MET F 364 3.79 39.66 -47.59
CA MET F 364 3.19 39.33 -48.88
C MET F 364 3.77 40.20 -49.97
N GLU F 365 4.02 41.48 -49.64
CA GLU F 365 4.55 42.44 -50.59
C GLU F 365 5.96 42.02 -51.00
N LEU F 366 6.72 41.54 -50.01
CA LEU F 366 8.10 41.15 -50.22
C LEU F 366 8.18 39.82 -50.93
N LEU F 367 7.37 38.84 -50.51
CA LEU F 367 7.52 37.49 -51.02
C LEU F 367 6.88 37.36 -52.40
N SER F 368 5.69 37.93 -52.58
CA SER F 368 5.11 38.02 -53.89
C SER F 368 5.62 39.31 -54.57
N GLY F 369 4.73 40.13 -55.06
CA GLY F 369 5.16 41.43 -55.55
C GLY F 369 3.98 42.38 -55.50
N VAL F 370 2.88 41.86 -54.94
CA VAL F 370 1.63 42.55 -54.66
C VAL F 370 1.92 43.67 -53.68
N SER F 371 2.04 44.89 -54.20
CA SER F 371 2.22 46.08 -53.38
C SER F 371 1.08 46.16 -52.36
N ARG F 372 1.44 46.45 -51.10
CA ARG F 372 0.46 46.60 -50.04
C ARG F 372 -0.39 47.83 -50.36
N ILE F 373 -1.68 47.73 -50.02
CA ILE F 373 -2.55 48.89 -50.12
C ILE F 373 -2.49 49.64 -48.79
N ALA F 374 -1.81 50.80 -48.83
CA ALA F 374 -1.66 51.69 -47.69
C ALA F 374 -3.06 52.16 -47.29
N PRO F 375 -3.39 52.24 -45.97
CA PRO F 375 -4.71 52.69 -45.52
C PRO F 375 -5.19 54.03 -46.09
N GLU F 376 -4.25 54.91 -46.42
CA GLU F 376 -4.53 56.21 -47.03
C GLU F 376 -4.88 56.09 -48.52
N ASN F 377 -4.80 54.88 -49.08
CA ASN F 377 -4.93 54.67 -50.52
C ASN F 377 -6.08 53.70 -50.82
N VAL F 378 -6.77 53.30 -49.75
CA VAL F 378 -7.92 52.41 -49.80
C VAL F 378 -8.98 53.08 -50.64
N GLN F 379 -9.45 52.34 -51.66
CA GLN F 379 -10.33 52.87 -52.69
C GLN F 379 -11.73 53.12 -52.11
N LYS F 380 -12.35 54.23 -52.53
CA LYS F 380 -13.74 54.48 -52.20
C LYS F 380 -14.62 53.86 -53.28
N PHE F 381 -15.49 52.92 -52.85
CA PHE F 381 -16.41 52.26 -53.75
C PHE F 381 -17.76 52.98 -53.77
N THR F 382 -18.27 53.25 -54.98
CA THR F 382 -19.58 53.87 -55.17
C THR F 382 -20.67 52.86 -54.79
N PRO F 383 -21.93 53.27 -54.57
CA PRO F 383 -22.99 52.30 -54.27
C PRO F 383 -23.20 51.30 -55.41
N ALA F 384 -22.91 51.72 -56.64
CA ALA F 384 -23.02 50.91 -57.84
C ALA F 384 -22.08 49.71 -57.77
N GLU F 385 -20.81 49.97 -57.39
CA GLU F 385 -19.74 48.99 -57.39
C GLU F 385 -19.94 47.98 -56.26
N LEU F 386 -20.55 48.43 -55.16
CA LEU F 386 -20.71 47.59 -53.99
C LEU F 386 -21.87 46.63 -54.23
N SER F 387 -22.94 47.15 -54.82
CA SER F 387 -24.17 46.40 -55.07
C SER F 387 -23.89 45.32 -56.11
N GLU F 388 -23.01 45.66 -57.06
CA GLU F 388 -22.62 44.79 -58.16
C GLU F 388 -21.82 43.60 -57.60
N ALA F 389 -20.96 43.89 -56.61
CA ALA F 389 -20.16 42.86 -55.99
C ALA F 389 -21.01 41.96 -55.09
N ALA F 390 -22.07 42.51 -54.50
CA ALA F 390 -22.90 41.70 -53.62
C ALA F 390 -23.82 40.80 -54.45
N ALA F 391 -24.08 41.26 -55.69
CA ALA F 391 -24.96 40.57 -56.60
C ALA F 391 -24.27 39.31 -57.08
N GLN F 392 -22.96 39.44 -57.36
CA GLN F 392 -22.12 38.33 -57.81
C GLN F 392 -22.05 37.24 -56.73
N LEU F 393 -22.12 37.67 -55.47
CA LEU F 393 -21.98 36.73 -54.37
C LEU F 393 -23.28 35.98 -54.10
N SER F 394 -24.39 36.71 -54.21
CA SER F 394 -25.71 36.11 -54.02
C SER F 394 -26.01 35.12 -55.13
N ALA F 395 -25.36 35.33 -56.29
CA ALA F 395 -25.56 34.52 -57.49
C ALA F 395 -24.29 33.72 -57.77
N SER F 396 -23.76 33.11 -56.71
CA SER F 396 -22.62 32.21 -56.84
C SER F 396 -23.13 30.79 -57.06
N ALA F 397 -22.47 30.07 -57.96
CA ALA F 397 -22.87 28.73 -58.35
C ALA F 397 -22.25 27.70 -57.40
N LYS F 398 -21.40 28.17 -56.49
CA LYS F 398 -20.61 27.26 -55.67
C LYS F 398 -20.66 27.68 -54.20
N PRO F 399 -21.85 27.81 -53.56
CA PRO F 399 -21.90 28.17 -52.14
C PRO F 399 -21.46 27.04 -51.23
N VAL F 400 -20.68 27.41 -50.22
CA VAL F 400 -20.21 26.45 -49.23
C VAL F 400 -20.92 26.77 -47.92
N VAL F 401 -21.21 25.73 -47.16
CA VAL F 401 -21.81 25.87 -45.85
C VAL F 401 -21.16 24.86 -44.91
N ALA F 402 -20.56 25.37 -43.85
CA ALA F 402 -19.94 24.49 -42.88
C ALA F 402 -20.66 24.65 -41.57
N ALA F 403 -21.23 23.55 -41.08
CA ALA F 403 -21.95 23.59 -39.82
C ALA F 403 -21.14 22.82 -38.79
N VAL F 404 -21.13 23.33 -37.58
CA VAL F 404 -20.41 22.72 -36.47
C VAL F 404 -21.37 22.66 -35.31
N GLY F 405 -21.43 21.50 -34.61
CA GLY F 405 -22.20 21.38 -33.39
C GLY F 405 -23.36 20.40 -33.58
N GLN F 406 -24.57 20.84 -33.26
CA GLN F 406 -25.74 19.99 -33.49
C GLN F 406 -26.09 20.11 -34.97
N VAL F 407 -25.43 19.30 -35.79
CA VAL F 407 -25.45 19.56 -37.23
C VAL F 407 -26.80 19.17 -37.82
N HIS F 408 -27.53 18.29 -37.14
CA HIS F 408 -28.86 17.88 -37.57
C HIS F 408 -29.87 19.03 -37.49
N ALA F 409 -29.51 20.08 -36.73
CA ALA F 409 -30.41 21.18 -36.45
C ALA F 409 -29.97 22.45 -37.17
N LEU F 410 -28.85 22.39 -37.88
CA LEU F 410 -28.37 23.59 -38.54
C LEU F 410 -28.76 23.55 -40.00
N PRO F 411 -28.75 24.70 -40.72
CA PRO F 411 -29.17 24.77 -42.12
C PRO F 411 -28.28 24.00 -43.08
N PHE F 412 -28.80 23.77 -44.29
CA PHE F 412 -28.04 23.19 -45.38
C PHE F 412 -27.91 24.22 -46.50
N ALA F 413 -27.03 23.94 -47.46
CA ALA F 413 -26.74 24.89 -48.53
C ALA F 413 -27.98 25.16 -49.40
N ASP F 414 -28.75 24.10 -49.67
CA ASP F 414 -29.90 24.18 -50.57
C ASP F 414 -31.09 24.86 -49.87
N GLU F 415 -31.01 24.96 -48.54
CA GLU F 415 -31.99 25.74 -47.79
C GLU F 415 -31.72 27.25 -47.92
N LEU F 416 -30.47 27.63 -48.25
CA LEU F 416 -30.04 29.02 -48.18
C LEU F 416 -29.82 29.59 -49.61
N MET G 85 -18.24 -11.06 55.30
CA MET G 85 -17.54 -11.58 56.49
C MET G 85 -18.02 -10.78 57.70
N THR G 86 -17.82 -11.33 58.90
CA THR G 86 -18.01 -10.60 60.14
C THR G 86 -17.00 -9.46 60.21
N ALA G 87 -17.34 -8.39 60.92
CA ALA G 87 -16.42 -7.27 61.02
C ALA G 87 -15.16 -7.71 61.78
N ALA G 88 -15.36 -8.63 62.74
CA ALA G 88 -14.30 -9.26 63.51
C ALA G 88 -13.25 -9.87 62.57
N GLU G 89 -13.75 -10.58 61.54
CA GLU G 89 -12.88 -11.32 60.65
C GLU G 89 -12.09 -10.34 59.80
N HIS G 90 -12.67 -9.16 59.54
CA HIS G 90 -11.97 -8.15 58.75
C HIS G 90 -10.97 -7.36 59.59
N GLY G 91 -11.29 -7.22 60.89
CA GLY G 91 -10.63 -6.21 61.69
C GLY G 91 -11.34 -4.86 61.58
N LEU G 92 -11.31 -4.11 62.69
CA LEU G 92 -11.81 -2.75 62.72
C LEU G 92 -10.95 -1.90 61.78
N HIS G 93 -11.59 -1.03 60.98
CA HIS G 93 -10.77 -0.24 60.08
C HIS G 93 -10.26 0.96 60.86
N PRO G 94 -8.94 1.26 60.73
CA PRO G 94 -8.33 2.34 61.49
C PRO G 94 -8.84 3.72 61.09
N ALA G 95 -8.87 4.63 62.08
CA ALA G 95 -9.24 6.02 61.87
C ALA G 95 -8.29 6.67 60.88
N GLU G 96 -8.71 7.77 60.26
CA GLU G 96 -7.79 8.54 59.44
C GLU G 96 -7.20 9.66 60.29
N TYR G 97 -5.95 9.46 60.68
CA TYR G 97 -5.31 10.44 61.51
C TYR G 97 -4.64 11.47 60.62
N PRO G 98 -4.56 12.75 61.02
CA PRO G 98 -3.82 13.74 60.25
C PRO G 98 -2.29 13.71 60.44
N TRP G 99 -1.66 12.78 59.71
CA TRP G 99 -0.21 12.65 59.72
C TRP G 99 0.41 13.89 59.11
N PRO G 100 1.60 14.32 59.57
CA PRO G 100 2.29 15.47 58.98
C PRO G 100 2.51 15.28 57.49
N GLN G 101 2.71 14.04 57.06
CA GLN G 101 3.04 13.80 55.68
C GLN G 101 1.78 13.68 54.81
N ASN G 102 0.59 13.67 55.40
CA ASN G 102 -0.61 13.70 54.57
C ASN G 102 -0.75 15.10 54.03
N GLY G 103 -1.03 15.19 52.75
CA GLY G 103 -1.09 16.52 52.19
C GLY G 103 -0.09 16.60 51.06
N MET G 104 -0.59 17.10 49.93
CA MET G 104 0.15 16.94 48.70
C MET G 104 1.51 17.61 48.85
N LEU G 105 1.64 18.60 49.72
CA LEU G 105 2.87 19.38 49.72
C LEU G 105 3.70 19.11 50.97
N SER G 106 3.37 18.04 51.72
CA SER G 106 3.91 17.88 53.05
C SER G 106 4.97 16.80 53.06
N THR G 107 6.10 17.08 53.70
CA THR G 107 7.10 16.04 53.93
C THR G 107 6.80 15.36 55.26
N PHE G 108 7.61 14.34 55.59
CA PHE G 108 7.65 13.79 56.93
C PHE G 108 8.23 14.82 57.88
N ASP G 109 7.85 14.74 59.16
CA ASP G 109 8.51 15.51 60.20
C ASP G 109 9.77 14.74 60.59
N HIS G 110 10.95 15.28 60.28
CA HIS G 110 12.14 14.47 60.43
C HIS G 110 12.48 14.29 61.89
N ALA G 111 12.05 15.21 62.74
CA ALA G 111 12.29 15.05 64.17
C ALA G 111 11.49 13.87 64.71
N SER G 112 10.30 13.67 64.15
CA SER G 112 9.47 12.52 64.48
C SER G 112 10.13 11.25 63.96
N LEU G 113 10.72 11.31 62.77
CA LEU G 113 11.37 10.14 62.19
C LEU G 113 12.49 9.70 63.09
N ARG G 114 13.27 10.65 63.60
CA ARG G 114 14.39 10.33 64.45
C ARG G 114 13.89 9.70 65.76
N ARG G 115 12.84 10.27 66.34
CA ARG G 115 12.28 9.74 67.57
C ARG G 115 11.77 8.33 67.31
N GLY G 116 11.17 8.13 66.14
CA GLY G 116 10.59 6.85 65.77
C GLY G 116 11.67 5.79 65.61
N TYR G 117 12.83 6.18 65.09
CA TYR G 117 13.91 5.24 64.99
C TYR G 117 14.30 4.80 66.39
N GLN G 118 14.30 5.71 67.36
CA GLN G 118 14.71 5.36 68.71
C GLN G 118 13.71 4.37 69.34
N VAL G 119 12.42 4.50 69.02
CA VAL G 119 11.44 3.54 69.46
C VAL G 119 11.67 2.21 68.78
N TYR G 120 11.97 2.22 67.49
CA TYR G 120 12.21 0.96 66.81
C TYR G 120 13.38 0.24 67.47
N LYS G 121 14.45 0.98 67.71
CA LYS G 121 15.69 0.42 68.20
C LYS G 121 15.50 -0.12 69.62
N GLU G 122 14.66 0.53 70.43
CA GLU G 122 14.58 0.13 71.83
C GLU G 122 13.42 -0.82 72.12
N VAL G 123 12.46 -0.92 71.21
CA VAL G 123 11.28 -1.72 71.48
C VAL G 123 11.10 -2.77 70.39
N CYS G 124 10.87 -2.34 69.16
CA CYS G 124 10.53 -3.31 68.13
C CYS G 124 11.69 -4.21 67.74
N ALA G 125 12.91 -3.71 67.83
CA ALA G 125 13.99 -4.41 67.16
C ALA G 125 14.30 -5.69 67.93
N ALA G 126 13.72 -5.83 69.12
CA ALA G 126 13.84 -7.04 69.91
C ALA G 126 13.27 -8.22 69.13
N CYS G 127 12.25 -7.98 68.29
CA CYS G 127 11.57 -9.08 67.64
C CYS G 127 11.47 -8.87 66.15
N HIS G 128 11.61 -7.63 65.69
CA HIS G 128 11.32 -7.37 64.29
C HIS G 128 12.55 -6.87 63.58
N SER G 129 12.70 -7.35 62.36
CA SER G 129 13.83 -6.95 61.57
C SER G 129 13.43 -5.75 60.72
N LEU G 130 14.45 -5.10 60.16
CA LEU G 130 14.26 -3.98 59.26
C LEU G 130 15.28 -4.16 58.15
N ASP G 131 15.14 -5.26 57.41
CA ASP G 131 16.21 -5.84 56.61
C ASP G 131 16.52 -5.03 55.36
N ARG G 132 15.64 -4.12 54.98
CA ARG G 132 15.80 -3.50 53.69
C ARG G 132 16.40 -2.12 53.86
N ILE G 133 16.72 -1.78 55.10
CA ILE G 133 17.23 -0.45 55.36
C ILE G 133 18.70 -0.61 55.70
N ALA G 134 19.55 0.20 55.05
CA ALA G 134 20.96 0.16 55.38
C ALA G 134 21.29 1.33 56.30
N TRP G 135 22.42 1.27 57.01
CA TRP G 135 22.77 2.39 57.86
C TRP G 135 22.87 3.67 57.06
N ARG G 136 23.29 3.57 55.80
CA ARG G 136 23.43 4.76 54.97
C ARG G 136 22.08 5.43 54.74
N ASN G 137 20.98 4.69 54.90
CA ASN G 137 19.70 5.27 54.59
C ASN G 137 19.27 6.25 55.67
N LEU G 138 19.76 6.10 56.88
CA LEU G 138 19.43 7.01 57.95
C LEU G 138 20.15 8.33 57.76
N VAL G 139 21.25 8.33 56.99
CA VAL G 139 22.09 9.51 56.94
C VAL G 139 21.38 10.61 56.18
N GLY G 140 21.26 11.78 56.82
CA GLY G 140 20.63 12.92 56.15
C GLY G 140 19.12 12.79 56.14
N VAL G 141 18.60 11.89 56.97
CA VAL G 141 17.17 11.74 57.16
C VAL G 141 16.91 11.90 58.64
N THR G 142 17.60 11.09 59.43
CA THR G 142 17.41 11.05 60.86
C THR G 142 18.72 11.33 61.58
N HIS G 143 19.85 10.99 60.96
CA HIS G 143 21.13 11.00 61.66
C HIS G 143 22.20 11.62 60.78
N THR G 144 23.24 12.16 61.39
CA THR G 144 24.37 12.62 60.61
C THR G 144 25.21 11.41 60.21
N THR G 145 26.16 11.57 59.28
CA THR G 145 27.00 10.45 58.89
C THR G 145 27.75 9.88 60.09
N ASP G 146 28.14 10.72 61.05
CA ASP G 146 28.96 10.25 62.16
C ASP G 146 28.15 9.36 63.10
N GLU G 147 26.91 9.78 63.35
CA GLU G 147 26.03 9.05 64.27
C GLU G 147 25.72 7.69 63.66
N ALA G 148 25.53 7.66 62.35
CA ALA G 148 25.14 6.42 61.70
C ALA G 148 26.32 5.47 61.64
N LYS G 149 27.52 6.03 61.44
CA LYS G 149 28.68 5.16 61.39
C LYS G 149 28.92 4.59 62.77
N ALA G 150 28.67 5.40 63.81
CA ALA G 150 28.81 4.92 65.17
C ALA G 150 27.86 3.74 65.40
N PHE G 151 26.62 3.83 64.90
CA PHE G 151 25.67 2.74 65.09
C PHE G 151 26.15 1.49 64.37
N ALA G 152 26.70 1.65 63.16
CA ALA G 152 27.14 0.50 62.40
C ALA G 152 28.35 -0.14 63.07
N GLU G 153 29.31 0.66 63.56
CA GLU G 153 30.57 0.19 64.10
C GLU G 153 30.40 -0.53 65.44
N GLU G 154 29.23 -0.41 66.07
CA GLU G 154 28.96 -1.13 67.32
C GLU G 154 28.65 -2.59 67.05
N LEU G 155 28.37 -2.93 65.79
CA LEU G 155 27.95 -4.29 65.48
C LEU G 155 29.07 -5.04 64.79
N GLU G 156 28.94 -6.37 64.77
CA GLU G 156 29.85 -7.24 64.05
C GLU G 156 29.11 -7.87 62.88
N TYR G 157 29.74 -7.84 61.72
CA TYR G 157 29.19 -8.47 60.55
C TYR G 157 30.18 -9.47 59.98
N ASP G 158 29.67 -10.40 59.18
CA ASP G 158 30.52 -11.39 58.53
C ASP G 158 31.43 -10.75 57.49
N ASP G 159 32.75 -10.93 57.69
CA ASP G 159 33.78 -10.53 56.75
C ASP G 159 34.04 -11.66 55.76
N GLU G 160 34.88 -11.37 54.74
CA GLU G 160 35.48 -12.37 53.88
C GLU G 160 36.47 -13.21 54.68
N PRO G 161 36.67 -14.51 54.36
CA PRO G 161 37.54 -15.36 55.16
C PRO G 161 38.99 -14.87 55.19
N ASP G 162 39.71 -15.21 56.27
CA ASP G 162 41.11 -14.85 56.39
C ASP G 162 41.94 -15.71 55.45
N ASP G 163 43.27 -15.66 55.60
CA ASP G 163 44.16 -16.23 54.60
C ASP G 163 44.24 -17.74 54.72
N GLU G 164 43.89 -18.28 55.91
CA GLU G 164 43.80 -19.71 56.14
C GLU G 164 42.39 -20.20 55.80
N GLY G 165 41.57 -19.28 55.25
CA GLY G 165 40.18 -19.54 54.91
C GLY G 165 39.26 -19.76 56.10
N ASN G 166 39.63 -19.23 57.27
CA ASN G 166 38.77 -19.31 58.45
C ASN G 166 37.79 -18.14 58.42
N PRO G 167 36.51 -18.30 58.85
CA PRO G 167 35.59 -17.15 58.91
C PRO G 167 36.02 -16.08 59.92
N ARG G 168 35.60 -14.84 59.63
CA ARG G 168 35.98 -13.66 60.40
C ARG G 168 34.80 -12.72 60.52
N LYS G 169 34.81 -11.88 61.56
CA LYS G 169 33.85 -10.80 61.70
C LYS G 169 34.56 -9.46 61.52
N ARG G 170 33.80 -8.46 61.06
CA ARG G 170 34.30 -7.09 61.00
C ARG G 170 33.31 -6.16 61.68
N PRO G 171 33.72 -4.93 62.06
CA PRO G 171 32.76 -3.91 62.46
C PRO G 171 31.93 -3.46 61.25
N GLY G 172 30.68 -3.06 61.49
CA GLY G 172 29.78 -2.60 60.45
C GLY G 172 30.20 -1.28 59.82
N LYS G 173 29.77 -1.11 58.55
CA LYS G 173 30.02 0.06 57.76
C LYS G 173 28.68 0.63 57.31
N LEU G 174 28.70 1.80 56.66
CA LEU G 174 27.43 2.40 56.32
C LEU G 174 26.66 1.61 55.27
N ALA G 175 27.36 0.80 54.47
CA ALA G 175 26.64 0.07 53.44
C ALA G 175 25.94 -1.19 53.97
N ASP G 176 26.19 -1.52 55.25
CA ASP G 176 25.62 -2.72 55.83
C ASP G 176 24.13 -2.50 56.08
N TYR G 177 23.35 -3.58 56.05
CA TYR G 177 21.94 -3.52 56.39
C TYR G 177 21.75 -3.68 57.89
N ILE G 178 20.71 -3.05 58.44
CA ILE G 178 20.43 -3.16 59.86
C ILE G 178 20.11 -4.62 60.15
N PRO G 179 20.84 -5.26 61.08
CA PRO G 179 20.72 -6.71 61.27
C PRO G 179 19.49 -7.07 62.11
N GLY G 180 18.93 -8.26 61.82
CA GLY G 180 17.72 -8.77 62.44
C GLY G 180 17.99 -9.41 63.80
N PRO G 181 16.96 -9.57 64.65
CA PRO G 181 17.17 -10.21 65.94
C PRO G 181 17.29 -11.74 65.92
N TYR G 182 16.80 -12.34 64.83
CA TYR G 182 16.79 -13.80 64.71
C TYR G 182 17.50 -14.23 63.43
N PRO G 183 18.26 -15.35 63.48
CA PRO G 183 18.94 -15.90 62.30
C PRO G 183 18.05 -16.48 61.20
N ASN G 184 16.85 -16.97 61.56
CA ASN G 184 15.95 -17.54 60.57
C ASN G 184 14.53 -17.50 61.11
N GLU G 185 13.57 -17.93 60.29
CA GLU G 185 12.16 -17.93 60.66
C GLU G 185 11.90 -18.83 61.87
N GLN G 186 12.64 -19.93 61.96
CA GLN G 186 12.33 -20.96 62.93
C GLN G 186 12.69 -20.43 64.31
N ALA G 187 13.82 -19.72 64.35
CA ALA G 187 14.29 -19.11 65.58
C ALA G 187 13.32 -18.02 65.99
N ALA G 188 12.74 -17.34 64.99
CA ALA G 188 11.86 -16.24 65.26
C ALA G 188 10.58 -16.76 65.89
N ARG G 189 10.03 -17.82 65.29
CA ARG G 189 8.79 -18.41 65.76
C ARG G 189 8.96 -19.05 67.13
N ALA G 190 10.15 -19.60 67.39
CA ALA G 190 10.37 -20.31 68.63
C ALA G 190 10.33 -19.33 69.80
N ALA G 191 10.75 -18.08 69.50
CA ALA G 191 10.86 -17.05 70.50
C ALA G 191 9.53 -16.33 70.71
N ASN G 192 8.55 -16.60 69.83
CA ASN G 192 7.32 -15.84 69.84
C ASN G 192 6.11 -16.75 69.85
N GLN G 193 6.22 -17.86 70.60
CA GLN G 193 5.11 -18.78 70.79
C GLN G 193 4.44 -19.06 69.45
N GLY G 194 5.28 -19.26 68.44
CA GLY G 194 4.84 -19.83 67.18
C GLY G 194 4.64 -18.78 66.10
N ALA G 195 4.38 -17.53 66.53
CA ALA G 195 4.03 -16.45 65.61
C ALA G 195 5.28 -15.85 65.00
N LEU G 196 5.20 -15.40 63.75
CA LEU G 196 6.42 -14.94 63.13
C LEU G 196 6.35 -13.43 62.97
N PRO G 197 7.17 -12.64 63.69
CA PRO G 197 7.09 -11.19 63.59
C PRO G 197 7.58 -10.81 62.21
N PRO G 198 6.76 -10.13 61.38
CA PRO G 198 7.19 -9.82 60.01
C PRO G 198 8.25 -8.74 60.03
N ASP G 199 8.94 -8.67 58.90
CA ASP G 199 9.92 -7.62 58.69
C ASP G 199 9.14 -6.32 58.55
N LEU G 200 9.67 -5.22 59.09
CA LEU G 200 8.87 -4.01 59.14
C LEU G 200 9.23 -3.05 58.02
N SER G 201 10.18 -3.41 57.14
CA SER G 201 10.65 -2.50 56.12
C SER G 201 9.54 -2.10 55.17
N LEU G 202 8.55 -2.97 54.99
CA LEU G 202 7.54 -2.65 54.01
C LEU G 202 6.16 -2.69 54.62
N ILE G 203 6.07 -2.93 55.93
CA ILE G 203 4.79 -3.17 56.56
C ILE G 203 3.83 -2.01 56.35
N ALA G 204 4.34 -0.78 56.23
CA ALA G 204 3.44 0.35 56.01
C ALA G 204 2.83 0.34 54.62
N LYS G 205 3.44 -0.37 53.67
CA LYS G 205 2.83 -0.47 52.36
C LYS G 205 2.08 -1.78 52.22
N ALA G 206 2.31 -2.69 53.17
CA ALA G 206 1.86 -4.05 52.97
C ALA G 206 0.58 -4.30 53.74
N ARG G 207 0.00 -3.24 54.31
CA ARG G 207 -1.24 -3.40 55.03
C ARG G 207 -2.16 -2.29 54.54
N HIS G 208 -3.45 -2.61 54.41
CA HIS G 208 -4.45 -1.59 54.11
C HIS G 208 -4.44 -0.59 55.26
N GLY G 209 -4.30 0.69 54.97
CA GLY G 209 -4.28 1.58 56.11
C GLY G 209 -2.93 2.26 56.34
N GLY G 210 -1.82 1.56 56.11
CA GLY G 210 -0.53 2.24 56.20
C GLY G 210 -0.20 2.72 57.61
N ALA G 211 0.25 3.98 57.71
CA ALA G 211 0.60 4.49 59.02
C ALA G 211 -0.57 4.36 59.99
N ASP G 212 -1.80 4.53 59.46
CA ASP G 212 -2.95 4.58 60.35
C ASP G 212 -3.14 3.21 60.97
N TYR G 213 -2.83 2.18 60.18
CA TYR G 213 -3.01 0.85 60.70
C TYR G 213 -1.97 0.58 61.79
N ILE G 214 -0.72 0.97 61.52
CA ILE G 214 0.29 0.73 62.53
C ILE G 214 -0.03 1.49 63.80
N PHE G 215 -0.45 2.74 63.67
CA PHE G 215 -0.75 3.53 64.83
C PHE G 215 -1.91 2.91 65.61
N ALA G 216 -2.97 2.53 64.89
CA ALA G 216 -4.16 2.00 65.52
C ALA G 216 -3.86 0.69 66.24
N LEU G 217 -3.04 -0.14 65.62
CA LEU G 217 -2.72 -1.44 66.16
C LEU G 217 -1.92 -1.29 67.45
N LEU G 218 -0.94 -0.38 67.47
CA LEU G 218 -0.07 -0.37 68.64
C LEU G 218 -0.76 0.26 69.82
N THR G 219 -1.76 1.10 69.53
CA THR G 219 -2.46 1.81 70.59
C THR G 219 -3.80 1.15 70.93
N GLY G 220 -4.14 0.07 70.21
CA GLY G 220 -5.49 -0.47 70.27
C GLY G 220 -5.65 -1.76 71.06
N TYR G 221 -4.78 -2.02 72.03
CA TYR G 221 -5.01 -3.16 72.89
C TYR G 221 -5.88 -2.73 74.04
N PRO G 222 -7.11 -3.27 74.14
CA PRO G 222 -7.98 -2.96 75.27
C PRO G 222 -7.42 -3.65 76.51
N ASP G 223 -7.71 -3.07 77.69
CA ASP G 223 -7.31 -3.61 78.97
C ASP G 223 -7.89 -5.02 79.11
N GLU G 224 -9.17 -5.16 78.74
CA GLU G 224 -9.85 -6.44 78.78
C GLU G 224 -10.47 -6.71 77.42
N PRO G 225 -10.26 -7.92 76.84
CA PRO G 225 -10.97 -8.33 75.63
C PRO G 225 -12.48 -8.27 75.83
N PRO G 226 -13.21 -7.81 74.79
CA PRO G 226 -14.68 -7.76 74.81
C PRO G 226 -15.23 -9.10 75.30
N ALA G 227 -16.21 -9.01 76.21
CA ALA G 227 -16.77 -10.18 76.84
C ALA G 227 -17.27 -11.14 75.75
N GLY G 228 -16.76 -12.37 75.80
CA GLY G 228 -17.26 -13.45 74.96
C GLY G 228 -16.26 -13.87 73.88
N VAL G 229 -15.22 -13.07 73.70
CA VAL G 229 -14.11 -13.43 72.82
C VAL G 229 -13.29 -14.52 73.50
N VAL G 230 -13.07 -15.61 72.75
CA VAL G 230 -12.19 -16.67 73.21
C VAL G 230 -10.88 -16.54 72.43
N LEU G 231 -9.84 -16.14 73.16
CA LEU G 231 -8.53 -16.01 72.54
C LEU G 231 -7.84 -17.36 72.52
N ALA G 232 -7.27 -17.70 71.36
CA ALA G 232 -6.35 -18.81 71.21
C ALA G 232 -5.13 -18.63 72.13
N PRO G 233 -4.43 -19.70 72.57
CA PRO G 233 -3.31 -19.55 73.50
C PRO G 233 -2.14 -18.80 72.86
N GLY G 234 -1.59 -17.83 73.61
CA GLY G 234 -0.47 -17.01 73.17
C GLY G 234 -0.91 -15.83 72.29
N MET G 235 -2.23 -15.63 72.19
CA MET G 235 -2.80 -14.51 71.46
C MET G 235 -3.30 -13.45 72.43
N ASN G 236 -3.34 -12.23 71.89
CA ASN G 236 -3.73 -11.04 72.61
C ASN G 236 -4.86 -10.42 71.82
N TYR G 237 -5.81 -9.78 72.50
CA TYR G 237 -6.92 -9.28 71.73
C TYR G 237 -6.54 -7.91 71.19
N ASN G 238 -6.70 -7.70 69.89
CA ASN G 238 -6.53 -6.38 69.32
C ASN G 238 -7.51 -6.22 68.18
N PRO G 239 -8.50 -5.31 68.28
CA PRO G 239 -9.58 -5.27 67.28
C PRO G 239 -9.14 -4.87 65.88
N TYR G 240 -7.98 -4.23 65.76
CA TYR G 240 -7.58 -3.78 64.43
C TYR G 240 -6.98 -4.92 63.64
N PHE G 241 -6.56 -5.95 64.34
CA PHE G 241 -5.91 -7.05 63.67
C PHE G 241 -6.99 -8.03 63.21
N PRO G 242 -7.00 -8.45 61.94
CA PRO G 242 -8.06 -9.30 61.41
C PRO G 242 -8.22 -10.61 62.18
N GLY G 243 -9.41 -10.87 62.71
CA GLY G 243 -9.57 -12.07 63.51
C GLY G 243 -9.47 -11.79 65.01
N GLY G 244 -8.77 -10.71 65.37
CA GLY G 244 -8.82 -10.17 66.72
C GLY G 244 -7.68 -10.65 67.60
N GLY G 245 -7.09 -11.79 67.25
CA GLY G 245 -6.10 -12.40 68.10
C GLY G 245 -4.74 -12.23 67.47
N ILE G 246 -3.89 -11.44 68.11
CA ILE G 246 -2.59 -11.19 67.51
C ILE G 246 -1.52 -11.74 68.42
N GLY G 247 -0.45 -12.24 67.80
CA GLY G 247 0.60 -12.88 68.57
C GLY G 247 1.53 -11.87 69.24
N MET G 248 1.32 -10.59 68.95
CA MET G 248 2.18 -9.55 69.50
C MET G 248 1.43 -8.94 70.67
N ALA G 249 2.08 -8.86 71.84
CA ALA G 249 1.44 -8.31 73.01
C ALA G 249 1.49 -6.79 72.95
N ARG G 250 0.77 -6.09 73.83
CA ARG G 250 0.98 -4.65 73.93
C ARG G 250 2.40 -4.39 74.41
N THR G 251 3.09 -3.43 73.78
CA THR G 251 4.51 -3.25 74.03
C THR G 251 4.84 -1.80 74.42
N LEU G 252 4.00 -0.87 73.98
CA LEU G 252 4.22 0.53 74.31
C LEU G 252 3.46 0.90 75.57
N PHE G 253 4.23 1.27 76.59
CA PHE G 253 3.68 1.81 77.83
C PHE G 253 4.41 3.11 78.11
N ASP G 254 3.71 4.02 78.81
CA ASP G 254 4.27 5.31 79.13
C ASP G 254 5.64 5.13 79.79
N GLY G 255 6.65 5.66 79.07
CA GLY G 255 8.02 5.77 79.54
C GLY G 255 8.86 4.52 79.34
N VAL G 256 8.61 3.76 78.26
CA VAL G 256 9.45 2.61 77.98
C VAL G 256 10.70 3.09 77.24
N VAL G 257 10.55 4.25 76.61
CA VAL G 257 11.63 4.91 75.90
C VAL G 257 11.88 6.22 76.62
N GLU G 258 13.13 6.66 76.63
CA GLU G 258 13.42 8.00 77.11
C GLU G 258 13.95 8.81 75.94
N TYR G 259 13.10 9.66 75.35
CA TYR G 259 13.47 10.35 74.14
C TYR G 259 14.60 11.34 74.45
N GLU G 260 15.51 11.50 73.49
CA GLU G 260 16.72 12.26 73.73
C GLU G 260 16.46 13.77 73.61
N ASP G 261 15.25 14.13 73.17
CA ASP G 261 14.88 15.49 72.81
C ASP G 261 13.89 16.06 73.82
N GLY G 262 13.56 15.26 74.85
CA GLY G 262 12.78 15.68 76.01
C GLY G 262 11.26 15.64 75.82
N THR G 263 10.83 15.21 74.62
CA THR G 263 9.44 14.90 74.29
C THR G 263 8.91 13.87 75.29
N PRO G 264 7.71 14.09 75.91
CA PRO G 264 7.12 13.11 76.83
C PRO G 264 6.76 11.81 76.11
N ALA G 265 7.33 10.68 76.56
CA ALA G 265 7.15 9.43 75.84
C ALA G 265 5.89 8.73 76.33
N THR G 266 4.76 9.22 75.85
CA THR G 266 3.49 8.58 76.10
C THR G 266 3.27 7.51 75.05
N THR G 267 2.40 6.55 75.38
CA THR G 267 2.07 5.48 74.45
C THR G 267 1.71 6.06 73.09
N SER G 268 0.87 7.08 73.08
CA SER G 268 0.41 7.59 71.81
C SER G 268 1.55 8.29 71.09
N GLN G 269 2.41 8.98 71.83
CA GLN G 269 3.50 9.71 71.19
C GLN G 269 4.45 8.71 70.55
N MET G 270 4.73 7.62 71.26
CA MET G 270 5.67 6.65 70.73
C MET G 270 5.08 5.94 69.52
N ALA G 271 3.79 5.67 69.57
CA ALA G 271 3.18 5.01 68.42
C ALA G 271 3.19 5.94 67.23
N LYS G 272 2.95 7.23 67.44
CA LYS G 272 2.93 8.17 66.33
C LYS G 272 4.32 8.22 65.71
N ASP G 273 5.35 8.30 66.55
CA ASP G 273 6.70 8.39 66.06
C ASP G 273 7.10 7.13 65.32
N VAL G 274 6.85 5.97 65.92
CA VAL G 274 7.30 4.74 65.27
C VAL G 274 6.53 4.50 63.97
N ALA G 275 5.26 4.87 63.95
CA ALA G 275 4.48 4.72 62.73
C ALA G 275 4.97 5.64 61.64
N ALA G 276 5.41 6.84 62.01
CA ALA G 276 6.00 7.73 61.02
C ALA G 276 7.27 7.08 60.50
N PHE G 277 8.10 6.60 61.43
CA PHE G 277 9.37 6.02 61.06
C PHE G 277 9.17 4.87 60.07
N LEU G 278 8.23 3.97 60.37
CA LEU G 278 8.02 2.81 59.52
C LEU G 278 7.48 3.20 58.16
N THR G 279 6.67 4.26 58.13
CA THR G 279 6.19 4.75 56.86
C THR G 279 7.35 5.27 56.03
N TRP G 280 8.26 5.99 56.68
CA TRP G 280 9.42 6.42 55.94
C TRP G 280 10.18 5.19 55.44
N ALA G 281 10.35 4.17 56.28
CA ALA G 281 11.12 3.00 55.87
C ALA G 281 10.51 2.38 54.64
N ALA G 282 9.18 2.41 54.54
CA ALA G 282 8.57 1.72 53.44
C ALA G 282 8.71 2.53 52.17
N GLU G 283 8.69 3.85 52.29
CA GLU G 283 8.73 4.65 51.08
C GLU G 283 9.72 5.78 51.28
N PRO G 284 11.04 5.54 51.22
CA PRO G 284 12.01 6.57 51.58
C PRO G 284 12.17 7.69 50.57
N GLU G 285 11.59 7.48 49.38
CA GLU G 285 11.60 8.50 48.37
C GLU G 285 10.47 9.50 48.58
N HIS G 286 9.58 9.29 49.54
CA HIS G 286 8.33 10.02 49.68
C HIS G 286 8.53 11.53 49.59
N ASP G 287 9.50 12.07 50.33
CA ASP G 287 9.69 13.51 50.29
C ASP G 287 10.09 14.00 48.90
N GLU G 288 11.08 13.35 48.28
CA GLU G 288 11.52 13.74 46.94
C GLU G 288 10.43 13.56 45.90
N ARG G 289 9.68 12.48 46.01
CA ARG G 289 8.62 12.15 45.09
C ARG G 289 7.57 13.23 45.11
N LYS G 290 7.22 13.75 46.28
CA LYS G 290 6.14 14.72 46.28
C LYS G 290 6.66 16.07 45.82
N LYS G 291 7.93 16.38 46.04
CA LYS G 291 8.42 17.63 45.50
C LYS G 291 8.45 17.55 43.98
N LEU G 292 8.87 16.41 43.41
CA LEU G 292 8.96 16.38 41.95
C LEU G 292 7.55 16.38 41.40
N GLY G 293 6.61 15.81 42.11
CA GLY G 293 5.23 15.84 41.67
C GLY G 293 4.68 17.26 41.64
N LEU G 294 5.12 18.10 42.56
CA LEU G 294 4.66 19.46 42.57
C LEU G 294 5.14 20.14 41.29
N LYS G 295 6.43 20.00 40.98
CA LYS G 295 6.98 20.53 39.75
C LYS G 295 6.23 19.98 38.55
N ALA G 296 6.01 18.66 38.51
CA ALA G 296 5.31 18.03 37.40
C ALA G 296 3.89 18.59 37.27
N ILE G 297 3.16 18.73 38.38
CA ILE G 297 1.80 19.22 38.34
C ILE G 297 1.78 20.60 37.70
N ILE G 298 2.71 21.47 38.10
CA ILE G 298 2.74 22.85 37.62
C ILE G 298 3.04 22.87 36.12
N VAL G 299 4.11 22.19 35.70
CA VAL G 299 4.48 22.20 34.31
C VAL G 299 3.40 21.54 33.45
N ILE G 300 2.85 20.42 33.92
CA ILE G 300 1.92 19.70 33.08
C ILE G 300 0.63 20.49 33.01
N SER G 301 0.21 21.14 34.09
CA SER G 301 -0.93 22.03 34.05
C SER G 301 -0.73 23.15 33.03
N ALA G 302 0.40 23.85 33.08
CA ALA G 302 0.69 24.89 32.10
C ALA G 302 0.64 24.33 30.68
N MET G 303 1.24 23.17 30.44
CA MET G 303 1.27 22.62 29.10
C MET G 303 -0.13 22.22 28.71
N LEU G 304 -0.99 21.91 29.68
CA LEU G 304 -2.33 21.49 29.32
C LEU G 304 -3.10 22.73 28.87
N GLY G 305 -2.95 23.82 29.62
CA GLY G 305 -3.59 25.08 29.26
C GLY G 305 -3.13 25.54 27.89
N LEU G 306 -1.83 25.49 27.64
CA LEU G 306 -1.31 25.97 26.38
C LEU G 306 -1.73 25.04 25.26
N SER G 307 -1.75 23.74 25.52
CA SER G 307 -2.16 22.82 24.48
C SER G 307 -3.60 23.09 24.07
N VAL G 308 -4.40 23.59 25.00
CA VAL G 308 -5.78 23.85 24.64
C VAL G 308 -5.86 25.11 23.79
N TYR G 309 -5.10 26.14 24.17
CA TYR G 309 -5.03 27.30 23.31
C TYR G 309 -4.57 26.88 21.93
N ILE G 310 -3.48 26.14 21.83
CA ILE G 310 -2.97 25.81 20.52
C ILE G 310 -3.97 24.99 19.72
N LYS G 311 -4.62 24.01 20.35
CA LYS G 311 -5.60 23.24 19.62
C LYS G 311 -6.69 24.16 19.09
N LYS G 312 -7.27 25.01 19.94
CA LYS G 312 -8.33 25.89 19.49
C LYS G 312 -7.83 26.82 18.41
N PHE G 313 -6.60 27.30 18.53
CA PHE G 313 -6.06 28.17 17.51
C PHE G 313 -6.00 27.44 16.18
N LYS G 314 -5.38 26.25 16.14
CA LYS G 314 -5.23 25.56 14.87
C LYS G 314 -6.59 25.12 14.34
N TRP G 315 -7.54 24.81 15.22
CA TRP G 315 -8.80 24.29 14.69
C TRP G 315 -9.75 25.38 14.29
N SER G 316 -9.44 26.67 14.49
CA SER G 316 -10.51 27.64 14.39
C SER G 316 -11.03 27.74 12.95
N PRO G 317 -10.17 27.58 11.93
CA PRO G 317 -10.67 27.52 10.55
C PRO G 317 -11.72 26.44 10.33
N ILE G 318 -11.58 25.31 10.99
CA ILE G 318 -12.53 24.24 10.77
C ILE G 318 -13.80 24.53 11.57
N LYS G 319 -13.66 25.04 12.78
CA LYS G 319 -14.87 25.31 13.52
C LYS G 319 -15.67 26.44 12.88
N ASN G 320 -14.96 27.39 12.27
CA ASN G 320 -15.61 28.62 11.84
C ASN G 320 -16.11 28.52 10.40
N ARG G 321 -15.91 27.37 9.78
CA ARG G 321 -16.28 27.15 8.40
C ARG G 321 -17.77 27.38 8.20
N LYS G 322 -18.12 28.02 7.09
CA LYS G 322 -19.50 28.28 6.75
C LYS G 322 -19.68 27.81 5.32
N PHE G 323 -20.90 27.42 4.97
CA PHE G 323 -21.18 26.94 3.64
C PHE G 323 -22.32 27.71 3.00
N ILE G 324 -22.33 27.75 1.68
CA ILE G 324 -23.46 28.29 0.96
C ILE G 324 -23.75 27.24 -0.09
N TYR G 325 -24.98 26.73 -0.10
CA TYR G 325 -25.26 25.70 -1.06
C TYR G 325 -26.25 26.22 -2.10
N ASN G 326 -25.86 26.10 -3.37
CA ASN G 326 -26.78 26.39 -4.44
C ASN G 326 -27.01 25.11 -5.23
N PRO G 327 -28.18 24.46 -5.11
CA PRO G 327 -28.42 23.19 -5.78
C PRO G 327 -28.27 23.36 -7.29
N PRO G 328 -27.44 22.54 -7.97
CA PRO G 328 -27.11 22.71 -9.40
C PRO G 328 -28.17 22.47 -10.51
N TYR H 7 -13.06 1.62 -0.24
CA TYR H 7 -14.17 2.45 0.50
C TYR H 7 -13.73 3.83 0.98
N MET H 8 -12.44 4.00 1.23
CA MET H 8 -11.87 5.33 1.31
C MET H 8 -10.74 5.42 0.29
N GLY H 9 -10.66 6.55 -0.40
CA GLY H 9 -9.59 6.68 -1.35
C GLY H 9 -8.42 7.45 -0.74
N TRP H 10 -8.03 8.49 -1.46
CA TRP H 10 -6.97 9.36 -1.01
C TRP H 10 -7.31 10.73 -1.58
N TRP H 11 -6.54 11.74 -1.19
CA TRP H 11 -6.81 13.07 -1.67
C TRP H 11 -6.84 13.06 -3.20
N GLY H 12 -7.91 13.62 -3.75
CA GLY H 12 -8.05 13.62 -5.19
C GLY H 12 -9.04 12.56 -5.66
N HIS H 13 -9.15 11.45 -4.93
CA HIS H 13 -10.13 10.43 -5.30
C HIS H 13 -10.66 9.79 -4.03
N MET H 14 -11.23 10.61 -3.13
CA MET H 14 -11.57 10.14 -1.80
C MET H 14 -12.76 9.19 -1.85
N GLY H 15 -13.62 9.35 -2.85
CA GLY H 15 -14.73 8.41 -3.02
C GLY H 15 -16.05 9.07 -2.62
N SER H 16 -16.03 10.40 -2.48
CA SER H 16 -17.23 11.22 -2.35
C SER H 16 -18.05 11.09 -3.65
N PRO H 17 -19.40 11.09 -3.56
CA PRO H 17 -20.20 11.31 -4.76
C PRO H 17 -19.80 12.69 -5.26
N PRO H 18 -19.94 13.01 -6.56
CA PRO H 18 -19.46 14.29 -7.08
C PRO H 18 -20.12 15.45 -6.33
N GLN H 19 -19.30 16.41 -5.93
CA GLN H 19 -19.82 17.55 -5.21
C GLN H 19 -19.94 18.70 -6.19
N LYS H 20 -20.99 19.47 -5.99
CA LYS H 20 -21.18 20.63 -6.83
C LYS H 20 -22.10 21.55 -6.05
N GLY H 21 -21.83 22.84 -6.11
CA GLY H 21 -22.80 23.79 -5.62
C GLY H 21 -22.60 24.16 -4.16
N ILE H 22 -21.60 23.58 -3.50
CA ILE H 22 -21.29 24.01 -2.15
C ILE H 22 -20.08 24.93 -2.18
N ALA H 23 -20.23 26.13 -1.62
CA ALA H 23 -19.09 27.00 -1.40
C ALA H 23 -18.77 26.93 0.08
N GLY H 24 -17.51 26.67 0.40
CA GLY H 24 -17.06 26.67 1.78
C GLY H 24 -16.21 27.91 2.04
N TYR H 25 -16.41 28.53 3.19
CA TYR H 25 -15.63 29.70 3.51
C TYR H 25 -15.05 29.53 4.89
N THR H 26 -13.83 30.03 5.05
CA THR H 26 -13.29 30.07 6.39
C THR H 26 -12.27 31.18 6.48
N ILE H 27 -11.87 31.50 7.71
CA ILE H 27 -10.86 32.51 7.89
C ILE H 27 -9.62 31.88 8.53
N SER H 28 -8.48 32.56 8.40
CA SER H 28 -7.21 32.15 8.95
C SER H 28 -7.29 32.03 10.47
N PRO H 29 -6.56 31.10 11.10
CA PRO H 29 -6.44 31.07 12.56
C PRO H 29 -5.87 32.36 13.13
N PHE H 30 -5.00 33.03 12.38
CA PHE H 30 -4.48 34.30 12.86
C PHE H 30 -5.47 35.44 12.75
N ALA H 31 -6.51 35.27 11.93
CA ALA H 31 -7.49 36.33 11.79
C ALA H 31 -8.66 36.13 12.75
N ALA H 32 -8.73 34.97 13.38
CA ALA H 32 -9.87 34.64 14.23
C ALA H 32 -9.53 34.83 15.70
N ARG H 33 -10.56 35.09 16.51
CA ARG H 33 -10.42 34.93 17.94
C ARG H 33 -10.71 33.47 18.25
N PRO H 34 -9.72 32.67 18.70
CA PRO H 34 -9.92 31.23 18.88
C PRO H 34 -10.94 30.96 19.98
N PHE H 35 -11.04 31.90 20.93
CA PHE H 35 -11.91 31.75 22.07
C PHE H 35 -13.13 32.65 21.97
N ALA H 36 -13.54 32.99 20.75
CA ALA H 36 -14.71 33.83 20.61
C ALA H 36 -15.93 33.09 21.13
N GLY H 37 -16.71 33.77 21.99
CA GLY H 37 -17.94 33.28 22.56
C GLY H 37 -17.77 32.00 23.41
N VAL H 38 -16.58 31.86 24.01
CA VAL H 38 -16.24 30.67 24.79
C VAL H 38 -17.05 30.66 26.07
N VAL H 39 -17.30 31.83 26.65
CA VAL H 39 -18.04 31.96 27.91
C VAL H 39 -19.47 31.50 27.69
N HIS H 40 -20.12 32.06 26.66
CA HIS H 40 -21.43 31.62 26.26
C HIS H 40 -21.48 30.10 26.02
N ALA H 41 -20.49 29.55 25.32
CA ALA H 41 -20.50 28.12 24.99
C ALA H 41 -20.30 27.27 26.24
N ALA H 42 -19.35 27.68 27.07
CA ALA H 42 -19.01 26.92 28.26
C ALA H 42 -20.23 26.81 29.18
N ILE H 43 -21.11 27.82 29.11
CA ILE H 43 -22.24 27.83 30.02
C ILE H 43 -23.46 27.27 29.31
N PHE H 44 -23.88 27.94 28.22
CA PHE H 44 -25.17 27.65 27.65
C PHE H 44 -25.12 26.42 26.76
N ASN H 45 -24.05 26.31 25.98
CA ASN H 45 -23.91 25.17 25.11
C ASN H 45 -23.71 23.89 25.93
N THR H 46 -22.85 23.93 26.95
CA THR H 46 -22.63 22.72 27.74
C THR H 46 -23.92 22.34 28.47
N PHE H 47 -24.69 23.35 28.90
CA PHE H 47 -25.92 23.03 29.59
C PHE H 47 -26.88 22.31 28.64
N ARG H 48 -27.05 22.86 27.43
CA ARG H 48 -27.88 22.25 26.41
C ARG H 48 -27.43 20.82 26.16
N ARG H 49 -26.14 20.63 25.89
CA ARG H 49 -25.72 19.29 25.50
C ARG H 49 -25.85 18.29 26.64
N THR H 50 -25.68 18.73 27.88
CA THR H 50 -25.73 17.82 29.01
C THR H 50 -27.19 17.50 29.30
N LYS H 51 -28.06 18.51 29.29
CA LYS H 51 -29.48 18.27 29.52
C LYS H 51 -30.01 17.21 28.56
N ASN H 52 -29.56 17.26 27.30
CA ASN H 52 -30.07 16.35 26.28
C ASN H 52 -29.65 14.90 26.49
N GLN H 53 -28.56 14.70 27.22
CA GLN H 53 -27.99 13.37 27.36
C GLN H 53 -28.13 12.88 28.79
N ALA H 54 -28.79 13.66 29.66
CA ALA H 54 -28.70 13.39 31.09
C ALA H 54 -29.32 12.05 31.44
N LEU H 55 -30.49 11.75 30.85
CA LEU H 55 -31.26 10.57 31.21
C LEU H 55 -30.50 9.29 30.91
N PHE H 56 -29.67 9.32 29.88
CA PHE H 56 -28.99 8.14 29.40
C PHE H 56 -27.85 7.79 30.33
N VAL H 57 -27.50 8.72 31.21
CA VAL H 57 -26.48 8.45 32.18
C VAL H 57 -27.14 8.21 33.53
N ILE H 58 -28.08 9.07 33.89
CA ILE H 58 -28.72 9.03 35.17
C ILE H 58 -29.47 7.72 35.33
N LEU H 59 -30.26 7.27 34.34
CA LEU H 59 -31.08 6.10 34.58
C LEU H 59 -30.24 4.88 34.92
N PRO H 60 -29.27 4.46 34.10
CA PRO H 60 -28.50 3.27 34.41
C PRO H 60 -27.65 3.45 35.66
N VAL H 61 -27.07 4.63 35.85
CA VAL H 61 -26.24 4.79 37.03
C VAL H 61 -27.09 4.72 38.28
N SER H 62 -28.24 5.38 38.31
CA SER H 62 -29.06 5.42 39.51
C SER H 62 -29.59 4.02 39.81
N PHE H 63 -29.86 3.24 38.75
CA PHE H 63 -30.44 1.93 38.99
C PHE H 63 -29.38 1.02 39.58
N PHE H 64 -28.20 1.00 38.94
CA PHE H 64 -27.16 0.10 39.39
C PHE H 64 -26.62 0.52 40.74
N TYR H 65 -26.71 1.80 41.06
CA TYR H 65 -26.24 2.23 42.37
C TYR H 65 -27.24 1.77 43.41
N TYR H 66 -28.52 1.78 43.05
CA TYR H 66 -29.51 1.38 44.03
C TYR H 66 -29.37 -0.10 44.32
N VAL H 67 -29.21 -0.90 43.25
CA VAL H 67 -28.98 -2.33 43.33
C VAL H 67 -27.81 -2.61 44.28
N TRP H 68 -26.70 -1.89 44.10
CA TRP H 68 -25.48 -2.18 44.82
C TRP H 68 -25.70 -1.82 46.29
N THR H 69 -26.31 -0.67 46.51
CA THR H 69 -26.62 -0.19 47.84
C THR H 69 -27.46 -1.21 48.60
N GLN H 70 -28.48 -1.77 47.94
CA GLN H 70 -29.36 -2.74 48.59
C GLN H 70 -28.58 -3.99 48.94
N ALA H 71 -27.71 -4.41 48.01
CA ALA H 71 -26.99 -5.67 48.13
C ALA H 71 -25.93 -5.52 49.21
N SER H 72 -25.21 -4.42 49.20
CA SER H 72 -24.16 -4.21 50.19
C SER H 72 -24.77 -4.04 51.59
N GLU H 73 -25.95 -3.44 51.69
CA GLU H 73 -26.57 -3.26 53.01
C GLU H 73 -27.10 -4.59 53.54
N LYS H 74 -27.60 -5.45 52.64
CA LYS H 74 -28.12 -6.74 53.06
C LYS H 74 -26.96 -7.59 53.52
N ASN H 75 -25.87 -7.51 52.76
CA ASN H 75 -24.72 -8.34 53.05
C ASN H 75 -24.20 -7.95 54.43
N GLU H 76 -24.17 -6.65 54.69
CA GLU H 76 -23.62 -6.16 55.95
C GLU H 76 -24.51 -6.66 57.09
N TRP H 77 -25.82 -6.65 56.87
CA TRP H 77 -26.79 -7.00 57.89
C TRP H 77 -26.77 -8.50 58.17
N LEU H 78 -26.48 -9.31 57.15
CA LEU H 78 -26.47 -10.76 57.32
C LEU H 78 -25.33 -11.20 58.21
N TYR H 79 -24.27 -10.41 58.26
CA TYR H 79 -23.08 -10.80 59.01
C TYR H 79 -23.04 -10.03 60.33
N THR H 80 -24.20 -9.55 60.77
CA THR H 80 -24.34 -9.06 62.13
C THR H 80 -24.96 -10.18 62.99
N LYS H 81 -25.09 -9.91 64.30
CA LYS H 81 -25.72 -10.79 65.26
C LYS H 81 -27.19 -10.96 64.93
N ALA H 82 -27.83 -9.82 64.60
CA ALA H 82 -29.24 -9.72 64.26
C ALA H 82 -29.56 -10.56 63.02
N GLY H 83 -28.56 -10.72 62.15
CA GLY H 83 -28.76 -11.35 60.85
C GLY H 83 -28.35 -12.81 60.82
N ARG H 84 -28.12 -13.40 62.01
CA ARG H 84 -27.55 -14.74 62.16
C ARG H 84 -28.45 -15.77 61.51
N HIS H 85 -29.75 -15.61 61.76
CA HIS H 85 -30.73 -16.61 61.40
C HIS H 85 -30.96 -16.57 59.89
N GLU H 86 -31.03 -15.34 59.36
CA GLU H 86 -31.26 -15.13 57.94
C GLU H 86 -30.04 -15.59 57.17
N LEU H 87 -28.87 -15.53 57.81
CA LEU H 87 -27.65 -15.97 57.16
C LEU H 87 -27.63 -17.49 57.09
N ALA H 88 -28.18 -18.12 58.14
CA ALA H 88 -28.15 -19.56 58.28
C ALA H 88 -29.02 -20.20 57.20
N LYS H 89 -30.13 -19.52 56.87
CA LYS H 89 -31.09 -19.94 55.86
C LYS H 89 -30.50 -19.73 54.47
N ALA H 90 -29.81 -18.59 54.31
CA ALA H 90 -29.25 -18.21 53.02
C ALA H 90 -28.10 -19.16 52.62
N LEU H 91 -27.41 -19.74 53.60
CA LEU H 91 -26.50 -20.87 53.35
C LEU H 91 -27.24 -22.20 53.56
N ALA I 4 7.97 46.18 18.70
CA ALA I 4 7.15 44.80 18.60
C ALA I 4 7.27 43.93 17.32
N THR I 5 7.25 44.58 16.15
CA THR I 5 7.76 44.03 14.90
C THR I 5 9.22 43.61 15.04
N THR I 6 10.02 44.46 15.70
CA THR I 6 11.42 44.17 15.99
C THR I 6 11.52 42.85 16.74
N PHE I 7 10.73 42.70 17.81
CA PHE I 7 10.77 41.47 18.58
C PHE I 7 10.43 40.27 17.70
N TYR I 8 9.39 40.42 16.88
CA TYR I 8 9.02 39.34 15.99
C TYR I 8 10.18 38.98 15.04
N ASN I 9 10.75 40.00 14.40
CA ASN I 9 11.77 39.82 13.38
C ASN I 9 13.01 39.13 13.93
N VAL I 10 13.36 39.46 15.17
CA VAL I 10 14.57 38.95 15.76
C VAL I 10 14.38 37.53 16.28
N PHE I 11 13.30 37.27 17.01
CA PHE I 11 13.27 36.03 17.76
C PHE I 11 12.34 35.01 17.15
N VAL I 12 11.46 35.44 16.24
CA VAL I 12 10.42 34.51 15.83
C VAL I 12 10.46 34.21 14.34
N LYS I 13 10.77 35.20 13.52
CA LYS I 13 10.65 35.06 12.07
C LYS I 13 11.44 33.87 11.55
N ARG I 14 12.73 33.76 11.89
CA ARG I 14 13.52 32.60 11.49
C ARG I 14 13.27 31.48 12.48
N ASN I 15 12.96 30.27 11.99
CA ASN I 15 12.68 29.18 12.90
C ASN I 15 13.94 28.79 13.66
N SER I 16 15.09 28.91 13.01
CA SER I 16 16.33 28.63 13.72
C SER I 16 16.42 29.53 14.96
N ALA I 17 16.02 30.79 14.83
CA ALA I 17 16.08 31.72 15.94
C ALA I 17 15.03 31.38 16.99
N PHE I 18 13.85 31.00 16.52
CA PHE I 18 12.76 30.68 17.41
C PHE I 18 13.08 29.45 18.23
N VAL I 19 13.65 28.44 17.58
CA VAL I 19 13.97 27.22 18.31
C VAL I 19 15.11 27.53 19.29
N ALA I 20 16.08 28.34 18.87
CA ALA I 20 17.15 28.71 19.76
C ALA I 20 16.62 29.47 20.98
N THR I 21 15.65 30.37 20.77
CA THR I 21 15.04 31.16 21.82
C THR I 21 14.28 30.26 22.78
N ILE I 22 13.56 29.27 22.24
CA ILE I 22 12.78 28.34 23.05
C ILE I 22 13.73 27.52 23.92
N LEU I 23 14.82 27.00 23.37
CA LEU I 23 15.72 26.18 24.14
C LEU I 23 16.47 27.01 25.18
N ALA I 24 16.85 28.24 24.85
CA ALA I 24 17.50 29.09 25.85
C ALA I 24 16.52 29.43 26.96
N SER I 25 15.26 29.68 26.61
CA SER I 25 14.22 29.95 27.59
C SER I 25 14.01 28.72 28.47
N ALA I 26 14.05 27.53 27.86
CA ALA I 26 13.84 26.28 28.57
C ALA I 26 14.95 26.11 29.60
N PHE I 27 16.18 26.45 29.22
CA PHE I 27 17.32 26.36 30.12
C PHE I 27 17.09 27.28 31.30
N VAL I 28 16.68 28.52 31.03
CA VAL I 28 16.53 29.50 32.09
C VAL I 28 15.37 29.10 32.99
N PHE I 29 14.26 28.68 32.37
CA PHE I 29 13.10 28.27 33.13
C PHE I 29 13.49 27.12 34.04
N ASP I 30 14.08 26.08 33.45
CA ASP I 30 14.50 24.90 34.20
C ASP I 30 15.30 25.27 35.44
N MET I 31 16.25 26.21 35.33
CA MET I 31 17.16 26.54 36.41
C MET I 31 16.45 27.35 37.49
N THR I 32 15.61 28.29 37.06
CA THR I 32 15.00 29.20 37.98
C THR I 32 13.83 28.50 38.66
N PHE I 33 13.16 27.63 37.94
CA PHE I 33 11.99 26.95 38.48
C PHE I 33 12.43 25.98 39.58
N GLU I 34 13.56 25.33 39.34
CA GLU I 34 14.20 24.46 40.32
C GLU I 34 14.41 25.25 41.61
N THR I 35 15.06 26.40 41.51
CA THR I 35 15.40 27.23 42.65
C THR I 35 14.12 27.71 43.36
N ALA I 36 13.10 28.07 42.59
CA ALA I 36 11.88 28.65 43.13
C ALA I 36 11.09 27.59 43.90
N ILE I 37 11.07 26.37 43.35
CA ILE I 37 10.32 25.30 44.00
C ILE I 37 11.05 24.91 45.28
N ASP I 38 12.37 24.77 45.19
CA ASP I 38 13.19 24.49 46.36
C ASP I 38 12.82 25.44 47.49
N ASN I 39 12.78 26.76 47.25
CA ASN I 39 12.54 27.71 48.33
C ASN I 39 11.12 27.57 48.86
N PHE I 40 10.19 27.27 47.95
CA PHE I 40 8.80 27.24 48.34
C PHE I 40 8.57 26.02 49.22
N TRP I 41 9.21 24.93 48.83
CA TRP I 41 9.03 23.65 49.47
C TRP I 41 9.59 23.72 50.88
N ASP I 42 10.67 24.50 51.04
CA ASP I 42 11.34 24.65 52.33
C ASP I 42 10.50 25.49 53.26
N ARG I 43 9.70 26.41 52.72
CA ARG I 43 8.90 27.30 53.55
C ARG I 43 7.63 26.59 54.01
N ILE I 44 7.05 25.77 53.14
CA ILE I 44 5.80 25.14 53.55
C ILE I 44 6.07 23.95 54.47
N ASN I 45 7.30 23.45 54.44
CA ASN I 45 7.70 22.32 55.25
C ASN I 45 8.79 22.81 56.19
N ALA I 46 8.46 23.86 56.96
CA ALA I 46 9.45 24.51 57.79
C ALA I 46 9.52 23.78 59.13
N GLY I 47 10.77 23.52 59.58
CA GLY I 47 11.05 22.79 60.80
C GLY I 47 10.83 21.28 60.65
N LYS I 48 10.52 20.82 59.44
CA LYS I 48 10.18 19.42 59.26
C LYS I 48 11.36 18.66 58.66
N GLN I 49 12.13 19.33 57.83
CA GLN I 49 13.08 18.60 57.00
C GLN I 49 14.40 18.44 57.72
N TRP I 50 15.27 17.57 57.19
CA TRP I 50 16.51 17.25 57.89
C TRP I 50 17.35 18.51 58.07
N LYS I 51 17.39 19.33 57.02
CA LYS I 51 18.12 20.59 57.02
C LYS I 51 17.69 21.51 58.18
N ASP I 52 16.47 21.32 58.70
CA ASP I 52 15.96 22.16 59.78
C ASP I 52 16.37 21.64 61.15
N ILE I 53 16.74 20.36 61.25
CA ILE I 53 17.00 19.76 62.55
C ILE I 53 18.47 19.36 62.67
N ARG I 54 19.15 19.34 61.52
CA ARG I 54 20.53 18.94 61.41
C ARG I 54 21.39 19.73 62.41
N HIS I 55 21.00 20.96 62.78
CA HIS I 55 21.89 21.84 63.53
C HIS I 55 22.12 21.32 64.95
N LYS I 56 21.19 20.48 65.43
CA LYS I 56 21.28 19.86 66.75
C LYS I 56 22.44 18.86 66.86
N TYR I 57 23.02 18.46 65.73
CA TYR I 57 23.98 17.36 65.65
C TYR I 57 25.36 17.70 65.00
N TYR J 8 24.31 49.31 -29.59
CA TYR J 8 23.90 47.90 -30.04
C TYR J 8 24.63 46.75 -29.33
N VAL J 9 23.86 45.74 -28.88
CA VAL J 9 24.36 44.64 -28.07
C VAL J 9 24.31 43.38 -28.93
N LYS J 10 25.45 42.68 -29.05
CA LYS J 10 25.56 41.54 -29.95
C LYS J 10 25.20 40.23 -29.24
N LYS J 11 25.48 40.17 -27.94
CA LYS J 11 25.42 38.94 -27.17
C LYS J 11 25.04 39.32 -25.75
N PRO J 12 24.25 38.52 -25.00
CA PRO J 12 23.93 38.84 -23.61
C PRO J 12 25.20 38.63 -22.80
N SER J 13 25.35 39.41 -21.72
CA SER J 13 26.60 39.37 -21.00
C SER J 13 26.38 38.69 -19.66
N TYR J 14 26.92 37.48 -19.54
CA TYR J 14 26.77 36.70 -18.32
C TYR J 14 27.93 35.74 -18.13
N LYS J 15 28.04 35.26 -16.90
CA LYS J 15 28.98 34.25 -16.48
C LYS J 15 28.21 33.12 -15.81
N ILE J 16 28.81 31.93 -15.81
CA ILE J 16 28.30 30.87 -14.96
C ILE J 16 29.13 30.85 -13.68
N VAL J 17 28.43 30.99 -12.55
CA VAL J 17 29.10 30.93 -11.26
C VAL J 17 29.41 29.48 -10.94
N PRO J 18 30.54 29.18 -10.25
CA PRO J 18 30.82 27.82 -9.81
C PRO J 18 29.68 27.26 -8.96
N HIS J 19 29.33 26.00 -9.22
CA HIS J 19 28.24 25.36 -8.49
C HIS J 19 28.57 23.90 -8.30
N PHE J 20 27.85 23.27 -7.37
CA PHE J 20 28.10 21.90 -7.00
C PHE J 20 26.85 21.36 -6.33
N LEU J 21 26.29 20.27 -6.89
CA LEU J 21 25.09 19.63 -6.37
C LEU J 21 23.94 20.63 -6.27
N GLY J 22 23.92 21.62 -7.17
CA GLY J 22 22.85 22.59 -7.23
C GLY J 22 22.99 23.69 -6.19
N PHE J 23 24.18 23.84 -5.61
CA PHE J 23 24.42 24.94 -4.71
C PHE J 23 25.46 25.87 -5.33
N ASN J 24 25.31 27.16 -5.08
CA ASN J 24 26.30 28.10 -5.56
C ASN J 24 26.69 28.98 -4.39
N ILE J 25 27.75 29.76 -4.55
CA ILE J 25 28.25 30.49 -3.41
C ILE J 25 27.28 31.61 -3.01
N PRO J 26 26.69 32.38 -3.95
CA PRO J 26 25.70 33.39 -3.58
C PRO J 26 24.58 32.87 -2.68
N THR J 27 24.03 31.71 -3.03
CA THR J 27 22.93 31.11 -2.28
C THR J 27 23.39 30.66 -0.90
N VAL J 28 24.49 29.92 -0.83
CA VAL J 28 24.94 29.37 0.43
C VAL J 28 25.30 30.51 1.38
N SER J 29 25.83 31.60 0.83
CA SER J 29 26.26 32.69 1.70
C SER J 29 25.06 33.29 2.43
N LYS J 30 23.87 33.17 1.83
CA LYS J 30 22.67 33.69 2.44
C LYS J 30 22.27 32.82 3.63
N TRP J 31 22.71 31.55 3.63
CA TRP J 31 22.31 30.60 4.66
C TRP J 31 23.35 30.49 5.77
N ILE J 32 24.53 31.07 5.59
CA ILE J 32 25.61 30.94 6.56
C ILE J 32 25.09 31.40 7.92
N PRO J 33 24.47 32.59 8.07
CA PRO J 33 23.85 33.02 9.32
C PRO J 33 22.91 32.00 9.96
N ILE J 34 22.13 31.33 9.13
CA ILE J 34 21.15 30.38 9.62
C ILE J 34 21.85 29.16 10.22
N PHE J 35 22.95 28.73 9.62
CA PHE J 35 23.68 27.62 10.22
C PHE J 35 24.22 28.06 11.56
N GLY J 36 24.68 29.31 11.65
CA GLY J 36 25.07 29.91 12.90
C GLY J 36 24.03 29.73 14.00
N ILE J 37 22.78 30.14 13.70
CA ILE J 37 21.70 30.11 14.67
C ILE J 37 21.36 28.66 15.01
N TRP J 38 21.30 27.78 14.02
CA TRP J 38 21.05 26.38 14.30
C TRP J 38 22.16 25.77 15.14
N GLY J 39 23.39 26.25 14.97
CA GLY J 39 24.52 25.74 15.71
C GLY J 39 24.43 26.16 17.18
N ALA J 40 24.02 27.41 17.39
CA ALA J 40 23.72 27.95 18.71
C ALA J 40 22.59 27.15 19.35
N ALA J 41 21.52 26.91 18.58
CA ALA J 41 20.38 26.15 19.07
C ALA J 41 20.82 24.75 19.48
N ALA J 42 21.74 24.16 18.70
CA ALA J 42 22.23 22.82 18.99
C ALA J 42 23.15 22.86 20.20
N GLY J 43 23.94 23.94 20.32
CA GLY J 43 24.84 24.13 21.45
C GLY J 43 24.07 24.27 22.75
N ILE J 44 23.13 25.23 22.78
CA ILE J 44 22.26 25.50 23.92
C ILE J 44 21.55 24.19 24.28
N GLY J 45 21.00 23.51 23.27
CA GLY J 45 20.23 22.29 23.47
C GLY J 45 21.05 21.16 24.05
N ALA J 46 22.26 20.98 23.50
CA ALA J 46 23.13 19.89 23.93
C ALA J 46 23.54 20.13 25.38
N LEU J 47 23.96 21.37 25.66
CA LEU J 47 24.50 21.74 26.95
C LEU J 47 23.39 21.61 28.00
N PHE J 48 22.17 21.96 27.59
CA PHE J 48 20.97 21.83 28.40
C PHE J 48 20.73 20.38 28.78
N LEU J 49 20.93 19.47 27.82
CA LEU J 49 20.68 18.05 28.05
C LEU J 49 21.67 17.45 29.03
N ILE J 50 22.89 18.01 29.07
CA ILE J 50 23.90 17.38 29.92
C ILE J 50 24.20 18.28 31.11
N GLU J 51 23.28 19.20 31.41
CA GLU J 51 23.45 20.13 32.51
C GLU J 51 23.60 19.33 33.80
N GLY J 52 22.93 18.17 33.86
CA GLY J 52 22.92 17.35 35.06
C GLY J 52 24.24 16.59 35.27
N VAL J 53 24.90 16.20 34.18
CA VAL J 53 26.19 15.54 34.28
C VAL J 53 27.16 16.35 35.14
N PRO J 54 27.73 15.76 36.23
CA PRO J 54 28.60 16.49 37.16
C PRO J 54 29.82 17.14 36.53
N ARG J 55 30.36 16.49 35.50
CA ARG J 55 31.49 16.99 34.76
C ARG J 55 31.14 18.28 34.01
N THR J 56 29.95 18.34 33.43
CA THR J 56 29.48 19.54 32.74
C THR J 56 29.45 20.71 33.71
N ARG J 57 29.09 20.45 34.97
CA ARG J 57 28.97 21.53 35.92
C ARG J 57 30.36 21.97 36.34
N GLN J 58 31.18 20.98 36.65
CA GLN J 58 32.54 21.19 37.12
C GLN J 58 33.34 21.98 36.08
N ASP J 59 33.23 21.58 34.80
CA ASP J 59 34.12 22.05 33.75
C ASP J 59 33.55 23.22 32.94
N ILE J 60 32.22 23.33 32.83
CA ILE J 60 31.64 24.38 32.00
C ILE J 60 30.86 25.35 32.89
N LEU J 61 29.79 24.84 33.50
CA LEU J 61 28.73 25.68 34.01
C LEU J 61 29.17 26.49 35.23
N SER J 62 30.08 25.95 36.05
CA SER J 62 30.46 26.63 37.26
C SER J 62 31.47 27.75 36.99
N LYS J 63 31.99 27.79 35.76
CA LYS J 63 33.02 28.74 35.35
C LYS J 63 32.40 30.02 34.77
N ILE J 64 31.10 29.97 34.44
CA ILE J 64 30.38 31.13 33.94
C ILE J 64 30.37 32.22 35.02
N PRO J 65 30.73 33.48 34.70
CA PRO J 65 30.81 34.55 35.70
C PRO J 65 29.43 34.92 36.27
N ILE J 66 29.38 35.13 37.60
CA ILE J 66 28.19 35.54 38.36
C ILE J 66 27.25 34.35 38.54
N ILE J 67 26.70 33.86 37.43
CA ILE J 67 25.71 32.80 37.32
C ILE J 67 26.31 31.46 37.81
N GLY J 68 27.63 31.31 37.69
CA GLY J 68 28.32 30.04 37.85
C GLY J 68 28.24 29.44 39.26
N GLU J 69 27.88 30.24 40.27
CA GLU J 69 27.81 29.72 41.62
C GLU J 69 26.55 28.87 41.81
N HIS J 70 25.62 28.97 40.86
CA HIS J 70 24.42 28.17 40.86
C HIS J 70 24.76 26.68 40.85
N TRP J 71 25.93 26.34 40.30
CA TRP J 71 26.28 24.94 40.07
C TRP J 71 27.39 24.46 41.01
N ILE J 72 27.83 25.33 41.92
CA ILE J 72 28.80 24.93 42.93
C ILE J 72 28.02 24.66 44.21
N ARG J 73 27.65 23.39 44.40
CA ARG J 73 26.85 23.00 45.55
C ARG J 73 27.51 21.80 46.22
N GLU J 74 27.75 21.95 47.52
CA GLU J 74 28.31 20.91 48.37
C GLU J 74 27.24 20.40 49.32
N ILE J 75 27.14 19.08 49.37
CA ILE J 75 26.42 18.39 50.43
C ILE J 75 27.29 18.50 51.67
N PRO J 76 26.73 18.98 52.83
CA PRO J 76 27.49 19.04 54.08
C PRO J 76 27.95 17.62 54.46
N ALA J 77 29.17 17.48 54.96
CA ALA J 77 29.79 16.17 55.10
C ALA J 77 29.06 15.32 56.14
N SER J 78 28.28 16.00 57.00
CA SER J 78 27.45 15.39 58.03
C SER J 78 26.23 14.69 57.44
N ASP J 79 25.88 15.00 56.19
CA ASP J 79 24.63 14.53 55.59
C ASP J 79 24.92 13.63 54.39
N ASN J 80 26.19 13.24 54.24
CA ASN J 80 26.63 12.55 53.04
C ASN J 80 27.08 11.15 53.43
N PRO J 81 26.33 10.10 53.02
CA PRO J 81 26.68 8.72 53.41
C PRO J 81 27.99 8.27 52.77
N PHE J 82 28.24 8.79 51.57
CA PHE J 82 29.42 8.42 50.80
C PHE J 82 30.52 9.47 51.05
N MET K 1 -11.88 -9.81 -8.17
CA MET K 1 -10.48 -9.70 -7.57
C MET K 1 -10.23 -10.73 -6.46
N ALA K 2 -9.03 -11.35 -6.49
CA ALA K 2 -8.62 -12.39 -5.58
C ALA K 2 -8.43 -11.81 -4.18
N LEU K 3 -8.81 -12.60 -3.17
CA LEU K 3 -8.70 -12.14 -1.79
C LEU K 3 -7.30 -11.64 -1.44
N ARG K 4 -6.26 -12.35 -1.92
CA ARG K 4 -4.92 -11.97 -1.53
C ARG K 4 -4.58 -10.56 -2.04
N LYS K 5 -5.35 -10.05 -2.99
CA LYS K 5 -5.06 -8.73 -3.52
C LYS K 5 -6.03 -7.71 -2.95
N LYS K 6 -7.25 -8.17 -2.59
CA LYS K 6 -8.35 -7.31 -2.16
C LYS K 6 -8.10 -6.83 -0.73
N ASN K 7 -7.84 -7.80 0.17
CA ASN K 7 -7.75 -7.55 1.59
C ASN K 7 -6.42 -6.86 1.89
N SER K 8 -6.45 -5.75 2.64
CA SER K 8 -5.30 -4.89 2.88
C SER K 8 -4.15 -5.63 3.56
N LEU K 9 -4.51 -6.42 4.57
CA LEU K 9 -3.48 -7.13 5.32
C LEU K 9 -2.87 -8.21 4.44
N LEU K 10 -3.71 -9.07 3.85
CA LEU K 10 -3.22 -10.13 2.98
C LEU K 10 -2.41 -9.56 1.84
N ASN K 11 -2.84 -8.41 1.34
CA ASN K 11 -2.16 -7.80 0.23
C ASN K 11 -0.72 -7.45 0.59
N MET K 12 -0.47 -7.08 1.84
CA MET K 12 0.89 -6.74 2.19
C MET K 12 1.75 -8.00 2.18
N ALA K 13 1.24 -9.11 2.71
CA ALA K 13 1.99 -10.35 2.66
C ALA K 13 2.22 -10.71 1.19
N ASN K 14 1.14 -10.66 0.40
CA ASN K 14 1.17 -11.01 -1.01
C ASN K 14 2.27 -10.22 -1.73
N SER K 15 2.34 -8.92 -1.50
CA SER K 15 3.28 -8.07 -2.20
C SER K 15 4.71 -8.40 -1.82
N TYR K 16 4.95 -9.11 -0.71
CA TYR K 16 6.32 -9.36 -0.29
C TYR K 16 6.73 -10.81 -0.51
N VAL K 17 5.78 -11.73 -0.42
CA VAL K 17 6.24 -13.10 -0.39
C VAL K 17 5.59 -13.95 -1.47
N LEU K 18 4.63 -13.39 -2.18
CA LEU K 18 3.97 -14.27 -3.12
C LEU K 18 3.97 -13.66 -4.53
N ASP K 19 3.21 -12.60 -4.77
CA ASP K 19 3.23 -12.00 -6.09
C ASP K 19 4.42 -11.06 -6.28
N SER K 20 5.30 -10.90 -5.30
CA SER K 20 6.37 -9.94 -5.49
C SER K 20 7.12 -10.21 -6.81
N PRO K 21 7.23 -9.29 -7.79
CA PRO K 21 7.94 -9.61 -9.03
C PRO K 21 9.44 -9.57 -8.86
N GLN K 22 10.10 -10.70 -9.12
CA GLN K 22 11.54 -10.78 -8.96
C GLN K 22 12.19 -10.96 -10.32
N PRO K 23 13.49 -10.63 -10.48
CA PRO K 23 14.20 -10.97 -11.71
C PRO K 23 14.22 -12.48 -11.87
N SER K 24 14.27 -12.96 -13.10
CA SER K 24 14.19 -14.41 -13.25
C SER K 24 15.56 -15.06 -13.09
N ASN K 25 16.61 -14.26 -12.93
CA ASN K 25 17.92 -14.86 -13.03
C ASN K 25 18.72 -14.69 -11.75
N LEU K 26 18.09 -14.56 -10.58
CA LEU K 26 18.87 -14.44 -9.36
C LEU K 26 19.61 -15.75 -9.15
N ASN K 27 20.89 -15.69 -8.74
CA ASN K 27 21.69 -16.89 -8.52
C ASN K 27 21.65 -17.24 -7.03
N TYR K 28 22.45 -18.22 -6.57
CA TYR K 28 22.30 -18.67 -5.20
C TYR K 28 22.75 -17.63 -4.19
N PHE K 29 23.55 -16.67 -4.60
CA PHE K 29 23.93 -15.65 -3.64
C PHE K 29 22.78 -14.73 -3.28
N TRP K 30 21.64 -14.85 -3.97
CA TRP K 30 20.49 -14.09 -3.51
C TRP K 30 19.75 -14.85 -2.43
N ASN K 31 20.30 -15.94 -1.96
CA ASN K 31 19.54 -16.66 -0.97
C ASN K 31 19.98 -16.29 0.43
N PHE K 32 21.02 -15.48 0.59
CA PHE K 32 21.47 -15.21 1.94
C PHE K 32 20.47 -14.36 2.69
N GLY K 33 19.71 -13.56 1.96
CA GLY K 33 18.66 -12.79 2.58
C GLY K 33 17.72 -13.66 3.38
N SER K 34 17.22 -14.73 2.75
CA SER K 34 16.32 -15.59 3.49
C SER K 34 17.07 -16.39 4.54
N LEU K 35 18.35 -16.72 4.32
CA LEU K 35 19.02 -17.37 5.43
C LEU K 35 19.15 -16.44 6.61
N LEU K 36 19.44 -15.16 6.38
CA LEU K 36 19.52 -14.25 7.50
C LEU K 36 18.17 -14.14 8.17
N ALA K 37 17.08 -14.24 7.42
CA ALA K 37 15.77 -14.27 8.06
C ALA K 37 15.62 -15.53 8.92
N LEU K 38 16.08 -16.68 8.43
CA LEU K 38 16.05 -17.89 9.21
C LEU K 38 16.92 -17.80 10.46
N CYS K 39 18.14 -17.27 10.34
CA CYS K 39 18.98 -17.06 11.50
C CYS K 39 18.25 -16.18 12.50
N LEU K 40 17.62 -15.11 12.01
CA LEU K 40 16.99 -14.21 12.94
C LEU K 40 15.83 -14.91 13.64
N VAL K 41 15.08 -15.73 12.94
CA VAL K 41 14.06 -16.50 13.61
C VAL K 41 14.65 -17.52 14.59
N ILE K 42 15.69 -18.26 14.22
CA ILE K 42 16.24 -19.22 15.17
C ILE K 42 16.74 -18.50 16.41
N GLN K 43 17.42 -17.37 16.22
CA GLN K 43 17.91 -16.61 17.36
C GLN K 43 16.73 -16.11 18.19
N LEU K 44 15.62 -15.70 17.59
CA LEU K 44 14.54 -15.29 18.47
C LEU K 44 14.00 -16.48 19.23
N ALA K 45 13.79 -17.61 18.57
CA ALA K 45 13.21 -18.75 19.24
C ALA K 45 14.16 -19.29 20.30
N THR K 46 15.42 -19.48 19.97
CA THR K 46 16.29 -20.01 21.00
C THR K 46 16.55 -18.96 22.06
N GLY K 47 16.62 -17.70 21.65
CA GLY K 47 16.95 -16.64 22.59
C GLY K 47 15.85 -16.50 23.63
N ILE K 48 14.59 -16.47 23.18
CA ILE K 48 13.51 -16.33 24.11
C ILE K 48 13.46 -17.55 25.00
N THR K 49 13.72 -18.72 24.45
CA THR K 49 13.81 -19.89 25.30
C THR K 49 14.90 -19.78 26.35
N LEU K 50 16.09 -19.33 25.99
CA LEU K 50 17.12 -19.23 27.01
C LEU K 50 16.69 -18.20 28.03
N ALA K 51 16.03 -17.13 27.61
CA ALA K 51 15.64 -16.12 28.57
C ALA K 51 14.69 -16.72 29.62
N MET K 52 13.96 -17.77 29.27
CA MET K 52 13.12 -18.36 30.27
C MET K 52 13.91 -19.17 31.28
N HIS K 53 15.22 -19.33 31.09
CA HIS K 53 15.97 -20.15 32.03
C HIS K 53 17.16 -19.40 32.59
N TYR K 54 17.39 -18.19 32.11
CA TYR K 54 18.63 -17.54 32.42
C TYR K 54 18.39 -16.57 33.56
N THR K 55 19.37 -16.35 34.41
CA THR K 55 19.15 -15.37 35.44
C THR K 55 20.19 -14.28 35.26
N SER K 56 19.76 -13.03 35.30
CA SER K 56 20.65 -11.97 34.85
C SER K 56 21.53 -11.48 35.99
N HIS K 57 21.24 -11.91 37.23
CA HIS K 57 22.11 -11.56 38.34
C HIS K 57 23.52 -12.13 38.18
N ALA K 58 24.56 -11.34 38.42
CA ALA K 58 25.93 -11.79 38.27
C ALA K 58 26.31 -12.91 39.24
N SER K 59 25.55 -13.10 40.32
CA SER K 59 25.93 -14.17 41.22
C SER K 59 25.44 -15.52 40.69
N LEU K 60 24.60 -15.47 39.66
CA LEU K 60 23.84 -16.64 39.25
C LEU K 60 23.90 -16.83 37.75
N ALA K 61 24.45 -15.90 36.99
CA ALA K 61 24.31 -15.94 35.54
C ALA K 61 25.03 -17.16 35.00
N PHE K 62 26.30 -17.28 35.35
CA PHE K 62 27.08 -18.38 34.83
C PHE K 62 26.45 -19.68 35.26
N ASP K 63 26.03 -19.76 36.52
CA ASP K 63 25.37 -20.96 36.99
C ASP K 63 24.10 -21.22 36.22
N SER K 64 23.40 -20.17 35.76
CA SER K 64 22.13 -20.40 35.07
C SER K 64 22.42 -20.97 33.71
N VAL K 65 23.58 -20.60 33.17
CA VAL K 65 23.89 -21.15 31.87
C VAL K 65 24.28 -22.61 32.05
N GLU K 66 24.95 -22.96 33.14
CA GLU K 66 25.21 -24.36 33.40
C GLU K 66 23.94 -25.15 33.64
N HIS K 67 22.97 -24.52 34.28
CA HIS K 67 21.69 -25.17 34.51
C HIS K 67 21.03 -25.48 33.18
N ILE K 68 21.14 -24.54 32.24
CA ILE K 68 20.56 -24.75 30.93
C ILE K 68 21.25 -25.94 30.28
N MET K 69 22.57 -25.98 30.31
CA MET K 69 23.31 -27.07 29.70
C MET K 69 22.97 -28.40 30.36
N ARG K 70 22.76 -28.42 31.68
CA ARG K 70 22.80 -29.69 32.38
C ARG K 70 21.42 -30.20 32.79
N ASP K 71 20.48 -29.29 33.08
CA ASP K 71 19.23 -29.67 33.71
C ASP K 71 18.02 -29.49 32.79
N VAL K 72 18.01 -28.43 31.99
CA VAL K 72 16.87 -28.15 31.15
C VAL K 72 16.80 -29.17 30.01
N ASN K 73 15.62 -29.71 29.73
CA ASN K 73 15.47 -30.71 28.68
C ASN K 73 15.85 -30.08 27.36
N PHE K 74 16.80 -30.67 26.63
CA PHE K 74 17.28 -30.08 25.38
C PHE K 74 17.93 -28.72 25.60
N GLY K 75 18.31 -28.42 26.83
CA GLY K 75 18.90 -27.12 27.03
C GLY K 75 20.22 -27.04 26.26
N TRP K 76 20.95 -28.15 26.21
CA TRP K 76 22.22 -28.12 25.53
C TRP K 76 21.99 -27.67 24.10
N PHE K 77 20.89 -28.13 23.52
CA PHE K 77 20.68 -27.86 22.12
C PHE K 77 20.34 -26.41 21.94
N ILE K 78 19.43 -25.91 22.76
CA ILE K 78 19.03 -24.53 22.67
C ILE K 78 20.24 -23.64 22.90
N ARG K 79 21.09 -23.96 23.87
CA ARG K 79 22.25 -23.12 24.09
C ARG K 79 23.21 -23.17 22.90
N TYR K 80 23.60 -24.37 22.46
CA TYR K 80 24.53 -24.43 21.35
C TYR K 80 23.91 -23.91 20.06
N ALA K 81 22.62 -24.15 19.81
CA ALA K 81 22.01 -23.57 18.64
C ALA K 81 22.13 -22.06 18.70
N HIS K 82 21.87 -21.46 19.86
CA HIS K 82 21.87 -20.02 19.91
C HIS K 82 23.30 -19.51 19.69
N ALA K 83 24.27 -20.17 20.28
CA ALA K 83 25.63 -19.70 20.19
C ALA K 83 26.21 -19.89 18.79
N ASN K 84 25.90 -21.01 18.15
CA ASN K 84 26.44 -21.26 16.84
C ASN K 84 25.72 -20.46 15.79
N THR K 85 24.40 -20.32 15.93
CA THR K 85 23.69 -19.55 14.93
C THR K 85 24.17 -18.10 14.96
N ALA K 86 24.69 -17.64 16.09
CA ALA K 86 25.27 -16.32 16.02
C ALA K 86 26.45 -16.31 15.06
N SER K 87 27.23 -17.39 14.98
CA SER K 87 28.31 -17.43 14.02
C SER K 87 27.76 -17.52 12.61
N PHE K 88 26.77 -18.36 12.41
CA PHE K 88 26.20 -18.49 11.08
C PHE K 88 25.53 -17.19 10.64
N PHE K 89 24.93 -16.44 11.57
CA PHE K 89 24.36 -15.15 11.22
C PHE K 89 25.46 -14.28 10.62
N PHE K 90 26.68 -14.35 11.15
CA PHE K 90 27.69 -13.48 10.58
C PHE K 90 28.25 -14.04 9.29
N ILE K 91 28.30 -15.35 9.14
CA ILE K 91 28.71 -15.87 7.85
C ILE K 91 27.70 -15.38 6.82
N CYS K 92 26.41 -15.55 7.08
CA CYS K 92 25.42 -15.15 6.11
C CYS K 92 25.42 -13.64 5.89
N ILE K 93 25.77 -12.85 6.90
CA ILE K 93 25.64 -11.41 6.74
C ILE K 93 26.84 -10.90 5.94
N TYR K 94 27.99 -11.54 6.13
CA TYR K 94 29.13 -11.12 5.35
C TYR K 94 28.91 -11.54 3.91
N ALA K 95 28.31 -12.70 3.70
CA ALA K 95 28.02 -13.17 2.35
C ALA K 95 27.02 -12.24 1.69
N HIS K 96 25.99 -11.85 2.41
CA HIS K 96 24.98 -10.99 1.86
C HIS K 96 25.59 -9.64 1.55
N MET K 97 26.42 -9.08 2.43
CA MET K 97 27.08 -7.83 2.09
C MET K 97 28.06 -8.02 0.93
N GLY K 98 28.77 -9.14 0.90
CA GLY K 98 29.69 -9.41 -0.19
C GLY K 98 28.93 -9.44 -1.51
N ARG K 99 27.78 -10.13 -1.54
CA ARG K 99 26.95 -10.19 -2.72
C ARG K 99 26.59 -8.77 -3.11
N ASN K 100 26.16 -7.96 -2.16
CA ASN K 100 25.73 -6.63 -2.49
C ASN K 100 26.88 -5.79 -3.03
N ILE K 101 28.10 -6.00 -2.54
CA ILE K 101 29.19 -5.18 -3.07
C ILE K 101 29.58 -5.65 -4.47
N TYR K 102 29.64 -6.96 -4.66
CA TYR K 102 30.08 -7.48 -5.93
C TYR K 102 29.07 -7.15 -7.03
N TYR K 103 27.79 -7.20 -6.72
CA TYR K 103 26.83 -6.96 -7.78
C TYR K 103 26.32 -5.54 -7.78
N GLY K 104 26.94 -4.65 -7.01
CA GLY K 104 26.60 -3.24 -7.09
C GLY K 104 25.19 -2.97 -6.60
N SER K 105 24.71 -3.77 -5.66
CA SER K 105 23.39 -3.54 -5.11
C SER K 105 23.36 -2.21 -4.38
N TYR K 106 24.51 -1.63 -4.06
CA TYR K 106 24.46 -0.37 -3.34
C TYR K 106 24.21 0.81 -4.27
N LYS K 107 24.27 0.63 -5.60
CA LYS K 107 24.10 1.75 -6.50
C LYS K 107 22.66 2.22 -6.55
N THR K 108 22.45 3.45 -6.99
CA THR K 108 21.11 3.92 -7.34
C THR K 108 20.44 2.87 -8.21
N PRO K 109 19.15 2.56 -8.04
CA PRO K 109 18.29 3.22 -7.07
C PRO K 109 18.18 2.51 -5.73
N ARG K 110 19.25 1.87 -5.27
CA ARG K 110 19.09 1.09 -4.06
C ARG K 110 19.97 1.61 -2.95
N VAL K 111 20.27 2.90 -2.94
CA VAL K 111 21.13 3.42 -1.89
C VAL K 111 20.43 3.33 -0.55
N LEU K 112 19.11 3.51 -0.51
CA LEU K 112 18.48 3.52 0.80
C LEU K 112 18.49 2.12 1.42
N PRO K 113 18.08 1.03 0.77
CA PRO K 113 18.18 -0.31 1.35
C PRO K 113 19.61 -0.60 1.78
N TRP K 114 20.58 -0.12 1.03
CA TRP K 114 21.96 -0.40 1.39
C TRP K 114 22.33 0.33 2.67
N SER K 115 21.92 1.58 2.77
CA SER K 115 22.32 2.38 3.90
C SER K 115 21.62 1.89 5.15
N ILE K 116 20.35 1.50 5.06
CA ILE K 116 19.73 0.89 6.22
C ILE K 116 20.43 -0.40 6.56
N GLY K 117 20.88 -1.12 5.54
CA GLY K 117 21.59 -2.35 5.78
C GLY K 117 22.82 -2.10 6.64
N VAL K 118 23.52 -1.00 6.41
CA VAL K 118 24.74 -0.79 7.16
C VAL K 118 24.39 -0.60 8.62
N ILE K 119 23.21 -0.06 8.88
CA ILE K 119 22.82 0.09 10.26
C ILE K 119 22.44 -1.27 10.86
N ILE K 120 21.76 -2.12 10.09
CA ILE K 120 21.46 -3.46 10.57
C ILE K 120 22.76 -4.13 10.98
N PHE K 121 23.83 -3.92 10.22
CA PHE K 121 25.08 -4.60 10.49
C PHE K 121 25.65 -4.10 11.81
N LEU K 122 25.57 -2.79 12.07
CA LEU K 122 25.98 -2.29 13.36
C LEU K 122 25.13 -2.85 14.49
N LEU K 123 23.82 -2.91 14.32
CA LEU K 123 23.02 -3.45 15.40
C LEU K 123 23.36 -4.91 15.63
N LEU K 124 23.70 -5.65 14.58
CA LEU K 124 23.98 -7.05 14.79
C LEU K 124 25.26 -7.16 15.62
N ILE K 125 26.24 -6.29 15.36
CA ILE K 125 27.48 -6.36 16.11
C ILE K 125 27.22 -6.08 17.58
N ILE K 126 26.47 -5.03 17.85
CA ILE K 126 26.14 -4.68 19.21
C ILE K 126 25.37 -5.82 19.87
N THR K 127 24.37 -6.37 19.16
CA THR K 127 23.56 -7.43 19.73
C THR K 127 24.45 -8.59 20.11
N ALA K 128 25.32 -9.03 19.20
CA ALA K 128 26.12 -10.21 19.46
C ALA K 128 27.13 -9.91 20.54
N PHE K 129 27.58 -8.66 20.64
CA PHE K 129 28.58 -8.39 21.66
C PHE K 129 27.92 -8.48 23.05
N MET K 130 26.74 -7.89 23.19
CA MET K 130 26.09 -7.93 24.47
C MET K 130 25.72 -9.36 24.83
N GLY K 131 25.33 -10.15 23.85
CA GLY K 131 24.93 -11.51 24.18
C GLY K 131 26.10 -12.27 24.76
N TYR K 132 27.29 -11.99 24.22
CA TYR K 132 28.50 -12.66 24.65
C TYR K 132 28.76 -12.40 26.13
N VAL K 133 28.46 -11.18 26.60
CA VAL K 133 28.67 -10.81 27.99
C VAL K 133 27.76 -11.59 28.93
N LEU K 134 26.58 -12.02 28.46
CA LEU K 134 25.60 -12.54 29.40
C LEU K 134 26.05 -13.82 30.08
N VAL K 135 26.96 -14.57 29.47
CA VAL K 135 27.38 -15.81 30.07
C VAL K 135 28.10 -15.52 31.38
N PHE K 136 28.80 -14.38 31.44
CA PHE K 136 29.60 -13.99 32.58
C PHE K 136 30.70 -14.99 32.88
N GLY K 137 31.30 -15.50 31.79
CA GLY K 137 32.54 -16.25 31.90
C GLY K 137 33.73 -15.30 31.78
N GLN K 138 34.95 -15.83 31.66
CA GLN K 138 36.09 -14.93 31.64
C GLN K 138 36.08 -14.10 30.37
N MET K 139 35.69 -14.68 29.23
CA MET K 139 35.73 -13.89 28.02
C MET K 139 34.62 -12.85 28.06
N SER K 140 33.49 -13.19 28.65
CA SER K 140 32.42 -12.23 28.84
C SER K 140 32.91 -11.00 29.58
N LEU K 141 33.60 -11.21 30.69
CA LEU K 141 33.94 -10.08 31.52
C LEU K 141 35.03 -9.28 30.82
N TRP K 142 36.05 -9.97 30.32
CA TRP K 142 37.21 -9.28 29.84
C TRP K 142 36.89 -8.61 28.52
N GLY K 143 35.99 -9.20 27.75
CA GLY K 143 35.39 -8.51 26.62
C GLY K 143 34.70 -7.21 27.03
N ALA K 144 33.78 -7.25 28.00
CA ALA K 144 33.06 -6.03 28.37
C ALA K 144 34.04 -5.00 28.92
N THR K 145 35.07 -5.43 29.64
CA THR K 145 36.00 -4.49 30.23
C THR K 145 36.71 -3.74 29.12
N VAL K 146 37.24 -4.49 28.15
CA VAL K 146 38.15 -3.82 27.24
C VAL K 146 37.33 -3.03 26.25
N ILE K 147 36.17 -3.55 25.90
CA ILE K 147 35.47 -2.89 24.84
C ILE K 147 34.82 -1.63 25.41
N CYS K 148 34.38 -1.69 26.64
CA CYS K 148 33.74 -0.49 27.14
C CYS K 148 34.80 0.51 27.57
N ASN K 149 36.04 0.10 27.84
CA ASN K 149 37.09 1.08 28.04
C ASN K 149 37.58 1.80 26.77
N LEU K 150 37.18 1.36 25.58
CA LEU K 150 37.43 2.11 24.34
C LEU K 150 36.67 3.43 24.33
N VAL K 151 35.46 3.42 24.89
CA VAL K 151 34.61 4.59 25.07
C VAL K 151 35.34 5.63 25.92
N SER K 152 36.24 5.22 26.82
CA SER K 152 37.07 6.13 27.60
C SER K 152 37.91 7.05 26.73
N ALA K 153 38.01 6.75 25.44
CA ALA K 153 38.87 7.54 24.57
C ALA K 153 38.12 8.76 24.02
N ILE K 154 36.78 8.69 23.98
CA ILE K 154 35.96 9.87 23.76
C ILE K 154 36.46 10.97 24.69
N PRO K 155 36.82 12.17 24.17
CA PRO K 155 37.52 13.15 25.00
C PRO K 155 36.54 13.78 25.99
N TRP K 156 37.06 14.14 27.18
CA TRP K 156 36.34 14.90 28.19
C TRP K 156 35.30 14.06 28.93
N LEU K 157 34.35 13.46 28.20
CA LEU K 157 33.23 12.76 28.82
C LEU K 157 33.36 11.25 28.79
N GLY K 158 34.40 10.74 28.14
CA GLY K 158 34.55 9.33 27.90
C GLY K 158 34.44 8.46 29.14
N GLU K 159 35.21 8.82 30.20
CA GLU K 159 35.23 8.06 31.44
C GLU K 159 33.83 8.00 32.05
N ASP K 160 33.18 9.16 32.06
CA ASP K 160 31.85 9.34 32.62
C ASP K 160 30.86 8.45 31.88
N ILE K 161 31.02 8.34 30.57
CA ILE K 161 30.09 7.56 29.79
C ILE K 161 30.27 6.09 30.13
N VAL K 162 31.52 5.67 30.30
CA VAL K 162 31.78 4.27 30.59
C VAL K 162 31.12 3.90 31.91
N HIS K 163 31.32 4.72 32.94
CA HIS K 163 30.77 4.40 34.23
C HIS K 163 29.25 4.39 34.18
N PHE K 164 28.70 5.22 33.32
CA PHE K 164 27.26 5.27 33.16
C PHE K 164 26.76 3.99 32.49
N LEU K 165 27.47 3.49 31.48
CA LEU K 165 27.02 2.26 30.83
C LEU K 165 27.21 1.06 31.74
N TRP K 166 28.30 1.01 32.51
CA TRP K 166 28.51 -0.11 33.40
C TRP K 166 27.55 -0.08 34.58
N GLY K 167 27.11 1.10 34.96
CA GLY K 167 26.28 1.29 36.13
C GLY K 167 27.12 1.16 37.40
N GLY K 168 28.42 1.46 37.32
CA GLY K 168 29.30 1.25 38.44
C GLY K 168 30.72 1.56 38.00
N PHE K 169 31.70 1.10 38.76
CA PHE K 169 33.06 1.50 38.48
C PHE K 169 33.82 0.40 37.75
N SER K 170 33.15 -0.72 37.56
CA SER K 170 33.74 -1.87 36.89
C SER K 170 32.59 -2.67 36.28
N VAL K 171 32.92 -3.63 35.43
CA VAL K 171 31.89 -4.53 34.96
C VAL K 171 31.51 -5.45 36.10
N GLY K 172 30.21 -5.48 36.35
CA GLY K 172 29.69 -6.24 37.48
C GLY K 172 28.21 -6.48 37.27
N ASN K 173 27.49 -6.69 38.37
CA ASN K 173 26.10 -7.09 38.29
C ASN K 173 25.29 -6.05 37.52
N PRO K 174 25.42 -4.74 37.78
CA PRO K 174 24.59 -3.77 37.06
C PRO K 174 24.78 -3.87 35.55
N THR K 175 26.00 -4.20 35.16
CA THR K 175 26.29 -4.21 33.75
C THR K 175 25.61 -5.40 33.12
N LEU K 176 25.66 -6.50 33.87
CA LEU K 176 25.13 -7.73 33.37
C LEU K 176 23.62 -7.61 33.24
N GLN K 177 22.96 -7.04 34.23
CA GLN K 177 21.52 -6.93 34.14
C GLN K 177 21.13 -6.03 32.99
N ARG K 178 21.85 -4.95 32.78
CA ARG K 178 21.42 -4.07 31.73
C ARG K 178 21.73 -4.66 30.37
N PHE K 179 22.80 -5.45 30.27
CA PHE K 179 23.06 -6.03 28.96
C PHE K 179 22.02 -7.09 28.69
N PHE K 180 21.49 -7.72 29.73
CA PHE K 180 20.48 -8.72 29.44
C PHE K 180 19.29 -8.02 28.83
N ALA K 181 18.86 -6.90 29.42
CA ALA K 181 17.65 -6.24 28.95
C ALA K 181 17.90 -5.78 27.53
N LEU K 182 19.09 -5.24 27.26
CA LEU K 182 19.32 -4.70 25.93
C LEU K 182 19.50 -5.79 24.92
N HIS K 183 20.15 -6.87 25.31
CA HIS K 183 20.36 -7.94 24.36
C HIS K 183 19.02 -8.54 24.01
N TYR K 184 18.07 -8.56 24.94
CA TYR K 184 16.75 -9.05 24.57
C TYR K 184 16.10 -8.11 23.56
N LEU K 185 16.27 -6.81 23.75
CA LEU K 185 15.55 -5.84 22.96
C LEU K 185 16.15 -5.68 21.58
N MET K 186 17.48 -5.59 21.49
CA MET K 186 18.14 -5.22 20.25
C MET K 186 17.71 -6.09 19.06
N PRO K 187 17.58 -7.42 19.16
CA PRO K 187 17.08 -8.23 18.06
C PRO K 187 15.71 -7.83 17.55
N PHE K 188 14.86 -7.25 18.39
CA PHE K 188 13.61 -6.76 17.84
C PHE K 188 13.83 -5.50 17.03
N VAL K 189 14.70 -4.62 17.50
CA VAL K 189 15.03 -3.47 16.71
C VAL K 189 15.65 -3.91 15.37
N LEU K 190 16.51 -4.92 15.43
CA LEU K 190 17.19 -5.41 14.25
C LEU K 190 16.18 -5.96 13.25
N ALA K 191 15.20 -6.71 13.74
CA ALA K 191 14.10 -7.17 12.90
C ALA K 191 13.35 -6.01 12.25
N VAL K 192 13.10 -4.93 12.99
CA VAL K 192 12.39 -3.83 12.37
C VAL K 192 13.24 -3.23 11.26
N PHE K 193 14.54 -3.04 11.49
CA PHE K 193 15.34 -2.46 10.43
C PHE K 193 15.45 -3.40 9.25
N ALA K 194 15.44 -4.71 9.52
CA ALA K 194 15.50 -5.66 8.42
C ALA K 194 14.26 -5.47 7.57
N LEU K 195 13.15 -5.25 8.26
CA LEU K 195 11.93 -5.08 7.50
C LEU K 195 11.93 -3.74 6.76
N LEU K 196 12.47 -2.69 7.38
CA LEU K 196 12.60 -1.43 6.66
C LEU K 196 13.49 -1.57 5.46
N HIS K 197 14.62 -2.26 5.54
CA HIS K 197 15.41 -2.28 4.33
C HIS K 197 14.69 -3.00 3.20
N LEU K 198 13.80 -3.95 3.52
CA LEU K 198 13.04 -4.58 2.44
C LEU K 198 11.98 -3.66 1.88
N ILE K 199 11.29 -2.92 2.74
CA ILE K 199 10.30 -1.98 2.26
C ILE K 199 11.00 -0.95 1.38
N ALA K 200 12.18 -0.48 1.80
CA ALA K 200 12.90 0.46 0.95
C ALA K 200 13.22 -0.19 -0.38
N LEU K 201 13.57 -1.48 -0.39
CA LEU K 201 14.00 -2.09 -1.62
C LEU K 201 12.83 -2.28 -2.55
N HIS K 202 11.61 -2.29 -2.02
CA HIS K 202 10.47 -2.69 -2.82
C HIS K 202 10.23 -1.72 -3.96
N THR K 203 10.78 -0.51 -3.83
CA THR K 203 10.54 0.47 -4.87
C THR K 203 11.29 0.13 -6.15
N ALA K 204 12.50 -0.41 -6.02
CA ALA K 204 13.31 -0.73 -7.18
C ALA K 204 13.22 -2.21 -7.53
N GLY K 205 12.90 -3.03 -6.53
CA GLY K 205 13.05 -4.47 -6.67
C GLY K 205 14.50 -4.91 -6.57
N SER K 206 14.70 -6.22 -6.51
CA SER K 206 16.03 -6.81 -6.40
C SER K 206 16.84 -6.47 -7.63
N SER K 207 18.13 -6.28 -7.40
CA SER K 207 19.07 -6.22 -8.49
C SER K 207 19.22 -7.64 -8.99
N ASN K 208 20.02 -7.85 -10.04
CA ASN K 208 20.21 -9.20 -10.50
C ASN K 208 21.65 -9.34 -10.93
N PRO K 209 22.16 -10.55 -11.13
CA PRO K 209 23.57 -10.70 -11.42
C PRO K 209 24.04 -10.07 -12.72
N LEU K 210 23.15 -9.70 -13.64
CA LEU K 210 23.68 -9.06 -14.85
C LEU K 210 23.77 -7.55 -14.67
N GLY K 211 23.05 -7.02 -13.69
CA GLY K 211 23.06 -5.59 -13.41
C GLY K 211 22.22 -4.78 -14.38
N ILE K 212 21.43 -5.45 -15.22
CA ILE K 212 20.50 -4.81 -16.13
C ILE K 212 19.14 -4.76 -15.43
N THR K 213 18.20 -4.04 -16.06
CA THR K 213 16.83 -4.02 -15.56
C THR K 213 16.22 -5.42 -15.64
N SER K 214 15.31 -5.72 -14.71
CA SER K 214 14.60 -6.97 -14.83
C SER K 214 13.15 -6.71 -15.18
N ASN K 215 12.82 -5.44 -15.45
CA ASN K 215 11.44 -5.07 -15.71
C ASN K 215 10.92 -5.79 -16.95
N VAL K 216 11.83 -6.26 -17.78
CA VAL K 216 11.51 -6.95 -19.01
C VAL K 216 11.05 -8.40 -18.76
N ASP K 217 11.43 -9.02 -17.62
CA ASP K 217 11.28 -10.46 -17.45
C ASP K 217 11.19 -10.86 -15.98
N LYS K 218 9.98 -10.85 -15.43
CA LYS K 218 9.83 -11.04 -14.01
C LYS K 218 9.26 -12.42 -13.69
N LEU K 219 9.52 -12.89 -12.47
CA LEU K 219 9.02 -14.15 -11.99
C LEU K 219 8.38 -13.87 -10.65
N SER K 220 7.23 -14.47 -10.33
CA SER K 220 6.67 -14.33 -9.00
C SER K 220 7.66 -14.89 -7.99
N MET K 221 7.74 -14.25 -6.83
CA MET K 221 8.58 -14.70 -5.74
C MET K 221 8.22 -16.14 -5.37
N HIS K 222 6.93 -16.49 -5.35
CA HIS K 222 6.48 -17.85 -5.14
C HIS K 222 5.81 -18.32 -6.42
N PRO K 223 6.02 -19.57 -6.89
CA PRO K 223 6.84 -20.56 -6.19
C PRO K 223 8.34 -20.60 -6.44
N TYR K 224 8.86 -19.75 -7.31
CA TYR K 224 10.20 -19.99 -7.80
C TYR K 224 11.25 -19.74 -6.75
N TYR K 225 11.15 -18.62 -6.07
CA TYR K 225 12.15 -18.34 -5.08
C TYR K 225 11.87 -19.05 -3.76
N SER K 226 10.60 -19.32 -3.45
CA SER K 226 10.26 -20.14 -2.31
C SER K 226 11.01 -21.49 -2.33
N PHE K 227 10.96 -22.17 -3.48
CA PHE K 227 11.53 -23.50 -3.56
C PHE K 227 13.04 -23.41 -3.69
N LYS K 228 13.53 -22.31 -4.26
CA LYS K 228 14.97 -22.15 -4.34
C LYS K 228 15.53 -21.89 -2.95
N ASP K 229 14.75 -21.20 -2.10
CA ASP K 229 15.19 -20.86 -0.75
C ASP K 229 15.24 -22.09 0.13
N LEU K 230 14.39 -23.08 -0.15
CA LEU K 230 14.47 -24.31 0.60
C LEU K 230 15.80 -25.01 0.39
N ILE K 231 16.38 -24.96 -0.80
CA ILE K 231 17.64 -25.65 -0.99
C ILE K 231 18.67 -25.09 -0.02
N THR K 232 18.77 -23.76 0.07
CA THR K 232 19.79 -23.23 0.96
C THR K 232 19.40 -23.37 2.42
N VAL K 233 18.10 -23.37 2.75
CA VAL K 233 17.73 -23.68 4.11
C VAL K 233 18.23 -25.06 4.50
N PHE K 234 18.04 -26.08 3.65
CA PHE K 234 18.50 -27.41 4.02
C PHE K 234 20.01 -27.49 4.00
N ALA K 235 20.67 -26.72 3.13
CA ALA K 235 22.12 -26.74 3.14
C ALA K 235 22.64 -26.10 4.42
N PHE K 236 21.99 -25.02 4.82
CA PHE K 236 22.34 -24.33 6.04
C PHE K 236 22.13 -25.25 7.23
N LEU K 237 20.99 -25.96 7.28
CA LEU K 237 20.67 -26.80 8.42
C LEU K 237 21.61 -27.98 8.49
N LEU K 238 22.17 -28.39 7.36
CA LEU K 238 23.17 -29.44 7.38
C LEU K 238 24.43 -28.94 8.06
N MET K 239 24.88 -27.74 7.68
CA MET K 239 26.03 -27.12 8.31
C MET K 239 25.74 -26.85 9.79
N PHE K 240 24.55 -26.33 10.08
CA PHE K 240 24.12 -26.11 11.46
C PHE K 240 24.23 -27.39 12.28
N THR K 241 23.68 -28.49 11.75
CA THR K 241 23.68 -29.78 12.40
C THR K 241 25.11 -30.24 12.68
N LEU K 242 26.02 -30.10 11.70
CA LEU K 242 27.38 -30.53 11.95
C LEU K 242 28.02 -29.78 13.12
N PHE K 243 27.72 -28.50 13.27
CA PHE K 243 28.31 -27.76 14.37
C PHE K 243 27.58 -28.05 15.67
N VAL K 244 26.28 -27.84 15.66
CA VAL K 244 25.50 -27.95 16.88
C VAL K 244 25.60 -29.35 17.46
N PHE K 245 25.50 -30.40 16.66
CA PHE K 245 25.42 -31.72 17.25
C PHE K 245 26.78 -32.41 17.35
N PHE K 246 27.70 -32.07 16.45
CA PHE K 246 28.91 -32.87 16.39
C PHE K 246 30.15 -32.14 16.86
N SER K 247 30.14 -30.81 16.78
CA SER K 247 31.33 -30.08 17.19
C SER K 247 30.91 -28.75 17.80
N PRO K 248 30.12 -28.74 18.90
CA PRO K 248 29.43 -27.51 19.28
C PRO K 248 30.33 -26.40 19.76
N ASP K 249 31.60 -26.72 20.01
CA ASP K 249 32.50 -25.75 20.63
C ASP K 249 33.63 -25.39 19.65
N LYS K 250 33.52 -25.79 18.37
CA LYS K 250 34.59 -25.56 17.39
C LYS K 250 34.74 -24.07 17.12
N LEU K 251 33.62 -23.35 17.14
CA LEU K 251 33.70 -21.96 16.76
C LEU K 251 33.93 -21.05 17.95
N GLY K 252 33.95 -21.62 19.16
CA GLY K 252 34.04 -20.80 20.35
C GLY K 252 35.40 -20.85 21.03
N HIS K 253 35.41 -20.17 22.17
CA HIS K 253 36.60 -19.97 22.94
C HIS K 253 36.39 -20.56 24.33
N PRO K 254 37.22 -21.56 24.70
CA PRO K 254 37.09 -22.24 25.98
C PRO K 254 37.08 -21.33 27.19
N ASP K 255 37.68 -20.14 27.06
CA ASP K 255 37.82 -19.25 28.19
C ASP K 255 36.46 -18.83 28.74
N ASN K 256 35.45 -18.92 27.90
CA ASN K 256 34.15 -18.56 28.44
C ASN K 256 33.49 -19.66 29.27
N TYR K 257 34.20 -20.75 29.55
CA TYR K 257 33.61 -21.74 30.43
C TYR K 257 34.34 -21.68 31.75
N ILE K 258 35.08 -20.59 31.93
CA ILE K 258 35.62 -20.35 33.24
C ILE K 258 34.79 -19.21 33.80
N PRO K 259 34.22 -19.27 35.01
CA PRO K 259 33.46 -18.12 35.53
C PRO K 259 34.32 -16.85 35.65
N ALA K 260 33.71 -15.69 35.35
CA ALA K 260 34.38 -14.39 35.38
C ALA K 260 35.10 -14.20 36.72
N ASN K 261 36.35 -13.73 36.63
CA ASN K 261 37.17 -13.48 37.79
C ASN K 261 37.86 -12.16 37.54
N PRO K 262 37.43 -11.07 38.19
CA PRO K 262 38.00 -9.75 37.89
C PRO K 262 39.50 -9.63 38.18
N MET K 263 40.01 -10.55 39.01
CA MET K 263 41.40 -10.52 39.40
C MET K 263 42.25 -11.15 38.30
N VAL K 264 42.05 -12.45 38.05
CA VAL K 264 42.77 -13.18 37.01
C VAL K 264 42.43 -12.67 35.62
N THR K 265 43.44 -12.26 34.86
CA THR K 265 43.21 -11.89 33.47
C THR K 265 43.54 -13.10 32.61
N PRO K 266 42.70 -13.44 31.61
CA PRO K 266 42.95 -14.61 30.78
C PRO K 266 44.21 -14.40 29.97
N ALA K 267 44.76 -15.52 29.48
CA ALA K 267 45.88 -15.55 28.55
C ALA K 267 45.70 -14.52 27.43
N SER K 268 44.58 -14.66 26.68
CA SER K 268 44.34 -13.86 25.49
C SER K 268 42.88 -13.41 25.33
N ILE K 269 42.68 -12.09 25.38
CA ILE K 269 41.41 -11.46 25.06
C ILE K 269 41.39 -11.28 23.54
N VAL K 270 40.77 -12.25 22.85
CA VAL K 270 40.42 -12.09 21.45
C VAL K 270 38.91 -12.20 21.32
N PRO K 271 38.28 -11.34 20.52
CA PRO K 271 36.84 -11.41 20.36
C PRO K 271 36.45 -12.64 19.56
N GLU K 272 35.14 -12.82 19.45
CA GLU K 272 34.55 -13.83 18.60
C GLU K 272 35.01 -13.60 17.17
N TRP K 273 35.15 -14.70 16.44
CA TRP K 273 35.80 -14.66 15.15
C TRP K 273 35.24 -13.54 14.26
N TYR K 274 33.93 -13.30 14.31
CA TYR K 274 33.34 -12.42 13.32
C TYR K 274 33.65 -10.96 13.59
N LEU K 275 34.21 -10.67 14.76
CA LEU K 275 34.53 -9.29 15.05
C LEU K 275 36.00 -9.08 14.73
N LEU K 276 36.71 -10.14 14.37
CA LEU K 276 38.16 -10.02 14.37
C LEU K 276 38.67 -9.00 13.38
N PRO K 277 38.11 -8.81 12.16
CA PRO K 277 38.66 -7.84 11.23
C PRO K 277 38.65 -6.43 11.79
N PHE K 278 37.58 -6.09 12.52
CA PHE K 278 37.46 -4.74 13.03
C PHE K 278 38.43 -4.55 14.18
N TYR K 279 38.68 -5.65 14.90
CA TYR K 279 39.62 -5.63 15.99
C TYR K 279 41.03 -5.39 15.44
N ALA K 280 41.35 -6.01 14.30
CA ALA K 280 42.66 -5.82 13.69
C ALA K 280 42.85 -4.38 13.23
N ILE K 281 41.77 -3.78 12.71
CA ILE K 281 41.84 -2.41 12.25
C ILE K 281 42.14 -1.51 13.45
N LEU K 282 41.52 -1.83 14.57
CA LEU K 282 41.69 -0.98 15.74
C LEU K 282 43.13 -1.07 16.26
N ARG K 283 43.68 -2.27 16.31
CA ARG K 283 45.06 -2.45 16.73
C ARG K 283 46.06 -1.74 15.83
N ALA K 284 45.70 -1.53 14.55
CA ALA K 284 46.65 -0.97 13.59
C ALA K 284 46.99 0.47 13.93
N ILE K 285 46.00 1.22 14.42
CA ILE K 285 46.24 2.61 14.77
C ILE K 285 46.85 2.66 16.18
N PRO K 286 48.02 3.30 16.40
CA PRO K 286 48.63 3.32 17.73
C PRO K 286 47.86 4.13 18.79
N ASP K 287 47.28 5.27 18.35
CA ASP K 287 46.47 6.15 19.17
C ASP K 287 45.18 5.44 19.56
N LYS K 288 44.75 5.60 20.83
CA LYS K 288 43.56 4.96 21.37
C LYS K 288 42.31 5.49 20.66
N LEU K 289 42.20 6.82 20.58
CA LEU K 289 41.04 7.46 19.95
C LEU K 289 41.05 7.19 18.46
N GLY K 290 42.24 7.33 17.86
CA GLY K 290 42.42 7.04 16.45
C GLY K 290 41.88 5.65 16.13
N GLY K 291 42.30 4.68 16.95
CA GLY K 291 41.92 3.28 16.75
C GLY K 291 40.42 3.09 16.75
N VAL K 292 39.74 3.80 17.65
CA VAL K 292 38.32 3.61 17.80
C VAL K 292 37.60 4.20 16.61
N ILE K 293 38.07 5.38 16.20
CA ILE K 293 37.47 6.06 15.07
C ILE K 293 37.65 5.19 13.83
N ALA K 294 38.86 4.67 13.62
CA ALA K 294 39.15 3.83 12.47
C ALA K 294 38.22 2.62 12.48
N MET K 295 37.99 2.03 13.65
CA MET K 295 37.21 0.81 13.74
C MET K 295 35.77 1.10 13.34
N VAL K 296 35.24 2.25 13.77
CA VAL K 296 33.88 2.62 13.44
C VAL K 296 33.80 3.01 11.96
N ALA K 297 34.78 3.78 11.50
CA ALA K 297 34.90 4.20 10.11
C ALA K 297 34.98 2.99 9.18
N ALA K 298 35.60 1.89 9.63
CA ALA K 298 35.67 0.69 8.80
C ALA K 298 34.28 0.14 8.49
N ILE K 299 33.30 0.44 9.34
CA ILE K 299 31.95 0.03 9.05
C ILE K 299 31.21 1.15 8.33
N LEU K 300 31.38 2.38 8.79
CA LEU K 300 30.59 3.45 8.21
C LEU K 300 31.06 3.79 6.81
N ILE K 301 32.31 3.46 6.45
CA ILE K 301 32.81 3.77 5.13
C ILE K 301 32.03 3.03 4.06
N LEU K 302 31.34 1.95 4.42
CA LEU K 302 30.46 1.30 3.47
C LEU K 302 29.40 2.25 2.95
N LEU K 303 29.04 3.25 3.74
CA LEU K 303 28.01 4.18 3.32
C LEU K 303 28.45 5.03 2.13
N ILE K 304 29.75 5.07 1.84
CA ILE K 304 30.13 5.96 0.74
C ILE K 304 30.28 5.19 -0.56
N LEU K 305 30.10 3.87 -0.55
CA LEU K 305 30.23 3.16 -1.81
C LEU K 305 29.38 3.79 -2.91
N PRO K 306 28.14 4.23 -2.64
CA PRO K 306 27.32 4.82 -3.70
C PRO K 306 27.97 6.01 -4.38
N ILE K 307 28.90 6.69 -3.70
CA ILE K 307 29.57 7.86 -4.24
C ILE K 307 30.85 7.46 -4.97
N VAL K 308 31.64 6.61 -4.35
CA VAL K 308 32.98 6.33 -4.82
C VAL K 308 32.99 5.34 -5.99
N ASP K 309 31.93 4.54 -6.15
CA ASP K 309 31.83 3.73 -7.35
C ASP K 309 31.34 4.59 -8.52
N ARG K 310 32.22 4.85 -9.47
CA ARG K 310 31.89 5.80 -10.51
C ARG K 310 31.48 5.07 -11.78
N SER K 311 31.21 3.77 -11.70
CA SER K 311 30.96 3.02 -12.92
C SER K 311 29.63 3.39 -13.54
N ILE K 312 29.54 3.31 -14.86
CA ILE K 312 28.26 3.51 -15.52
C ILE K 312 27.50 2.18 -15.56
N ILE K 313 28.12 1.11 -15.06
CA ILE K 313 27.59 -0.23 -15.15
C ILE K 313 27.44 -0.79 -13.75
N ARG K 314 26.34 -1.48 -13.50
CA ARG K 314 26.08 -1.92 -12.15
C ARG K 314 26.69 -3.30 -11.99
N GLY K 315 27.57 -3.45 -10.99
CA GLY K 315 28.04 -4.78 -10.63
C GLY K 315 29.29 -5.20 -11.37
N ASN K 316 29.87 -6.34 -10.95
CA ASN K 316 31.19 -6.73 -11.41
C ASN K 316 31.12 -7.87 -12.40
N ALA K 317 29.94 -8.39 -12.72
CA ALA K 317 29.90 -9.52 -13.63
C ALA K 317 30.72 -9.27 -14.90
N PHE K 318 30.74 -8.02 -15.36
CA PHE K 318 31.34 -7.76 -16.65
C PHE K 318 32.62 -6.94 -16.55
N LYS K 319 33.18 -6.86 -15.35
CA LYS K 319 34.27 -5.93 -15.17
C LYS K 319 35.47 -6.68 -14.62
N PRO K 320 36.37 -7.17 -15.49
CA PRO K 320 37.44 -8.04 -15.04
C PRO K 320 38.37 -7.38 -14.03
N ILE K 321 38.67 -6.09 -14.20
CA ILE K 321 39.57 -5.46 -13.25
C ILE K 321 38.89 -5.31 -11.89
N SER K 322 37.66 -4.80 -11.87
CA SER K 322 36.89 -4.73 -10.65
C SER K 322 36.78 -6.07 -9.95
N LYS K 323 36.62 -7.17 -10.70
CA LYS K 323 36.54 -8.49 -10.07
C LYS K 323 37.84 -8.82 -9.37
N LEU K 324 38.98 -8.45 -9.96
CA LEU K 324 40.25 -8.79 -9.36
C LEU K 324 40.44 -7.97 -8.10
N LEU K 325 40.13 -6.68 -8.20
CA LEU K 325 40.24 -5.78 -7.07
C LEU K 325 39.34 -6.27 -5.95
N PHE K 326 38.18 -6.79 -6.29
CA PHE K 326 37.25 -7.21 -5.26
C PHE K 326 37.78 -8.48 -4.60
N GLY K 327 38.43 -9.33 -5.39
CA GLY K 327 39.02 -10.55 -4.84
C GLY K 327 40.06 -10.19 -3.79
N PHE K 328 40.91 -9.21 -4.10
CA PHE K 328 41.95 -8.75 -3.21
C PHE K 328 41.36 -8.12 -1.97
N PHE K 329 40.29 -7.35 -2.16
CA PHE K 329 39.62 -6.73 -1.05
C PHE K 329 39.06 -7.79 -0.09
N ILE K 330 38.41 -8.82 -0.61
CA ILE K 330 37.78 -9.82 0.25
C ILE K 330 38.86 -10.62 0.97
N CYS K 331 39.94 -10.99 0.27
CA CYS K 331 40.99 -11.75 0.91
C CYS K 331 41.70 -10.92 1.97
N ASN K 332 41.86 -9.63 1.73
CA ASN K 332 42.45 -8.75 2.71
C ASN K 332 41.54 -8.66 3.93
N PHE K 333 40.23 -8.66 3.71
CA PHE K 333 39.33 -8.61 4.85
C PHE K 333 39.46 -9.88 5.68
N LEU K 334 39.72 -11.03 5.04
CA LEU K 334 39.99 -12.24 5.80
C LEU K 334 41.36 -12.19 6.46
N LEU K 335 42.37 -11.62 5.80
CA LEU K 335 43.66 -11.53 6.45
C LEU K 335 43.57 -10.65 7.69
N LEU K 336 42.85 -9.53 7.59
CA LEU K 336 42.57 -8.73 8.78
C LEU K 336 41.97 -9.59 9.88
N GLY K 337 40.98 -10.41 9.53
CA GLY K 337 40.41 -11.33 10.50
C GLY K 337 41.48 -12.17 11.20
N VAL K 338 42.36 -12.80 10.43
CA VAL K 338 43.42 -13.61 10.98
C VAL K 338 44.35 -12.77 11.87
N LEU K 339 44.66 -11.55 11.45
CA LEU K 339 45.57 -10.73 12.23
C LEU K 339 44.92 -10.24 13.53
N GLY K 340 43.60 -10.39 13.61
CA GLY K 340 42.94 -9.98 14.83
C GLY K 340 43.18 -11.01 15.93
N GLN K 341 43.64 -12.21 15.56
CA GLN K 341 43.79 -13.23 16.58
C GLN K 341 45.24 -13.62 16.82
N VAL K 342 46.18 -12.99 16.11
CA VAL K 342 47.57 -13.23 16.43
C VAL K 342 47.95 -12.31 17.58
N HIS K 343 49.13 -12.55 18.16
CA HIS K 343 49.58 -11.68 19.22
C HIS K 343 50.18 -10.43 18.61
N ILE K 344 50.15 -9.35 19.37
CA ILE K 344 50.75 -8.11 18.92
C ILE K 344 52.27 -8.27 19.01
N GLU K 345 52.83 -8.82 17.93
CA GLU K 345 54.24 -9.14 17.84
C GLU K 345 54.71 -8.88 16.42
N PRO K 346 56.02 -8.64 16.17
CA PRO K 346 56.56 -8.68 14.82
C PRO K 346 56.42 -10.08 14.23
N PRO K 347 56.14 -10.23 12.91
CA PRO K 347 56.03 -9.09 12.00
C PRO K 347 54.59 -8.69 11.74
N PHE K 348 53.67 -9.16 12.60
CA PHE K 348 52.27 -8.94 12.34
C PHE K 348 51.85 -7.51 12.62
N ILE K 349 52.70 -6.71 13.28
CA ILE K 349 52.26 -5.37 13.63
C ILE K 349 52.21 -4.53 12.36
N VAL K 350 53.32 -4.54 11.60
CA VAL K 350 53.45 -3.83 10.35
C VAL K 350 52.46 -4.37 9.32
N LEU K 351 52.33 -5.70 9.27
CA LEU K 351 51.45 -6.34 8.30
C LEU K 351 50.02 -5.87 8.53
N GLY K 352 49.61 -5.74 9.80
CA GLY K 352 48.27 -5.35 10.14
C GLY K 352 47.98 -3.93 9.70
N GLN K 353 49.02 -3.09 9.71
CA GLN K 353 48.92 -1.70 9.32
C GLN K 353 48.77 -1.63 7.80
N ILE K 354 49.58 -2.41 7.08
CA ILE K 354 49.42 -2.45 5.64
C ILE K 354 48.03 -2.95 5.26
N CYS K 355 47.55 -4.05 5.86
CA CYS K 355 46.22 -4.53 5.53
C CYS K 355 45.14 -3.52 5.86
N THR K 356 45.34 -2.72 6.92
CA THR K 356 44.35 -1.73 7.25
C THR K 356 44.35 -0.60 6.22
N ILE K 357 45.53 -0.20 5.76
CA ILE K 357 45.62 0.81 4.72
C ILE K 357 44.95 0.27 3.46
N PHE K 358 45.20 -1.00 3.12
CA PHE K 358 44.60 -1.56 1.93
C PHE K 358 43.08 -1.55 2.04
N TYR K 359 42.56 -1.89 3.22
CA TYR K 359 41.12 -1.92 3.41
C TYR K 359 40.51 -0.56 3.09
N PHE K 360 41.09 0.52 3.62
CA PHE K 360 40.48 1.84 3.44
C PHE K 360 40.70 2.35 2.03
N SER K 361 41.85 1.99 1.43
CA SER K 361 42.23 2.55 0.16
C SER K 361 41.39 1.93 -0.96
N TYR K 362 40.82 0.76 -0.71
CA TYR K 362 39.82 0.23 -1.63
C TYR K 362 38.68 1.23 -1.82
N PHE K 363 38.11 1.74 -0.74
CA PHE K 363 36.99 2.64 -0.89
C PHE K 363 37.43 4.01 -1.36
N LEU K 364 38.65 4.42 -1.01
CA LEU K 364 38.95 5.83 -1.15
C LEU K 364 39.73 6.12 -2.42
N ILE K 365 40.43 5.12 -2.92
CA ILE K 365 41.37 5.37 -4.00
C ILE K 365 41.09 4.39 -5.13
N LEU K 366 41.22 3.10 -4.85
CA LEU K 366 41.22 2.10 -5.89
C LEU K 366 39.86 2.00 -6.55
N LEU K 367 38.79 1.89 -5.79
CA LEU K 367 37.49 1.70 -6.42
C LEU K 367 37.16 2.90 -7.30
N PRO K 368 37.28 4.17 -6.83
CA PRO K 368 37.12 5.31 -7.72
C PRO K 368 38.03 5.31 -8.94
N MET K 369 39.31 4.89 -8.81
CA MET K 369 40.22 4.88 -9.96
C MET K 369 39.77 3.79 -10.93
N VAL K 370 39.59 2.59 -10.41
CA VAL K 370 39.35 1.42 -11.25
C VAL K 370 38.01 1.58 -11.96
N SER K 371 37.01 2.08 -11.25
CA SER K 371 35.71 2.21 -11.89
C SER K 371 35.72 3.28 -12.97
N THR K 372 36.53 4.33 -12.81
CA THR K 372 36.67 5.36 -13.83
C THR K 372 37.34 4.81 -15.08
N ILE K 373 38.42 4.06 -14.90
CA ILE K 373 39.16 3.49 -16.00
C ILE K 373 38.32 2.45 -16.73
N GLU K 374 37.54 1.68 -15.99
CA GLU K 374 36.75 0.68 -16.70
C GLU K 374 35.68 1.33 -17.56
N ASN K 375 35.16 2.47 -17.12
CA ASN K 375 34.21 3.22 -17.92
C ASN K 375 34.84 3.51 -19.27
N ILE K 376 36.07 4.00 -19.27
CA ILE K 376 36.73 4.39 -20.49
C ILE K 376 37.02 3.16 -21.34
N PHE K 377 37.45 2.06 -20.71
CA PHE K 377 37.70 0.85 -21.48
C PHE K 377 36.45 0.30 -22.13
N PHE K 378 35.30 0.36 -21.44
CA PHE K 378 34.11 -0.16 -22.11
C PHE K 378 33.77 0.67 -23.34
N TYR K 379 33.94 1.97 -23.25
CA TYR K 379 33.54 2.82 -24.34
C TYR K 379 34.51 2.68 -25.49
N ILE K 380 35.81 2.81 -25.23
CA ILE K 380 36.76 2.73 -26.32
C ILE K 380 36.78 1.32 -26.90
N GLY K 381 36.64 0.34 -26.01
CA GLY K 381 36.80 -1.04 -26.40
C GLY K 381 35.64 -1.53 -27.24
N SER K 382 34.52 -0.81 -27.21
CA SER K 382 33.40 -1.28 -28.00
C SER K 382 33.14 -0.43 -29.24
N LEU K 383 33.93 0.64 -29.44
CA LEU K 383 33.87 1.45 -30.67
C LEU K 383 34.29 0.61 -31.90
N GLY L 39 -27.22 33.07 0.77
CA GLY L 39 -28.18 31.95 0.43
C GLY L 39 -28.20 31.61 -1.07
N LYS L 40 -27.57 32.47 -1.90
CA LYS L 40 -27.46 32.28 -3.34
C LYS L 40 -26.18 32.87 -3.90
N SER L 41 -25.89 34.15 -3.61
CA SER L 41 -24.67 34.72 -4.16
C SER L 41 -23.46 34.17 -3.42
N THR L 42 -22.46 33.69 -4.15
CA THR L 42 -21.31 33.15 -3.45
C THR L 42 -20.23 34.20 -3.26
N TYR L 43 -20.49 35.44 -3.70
CA TYR L 43 -19.54 36.51 -3.51
C TYR L 43 -19.88 37.27 -2.24
N LYS L 44 -21.02 36.93 -1.65
CA LYS L 44 -21.39 37.55 -0.40
C LYS L 44 -20.87 36.63 0.70
N ILE L 45 -19.64 36.90 1.16
CA ILE L 45 -19.01 36.08 2.17
C ILE L 45 -19.87 36.08 3.43
N PRO L 46 -20.15 34.88 3.99
CA PRO L 46 -20.91 34.75 5.23
C PRO L 46 -20.36 35.63 6.35
N ASP L 47 -21.19 35.84 7.38
CA ASP L 47 -20.83 36.75 8.45
C ASP L 47 -19.79 36.11 9.36
N PHE L 48 -18.61 36.74 9.41
CA PHE L 48 -17.53 36.26 10.23
C PHE L 48 -17.15 37.30 11.29
N THR L 49 -17.95 38.35 11.43
CA THR L 49 -17.61 39.47 12.30
C THR L 49 -17.52 39.03 13.76
N PRO L 50 -18.37 38.09 14.26
CA PRO L 50 -18.16 37.47 15.57
C PRO L 50 -16.76 36.93 15.88
N TYR L 51 -15.97 36.62 14.84
CA TYR L 51 -14.68 35.96 15.08
C TYR L 51 -13.50 36.74 14.51
N LEU L 52 -13.74 37.69 13.61
CA LEU L 52 -12.61 38.38 13.02
C LEU L 52 -11.98 39.34 14.03
N LYS L 53 -10.64 39.27 14.16
CA LYS L 53 -9.87 40.23 14.94
C LYS L 53 -9.69 41.51 14.13
N LYS L 54 -9.87 42.68 14.75
CA LYS L 54 -9.68 43.91 13.99
C LYS L 54 -8.20 44.09 13.62
N ASP L 55 -7.29 43.83 14.59
CA ASP L 55 -5.87 43.96 14.36
C ASP L 55 -5.35 42.58 14.01
N ARG L 56 -5.51 42.18 12.76
CA ARG L 56 -5.23 40.78 12.44
C ARG L 56 -3.94 40.68 11.65
N ASN L 57 -3.55 41.78 11.02
CA ASN L 57 -2.40 41.75 10.13
C ASN L 57 -1.22 42.47 10.78
N THR L 58 -1.37 42.86 12.06
CA THR L 58 -0.29 43.46 12.80
C THR L 58 0.71 42.39 13.23
N ASP L 59 1.96 42.83 13.45
CA ASP L 59 2.98 41.93 13.95
C ASP L 59 2.66 41.53 15.39
N ALA L 60 2.08 42.46 16.15
CA ALA L 60 1.61 42.24 17.51
C ALA L 60 0.76 40.98 17.56
N ASN L 61 -0.14 40.88 16.58
CA ASN L 61 -1.12 39.82 16.56
C ASN L 61 -0.46 38.48 16.33
N ARG L 62 0.44 38.38 15.34
CA ARG L 62 1.06 37.11 15.06
C ARG L 62 1.95 36.71 16.24
N LEU L 63 2.64 37.72 16.78
CA LEU L 63 3.63 37.49 17.80
C LEU L 63 2.96 36.86 19.00
N PHE L 64 1.74 37.30 19.32
CA PHE L 64 1.07 36.74 20.48
C PHE L 64 0.88 35.24 20.32
N SER L 65 0.37 34.82 19.18
CA SER L 65 0.09 33.41 19.01
C SER L 65 1.38 32.58 19.02
N TYR L 66 2.48 33.17 18.55
CA TYR L 66 3.73 32.44 18.58
C TYR L 66 4.31 32.43 19.97
N PHE L 67 3.91 33.40 20.81
CA PHE L 67 4.32 33.36 22.19
C PHE L 67 3.65 32.18 22.86
N MET L 68 2.38 31.91 22.54
CA MET L 68 1.72 30.72 23.08
C MET L 68 2.37 29.43 22.59
N ILE L 69 2.58 29.31 21.29
CA ILE L 69 3.26 28.15 20.72
C ILE L 69 4.66 28.02 21.32
N GLY L 70 5.38 29.13 21.45
CA GLY L 70 6.74 29.07 21.94
C GLY L 70 6.80 28.73 23.42
N SER L 71 5.84 29.22 24.22
CA SER L 71 5.76 28.85 25.63
C SER L 71 5.55 27.34 25.74
N PHE L 72 4.70 26.84 24.88
CA PHE L 72 4.39 25.43 24.90
C PHE L 72 5.61 24.63 24.50
N GLY L 73 6.36 25.12 23.52
CA GLY L 73 7.61 24.48 23.15
C GLY L 73 8.64 24.61 24.27
N MET L 74 8.57 25.69 25.03
CA MET L 74 9.58 25.91 26.05
C MET L 74 9.34 24.93 27.19
N LEU L 75 8.08 24.79 27.60
CA LEU L 75 7.77 23.89 28.69
C LEU L 75 7.99 22.46 28.26
N SER L 76 7.71 22.17 27.00
CA SER L 76 7.94 20.83 26.48
C SER L 76 9.43 20.52 26.47
N ALA L 77 10.27 21.49 26.10
CA ALA L 77 11.72 21.31 26.12
C ALA L 77 12.21 21.13 27.55
N ALA L 78 11.73 21.97 28.49
CA ALA L 78 12.16 21.90 29.88
C ALA L 78 11.69 20.58 30.49
N GLY L 79 10.46 20.17 30.17
CA GLY L 79 9.85 18.93 30.62
C GLY L 79 10.56 17.71 30.05
N ALA L 80 10.99 17.77 28.79
CA ALA L 80 11.69 16.66 28.16
C ALA L 80 13.07 16.53 28.75
N LYS L 81 13.73 17.66 29.00
CA LYS L 81 15.04 17.61 29.62
C LYS L 81 14.91 16.98 31.01
N ALA L 82 13.94 17.43 31.79
CA ALA L 82 13.74 16.92 33.14
C ALA L 82 13.45 15.42 33.09
N THR L 83 12.56 15.04 32.18
CA THR L 83 12.15 13.65 32.04
C THR L 83 13.37 12.82 31.69
N VAL L 84 14.08 13.17 30.63
CA VAL L 84 15.23 12.41 30.19
C VAL L 84 16.30 12.33 31.28
N GLN L 85 16.63 13.46 31.90
CA GLN L 85 17.73 13.48 32.86
C GLN L 85 17.36 12.61 34.05
N ASP L 86 16.13 12.73 34.51
CA ASP L 86 15.76 12.00 35.72
C ASP L 86 15.68 10.53 35.38
N PHE L 87 15.04 10.22 34.27
CA PHE L 87 14.76 8.86 33.90
C PHE L 87 16.05 8.13 33.58
N LEU L 88 16.96 8.75 32.81
CA LEU L 88 18.17 8.02 32.49
C LEU L 88 19.11 7.94 33.66
N SER L 89 18.94 8.77 34.68
CA SER L 89 19.86 8.65 35.82
C SER L 89 19.73 7.28 36.47
N ASN L 90 18.63 6.55 36.21
CA ASN L 90 18.51 5.21 36.73
C ASN L 90 19.73 4.39 36.31
N MET L 91 20.40 4.78 35.23
CA MET L 91 21.44 3.93 34.66
C MET L 91 22.79 4.19 35.31
N SER L 92 22.94 5.33 35.97
CA SER L 92 24.07 5.70 36.79
C SER L 92 24.15 4.77 38.00
N ALA L 93 25.32 4.63 38.62
CA ALA L 93 25.47 3.76 39.78
C ALA L 93 24.40 4.03 40.83
N SER L 94 23.69 2.96 41.23
CA SER L 94 22.68 3.00 42.27
C SER L 94 23.35 3.13 43.63
N ALA L 95 22.56 3.42 44.68
CA ALA L 95 23.07 3.77 46.00
C ALA L 95 23.86 2.61 46.64
N ASP L 96 23.47 1.37 46.34
CA ASP L 96 24.18 0.23 46.90
C ASP L 96 25.57 0.09 46.26
N VAL L 97 25.65 0.45 44.97
CA VAL L 97 26.89 0.37 44.23
C VAL L 97 27.81 1.48 44.69
N LEU L 98 27.22 2.65 44.90
CA LEU L 98 27.98 3.81 45.31
C LEU L 98 28.54 3.61 46.71
N ALA L 99 27.95 2.68 47.45
CA ALA L 99 28.52 2.29 48.73
C ALA L 99 29.55 1.14 48.51
N ALA M 2 28.82 7.75 -12.29
CA ALA M 2 29.35 8.77 -13.35
C ALA M 2 28.37 9.11 -14.47
N SER M 3 28.69 10.22 -15.16
CA SER M 3 27.89 10.61 -16.31
C SER M 3 28.51 10.02 -17.59
N ILE M 4 27.64 9.65 -18.53
CA ILE M 4 28.10 9.16 -19.81
C ILE M 4 28.88 10.25 -20.51
N THR M 5 28.47 11.50 -20.31
CA THR M 5 29.20 12.61 -20.90
C THR M 5 30.67 12.55 -20.49
N SER M 6 30.94 12.35 -19.19
CA SER M 6 32.30 12.28 -18.66
C SER M 6 33.10 11.20 -19.36
N VAL M 7 32.47 10.03 -19.51
CA VAL M 7 33.11 8.88 -20.09
C VAL M 7 33.48 9.19 -21.54
N VAL M 8 32.52 9.77 -22.24
CA VAL M 8 32.70 10.07 -23.65
C VAL M 8 33.79 11.11 -23.85
N LYS M 9 33.80 12.19 -23.04
CA LYS M 9 34.76 13.27 -23.21
C LYS M 9 36.18 12.77 -22.96
N THR M 10 36.33 11.99 -21.87
CA THR M 10 37.63 11.50 -21.48
C THR M 10 38.17 10.57 -22.57
N SER M 11 37.29 9.73 -23.08
CA SER M 11 37.66 8.82 -24.14
C SER M 11 38.12 9.59 -25.39
N GLU M 12 37.51 10.73 -25.65
CA GLU M 12 37.90 11.49 -26.83
C GLU M 12 39.28 12.10 -26.65
N LEU M 13 39.60 12.56 -25.43
CA LEU M 13 40.95 13.05 -25.11
C LEU M 13 42.01 11.98 -25.39
N ILE M 14 41.68 10.72 -25.09
CA ILE M 14 42.61 9.61 -25.23
C ILE M 14 42.82 9.29 -26.70
N LEU M 15 41.71 9.23 -27.44
CA LEU M 15 41.76 8.89 -28.84
C LEU M 15 42.48 9.95 -29.65
N LYS M 16 42.48 11.21 -29.19
CA LYS M 16 43.22 12.29 -29.84
C LYS M 16 44.72 12.07 -29.71
N SER M 17 45.23 11.90 -28.47
CA SER M 17 46.66 11.74 -28.21
C SER M 17 47.18 10.48 -28.88
N PRO M 18 48.14 10.56 -29.85
CA PRO M 18 48.61 9.38 -30.58
C PRO M 18 49.24 8.35 -29.64
N LEU M 19 50.14 8.82 -28.78
CA LEU M 19 50.81 8.06 -27.73
C LEU M 19 49.78 7.28 -26.90
N LEU M 20 48.82 8.01 -26.34
CA LEU M 20 47.83 7.43 -25.45
C LEU M 20 47.01 6.38 -26.19
N SER M 21 46.51 6.69 -27.39
CA SER M 21 45.69 5.75 -28.13
C SER M 21 46.49 4.49 -28.45
N LYS M 22 47.78 4.64 -28.78
CA LYS M 22 48.64 3.53 -29.14
C LYS M 22 48.70 2.51 -28.02
N ILE M 23 48.59 2.96 -26.76
CA ILE M 23 48.73 2.05 -25.63
C ILE M 23 47.38 1.65 -25.05
N VAL M 24 46.35 2.50 -25.23
CA VAL M 24 45.08 2.30 -24.53
C VAL M 24 44.10 1.53 -25.40
N VAL M 25 44.08 1.81 -26.70
CA VAL M 25 43.07 1.18 -27.53
C VAL M 25 43.24 -0.34 -27.57
N PRO M 26 44.47 -0.90 -27.69
CA PRO M 26 44.63 -2.34 -27.63
C PRO M 26 44.23 -2.94 -26.27
N LEU M 27 44.52 -2.21 -25.18
CA LEU M 27 44.12 -2.65 -23.86
C LEU M 27 42.61 -2.73 -23.78
N ALA M 28 41.94 -1.70 -24.31
CA ALA M 28 40.50 -1.61 -24.12
C ALA M 28 39.84 -2.72 -24.92
N LYS M 29 40.42 -3.06 -26.08
CA LYS M 29 39.88 -4.15 -26.89
C LYS M 29 40.00 -5.47 -26.16
N THR M 30 41.13 -5.70 -25.48
CA THR M 30 41.35 -6.92 -24.72
C THR M 30 40.36 -6.96 -23.56
N TYR M 31 40.24 -5.81 -22.89
CA TYR M 31 39.40 -5.73 -21.72
C TYR M 31 38.01 -6.19 -22.11
N VAL M 32 37.54 -5.71 -23.26
CA VAL M 32 36.17 -5.99 -23.63
C VAL M 32 36.04 -7.47 -24.00
N LYS M 33 37.10 -8.08 -24.53
CA LYS M 33 37.10 -9.50 -24.85
C LYS M 33 37.01 -10.32 -23.56
N PHE M 34 37.78 -9.92 -22.54
CA PHE M 34 37.74 -10.60 -21.26
C PHE M 34 36.45 -10.34 -20.48
N SER M 35 35.85 -9.16 -20.69
CA SER M 35 34.65 -8.76 -19.98
C SER M 35 33.55 -9.79 -20.21
N GLY M 36 33.38 -10.15 -21.48
CA GLY M 36 32.58 -11.29 -21.84
C GLY M 36 31.11 -10.96 -21.93
N TYR M 37 30.76 -9.67 -22.02
CA TYR M 37 29.34 -9.38 -22.18
C TYR M 37 28.85 -9.81 -23.56
N ARG M 38 29.76 -9.92 -24.53
CA ARG M 38 29.33 -10.30 -25.86
C ARG M 38 28.87 -11.74 -25.88
N GLN M 39 29.37 -12.54 -24.92
CA GLN M 39 29.04 -13.96 -24.89
C GLN M 39 27.63 -14.18 -24.35
N LEU M 40 26.96 -13.09 -23.93
CA LEU M 40 25.56 -13.21 -23.53
C LEU M 40 24.69 -12.46 -24.52
N GLY M 41 25.31 -12.04 -25.60
CA GLY M 41 24.55 -11.44 -26.68
C GLY M 41 24.17 -10.00 -26.38
N PHE M 42 24.91 -9.35 -25.50
CA PHE M 42 24.65 -7.96 -25.21
C PHE M 42 25.50 -7.07 -26.11
N LYS M 43 24.98 -5.88 -26.41
CA LYS M 43 25.82 -4.80 -26.90
C LYS M 43 26.25 -3.99 -25.69
N MET M 44 27.42 -3.35 -25.75
CA MET M 44 27.95 -2.64 -24.60
C MET M 44 26.85 -1.80 -23.94
N ASN M 45 26.08 -1.07 -24.76
CA ASN M 45 25.20 -0.05 -24.21
C ASN M 45 24.07 -0.66 -23.40
N ASP M 46 23.77 -1.93 -23.63
CA ASP M 46 22.73 -2.62 -22.86
C ASP M 46 23.10 -2.68 -21.39
N LEU M 47 24.37 -2.51 -21.06
CA LEU M 47 24.78 -2.69 -19.67
C LEU M 47 24.72 -1.39 -18.88
N ILE M 48 24.46 -0.26 -19.52
CA ILE M 48 24.50 1.01 -18.77
C ILE M 48 23.29 1.10 -17.84
N ILE M 49 23.54 1.56 -16.61
CA ILE M 49 22.54 1.60 -15.54
C ILE M 49 21.40 2.49 -16.00
N GLU M 50 20.16 2.00 -15.90
CA GLU M 50 19.09 2.76 -16.49
C GLU M 50 18.12 3.33 -15.46
N GLU M 51 18.29 2.99 -14.18
CA GLU M 51 17.35 3.46 -13.18
C GLU M 51 17.85 4.82 -12.71
N THR M 52 17.74 5.79 -13.60
CA THR M 52 18.12 7.18 -13.38
C THR M 52 17.11 7.96 -14.19
N PRO M 53 16.65 9.17 -13.80
CA PRO M 53 15.66 9.87 -14.62
C PRO M 53 16.20 10.15 -16.03
N ASN M 54 17.49 10.52 -16.12
CA ASN M 54 18.11 10.82 -17.39
C ASN M 54 18.06 9.62 -18.31
N MET M 55 18.40 8.45 -17.77
CA MET M 55 18.51 7.27 -18.62
C MET M 55 17.14 6.77 -19.01
N GLN M 56 16.16 6.94 -18.12
CA GLN M 56 14.81 6.58 -18.45
C GLN M 56 14.34 7.42 -19.63
N LEU M 57 14.70 8.70 -19.61
CA LEU M 57 14.33 9.58 -20.70
C LEU M 57 15.03 9.18 -21.99
N ALA M 58 16.32 8.83 -21.91
CA ALA M 58 17.00 8.44 -23.13
C ALA M 58 16.38 7.18 -23.70
N LEU M 59 15.90 6.28 -22.84
CA LEU M 59 15.38 5.03 -23.36
C LEU M 59 14.05 5.25 -24.08
N ARG M 60 13.27 6.22 -23.58
CA ARG M 60 12.00 6.58 -24.17
C ARG M 60 12.21 7.22 -25.55
N ARG M 61 13.40 7.75 -25.80
CA ARG M 61 13.68 8.44 -27.05
C ARG M 61 14.25 7.49 -28.10
N LEU M 62 14.52 6.23 -27.72
CA LEU M 62 15.00 5.28 -28.72
C LEU M 62 13.95 5.08 -29.82
N PRO M 63 14.38 4.92 -31.09
CA PRO M 63 13.47 4.52 -32.16
C PRO M 63 12.82 3.18 -31.84
N PRO M 64 11.54 2.95 -32.22
CA PRO M 64 10.80 1.78 -31.71
C PRO M 64 11.51 0.45 -31.97
N THR M 65 12.06 0.30 -33.19
CA THR M 65 12.83 -0.85 -33.63
C THR M 65 13.99 -1.13 -32.67
N GLU M 66 14.82 -0.12 -32.42
CA GLU M 66 15.98 -0.24 -31.54
C GLU M 66 15.52 -0.63 -30.14
N SER M 67 14.37 -0.10 -29.74
CA SER M 67 13.89 -0.37 -28.41
C SER M 67 13.43 -1.81 -28.30
N TYR M 68 12.73 -2.30 -29.33
CA TYR M 68 12.22 -3.66 -29.30
C TYR M 68 13.38 -4.62 -29.31
N ASP M 69 14.45 -4.26 -30.04
CA ASP M 69 15.59 -5.15 -30.14
C ASP M 69 16.29 -5.22 -28.79
N ARG M 70 16.34 -4.09 -28.10
CA ARG M 70 17.01 -4.05 -26.82
C ARG M 70 16.27 -4.94 -25.84
N VAL M 71 14.95 -4.87 -25.86
CA VAL M 71 14.17 -5.68 -24.94
C VAL M 71 14.46 -7.14 -25.23
N TYR M 72 14.53 -7.52 -26.50
CA TYR M 72 14.86 -8.91 -26.77
C TYR M 72 16.25 -9.27 -26.26
N ARG M 73 17.28 -8.44 -26.50
CA ARG M 73 18.59 -8.79 -25.99
C ARG M 73 18.60 -8.92 -24.48
N LEU M 74 17.85 -8.10 -23.76
CA LEU M 74 17.88 -8.23 -22.30
C LEU M 74 17.19 -9.51 -21.88
N ILE M 75 16.11 -9.87 -22.57
CA ILE M 75 15.39 -11.06 -22.16
C ILE M 75 16.20 -12.28 -22.51
N ARG M 76 16.80 -12.29 -23.68
CA ARG M 76 17.67 -13.38 -24.07
C ARG M 76 18.80 -13.53 -23.06
N ALA M 77 19.45 -12.43 -22.67
CA ALA M 77 20.59 -12.53 -21.78
C ALA M 77 20.12 -13.01 -20.43
N THR M 78 18.97 -12.56 -19.97
CA THR M 78 18.48 -13.00 -18.69
C THR M 78 18.24 -14.50 -18.70
N GLN M 79 17.80 -15.01 -19.84
CA GLN M 79 17.56 -16.44 -19.92
C GLN M 79 18.89 -17.19 -19.93
N PHE M 80 19.92 -16.67 -20.61
CA PHE M 80 21.20 -17.36 -20.57
C PHE M 80 21.80 -17.32 -19.18
N SER M 81 21.64 -16.18 -18.50
CA SER M 81 22.10 -16.03 -17.14
C SER M 81 21.48 -17.11 -16.27
N LEU M 82 20.16 -17.28 -16.35
CA LEU M 82 19.54 -18.14 -15.34
C LEU M 82 19.81 -19.60 -15.67
N SER M 83 20.10 -19.89 -16.93
CA SER M 83 20.40 -21.23 -17.39
C SER M 83 21.87 -21.57 -17.19
N HIS M 84 22.71 -20.56 -16.89
CA HIS M 84 24.16 -20.69 -16.83
C HIS M 84 24.73 -21.21 -18.15
N LYS M 85 24.19 -20.75 -19.26
CA LYS M 85 24.65 -21.09 -20.59
C LYS M 85 25.24 -19.83 -21.19
N LEU M 86 26.05 -19.98 -22.24
CA LEU M 86 26.45 -18.80 -22.97
C LEU M 86 25.73 -18.79 -24.31
N ALA M 87 25.76 -17.63 -24.98
CA ALA M 87 25.26 -17.52 -26.34
C ALA M 87 26.11 -18.41 -27.25
N THR M 88 25.48 -18.96 -28.29
CA THR M 88 26.26 -19.63 -29.32
C THR M 88 25.85 -19.08 -30.67
N GLY M 89 26.73 -19.20 -31.65
CA GLY M 89 26.38 -18.90 -33.03
C GLY M 89 26.01 -17.44 -33.21
N ASN M 90 24.76 -17.20 -33.65
CA ASN M 90 24.34 -15.87 -34.06
C ASN M 90 23.99 -15.01 -32.86
N ASP M 91 23.89 -15.65 -31.69
CA ASP M 91 23.52 -14.94 -30.48
C ASP M 91 24.74 -14.19 -29.94
N ILE M 92 25.95 -14.66 -30.26
CA ILE M 92 27.14 -13.98 -29.77
C ILE M 92 27.26 -12.67 -30.54
N THR M 93 27.50 -11.58 -29.80
CA THR M 93 27.64 -10.27 -30.41
C THR M 93 29.02 -10.18 -31.05
N LYS M 94 29.02 -9.96 -32.37
CA LYS M 94 30.28 -9.85 -33.09
C LYS M 94 30.75 -8.41 -32.91
N PRO M 95 32.07 -8.13 -32.91
CA PRO M 95 32.58 -6.77 -32.69
C PRO M 95 31.96 -5.67 -33.56
N GLU M 96 31.55 -6.03 -34.79
CA GLU M 96 30.97 -5.13 -35.79
C GLU M 96 29.51 -4.81 -35.46
N GLU M 97 28.88 -5.67 -34.64
CA GLU M 97 27.48 -5.47 -34.28
C GLU M 97 27.36 -4.70 -32.97
N ASP M 98 28.48 -4.45 -32.28
CA ASP M 98 28.44 -3.82 -30.98
C ASP M 98 28.42 -2.30 -31.18
N ASP M 99 27.27 -1.79 -31.65
CA ASP M 99 27.15 -0.38 -31.99
C ASP M 99 26.61 0.39 -30.79
N HIS M 100 27.06 1.64 -30.65
CA HIS M 100 26.63 2.51 -29.57
C HIS M 100 25.28 3.13 -29.88
N TYR M 101 24.22 2.34 -29.79
CA TYR M 101 22.92 2.79 -30.28
C TYR M 101 22.34 3.81 -29.31
N LEU M 102 22.79 3.78 -28.06
CA LEU M 102 22.11 4.58 -27.06
C LEU M 102 22.93 5.80 -26.74
N ILE M 103 24.24 5.80 -27.00
CA ILE M 103 25.11 6.87 -26.55
C ILE M 103 24.61 8.20 -27.10
N PRO M 104 24.23 8.36 -28.39
CA PRO M 104 23.69 9.62 -28.90
C PRO M 104 22.52 10.17 -28.11
N TYR M 105 21.59 9.31 -27.72
CA TYR M 105 20.41 9.74 -27.00
C TYR M 105 20.76 10.19 -25.59
N ILE M 106 21.63 9.44 -24.91
CA ILE M 106 21.89 9.82 -23.54
C ILE M 106 22.77 11.06 -23.53
N LEU M 107 23.61 11.22 -24.55
CA LEU M 107 24.42 12.43 -24.58
C LEU M 107 23.54 13.65 -24.78
N ASP M 108 22.43 13.53 -25.53
CA ASP M 108 21.53 14.66 -25.73
C ASP M 108 20.75 14.97 -24.46
N VAL M 109 20.26 13.94 -23.78
CA VAL M 109 19.54 14.13 -22.54
C VAL M 109 20.43 14.83 -21.54
N GLU M 110 21.66 14.33 -21.40
CA GLU M 110 22.56 14.88 -20.41
C GLU M 110 23.00 16.28 -20.80
N ALA M 111 23.20 16.53 -22.10
CA ALA M 111 23.64 17.84 -22.55
C ALA M 111 22.67 18.87 -22.02
N GLU M 112 21.37 18.59 -22.17
CA GLU M 112 20.34 19.52 -21.75
C GLU M 112 20.33 19.63 -20.24
N ALA M 113 20.42 18.51 -19.55
CA ALA M 113 20.38 18.55 -18.10
C ALA M 113 21.57 19.34 -17.55
N PHE M 114 22.74 19.24 -18.19
CA PHE M 114 23.90 19.96 -17.65
C PHE M 114 23.84 21.42 -18.05
N GLU M 115 23.24 21.73 -19.20
CA GLU M 115 23.08 23.12 -19.58
C GLU M 115 22.12 23.75 -18.59
N LYS M 116 21.09 23.01 -18.21
CA LYS M 116 20.07 23.53 -17.31
C LYS M 116 20.72 23.90 -15.98
N ASP M 117 21.55 23.01 -15.43
CA ASP M 117 22.32 23.28 -14.22
C ASP M 117 23.22 24.51 -14.39
N ALA M 118 23.90 24.64 -15.54
CA ALA M 118 24.78 25.77 -15.71
C ALA M 118 23.97 27.06 -15.70
N LEU M 119 22.86 27.04 -16.44
CA LEU M 119 22.12 28.26 -16.68
C LEU M 119 21.36 28.68 -15.43
N ASP M 120 21.12 27.73 -14.53
CA ASP M 120 20.50 28.01 -13.23
C ASP M 120 21.44 28.82 -12.34
N ASN M 121 22.71 28.89 -12.76
CA ASN M 121 23.75 29.53 -12.00
C ASN M 121 24.33 30.69 -12.81
N LEU M 122 23.54 31.28 -13.72
CA LEU M 122 24.14 32.36 -14.48
C LEU M 122 24.01 33.67 -13.70
N GLU M 123 25.01 34.55 -13.89
CA GLU M 123 25.06 35.86 -13.26
C GLU M 123 25.15 36.93 -14.34
N VAL M 124 24.12 37.76 -14.44
CA VAL M 124 24.16 38.90 -15.35
C VAL M 124 25.28 39.87 -14.96
N VAL M 125 26.00 40.41 -15.94
CA VAL M 125 27.20 41.19 -15.68
C VAL M 125 27.00 42.72 -15.71
N PRO N 66 53.17 -52.40 34.91
CA PRO N 66 54.15 -51.40 34.44
C PRO N 66 53.64 -50.51 33.29
N ASP N 67 53.88 -49.19 33.41
CA ASP N 67 53.22 -48.18 32.59
C ASP N 67 53.65 -48.35 31.14
N PRO N 68 52.69 -48.60 30.21
CA PRO N 68 52.99 -48.87 28.81
C PRO N 68 53.74 -47.72 28.15
N ALA N 69 53.49 -46.51 28.66
CA ALA N 69 54.01 -45.28 28.09
C ALA N 69 55.53 -45.20 28.23
N ILE N 70 56.06 -45.72 29.34
CA ILE N 70 57.49 -45.68 29.64
C ILE N 70 58.30 -46.30 28.50
N ALA N 71 57.87 -47.49 28.07
CA ALA N 71 58.55 -48.27 27.04
C ALA N 71 58.33 -47.64 25.67
N LEU N 72 57.10 -47.15 25.39
CA LEU N 72 56.80 -46.57 24.08
C LEU N 72 57.60 -45.30 23.85
N HIS N 73 57.76 -44.49 24.90
CA HIS N 73 58.49 -43.23 24.82
C HIS N 73 59.98 -43.51 24.61
N GLU N 74 60.48 -44.58 25.24
CA GLU N 74 61.90 -44.89 25.16
C GLU N 74 62.24 -45.35 23.75
N ALA N 75 61.36 -46.19 23.20
CA ALA N 75 61.45 -46.78 21.88
C ALA N 75 61.40 -45.68 20.80
N ALA N 76 60.52 -44.69 21.01
CA ALA N 76 60.36 -43.61 20.05
C ALA N 76 61.54 -42.64 20.11
N ALA N 77 62.23 -42.58 21.25
CA ALA N 77 63.37 -41.68 21.39
C ALA N 77 64.58 -42.28 20.68
N GLU N 78 64.74 -43.61 20.77
CA GLU N 78 65.89 -44.32 20.21
C GLU N 78 65.72 -44.50 18.70
N GLY N 79 64.46 -44.50 18.26
CA GLY N 79 64.09 -44.79 16.89
C GLY N 79 63.78 -43.53 16.09
N PRO N 80 62.49 -43.21 15.83
CA PRO N 80 62.11 -42.13 14.91
C PRO N 80 62.43 -40.70 15.35
N CYS N 81 62.73 -40.53 16.63
CA CYS N 81 63.02 -39.21 17.16
C CYS N 81 64.44 -39.19 17.70
N HIS N 82 65.38 -39.82 16.99
CA HIS N 82 66.74 -39.96 17.48
C HIS N 82 67.50 -38.64 17.30
N ASP N 83 67.18 -37.92 16.22
CA ASP N 83 67.80 -36.65 15.90
C ASP N 83 67.43 -35.60 16.95
N PHE N 84 66.18 -35.66 17.40
CA PHE N 84 65.66 -34.73 18.39
C PHE N 84 66.22 -35.07 19.76
N LYS N 85 66.42 -36.37 20.00
CA LYS N 85 66.97 -36.85 21.26
C LYS N 85 68.39 -36.29 21.39
N HIS N 86 69.16 -36.39 20.29
CA HIS N 86 70.53 -35.90 20.24
C HIS N 86 70.61 -34.39 20.48
N HIS N 87 69.66 -33.63 19.91
CA HIS N 87 69.64 -32.18 20.08
C HIS N 87 69.47 -31.81 21.53
N PHE N 88 68.47 -32.44 22.16
CA PHE N 88 68.16 -32.19 23.56
C PHE N 88 69.38 -32.55 24.42
N ASP N 89 70.00 -33.70 24.15
CA ASP N 89 71.18 -34.15 24.86
C ASP N 89 72.31 -33.14 24.76
N GLU N 90 72.64 -32.72 23.52
CA GLU N 90 73.70 -31.74 23.28
C GLU N 90 73.41 -30.47 24.07
N CYS N 91 72.14 -30.01 24.00
CA CYS N 91 71.72 -28.81 24.70
C CYS N 91 72.00 -28.96 26.19
N VAL N 92 71.56 -30.08 26.81
CA VAL N 92 71.69 -30.22 28.25
C VAL N 92 73.18 -30.19 28.63
N GLU N 93 74.03 -30.87 27.86
CA GLU N 93 75.48 -30.85 28.06
C GLU N 93 76.00 -29.42 28.13
N ARG N 94 75.61 -28.57 27.16
CA ARG N 94 76.06 -27.19 27.07
C ARG N 94 75.61 -26.39 28.28
N VAL N 95 74.34 -26.57 28.67
CA VAL N 95 73.75 -25.73 29.70
C VAL N 95 74.34 -26.08 31.06
N THR N 96 74.46 -27.39 31.34
CA THR N 96 75.04 -27.86 32.59
C THR N 96 76.46 -27.34 32.76
N LYS N 97 77.24 -27.41 31.67
CA LYS N 97 78.62 -26.96 31.61
C LYS N 97 78.70 -25.44 31.85
N ALA N 98 77.70 -24.73 31.33
CA ALA N 98 77.65 -23.27 31.44
C ALA N 98 77.32 -22.86 32.86
N GLN N 99 76.51 -23.69 33.53
CA GLN N 99 76.07 -23.44 34.90
C GLN N 99 77.22 -23.75 35.86
N GLU N 100 78.07 -24.71 35.46
CA GLU N 100 79.24 -25.16 36.21
C GLU N 100 80.26 -24.03 36.32
N ALA N 101 80.42 -23.27 35.22
CA ALA N 101 81.33 -22.13 35.16
C ALA N 101 80.85 -21.01 36.08
N GLU N 102 81.81 -20.32 36.69
CA GLU N 102 81.53 -19.26 37.67
C GLU N 102 81.15 -17.98 36.94
N ASP N 103 80.44 -17.09 37.66
CA ASP N 103 79.87 -15.84 37.17
C ASP N 103 78.83 -16.15 36.09
N TYR N 104 78.14 -17.30 36.28
CA TYR N 104 76.99 -17.66 35.48
C TYR N 104 75.76 -16.92 36.01
N ASP N 105 75.71 -16.71 37.33
CA ASP N 105 74.60 -16.06 38.00
C ASP N 105 74.54 -14.58 37.61
N HIS N 106 75.70 -14.00 37.28
CA HIS N 106 75.82 -12.61 36.85
C HIS N 106 76.03 -12.54 35.34
N ALA N 107 75.28 -13.38 34.60
CA ALA N 107 75.26 -13.31 33.15
C ALA N 107 73.93 -12.70 32.69
N GLU N 108 73.92 -12.18 31.47
CA GLU N 108 72.74 -11.51 30.93
C GLU N 108 71.72 -12.56 30.50
N TYR N 109 72.17 -13.48 29.63
CA TYR N 109 71.32 -14.50 29.03
C TYR N 109 71.66 -15.88 29.60
N LYS N 110 70.66 -16.51 30.24
CA LYS N 110 70.77 -17.88 30.70
C LYS N 110 69.98 -18.80 29.77
N GLU N 111 70.71 -19.68 29.06
CA GLU N 111 70.16 -20.61 28.08
C GLU N 111 69.39 -21.71 28.80
N ASP N 112 68.21 -22.06 28.24
CA ASP N 112 67.44 -23.23 28.66
C ASP N 112 67.48 -24.29 27.56
N CYS N 113 66.77 -25.40 27.81
CA CYS N 113 66.66 -26.46 26.83
C CYS N 113 65.21 -26.75 26.50
N VAL N 114 64.36 -25.74 26.73
CA VAL N 114 62.92 -25.95 26.61
C VAL N 114 62.57 -26.20 25.15
N GLU N 115 63.18 -25.41 24.28
CA GLU N 115 62.86 -25.52 22.87
C GLU N 115 63.11 -26.94 22.36
N GLU N 116 64.30 -27.46 22.69
CA GLU N 116 64.73 -28.77 22.24
C GLU N 116 63.85 -29.84 22.88
N PHE N 117 63.48 -29.60 24.13
CA PHE N 117 62.61 -30.50 24.86
C PHE N 117 61.26 -30.60 24.16
N PHE N 118 60.72 -29.43 23.78
CA PHE N 118 59.44 -29.45 23.08
C PHE N 118 59.56 -30.17 21.76
N HIS N 119 60.67 -29.97 21.04
CA HIS N 119 60.76 -30.60 19.73
C HIS N 119 60.76 -32.12 19.92
N LEU N 120 61.44 -32.58 20.97
CA LEU N 120 61.55 -34.00 21.24
C LEU N 120 60.19 -34.55 21.64
N GLN N 121 59.51 -33.87 22.58
CA GLN N 121 58.27 -34.38 23.13
C GLN N 121 57.20 -34.37 22.04
N HIS N 122 57.21 -33.30 21.25
CA HIS N 122 56.22 -33.17 20.19
C HIS N 122 56.37 -34.32 19.20
N CYS N 123 57.62 -34.69 18.92
CA CYS N 123 57.95 -35.80 18.03
C CYS N 123 57.51 -37.12 18.67
N ILE N 124 57.88 -37.34 19.94
CA ILE N 124 57.55 -38.58 20.62
C ILE N 124 56.04 -38.78 20.62
N ASN N 125 55.30 -37.70 20.85
CA ASN N 125 53.85 -37.81 20.97
C ASN N 125 53.23 -38.23 19.64
N ASP N 126 53.78 -37.70 18.55
CA ASP N 126 53.30 -37.99 17.20
C ASP N 126 53.49 -39.46 16.86
N ASN N 127 54.48 -40.10 17.48
CA ASN N 127 54.82 -41.47 17.13
C ASN N 127 54.26 -42.48 18.12
N THR N 128 53.43 -42.04 19.06
CA THR N 128 53.16 -42.85 20.25
C THR N 128 51.67 -42.84 20.55
N ALA N 129 51.05 -41.67 20.39
CA ALA N 129 49.65 -41.43 20.71
C ALA N 129 48.77 -42.62 20.36
N ASP N 130 48.78 -43.05 19.09
CA ASP N 130 47.90 -44.11 18.63
C ASP N 130 48.26 -45.44 19.27
N LYS N 131 49.57 -45.70 19.40
CA LYS N 131 50.04 -46.97 19.93
C LYS N 131 49.64 -47.11 21.39
N LEU N 132 49.69 -46.00 22.14
CA LEU N 132 49.45 -46.01 23.57
C LEU N 132 47.98 -46.29 23.85
N PHE N 133 47.11 -45.59 23.14
CA PHE N 133 45.68 -45.79 23.37
C PHE N 133 45.22 -47.16 22.91
N ARG N 134 46.03 -47.83 22.09
CA ARG N 134 45.69 -49.16 21.62
C ARG N 134 45.90 -50.21 22.71
N VAL N 135 46.73 -49.90 23.72
CA VAL N 135 47.02 -50.86 24.78
C VAL N 135 46.33 -50.49 26.11
N LEU N 136 45.26 -49.69 26.04
CA LEU N 136 44.47 -49.34 27.22
C LEU N 136 42.99 -49.72 27.03
N VAL O 26 -40.61 -32.46 -34.69
CA VAL O 26 -39.93 -33.67 -35.34
C VAL O 26 -39.40 -33.30 -36.72
N SER O 27 -38.06 -33.36 -36.87
CA SER O 27 -37.37 -33.06 -38.12
C SER O 27 -37.60 -34.18 -39.15
N PRO O 28 -37.60 -33.90 -40.48
CA PRO O 28 -37.63 -34.97 -41.48
C PRO O 28 -36.37 -35.83 -41.42
N LYS O 29 -36.57 -37.10 -41.77
CA LYS O 29 -35.57 -38.16 -41.73
C LYS O 29 -34.41 -37.85 -42.69
N THR O 30 -33.17 -38.07 -42.21
CA THR O 30 -32.00 -37.94 -43.06
C THR O 30 -31.79 -39.23 -43.85
N ARG O 31 -31.96 -39.14 -45.18
CA ARG O 31 -31.79 -40.32 -46.00
C ARG O 31 -30.32 -40.46 -46.37
N THR O 32 -29.86 -41.72 -46.46
CA THR O 32 -28.47 -42.04 -46.72
C THR O 32 -28.42 -43.18 -47.73
N SER O 33 -27.64 -42.96 -48.79
CA SER O 33 -27.34 -44.01 -49.76
C SER O 33 -25.84 -44.00 -50.06
N ASN O 34 -25.39 -45.15 -50.55
CA ASN O 34 -24.04 -45.35 -51.04
C ASN O 34 -24.08 -45.57 -52.55
N LEU O 35 -22.94 -45.24 -53.18
CA LEU O 35 -22.64 -45.68 -54.53
C LEU O 35 -21.78 -46.94 -54.50
N LYS O 36 -21.39 -47.39 -55.70
CA LYS O 36 -20.58 -48.58 -55.89
C LYS O 36 -19.13 -48.32 -55.45
N ASN O 37 -18.61 -47.11 -55.74
CA ASN O 37 -17.25 -46.77 -55.38
C ASN O 37 -17.14 -46.58 -53.87
N GLY O 38 -18.25 -46.21 -53.23
CA GLY O 38 -18.31 -46.10 -51.78
C GLY O 38 -18.55 -44.67 -51.32
N LEU O 39 -18.98 -43.82 -52.27
CA LEU O 39 -19.37 -42.46 -51.96
C LEU O 39 -20.70 -42.50 -51.21
N THR O 40 -20.74 -41.83 -50.05
CA THR O 40 -21.96 -41.65 -49.29
C THR O 40 -22.73 -40.42 -49.77
N ILE O 41 -24.05 -40.58 -49.96
CA ILE O 41 -24.94 -39.48 -50.27
C ILE O 41 -25.93 -39.36 -49.12
N ALA O 42 -26.01 -38.15 -48.55
CA ALA O 42 -26.81 -37.96 -47.36
C ALA O 42 -27.61 -36.67 -47.53
N SER O 43 -28.92 -36.76 -47.31
CA SER O 43 -29.75 -35.62 -47.66
C SER O 43 -30.81 -35.39 -46.59
N GLU O 44 -31.12 -34.12 -46.33
CA GLU O 44 -32.26 -33.79 -45.49
C GLU O 44 -33.12 -32.71 -46.13
N SER O 45 -34.25 -33.15 -46.72
CA SER O 45 -35.16 -32.31 -47.47
C SER O 45 -36.06 -31.49 -46.55
N ASN O 46 -36.37 -30.26 -46.99
CA ASN O 46 -37.19 -29.31 -46.27
C ASN O 46 -38.09 -28.60 -47.27
N PRO O 47 -39.34 -29.07 -47.50
CA PRO O 47 -40.20 -28.52 -48.56
C PRO O 47 -40.77 -27.13 -48.27
N LEU O 48 -40.25 -26.51 -47.21
CA LEU O 48 -40.64 -25.18 -46.75
C LEU O 48 -39.71 -24.10 -47.30
N VAL O 49 -38.49 -24.49 -47.71
CA VAL O 49 -37.51 -23.55 -48.25
C VAL O 49 -37.41 -23.72 -49.76
N GLN O 50 -36.71 -22.78 -50.39
CA GLN O 50 -36.67 -22.67 -51.84
C GLN O 50 -35.24 -22.80 -52.34
N THR O 51 -34.30 -22.81 -51.39
CA THR O 51 -32.88 -22.87 -51.68
C THR O 51 -32.31 -24.21 -51.20
N ALA O 52 -31.21 -24.65 -51.81
CA ALA O 52 -30.55 -25.89 -51.42
C ALA O 52 -29.07 -25.64 -51.17
N THR O 53 -28.48 -26.39 -50.23
CA THR O 53 -27.03 -26.46 -50.11
C THR O 53 -26.57 -27.88 -50.44
N VAL O 54 -25.95 -28.07 -51.60
CA VAL O 54 -25.23 -29.31 -51.82
C VAL O 54 -23.75 -29.05 -51.61
N GLY O 55 -23.06 -30.06 -51.11
CA GLY O 55 -21.62 -29.98 -51.01
C GLY O 55 -20.98 -31.33 -50.75
N VAL O 56 -19.65 -31.31 -50.74
CA VAL O 56 -18.87 -32.49 -50.50
C VAL O 56 -18.08 -32.25 -49.23
N TRP O 57 -18.32 -33.10 -48.23
CA TRP O 57 -17.54 -33.09 -47.00
C TRP O 57 -16.53 -34.22 -47.13
N ILE O 58 -15.27 -33.88 -46.88
CA ILE O 58 -14.20 -34.85 -47.03
C ILE O 58 -13.55 -35.10 -45.69
N ASP O 59 -13.40 -36.38 -45.36
CA ASP O 59 -12.72 -36.81 -44.16
C ASP O 59 -11.21 -36.80 -44.44
N ALA O 60 -10.66 -35.60 -44.59
CA ALA O 60 -9.27 -35.37 -44.94
C ALA O 60 -9.02 -33.89 -44.71
N GLY O 61 -7.81 -33.54 -44.28
CA GLY O 61 -7.50 -32.14 -44.04
C GLY O 61 -6.00 -31.99 -43.89
N SER O 62 -5.55 -30.96 -43.18
CA SER O 62 -4.12 -30.72 -43.00
C SER O 62 -3.41 -31.89 -42.34
N ARG O 63 -4.15 -32.60 -41.50
CA ARG O 63 -3.52 -33.62 -40.70
C ARG O 63 -3.04 -34.77 -41.59
N ASN O 64 -3.47 -34.78 -42.84
CA ASN O 64 -3.18 -35.90 -43.73
C ASN O 64 -1.87 -35.66 -44.47
N GLU O 65 -1.34 -34.44 -44.34
CA GLU O 65 -0.04 -34.12 -44.89
C GLU O 65 1.07 -34.60 -43.96
N ASN O 66 2.29 -34.79 -44.50
CA ASN O 66 3.50 -34.88 -43.69
C ASN O 66 4.12 -33.49 -43.59
N ALA O 67 5.38 -33.42 -43.14
CA ALA O 67 5.92 -32.11 -42.82
C ALA O 67 6.41 -31.41 -44.09
N TYR O 68 6.68 -32.19 -45.14
CA TYR O 68 7.23 -31.67 -46.38
C TYR O 68 6.13 -31.09 -47.26
N ASN O 69 4.94 -31.69 -47.20
CA ASN O 69 3.86 -31.20 -48.04
C ASN O 69 2.80 -30.53 -47.17
N ASN O 70 3.21 -30.01 -46.03
CA ASN O 70 2.28 -29.30 -45.16
C ASN O 70 1.87 -27.99 -45.83
N GLY O 71 0.55 -27.82 -46.02
CA GLY O 71 -0.01 -26.66 -46.65
C GLY O 71 -0.66 -27.02 -47.98
N THR O 72 -0.48 -28.29 -48.40
CA THR O 72 -1.00 -28.78 -49.66
C THR O 72 -2.52 -28.65 -49.71
N ALA O 73 -3.18 -29.09 -48.65
CA ALA O 73 -4.63 -29.14 -48.60
C ALA O 73 -5.22 -27.74 -48.77
N HIS O 74 -4.58 -26.75 -48.16
CA HIS O 74 -5.06 -25.38 -48.26
C HIS O 74 -4.74 -24.83 -49.65
N PHE O 75 -3.61 -25.25 -50.20
CA PHE O 75 -3.20 -24.83 -51.51
C PHE O 75 -4.24 -25.29 -52.51
N PHE O 76 -4.68 -26.55 -52.35
CA PHE O 76 -5.59 -27.14 -53.31
C PHE O 76 -6.91 -26.37 -53.36
N GLU O 77 -7.38 -25.96 -52.19
CA GLU O 77 -8.57 -25.15 -52.04
C GLU O 77 -8.52 -23.91 -52.95
N HIS O 78 -7.34 -23.30 -53.09
CA HIS O 78 -7.18 -22.12 -53.92
C HIS O 78 -7.13 -22.44 -55.39
N LEU O 79 -6.77 -23.68 -55.72
CA LEU O 79 -6.59 -24.05 -57.11
C LEU O 79 -7.80 -24.78 -57.67
N ALA O 80 -8.66 -25.26 -56.77
CA ALA O 80 -9.87 -25.97 -57.19
C ALA O 80 -10.75 -25.01 -57.98
N PHE O 81 -10.56 -23.71 -57.74
CA PHE O 81 -11.39 -22.72 -58.40
C PHE O 81 -10.68 -22.05 -59.57
N LYS O 82 -9.54 -22.62 -59.96
CA LYS O 82 -8.69 -21.97 -60.95
C LYS O 82 -8.80 -22.71 -62.28
N GLY O 83 -9.80 -23.58 -62.42
CA GLY O 83 -10.20 -24.10 -63.74
C GLY O 83 -9.95 -25.59 -63.90
N THR O 84 -10.76 -26.19 -64.77
CA THR O 84 -10.77 -27.63 -64.98
C THR O 84 -10.40 -27.93 -66.43
N ASP O 85 -10.40 -29.22 -66.78
CA ASP O 85 -10.14 -29.72 -68.11
C ASP O 85 -11.12 -29.15 -69.14
N LYS O 86 -12.38 -28.87 -68.75
CA LYS O 86 -13.41 -28.36 -69.65
C LYS O 86 -13.52 -26.84 -69.57
N ARG O 87 -13.90 -26.35 -68.39
CA ARG O 87 -14.10 -24.93 -68.17
C ARG O 87 -12.79 -24.31 -67.69
N SER O 88 -12.42 -23.16 -68.30
CA SER O 88 -11.29 -22.36 -67.87
C SER O 88 -11.67 -21.62 -66.59
N GLN O 89 -10.74 -20.86 -66.01
CA GLN O 89 -11.03 -20.12 -64.79
C GLN O 89 -12.21 -19.18 -65.03
N HIS O 90 -12.23 -18.57 -66.21
CA HIS O 90 -13.20 -17.55 -66.54
C HIS O 90 -14.58 -18.16 -66.76
N GLN O 91 -14.59 -19.29 -67.49
CA GLN O 91 -15.79 -20.05 -67.78
C GLN O 91 -16.42 -20.52 -66.46
N LEU O 92 -15.56 -21.00 -65.53
CA LEU O 92 -16.01 -21.45 -64.22
C LEU O 92 -16.76 -20.33 -63.52
N GLU O 93 -16.14 -19.14 -63.44
CA GLU O 93 -16.72 -17.98 -62.78
C GLU O 93 -18.10 -17.71 -63.38
N LEU O 94 -18.17 -17.68 -64.72
CA LEU O 94 -19.41 -17.38 -65.41
C LEU O 94 -20.48 -18.43 -65.12
N ASP O 95 -20.11 -19.71 -65.08
CA ASP O 95 -21.05 -20.81 -64.92
C ASP O 95 -21.76 -20.70 -63.56
N ILE O 96 -21.00 -20.30 -62.54
CA ILE O 96 -21.51 -20.12 -61.19
C ILE O 96 -22.37 -18.86 -61.13
N GLU O 97 -21.93 -17.80 -61.79
CA GLU O 97 -22.72 -16.58 -61.83
C GLU O 97 -24.07 -16.85 -62.51
N ASN O 98 -24.09 -17.72 -63.52
CA ASN O 98 -25.30 -18.05 -64.27
C ASN O 98 -26.23 -18.95 -63.45
N MET O 99 -25.67 -19.73 -62.51
CA MET O 99 -26.44 -20.53 -61.57
C MET O 99 -27.31 -19.60 -60.74
N GLY O 100 -26.66 -18.56 -60.19
CA GLY O 100 -27.36 -17.66 -59.31
C GLY O 100 -26.77 -17.63 -57.91
N GLY O 101 -26.38 -18.80 -57.39
CA GLY O 101 -25.93 -18.87 -56.01
C GLY O 101 -24.41 -18.67 -55.90
N HIS O 102 -23.82 -19.27 -54.87
CA HIS O 102 -22.38 -19.15 -54.67
C HIS O 102 -21.78 -20.49 -54.27
N LEU O 103 -20.44 -20.56 -54.37
CA LEU O 103 -19.63 -21.67 -53.89
C LEU O 103 -18.82 -21.20 -52.71
N ASN O 104 -18.47 -22.13 -51.84
CA ASN O 104 -17.62 -21.82 -50.72
C ASN O 104 -16.82 -23.06 -50.36
N ALA O 105 -15.66 -22.86 -49.75
CA ALA O 105 -14.78 -23.95 -49.35
C ALA O 105 -14.09 -23.58 -48.05
N TYR O 106 -13.82 -24.58 -47.19
CA TYR O 106 -12.80 -24.38 -46.16
C TYR O 106 -12.09 -25.69 -45.86
N THR O 107 -10.82 -25.54 -45.48
CA THR O 107 -9.98 -26.63 -45.07
C THR O 107 -9.70 -26.46 -43.59
N SER O 108 -9.96 -27.50 -42.81
CA SER O 108 -9.52 -27.52 -41.43
C SER O 108 -8.48 -28.62 -41.25
N ARG O 109 -8.23 -28.97 -39.99
CA ARG O 109 -7.22 -29.95 -39.70
C ARG O 109 -7.65 -31.34 -40.13
N GLU O 110 -8.93 -31.63 -39.94
CA GLU O 110 -9.40 -32.98 -40.18
C GLU O 110 -10.49 -33.06 -41.25
N SER O 111 -10.91 -31.91 -41.77
CA SER O 111 -12.09 -31.88 -42.60
C SER O 111 -11.93 -30.86 -43.71
N THR O 112 -12.38 -31.19 -44.92
CA THR O 112 -12.40 -30.22 -46.00
C THR O 112 -13.81 -30.18 -46.55
N VAL O 113 -14.32 -28.97 -46.84
CA VAL O 113 -15.70 -28.81 -47.28
C VAL O 113 -15.74 -27.98 -48.55
N TYR O 114 -16.57 -28.36 -49.51
CA TYR O 114 -16.73 -27.60 -50.73
C TYR O 114 -18.22 -27.63 -51.02
N TYR O 115 -18.88 -26.48 -50.93
CA TYR O 115 -20.31 -26.54 -51.08
C TYR O 115 -20.86 -25.42 -51.93
N ALA O 116 -22.11 -25.58 -52.35
CA ALA O 116 -22.73 -24.71 -53.32
C ALA O 116 -24.15 -24.46 -52.86
N LYS O 117 -24.43 -23.20 -52.53
CA LYS O 117 -25.77 -22.76 -52.22
C LYS O 117 -26.44 -22.28 -53.49
N SER O 118 -27.65 -22.79 -53.76
CA SER O 118 -28.30 -22.50 -55.03
C SER O 118 -29.81 -22.41 -54.86
N PHE O 119 -30.48 -22.31 -55.99
CA PHE O 119 -31.92 -22.43 -56.05
C PHE O 119 -32.30 -23.90 -56.20
N LYS O 120 -33.59 -24.21 -56.02
CA LYS O 120 -34.07 -25.58 -56.00
C LYS O 120 -33.68 -26.34 -57.27
N ASP O 121 -33.82 -25.68 -58.43
CA ASP O 121 -33.78 -26.38 -59.70
C ASP O 121 -32.42 -26.20 -60.35
N ASP O 122 -31.52 -25.54 -59.61
CA ASP O 122 -30.14 -25.26 -59.99
C ASP O 122 -29.19 -26.25 -59.32
N VAL O 123 -29.76 -27.32 -58.77
CA VAL O 123 -28.96 -28.28 -58.04
C VAL O 123 -28.19 -29.14 -59.04
N PRO O 124 -28.78 -29.63 -60.15
CA PRO O 124 -28.00 -30.38 -61.14
C PRO O 124 -26.78 -29.66 -61.70
N LYS O 125 -26.84 -28.31 -61.76
CA LYS O 125 -25.72 -27.54 -62.28
C LYS O 125 -24.59 -27.57 -61.26
N SER O 126 -24.96 -27.34 -60.00
CA SER O 126 -24.02 -27.18 -58.90
C SER O 126 -23.33 -28.51 -58.58
N VAL O 127 -24.06 -29.62 -58.68
CA VAL O 127 -23.42 -30.90 -58.41
C VAL O 127 -22.40 -31.17 -59.50
N GLU O 128 -22.76 -30.80 -60.74
CA GLU O 128 -21.91 -30.98 -61.90
C GLU O 128 -20.65 -30.14 -61.75
N ILE O 129 -20.78 -28.90 -61.26
CA ILE O 129 -19.64 -28.03 -61.05
C ILE O 129 -18.73 -28.57 -59.95
N LEU O 130 -19.30 -29.05 -58.83
CA LEU O 130 -18.44 -29.52 -57.75
C LEU O 130 -17.70 -30.79 -58.15
N ALA O 131 -18.37 -31.64 -58.93
CA ALA O 131 -17.77 -32.89 -59.36
C ALA O 131 -16.60 -32.59 -60.28
N ASP O 132 -16.74 -31.48 -61.01
CA ASP O 132 -15.77 -31.08 -62.00
C ASP O 132 -14.51 -30.55 -61.31
N ILE O 133 -14.69 -29.71 -60.29
CA ILE O 133 -13.56 -29.03 -59.68
C ILE O 133 -12.77 -30.00 -58.81
N LEU O 134 -13.42 -31.08 -58.34
CA LEU O 134 -12.73 -32.04 -57.48
C LEU O 134 -12.04 -33.15 -58.28
N GLN O 135 -12.60 -33.56 -59.42
CA GLN O 135 -12.02 -34.69 -60.11
C GLN O 135 -11.13 -34.24 -61.25
N HIS O 136 -11.45 -33.08 -61.84
CA HIS O 136 -10.90 -32.74 -63.13
C HIS O 136 -10.27 -31.36 -63.09
N SER O 137 -9.56 -31.04 -62.00
CA SER O 137 -8.91 -29.74 -61.89
C SER O 137 -7.62 -29.74 -62.71
N LYS O 138 -7.30 -28.60 -63.34
CA LYS O 138 -6.16 -28.56 -64.23
C LYS O 138 -4.86 -28.61 -63.42
N LEU O 139 -4.77 -27.74 -62.39
CA LEU O 139 -3.55 -27.52 -61.62
C LEU O 139 -2.40 -27.26 -62.58
N ALA O 140 -2.51 -26.16 -63.33
CA ALA O 140 -1.52 -25.77 -64.32
C ALA O 140 -0.40 -24.99 -63.65
N GLU O 141 0.86 -25.30 -64.00
CA GLU O 141 2.05 -24.71 -63.40
C GLU O 141 1.93 -23.19 -63.28
N SER O 142 1.33 -22.55 -64.30
CA SER O 142 1.13 -21.11 -64.33
C SER O 142 0.26 -20.62 -63.18
N ALA O 143 -0.73 -21.44 -62.79
CA ALA O 143 -1.72 -21.07 -61.78
C ALA O 143 -1.16 -21.36 -60.39
N ILE O 144 -0.39 -22.46 -60.29
CA ILE O 144 0.30 -22.80 -59.06
C ILE O 144 1.22 -21.65 -58.71
N ASP O 145 1.89 -21.08 -59.71
CA ASP O 145 2.90 -20.06 -59.51
C ASP O 145 2.25 -18.74 -59.08
N ARG O 146 1.06 -18.47 -59.65
CA ARG O 146 0.29 -17.28 -59.35
C ARG O 146 -0.24 -17.33 -57.92
N GLU O 147 -0.73 -18.50 -57.45
CA GLU O 147 -1.36 -18.63 -56.15
C GLU O 147 -0.31 -18.63 -55.05
N ARG O 148 0.90 -19.04 -55.43
CA ARG O 148 2.02 -19.16 -54.52
C ARG O 148 2.34 -17.80 -53.90
N GLU O 149 1.93 -16.71 -54.57
CA GLU O 149 2.17 -15.38 -54.03
C GLU O 149 0.99 -14.96 -53.16
N VAL O 150 -0.21 -15.33 -53.60
CA VAL O 150 -1.46 -15.00 -52.93
C VAL O 150 -1.44 -15.62 -51.54
N ILE O 151 -1.00 -16.88 -51.47
CA ILE O 151 -0.97 -17.64 -50.25
C ILE O 151 0.16 -17.12 -49.37
N THR O 152 1.25 -16.67 -50.01
CA THR O 152 2.37 -16.16 -49.25
C THR O 152 1.94 -14.90 -48.52
N ARG O 153 1.11 -14.07 -49.17
CA ARG O 153 0.59 -12.85 -48.59
C ARG O 153 -0.44 -13.15 -47.49
N GLU O 154 -1.06 -14.33 -47.51
CA GLU O 154 -2.07 -14.67 -46.52
C GLU O 154 -1.39 -15.02 -45.21
N LEU O 155 -0.13 -15.48 -45.25
CA LEU O 155 0.69 -15.70 -44.07
C LEU O 155 0.85 -14.42 -43.24
N GLU O 156 0.85 -13.24 -43.89
CA GLU O 156 1.09 -12.00 -43.18
C GLU O 156 -0.18 -11.16 -43.00
N GLU O 157 -1.36 -11.78 -43.00
CA GLU O 157 -2.63 -11.06 -42.89
C GLU O 157 -3.63 -11.80 -42.00
N VAL O 158 -3.34 -13.08 -41.70
CA VAL O 158 -3.98 -13.86 -40.65
C VAL O 158 -3.63 -13.23 -39.31
N ASN O 159 -2.43 -12.63 -39.25
CA ASN O 159 -1.80 -11.93 -38.13
C ASN O 159 -2.80 -11.00 -37.43
N LYS O 160 -3.82 -10.57 -38.19
CA LYS O 160 -4.82 -9.61 -37.76
C LYS O 160 -6.00 -10.32 -37.06
N GLN O 161 -6.32 -11.54 -37.50
CA GLN O 161 -7.42 -12.31 -36.95
C GLN O 161 -7.00 -12.96 -35.63
N TYR O 162 -7.18 -12.24 -34.51
CA TYR O 162 -6.47 -12.62 -33.31
C TYR O 162 -6.94 -13.96 -32.78
N GLU O 163 -8.25 -14.20 -32.83
CA GLU O 163 -8.74 -15.47 -32.34
C GLU O 163 -8.05 -16.61 -33.10
N GLU O 164 -7.91 -16.45 -34.42
CA GLU O 164 -7.32 -17.53 -35.19
C GLU O 164 -5.85 -17.67 -34.87
N VAL O 165 -5.15 -16.55 -34.66
CA VAL O 165 -3.76 -16.62 -34.27
C VAL O 165 -3.60 -17.39 -32.98
N VAL O 166 -4.49 -17.08 -32.02
CA VAL O 166 -4.39 -17.73 -30.73
C VAL O 166 -4.68 -19.21 -30.88
N PHE O 167 -5.74 -19.56 -31.59
CA PHE O 167 -5.99 -20.99 -31.71
C PHE O 167 -4.92 -21.70 -32.51
N ASP O 168 -4.29 -21.04 -33.48
CA ASP O 168 -3.27 -21.75 -34.24
C ASP O 168 -2.06 -22.02 -33.36
N HIS O 169 -1.70 -21.05 -32.52
CA HIS O 169 -0.60 -21.31 -31.61
C HIS O 169 -0.99 -22.37 -30.59
N LEU O 170 -2.26 -22.36 -30.18
CA LEU O 170 -2.69 -23.31 -29.18
C LEU O 170 -2.55 -24.72 -29.71
N HIS O 171 -2.92 -24.98 -30.96
CA HIS O 171 -2.72 -26.33 -31.46
C HIS O 171 -1.25 -26.64 -31.62
N ALA O 172 -0.46 -25.65 -32.03
CA ALA O 172 0.95 -25.84 -32.30
C ALA O 172 1.65 -26.34 -31.05
N THR O 173 1.26 -25.75 -29.92
CA THR O 173 1.95 -26.08 -28.68
C THR O 173 1.35 -27.32 -28.04
N ALA O 174 0.02 -27.41 -27.98
CA ALA O 174 -0.63 -28.58 -27.38
C ALA O 174 -0.18 -29.86 -28.07
N PHE O 175 -0.05 -29.84 -29.40
CA PHE O 175 0.31 -31.06 -30.08
C PHE O 175 1.66 -30.88 -30.74
N MET O 176 2.64 -30.52 -29.94
CA MET O 176 3.95 -30.13 -30.41
C MET O 176 4.57 -31.25 -31.24
N ASN O 177 5.07 -30.90 -32.44
CA ASN O 177 5.71 -31.78 -33.42
C ASN O 177 4.85 -32.99 -33.79
N GLN O 178 3.53 -32.79 -33.77
CA GLN O 178 2.66 -33.86 -34.21
C GLN O 178 1.81 -33.32 -35.34
N PRO O 179 1.19 -34.18 -36.17
CA PRO O 179 0.34 -33.72 -37.25
C PRO O 179 -0.76 -32.72 -36.87
N LEU O 180 -1.44 -32.92 -35.73
CA LEU O 180 -2.44 -31.93 -35.35
C LEU O 180 -1.82 -30.58 -34.99
N GLY O 181 -0.52 -30.55 -34.75
CA GLY O 181 0.07 -29.30 -34.30
C GLY O 181 0.48 -28.38 -35.44
N ARG O 182 0.45 -28.90 -36.67
CA ARG O 182 0.83 -28.12 -37.82
C ARG O 182 -0.26 -27.10 -38.12
N THR O 183 0.12 -26.00 -38.78
CA THR O 183 -0.86 -25.02 -39.22
C THR O 183 -1.50 -25.53 -40.50
N ILE O 184 -2.58 -24.85 -40.90
CA ILE O 184 -3.28 -25.22 -42.11
C ILE O 184 -2.54 -24.67 -43.32
N LEU O 185 -2.06 -23.43 -43.19
CA LEU O 185 -1.37 -22.76 -44.28
C LEU O 185 -0.03 -23.39 -44.60
N GLY O 186 0.62 -23.92 -43.56
CA GLY O 186 1.91 -24.56 -43.77
C GLY O 186 3.00 -23.50 -43.66
N PRO O 187 4.29 -23.91 -43.58
CA PRO O 187 5.37 -22.93 -43.51
C PRO O 187 5.62 -22.30 -44.88
N ARG O 188 6.20 -21.10 -44.84
CA ARG O 188 6.58 -20.29 -46.00
C ARG O 188 7.42 -21.12 -47.00
N GLU O 189 8.32 -21.95 -46.45
CA GLU O 189 9.24 -22.79 -47.20
C GLU O 189 8.48 -23.73 -48.15
N ASN O 190 7.37 -24.29 -47.68
CA ASN O 190 6.63 -25.29 -48.41
C ASN O 190 5.82 -24.63 -49.53
N ILE O 191 5.31 -23.45 -49.20
CA ILE O 191 4.50 -22.71 -50.16
C ILE O 191 5.31 -22.46 -51.43
N GLN O 192 6.63 -22.23 -51.26
CA GLN O 192 7.51 -21.98 -52.40
C GLN O 192 7.86 -23.24 -53.19
N THR O 193 7.60 -24.43 -52.61
CA THR O 193 8.08 -25.68 -53.20
C THR O 193 6.96 -26.67 -53.54
N ILE O 194 5.69 -26.27 -53.38
CA ILE O 194 4.58 -27.14 -53.71
C ILE O 194 4.46 -27.21 -55.24
N THR O 195 4.49 -28.42 -55.82
CA THR O 195 4.36 -28.61 -57.26
C THR O 195 2.98 -29.19 -57.57
N ASN O 196 2.59 -29.12 -58.86
CA ASN O 196 1.35 -29.74 -59.30
C ASN O 196 1.37 -31.25 -59.04
N THR O 197 2.55 -31.87 -59.01
CA THR O 197 2.72 -33.31 -58.82
C THR O 197 2.30 -33.68 -57.40
N GLU O 198 2.80 -32.92 -56.44
CA GLU O 198 2.51 -33.16 -55.04
C GLU O 198 1.03 -32.89 -54.76
N LEU O 199 0.49 -31.88 -55.42
CA LEU O 199 -0.91 -31.56 -55.24
C LEU O 199 -1.76 -32.70 -55.77
N ARG O 200 -1.40 -33.23 -56.95
CA ARG O 200 -2.14 -34.29 -57.63
C ARG O 200 -2.10 -35.52 -56.74
N LYS O 201 -0.91 -35.80 -56.18
CA LYS O 201 -0.67 -36.99 -55.37
C LYS O 201 -1.52 -36.90 -54.11
N PHE O 202 -1.66 -35.69 -53.56
CA PHE O 202 -2.36 -35.54 -52.30
C PHE O 202 -3.84 -35.81 -52.50
N ILE O 203 -4.41 -35.24 -53.56
CA ILE O 203 -5.85 -35.33 -53.73
C ILE O 203 -6.21 -36.69 -54.32
N THR O 204 -5.22 -37.45 -54.77
CA THR O 204 -5.46 -38.77 -55.33
C THR O 204 -5.45 -39.79 -54.19
N GLU O 205 -4.61 -39.53 -53.20
CA GLU O 205 -4.50 -40.41 -52.05
C GLU O 205 -5.64 -40.14 -51.06
N ASN O 206 -6.14 -38.91 -51.00
CA ASN O 206 -6.97 -38.50 -49.87
C ASN O 206 -8.42 -38.26 -50.25
N TYR O 207 -8.67 -37.60 -51.39
CA TYR O 207 -10.04 -37.31 -51.80
C TYR O 207 -10.59 -38.53 -52.52
N THR O 208 -10.79 -39.59 -51.74
CA THR O 208 -11.33 -40.82 -52.29
C THR O 208 -12.78 -40.96 -51.89
N ALA O 209 -13.48 -41.74 -52.70
CA ALA O 209 -14.92 -41.88 -52.63
C ALA O 209 -15.32 -42.33 -51.23
N ASP O 210 -14.51 -43.19 -50.62
CA ASP O 210 -14.89 -43.77 -49.35
C ASP O 210 -14.64 -42.78 -48.22
N ARG O 211 -14.07 -41.61 -48.55
CA ARG O 211 -13.84 -40.59 -47.52
C ARG O 211 -14.68 -39.35 -47.74
N MET O 212 -15.59 -39.43 -48.70
CA MET O 212 -16.32 -38.25 -49.12
C MET O 212 -17.81 -38.47 -48.89
N VAL O 213 -18.47 -37.38 -48.49
CA VAL O 213 -19.91 -37.41 -48.36
C VAL O 213 -20.50 -36.28 -49.19
N LEU O 214 -21.40 -36.64 -50.12
CA LEU O 214 -22.15 -35.64 -50.84
C LEU O 214 -23.42 -35.38 -50.04
N VAL O 215 -23.58 -34.14 -49.63
CA VAL O 215 -24.63 -33.76 -48.70
C VAL O 215 -25.57 -32.81 -49.41
N GLY O 216 -26.88 -33.05 -49.30
CA GLY O 216 -27.87 -32.08 -49.74
C GLY O 216 -28.80 -31.71 -48.61
N ALA O 217 -28.97 -30.41 -48.38
CA ALA O 217 -29.98 -29.94 -47.44
C ALA O 217 -30.84 -28.86 -48.10
N GLY O 218 -32.13 -28.86 -47.75
CA GLY O 218 -33.06 -27.86 -48.24
C GLY O 218 -33.96 -28.46 -49.31
N ALA O 219 -34.09 -27.75 -50.43
CA ALA O 219 -34.97 -28.21 -51.48
C ALA O 219 -34.24 -29.20 -52.39
N VAL O 220 -34.01 -30.42 -51.88
CA VAL O 220 -33.36 -31.47 -52.63
C VAL O 220 -34.24 -32.71 -52.55
N ASP O 221 -34.39 -33.45 -53.64
CA ASP O 221 -34.89 -34.81 -53.52
C ASP O 221 -33.70 -35.75 -53.41
N HIS O 222 -33.75 -36.68 -52.45
CA HIS O 222 -32.66 -37.61 -52.24
C HIS O 222 -32.42 -38.45 -53.49
N ASP O 223 -33.51 -38.93 -54.13
CA ASP O 223 -33.35 -39.86 -55.24
C ASP O 223 -32.76 -39.14 -56.46
N ALA O 224 -33.04 -37.84 -56.56
CA ALA O 224 -32.53 -37.00 -57.64
C ALA O 224 -31.03 -36.77 -57.43
N LEU O 225 -30.63 -36.61 -56.17
CA LEU O 225 -29.25 -36.35 -55.77
C LEU O 225 -28.39 -37.58 -56.01
N VAL O 226 -28.98 -38.75 -55.78
CA VAL O 226 -28.29 -40.03 -55.95
C VAL O 226 -28.04 -40.27 -57.44
N GLU O 227 -28.97 -39.83 -58.29
CA GLU O 227 -28.85 -40.01 -59.73
C GLU O 227 -27.76 -39.10 -60.26
N LEU O 228 -27.69 -37.89 -59.70
CA LEU O 228 -26.67 -36.92 -60.06
C LEU O 228 -25.29 -37.39 -59.61
N ALA O 229 -25.24 -38.18 -58.54
CA ALA O 229 -23.97 -38.68 -58.02
C ALA O 229 -23.48 -39.83 -58.89
N GLU O 230 -24.43 -40.59 -59.47
CA GLU O 230 -24.16 -41.72 -60.33
C GLU O 230 -23.69 -41.21 -61.69
N LYS O 231 -24.03 -39.95 -61.98
CA LYS O 231 -23.74 -39.35 -63.26
C LYS O 231 -22.38 -38.67 -63.21
N TYR O 232 -22.01 -38.15 -62.04
CA TYR O 232 -20.89 -37.24 -61.97
C TYR O 232 -19.76 -37.76 -61.09
N PHE O 233 -20.09 -38.44 -60.00
CA PHE O 233 -19.06 -38.92 -59.11
C PHE O 233 -18.82 -40.41 -59.25
N SER O 234 -19.10 -41.00 -60.41
CA SER O 234 -18.99 -42.44 -60.51
C SER O 234 -17.54 -42.87 -60.72
N HIS O 235 -16.78 -42.07 -61.48
CA HIS O 235 -15.36 -42.35 -61.71
C HIS O 235 -14.50 -41.57 -60.70
N LEU O 236 -14.83 -41.70 -59.41
CA LEU O 236 -13.94 -41.27 -58.35
C LEU O 236 -13.07 -42.45 -57.93
N PRO O 237 -11.77 -42.21 -57.60
CA PRO O 237 -10.89 -43.24 -57.06
C PRO O 237 -11.42 -43.79 -55.74
N SER O 238 -11.28 -45.12 -55.56
CA SER O 238 -11.51 -45.73 -54.27
C SER O 238 -10.16 -45.99 -53.63
N SER O 239 -10.08 -45.83 -52.29
CA SER O 239 -8.85 -46.14 -51.57
C SER O 239 -8.65 -47.65 -51.51
N GLN O 240 -7.38 -48.07 -51.37
CA GLN O 240 -6.95 -49.47 -51.37
C GLN O 240 -7.55 -50.20 -50.17
N SER O 241 -7.51 -49.53 -49.00
CA SER O 241 -7.99 -50.04 -47.72
C SER O 241 -9.16 -49.18 -47.22
N PRO O 242 -10.42 -49.48 -47.64
CA PRO O 242 -11.60 -48.72 -47.20
C PRO O 242 -11.93 -48.96 -45.73
N VAL O 243 -11.50 -48.02 -44.89
CA VAL O 243 -11.90 -47.95 -43.49
C VAL O 243 -13.24 -47.24 -43.39
N PRO O 244 -14.04 -47.41 -42.31
CA PRO O 244 -15.29 -46.66 -42.13
C PRO O 244 -15.02 -45.17 -41.94
N LEU O 245 -16.05 -44.35 -42.20
CA LEU O 245 -15.92 -42.91 -42.03
C LEU O 245 -15.67 -42.56 -40.56
N GLY O 246 -14.81 -41.55 -40.37
CA GLY O 246 -14.46 -41.04 -39.05
C GLY O 246 -13.46 -41.93 -38.30
N THR O 247 -12.64 -42.68 -39.04
CA THR O 247 -11.59 -43.51 -38.47
C THR O 247 -10.31 -42.67 -38.40
N PRO O 248 -9.59 -42.66 -37.24
CA PRO O 248 -8.32 -41.92 -37.10
C PRO O 248 -7.26 -42.10 -38.20
N ILE O 260 0.13 -40.74 -32.90
CA ILE O 260 -0.97 -40.97 -31.89
C ILE O 260 -0.95 -39.84 -30.85
N PRO O 261 -1.97 -38.96 -30.76
CA PRO O 261 -1.77 -37.63 -30.17
C PRO O 261 -1.40 -37.64 -28.69
N ASN O 262 -0.37 -36.86 -28.38
CA ASN O 262 0.23 -36.89 -27.07
C ASN O 262 0.35 -35.44 -26.67
N PHE O 263 -0.61 -34.96 -25.89
CA PHE O 263 -0.72 -33.56 -25.53
C PHE O 263 0.52 -33.09 -24.77
N VAL O 264 0.96 -31.86 -24.99
CA VAL O 264 2.12 -31.35 -24.28
C VAL O 264 1.66 -30.14 -23.48
N GLY O 265 1.70 -30.21 -22.16
CA GLY O 265 1.39 -29.02 -21.39
C GLY O 265 2.48 -27.98 -21.60
N SER O 266 2.09 -26.76 -21.97
CA SER O 266 3.10 -25.84 -22.49
C SER O 266 2.49 -24.47 -22.63
N GLU O 267 3.29 -23.45 -22.90
CA GLU O 267 2.70 -22.16 -23.18
C GLU O 267 3.44 -21.48 -24.31
N VAL O 268 2.68 -20.63 -25.00
CA VAL O 268 3.24 -19.68 -25.93
C VAL O 268 2.85 -18.31 -25.43
N ARG O 269 3.82 -17.42 -25.22
CA ARG O 269 3.43 -16.05 -24.96
C ARG O 269 3.88 -15.17 -26.12
N LEU O 270 2.93 -14.40 -26.64
CA LEU O 270 3.22 -13.53 -27.75
C LEU O 270 2.90 -12.13 -27.27
N ARG O 271 3.75 -11.65 -26.39
CA ARG O 271 3.46 -10.38 -25.77
C ARG O 271 3.59 -9.27 -26.80
N ASP O 272 2.61 -8.36 -26.79
CA ASP O 272 2.56 -7.25 -27.73
C ASP O 272 1.92 -6.10 -26.98
N ASP O 273 2.76 -5.23 -26.42
CA ASP O 273 2.27 -4.18 -25.53
C ASP O 273 1.52 -3.13 -26.33
N THR O 274 1.63 -3.14 -27.66
CA THR O 274 0.97 -2.14 -28.48
C THR O 274 -0.51 -2.48 -28.69
N MET O 275 -0.89 -3.76 -28.52
CA MET O 275 -2.27 -4.16 -28.60
C MET O 275 -3.01 -3.71 -27.35
N PRO O 276 -4.27 -3.22 -27.51
CA PRO O 276 -5.10 -2.84 -26.38
C PRO O 276 -5.78 -3.97 -25.60
N VAL O 277 -6.05 -5.09 -26.29
CA VAL O 277 -6.79 -6.21 -25.71
C VAL O 277 -5.88 -7.42 -25.63
N ALA O 278 -5.89 -8.13 -24.51
CA ALA O 278 -5.17 -9.39 -24.39
C ALA O 278 -6.08 -10.54 -24.77
N HIS O 279 -5.54 -11.54 -25.45
CA HIS O 279 -6.30 -12.69 -25.86
C HIS O 279 -5.60 -13.88 -25.25
N ILE O 280 -6.34 -14.75 -24.60
CA ILE O 280 -5.73 -15.84 -23.88
C ILE O 280 -6.56 -17.09 -24.12
N ALA O 281 -5.91 -18.19 -24.44
CA ALA O 281 -6.63 -19.44 -24.51
C ALA O 281 -6.00 -20.36 -23.50
N ILE O 282 -6.82 -21.16 -22.82
CA ILE O 282 -6.29 -22.19 -21.95
C ILE O 282 -7.01 -23.44 -22.37
N ALA O 283 -6.31 -24.55 -22.50
CA ALA O 283 -7.01 -25.76 -22.91
C ALA O 283 -6.36 -26.93 -22.18
N VAL O 284 -7.12 -27.99 -21.99
CA VAL O 284 -6.53 -29.25 -21.62
C VAL O 284 -6.86 -30.23 -22.75
N GLU O 285 -6.26 -31.42 -22.69
CA GLU O 285 -6.61 -32.42 -23.68
C GLU O 285 -8.08 -32.78 -23.45
N GLY O 286 -8.88 -32.68 -24.50
CA GLY O 286 -10.32 -32.93 -24.43
C GLY O 286 -10.65 -34.30 -24.99
N VAL O 287 -11.78 -34.38 -25.71
CA VAL O 287 -12.38 -35.67 -26.01
C VAL O 287 -12.56 -35.79 -27.51
N SER O 288 -12.48 -37.02 -28.02
CA SER O 288 -12.67 -37.24 -29.43
C SER O 288 -14.17 -37.32 -29.73
N TRP O 289 -14.54 -37.36 -31.00
CA TRP O 289 -15.93 -37.35 -31.36
C TRP O 289 -16.61 -38.59 -30.80
N THR O 290 -15.84 -39.68 -30.74
CA THR O 290 -16.45 -40.95 -30.43
C THR O 290 -16.17 -41.35 -29.00
N SER O 291 -15.60 -40.43 -28.22
CA SER O 291 -15.48 -40.65 -26.79
C SER O 291 -16.85 -40.92 -26.16
N GLU O 292 -16.81 -41.74 -25.10
CA GLU O 292 -17.97 -41.97 -24.25
C GLU O 292 -18.26 -40.73 -23.43
N ASP O 293 -17.29 -39.82 -23.38
CA ASP O 293 -17.40 -38.63 -22.55
C ASP O 293 -17.72 -37.39 -23.38
N TYR O 294 -18.06 -37.60 -24.64
CA TYR O 294 -18.27 -36.48 -25.54
C TYR O 294 -19.37 -35.59 -24.99
N TYR O 295 -20.49 -36.16 -24.57
CA TYR O 295 -21.59 -35.32 -24.12
C TYR O 295 -21.29 -34.76 -22.75
N THR O 296 -20.56 -35.54 -21.96
CA THR O 296 -20.24 -35.08 -20.64
C THR O 296 -19.37 -33.83 -20.73
N ALA O 297 -18.41 -33.84 -21.65
CA ALA O 297 -17.55 -32.69 -21.83
C ALA O 297 -18.33 -31.51 -22.36
N LEU O 298 -19.37 -31.72 -23.17
CA LEU O 298 -20.16 -30.60 -23.66
C LEU O 298 -20.97 -30.00 -22.53
N VAL O 299 -21.57 -30.84 -21.69
CA VAL O 299 -22.26 -30.29 -20.55
C VAL O 299 -21.29 -29.50 -19.69
N ALA O 300 -20.08 -30.02 -19.48
CA ALA O 300 -19.17 -29.30 -18.60
C ALA O 300 -18.86 -27.95 -19.22
N GLN O 301 -18.66 -27.92 -20.53
CA GLN O 301 -18.37 -26.69 -21.23
C GLN O 301 -19.51 -25.71 -21.03
N ALA O 302 -20.75 -26.18 -21.03
CA ALA O 302 -21.91 -25.31 -20.92
C ALA O 302 -22.07 -24.75 -19.50
N ILE O 303 -21.55 -25.46 -18.50
CA ILE O 303 -21.59 -24.96 -17.14
C ILE O 303 -20.74 -23.71 -17.02
N ILE O 304 -19.62 -23.64 -17.73
CA ILE O 304 -18.83 -22.42 -17.70
C ILE O 304 -19.43 -21.40 -18.66
N GLY O 305 -19.63 -21.82 -19.90
CA GLY O 305 -20.41 -21.03 -20.83
C GLY O 305 -19.61 -19.90 -21.46
N ASN O 306 -20.35 -18.99 -22.05
CA ASN O 306 -19.78 -17.90 -22.82
C ASN O 306 -20.21 -16.61 -22.16
N TYR O 307 -19.54 -15.53 -22.53
CA TYR O 307 -19.90 -14.24 -22.02
C TYR O 307 -19.40 -13.19 -22.99
N ASP O 308 -20.17 -12.14 -23.20
CA ASP O 308 -19.72 -11.04 -24.05
C ASP O 308 -20.28 -9.74 -23.52
N ARG O 309 -19.43 -8.77 -23.16
CA ARG O 309 -19.95 -7.57 -22.51
C ARG O 309 -20.81 -6.76 -23.49
N ALA O 310 -20.68 -7.02 -24.79
CA ALA O 310 -21.45 -6.28 -25.77
C ALA O 310 -22.87 -6.82 -25.90
N VAL O 311 -23.14 -8.02 -25.37
CA VAL O 311 -24.48 -8.55 -25.46
C VAL O 311 -25.23 -8.14 -24.21
N GLY O 312 -26.48 -7.71 -24.36
CA GLY O 312 -27.28 -7.20 -23.24
C GLY O 312 -27.51 -8.22 -22.12
N THR O 313 -27.84 -9.44 -22.51
CA THR O 313 -28.27 -10.48 -21.58
C THR O 313 -27.11 -11.05 -20.77
N SER O 314 -25.87 -10.78 -21.18
CA SER O 314 -24.75 -11.54 -20.66
C SER O 314 -24.51 -11.24 -19.19
N ARG O 315 -24.88 -10.04 -18.73
CA ARG O 315 -24.59 -9.78 -17.33
C ARG O 315 -25.55 -10.54 -16.42
N HIS O 316 -26.55 -11.20 -17.00
CA HIS O 316 -27.57 -11.84 -16.19
C HIS O 316 -27.44 -13.35 -16.22
N GLN O 317 -26.45 -13.85 -16.97
CA GLN O 317 -26.30 -15.29 -17.16
C GLN O 317 -26.00 -15.99 -15.85
N GLY O 318 -26.37 -17.27 -15.80
CA GLY O 318 -26.36 -18.04 -14.56
C GLY O 318 -24.96 -18.52 -14.15
N SER O 319 -24.12 -18.77 -15.16
CA SER O 319 -22.73 -19.21 -15.02
C SER O 319 -21.99 -18.43 -13.94
N ARG O 320 -21.28 -19.14 -13.06
CA ARG O 320 -20.65 -18.47 -11.95
C ARG O 320 -19.49 -17.59 -12.44
N LEU O 321 -18.75 -18.09 -13.44
CA LEU O 321 -17.66 -17.31 -14.02
C LEU O 321 -18.21 -16.06 -14.68
N SER O 322 -19.36 -16.18 -15.34
CA SER O 322 -19.97 -15.04 -15.98
C SER O 322 -20.24 -13.95 -14.94
N ASN O 323 -20.76 -14.36 -13.78
CA ASN O 323 -21.09 -13.39 -12.76
C ASN O 323 -19.83 -12.69 -12.26
N ILE O 324 -18.78 -13.47 -12.00
CA ILE O 324 -17.57 -12.89 -11.42
C ILE O 324 -16.97 -11.90 -12.42
N VAL O 325 -16.98 -12.29 -13.68
CA VAL O 325 -16.30 -11.52 -14.69
C VAL O 325 -17.07 -10.23 -14.93
N SER O 326 -18.40 -10.32 -14.97
CA SER O 326 -19.18 -9.15 -15.29
C SER O 326 -19.16 -8.14 -14.14
N GLU O 327 -19.27 -8.63 -12.90
CA GLU O 327 -19.30 -7.75 -11.72
C GLU O 327 -17.97 -7.01 -11.56
N ASN O 328 -16.87 -7.66 -11.95
CA ASN O 328 -15.54 -7.16 -11.70
C ASN O 328 -14.89 -6.54 -12.94
N ASN O 329 -15.62 -6.44 -14.06
CA ASN O 329 -15.12 -5.99 -15.35
C ASN O 329 -13.79 -6.65 -15.70
N LEU O 330 -13.72 -7.97 -15.58
CA LEU O 330 -12.43 -8.59 -15.80
C LEU O 330 -12.18 -8.85 -17.27
N ALA O 331 -13.23 -8.94 -18.08
CA ALA O 331 -13.01 -9.38 -19.44
C ALA O 331 -14.01 -8.73 -20.36
N ASN O 332 -13.65 -8.69 -21.64
CA ASN O 332 -14.57 -8.29 -22.67
C ASN O 332 -15.42 -9.48 -23.03
N SER O 333 -14.80 -10.66 -23.03
CA SER O 333 -15.52 -11.83 -23.48
C SER O 333 -14.80 -13.07 -23.03
N PHE O 334 -15.54 -14.16 -22.92
CA PHE O 334 -14.91 -15.45 -22.91
C PHE O 334 -15.84 -16.43 -23.61
N GLN O 335 -15.25 -17.49 -24.15
CA GLN O 335 -15.95 -18.44 -24.97
C GLN O 335 -15.36 -19.79 -24.59
N SER O 336 -16.17 -20.65 -23.98
CA SER O 336 -15.72 -21.99 -23.70
C SER O 336 -15.81 -22.79 -24.98
N PHE O 337 -14.86 -23.69 -25.18
CA PHE O 337 -14.94 -24.49 -26.39
C PHE O 337 -14.62 -25.93 -26.04
N SER O 338 -15.11 -26.84 -26.86
CA SER O 338 -14.70 -28.23 -26.77
C SER O 338 -14.54 -28.74 -28.19
N THR O 339 -13.33 -28.57 -28.71
CA THR O 339 -12.99 -29.01 -30.04
C THR O 339 -12.65 -30.49 -30.04
N SER O 340 -13.25 -31.27 -30.94
CA SER O 340 -12.92 -32.69 -30.99
C SER O 340 -12.24 -33.01 -32.30
N TYR O 341 -11.40 -34.02 -32.26
CA TYR O 341 -10.85 -34.61 -33.45
C TYR O 341 -11.12 -36.11 -33.40
N SER O 342 -10.55 -36.84 -34.35
CA SER O 342 -10.93 -38.24 -34.47
C SER O 342 -10.41 -39.01 -33.26
N ASP O 343 -9.28 -38.56 -32.70
CA ASP O 343 -8.61 -39.37 -31.70
C ASP O 343 -8.19 -38.56 -30.49
N THR O 344 -8.50 -37.26 -30.47
CA THR O 344 -8.20 -36.43 -29.32
C THR O 344 -9.08 -35.20 -29.36
N GLY O 345 -8.80 -34.20 -28.53
CA GLY O 345 -9.52 -32.93 -28.62
C GLY O 345 -8.89 -31.87 -27.72
N LEU O 346 -9.44 -30.67 -27.73
CA LEU O 346 -8.99 -29.66 -26.79
C LEU O 346 -10.23 -29.10 -26.13
N TRP O 347 -10.19 -28.91 -24.84
CA TRP O 347 -11.34 -28.39 -24.14
C TRP O 347 -10.80 -27.23 -23.35
N GLY O 348 -11.44 -26.07 -23.46
CA GLY O 348 -10.81 -24.96 -22.79
C GLY O 348 -11.64 -23.69 -22.91
N ILE O 349 -10.97 -22.57 -22.81
CA ILE O 349 -11.71 -21.33 -22.84
C ILE O 349 -10.86 -20.32 -23.57
N TYR O 350 -11.50 -19.37 -24.22
CA TYR O 350 -10.75 -18.32 -24.86
C TYR O 350 -11.25 -17.02 -24.25
N LEU O 351 -10.35 -16.21 -23.69
CA LEU O 351 -10.71 -15.00 -22.96
C LEU O 351 -10.19 -13.79 -23.71
N THR O 352 -10.90 -12.67 -23.66
CA THR O 352 -10.29 -11.44 -24.13
C THR O 352 -10.58 -10.36 -23.11
N SER O 353 -9.66 -9.42 -22.97
CA SER O 353 -9.71 -8.52 -21.85
C SER O 353 -8.88 -7.29 -22.16
N GLU O 354 -9.40 -6.12 -21.78
CA GLU O 354 -8.64 -4.89 -21.78
C GLU O 354 -8.16 -4.56 -20.37
N ASN O 355 -8.57 -5.36 -19.39
CA ASN O 355 -8.21 -5.06 -18.03
C ASN O 355 -6.84 -5.66 -17.76
N THR O 356 -5.79 -4.94 -18.13
CA THR O 356 -4.50 -5.60 -18.22
C THR O 356 -3.84 -5.78 -16.85
N THR O 357 -4.35 -5.08 -15.84
CA THR O 357 -3.82 -5.22 -14.50
C THR O 357 -4.58 -6.29 -13.71
N GLN O 358 -5.61 -6.89 -14.29
CA GLN O 358 -6.31 -7.90 -13.53
C GLN O 358 -6.45 -9.17 -14.34
N ILE O 359 -5.54 -9.36 -15.29
CA ILE O 359 -5.52 -10.59 -16.03
C ILE O 359 -5.32 -11.77 -15.07
N ASP O 360 -4.49 -11.55 -14.04
CA ASP O 360 -4.24 -12.58 -13.05
C ASP O 360 -5.56 -13.01 -12.41
N ASP O 361 -6.44 -12.05 -12.08
CA ASP O 361 -7.71 -12.36 -11.47
C ASP O 361 -8.61 -13.08 -12.46
N LEU O 362 -8.64 -12.62 -13.70
CA LEU O 362 -9.42 -13.30 -14.70
C LEU O 362 -9.00 -14.77 -14.81
N VAL O 363 -7.70 -15.02 -14.95
CA VAL O 363 -7.25 -16.40 -15.08
C VAL O 363 -7.49 -17.15 -13.78
N HIS O 364 -7.16 -16.54 -12.64
CA HIS O 364 -7.45 -17.14 -11.36
C HIS O 364 -8.90 -17.60 -11.25
N PHE O 365 -9.86 -16.70 -11.48
CA PHE O 365 -11.26 -17.04 -11.31
C PHE O 365 -11.71 -18.08 -12.32
N THR O 366 -11.20 -18.00 -13.55
CA THR O 366 -11.56 -18.99 -14.53
C THR O 366 -11.13 -20.35 -14.03
N LEU O 367 -9.90 -20.48 -13.56
CA LEU O 367 -9.43 -21.82 -13.29
C LEU O 367 -10.07 -22.37 -12.04
N LYS O 368 -10.45 -21.48 -11.12
CA LYS O 368 -11.16 -21.92 -9.93
C LYS O 368 -12.57 -22.37 -10.29
N GLU O 369 -13.17 -21.80 -11.33
CA GLU O 369 -14.46 -22.30 -11.79
C GLU O 369 -14.34 -23.66 -12.40
N TRP O 370 -13.25 -23.92 -13.11
CA TRP O 370 -13.06 -25.27 -13.59
C TRP O 370 -12.85 -26.22 -12.44
N ASN O 371 -12.15 -25.79 -11.40
CA ASN O 371 -11.92 -26.71 -10.29
C ASN O 371 -13.25 -27.19 -9.75
N ARG O 372 -14.25 -26.31 -9.70
CA ARG O 372 -15.55 -26.68 -9.18
C ARG O 372 -16.30 -27.71 -10.01
N LEU O 373 -15.88 -27.96 -11.25
CA LEU O 373 -16.48 -29.05 -11.98
C LEU O 373 -16.09 -30.36 -11.33
N SER O 374 -14.92 -30.37 -10.67
CA SER O 374 -14.40 -31.54 -10.00
C SER O 374 -14.94 -31.64 -8.59
N THR O 375 -15.13 -30.49 -7.93
CA THR O 375 -15.32 -30.58 -6.50
C THR O 375 -16.77 -30.35 -6.10
N SER O 376 -17.50 -29.54 -6.86
CA SER O 376 -18.72 -28.97 -6.32
C SER O 376 -19.96 -29.17 -7.18
N VAL O 377 -19.85 -29.61 -8.45
CA VAL O 377 -21.05 -29.53 -9.26
C VAL O 377 -22.06 -30.53 -8.76
N SER O 378 -23.30 -30.09 -8.81
CA SER O 378 -24.43 -30.82 -8.27
C SER O 378 -25.47 -30.87 -9.37
N ASN O 379 -26.65 -31.43 -9.06
CA ASN O 379 -27.65 -31.54 -10.09
C ASN O 379 -28.11 -30.14 -10.52
N LEU O 380 -27.86 -29.15 -9.67
CA LEU O 380 -28.31 -27.81 -9.96
C LEU O 380 -27.69 -27.33 -11.27
N GLN O 381 -26.35 -27.35 -11.34
CA GLN O 381 -25.66 -26.82 -12.51
C GLN O 381 -25.82 -27.80 -13.66
N VAL O 382 -25.75 -29.10 -13.38
CA VAL O 382 -25.78 -30.08 -14.45
C VAL O 382 -27.13 -30.04 -15.15
N GLU O 383 -28.24 -29.98 -14.39
CA GLU O 383 -29.56 -30.00 -15.02
C GLU O 383 -29.82 -28.69 -15.77
N ARG O 384 -29.28 -27.59 -15.26
CA ARG O 384 -29.41 -26.33 -15.97
C ARG O 384 -28.69 -26.38 -17.32
N ALA O 385 -27.50 -26.99 -17.37
CA ALA O 385 -26.69 -26.97 -18.56
C ALA O 385 -27.21 -28.00 -19.56
N LYS O 386 -27.80 -29.08 -19.06
CA LYS O 386 -28.43 -30.03 -19.96
C LYS O 386 -29.59 -29.35 -20.66
N SER O 387 -30.39 -28.56 -19.93
CA SER O 387 -31.53 -27.87 -20.50
C SER O 387 -31.12 -26.91 -21.62
N GLN O 388 -30.02 -26.19 -21.38
CA GLN O 388 -29.47 -25.25 -22.33
C GLN O 388 -28.93 -25.95 -23.56
N LEU O 389 -28.54 -27.22 -23.44
CA LEU O 389 -27.86 -27.91 -24.54
C LEU O 389 -28.86 -28.66 -25.40
N LYS O 390 -29.90 -29.17 -24.74
CA LYS O 390 -30.98 -29.92 -25.38
C LYS O 390 -31.57 -29.04 -26.47
N ALA O 391 -31.62 -27.72 -26.23
CA ALA O 391 -32.02 -26.74 -27.22
C ALA O 391 -30.85 -26.40 -28.14
N GLY O 392 -29.68 -26.12 -27.56
CA GLY O 392 -28.55 -25.52 -28.26
C GLY O 392 -28.06 -26.37 -29.44
N LEU O 393 -28.15 -27.69 -29.30
CA LEU O 393 -27.66 -28.60 -30.33
C LEU O 393 -28.64 -28.68 -31.49
N LEU O 394 -29.88 -28.23 -31.26
CA LEU O 394 -30.89 -28.18 -32.30
C LEU O 394 -31.01 -26.77 -32.89
N LEU O 395 -30.73 -25.72 -32.06
CA LEU O 395 -30.90 -24.31 -32.40
C LEU O 395 -29.89 -23.89 -33.45
N SER O 396 -28.67 -24.44 -33.34
CA SER O 396 -27.60 -24.21 -34.29
C SER O 396 -28.06 -24.42 -35.73
N LEU O 397 -28.95 -25.41 -35.97
CA LEU O 397 -29.41 -25.78 -37.30
C LEU O 397 -30.58 -24.90 -37.76
N ASP O 398 -30.23 -23.73 -38.31
CA ASP O 398 -31.16 -22.71 -38.77
C ASP O 398 -31.44 -22.84 -40.27
N GLY O 399 -30.47 -22.38 -41.08
CA GLY O 399 -30.54 -22.38 -42.54
C GLY O 399 -29.96 -23.66 -43.12
N THR O 400 -30.08 -23.78 -44.44
CA THR O 400 -29.73 -25.02 -45.10
C THR O 400 -28.24 -25.29 -44.97
N THR O 401 -27.43 -24.23 -44.89
CA THR O 401 -25.99 -24.36 -44.79
C THR O 401 -25.64 -25.01 -43.46
N TYR O 402 -26.37 -24.65 -42.41
CA TYR O 402 -26.06 -25.17 -41.09
C TYR O 402 -26.51 -26.61 -40.98
N VAL O 403 -27.63 -26.93 -41.63
CA VAL O 403 -28.11 -28.30 -41.62
C VAL O 403 -27.12 -29.15 -42.42
N ALA O 404 -26.66 -28.65 -43.56
CA ALA O 404 -25.75 -29.43 -44.38
C ALA O 404 -24.44 -29.61 -43.63
N GLU O 405 -24.04 -28.58 -42.89
CA GLU O 405 -22.78 -28.65 -42.15
C GLU O 405 -22.93 -29.68 -41.05
N ASP O 406 -24.13 -29.78 -40.49
CA ASP O 406 -24.35 -30.77 -39.44
C ASP O 406 -24.37 -32.18 -40.02
N ILE O 407 -25.03 -32.38 -41.15
CA ILE O 407 -25.08 -33.72 -41.70
C ILE O 407 -23.68 -34.13 -42.09
N GLY O 408 -22.97 -33.21 -42.76
CA GLY O 408 -21.62 -33.45 -43.24
C GLY O 408 -20.65 -33.78 -42.11
N ARG O 409 -20.74 -33.00 -41.04
CA ARG O 409 -19.81 -33.13 -39.92
C ARG O 409 -20.06 -34.50 -39.28
N GLN O 410 -21.31 -34.80 -38.97
CA GLN O 410 -21.60 -36.04 -38.29
C GLN O 410 -21.29 -37.26 -39.15
N LEU O 411 -21.47 -37.18 -40.48
CA LEU O 411 -21.27 -38.36 -41.27
C LEU O 411 -19.77 -38.64 -41.39
N THR O 412 -18.97 -37.58 -41.30
CA THR O 412 -17.54 -37.75 -41.52
C THR O 412 -16.81 -37.98 -40.21
N THR O 413 -17.52 -37.89 -39.07
CA THR O 413 -16.89 -38.07 -37.77
C THR O 413 -17.43 -39.29 -37.05
N LEU O 414 -18.70 -39.65 -37.28
CA LEU O 414 -19.32 -40.74 -36.54
C LEU O 414 -19.78 -41.83 -37.50
N GLY O 415 -19.88 -41.49 -38.78
CA GLY O 415 -20.31 -42.45 -39.78
C GLY O 415 -21.82 -42.55 -39.93
N ARG O 416 -22.54 -41.77 -39.12
CA ARG O 416 -23.98 -41.68 -39.22
C ARG O 416 -24.43 -40.33 -38.70
N ARG O 417 -25.66 -39.96 -39.08
CA ARG O 417 -26.34 -38.83 -38.51
C ARG O 417 -27.02 -39.32 -37.24
N VAL O 418 -26.74 -38.62 -36.14
CA VAL O 418 -27.42 -38.93 -34.90
C VAL O 418 -28.71 -38.12 -34.85
N THR O 419 -29.86 -38.83 -34.76
CA THR O 419 -31.19 -38.25 -34.70
C THR O 419 -31.34 -37.40 -33.45
N PRO O 420 -32.18 -36.34 -33.42
CA PRO O 420 -32.38 -35.56 -32.20
C PRO O 420 -32.88 -36.34 -30.98
N ALA O 421 -33.60 -37.44 -31.23
CA ALA O 421 -34.10 -38.31 -30.18
C ALA O 421 -32.95 -39.01 -29.45
N GLU O 422 -31.94 -39.46 -30.23
CA GLU O 422 -30.77 -40.13 -29.68
C GLU O 422 -29.93 -39.11 -28.92
N VAL O 423 -29.81 -37.89 -29.46
CA VAL O 423 -29.02 -36.83 -28.85
C VAL O 423 -29.67 -36.44 -27.53
N GLU O 424 -30.99 -36.47 -27.50
CA GLU O 424 -31.70 -36.07 -26.30
C GLU O 424 -31.52 -37.14 -25.22
N ALA O 425 -31.41 -38.41 -25.63
CA ALA O 425 -31.21 -39.51 -24.71
C ALA O 425 -29.78 -39.53 -24.15
N LYS O 426 -28.79 -39.20 -25.00
CA LYS O 426 -27.38 -39.16 -24.60
C LYS O 426 -27.17 -38.02 -23.61
N LEU O 427 -27.82 -36.87 -23.83
CA LEU O 427 -27.75 -35.77 -22.89
C LEU O 427 -28.43 -36.11 -21.58
N GLU O 428 -29.58 -36.79 -21.65
CA GLU O 428 -30.29 -37.16 -20.44
C GLU O 428 -29.49 -38.13 -19.58
N ALA O 429 -28.62 -38.91 -20.22
CA ALA O 429 -27.82 -39.88 -19.49
C ALA O 429 -26.67 -39.22 -18.72
N VAL O 430 -26.41 -37.93 -18.96
CA VAL O 430 -25.28 -37.26 -18.31
C VAL O 430 -25.73 -36.89 -16.90
N THR O 431 -25.10 -37.45 -15.87
CA THR O 431 -25.49 -37.12 -14.50
C THR O 431 -24.46 -36.16 -13.92
N GLU O 432 -24.76 -35.59 -12.75
CA GLU O 432 -23.78 -34.78 -12.04
C GLU O 432 -22.55 -35.63 -11.72
N HIS O 433 -22.80 -36.91 -11.46
CA HIS O 433 -21.72 -37.78 -11.01
C HIS O 433 -20.77 -37.99 -12.19
N ASP O 434 -21.32 -38.11 -13.41
CA ASP O 434 -20.54 -38.26 -14.62
C ASP O 434 -19.70 -37.02 -14.85
N VAL O 435 -20.29 -35.83 -14.68
CA VAL O 435 -19.50 -34.63 -14.91
C VAL O 435 -18.36 -34.56 -13.91
N ARG O 436 -18.65 -34.79 -12.63
CA ARG O 436 -17.56 -34.74 -11.66
C ARG O 436 -16.49 -35.77 -12.04
N ALA O 437 -16.91 -36.97 -12.43
CA ALA O 437 -15.93 -38.00 -12.73
C ALA O 437 -15.05 -37.55 -13.88
N TRP O 438 -15.68 -36.96 -14.89
CA TRP O 438 -14.97 -36.58 -16.11
C TRP O 438 -13.99 -35.48 -15.77
N ALA O 439 -14.43 -34.51 -14.97
CA ALA O 439 -13.59 -33.36 -14.70
C ALA O 439 -12.39 -33.79 -13.88
N GLN O 440 -12.58 -34.77 -13.01
CA GLN O 440 -11.51 -35.17 -12.13
C GLN O 440 -10.44 -35.92 -12.90
N LYS O 441 -10.83 -36.49 -14.04
CA LYS O 441 -9.92 -37.29 -14.87
C LYS O 441 -9.29 -36.43 -15.95
N THR O 442 -9.91 -35.30 -16.28
CA THR O 442 -9.55 -34.56 -17.46
C THR O 442 -9.06 -33.16 -17.12
N LEU O 443 -9.55 -32.58 -16.03
CA LEU O 443 -9.20 -31.19 -15.77
C LEU O 443 -8.38 -31.08 -14.51
N TYR O 444 -8.82 -31.79 -13.46
CA TYR O 444 -8.25 -31.56 -12.15
C TYR O 444 -6.77 -31.87 -12.16
N ASP O 445 -5.95 -30.86 -11.85
CA ASP O 445 -4.52 -31.06 -11.68
C ASP O 445 -3.91 -31.63 -12.97
N LYS O 446 -4.34 -31.13 -14.12
CA LYS O 446 -3.79 -31.63 -15.37
C LYS O 446 -3.00 -30.51 -16.01
N ASP O 447 -2.17 -30.87 -16.99
CA ASP O 447 -1.35 -29.89 -17.66
C ASP O 447 -2.22 -29.09 -18.60
N ILE O 448 -1.90 -27.81 -18.75
CA ILE O 448 -2.69 -27.01 -19.64
C ILE O 448 -1.81 -26.58 -20.79
N ALA O 449 -2.44 -26.23 -21.90
CA ALA O 449 -1.71 -25.52 -22.92
C ALA O 449 -2.25 -24.11 -22.81
N LEU O 450 -1.38 -23.13 -22.86
CA LEU O 450 -1.79 -21.79 -22.56
C LEU O 450 -1.20 -20.87 -23.62
N VAL O 451 -2.01 -20.02 -24.22
CA VAL O 451 -1.45 -19.09 -25.18
C VAL O 451 -1.93 -17.72 -24.81
N GLY O 452 -1.01 -16.78 -24.73
CA GLY O 452 -1.42 -15.42 -24.46
C GLY O 452 -0.88 -14.53 -25.57
N LEU O 453 -1.71 -13.59 -26.00
CA LEU O 453 -1.28 -12.69 -27.05
C LEU O 453 -1.71 -11.29 -26.65
N GLY O 454 -0.80 -10.33 -26.78
CA GLY O 454 -1.20 -8.98 -26.48
C GLY O 454 -0.51 -8.47 -25.23
N PRO O 455 -1.12 -7.54 -24.50
CA PRO O 455 -0.50 -7.02 -23.29
C PRO O 455 -0.69 -7.95 -22.11
N ILE O 456 0.16 -8.97 -22.02
CA ILE O 456 -0.08 -10.09 -21.12
C ILE O 456 1.03 -10.11 -20.07
N GLU O 457 1.64 -8.97 -19.82
CA GLU O 457 2.63 -8.85 -18.77
C GLU O 457 2.09 -9.43 -17.46
N GLY O 458 0.79 -9.18 -17.21
CA GLY O 458 0.19 -9.58 -15.95
C GLY O 458 -0.20 -11.05 -15.92
N LEU O 459 0.00 -11.79 -17.00
CA LEU O 459 -0.32 -13.20 -16.96
C LEU O 459 0.86 -13.87 -16.30
N TYR O 460 0.65 -14.60 -15.19
CA TYR O 460 1.78 -15.18 -14.50
C TYR O 460 2.39 -16.30 -15.32
N ASP O 461 3.55 -16.77 -14.88
CA ASP O 461 4.27 -17.85 -15.52
C ASP O 461 3.46 -19.15 -15.48
N TYR O 462 3.96 -20.15 -16.21
CA TYR O 462 3.22 -21.38 -16.36
C TYR O 462 2.87 -21.99 -15.01
N ASN O 463 3.82 -22.08 -14.09
CA ASN O 463 3.56 -22.76 -12.83
C ASN O 463 2.36 -22.17 -12.12
N ARG O 464 2.32 -20.85 -11.99
CA ARG O 464 1.22 -20.30 -11.23
C ARG O 464 -0.12 -20.51 -11.91
N ILE O 465 -0.16 -20.52 -13.24
CA ILE O 465 -1.43 -20.81 -13.87
C ILE O 465 -1.75 -22.27 -13.60
N ARG O 466 -0.82 -23.17 -13.86
CA ARG O 466 -1.09 -24.58 -13.67
C ARG O 466 -1.41 -24.90 -12.21
N ASN O 467 -0.91 -24.13 -11.24
CA ASN O 467 -1.23 -24.41 -9.85
C ASN O 467 -2.70 -24.16 -9.54
N ASP O 468 -3.36 -23.33 -10.34
CA ASP O 468 -4.79 -23.13 -10.16
C ASP O 468 -5.60 -24.28 -10.72
N MET O 469 -4.95 -25.31 -11.26
CA MET O 469 -5.73 -26.41 -11.77
C MET O 469 -6.09 -27.36 -10.64
N SER O 470 -5.72 -27.01 -9.41
CA SER O 470 -6.19 -27.79 -8.28
C SER O 470 -6.49 -26.85 -7.13
N MET O 471 -7.17 -27.38 -6.11
CA MET O 471 -7.52 -26.58 -4.95
C MET O 471 -6.88 -27.25 -3.75
N MET O 472 -6.13 -26.49 -2.97
CA MET O 472 -5.50 -27.14 -1.82
C MET O 472 -6.53 -27.42 -0.74
N ARG O 473 -7.67 -26.73 -0.81
CA ARG O 473 -8.69 -26.86 0.21
C ARG O 473 -9.47 -28.15 0.00
N TRP O 474 -9.29 -28.78 -1.17
CA TRP O 474 -10.00 -30.00 -1.47
C TRP O 474 -9.04 -31.17 -1.45
N PHE P 15 -46.44 -18.15 -45.13
CA PHE P 15 -46.88 -17.45 -43.88
C PHE P 15 -48.36 -17.05 -44.00
N SER P 16 -49.19 -17.73 -43.21
CA SER P 16 -50.60 -17.37 -43.07
C SER P 16 -50.73 -16.13 -42.20
N THR P 17 -51.03 -15.00 -42.87
CA THR P 17 -51.36 -13.73 -42.24
C THR P 17 -52.74 -13.87 -41.59
N ALA P 18 -52.83 -13.53 -40.29
CA ALA P 18 -54.11 -13.30 -39.63
C ALA P 18 -53.99 -12.18 -38.60
N GLU P 19 -55.09 -12.03 -37.85
CA GLU P 19 -55.23 -10.95 -36.89
C GLU P 19 -55.73 -11.51 -35.57
N ALA P 20 -55.03 -11.16 -34.50
CA ALA P 20 -55.33 -11.68 -33.19
C ALA P 20 -55.35 -10.52 -32.19
N ALA P 21 -56.56 -10.23 -31.70
CA ALA P 21 -56.83 -9.09 -30.83
C ALA P 21 -56.18 -7.82 -31.37
N GLY P 22 -56.33 -7.58 -32.67
CA GLY P 22 -55.92 -6.32 -33.28
C GLY P 22 -54.43 -6.26 -33.62
N VAL P 23 -53.72 -7.35 -33.34
CA VAL P 23 -52.32 -7.48 -33.69
C VAL P 23 -52.24 -8.41 -34.89
N LYS P 24 -51.44 -8.01 -35.89
CA LYS P 24 -51.19 -8.81 -37.07
C LYS P 24 -50.15 -9.89 -36.76
N VAL P 25 -50.54 -11.14 -37.02
CA VAL P 25 -49.76 -12.33 -36.67
C VAL P 25 -49.60 -13.17 -37.94
N ALA P 26 -48.34 -13.49 -38.27
CA ALA P 26 -48.01 -14.30 -39.42
C ALA P 26 -47.19 -15.49 -38.98
N ALA P 27 -47.67 -16.69 -39.28
CA ALA P 27 -46.95 -17.89 -38.89
C ALA P 27 -46.95 -18.88 -40.04
N GLN P 28 -45.87 -19.66 -40.06
CA GLN P 28 -45.68 -20.73 -41.02
C GLN P 28 -45.21 -21.93 -40.24
N ASP P 29 -46.05 -22.99 -40.22
CA ASP P 29 -45.68 -24.22 -39.54
C ASP P 29 -44.66 -24.97 -40.40
N GLY P 30 -43.74 -25.66 -39.70
CA GLY P 30 -42.64 -26.36 -40.32
C GLY P 30 -42.39 -27.70 -39.64
N GLN P 31 -41.32 -28.36 -40.07
CA GLN P 31 -40.97 -29.65 -39.49
C GLN P 31 -39.54 -29.54 -38.98
N SER P 32 -39.38 -28.87 -37.85
CA SER P 32 -38.09 -28.66 -37.22
C SER P 32 -38.34 -28.50 -35.72
N PRO P 33 -37.33 -28.73 -34.85
CA PRO P 33 -37.57 -28.61 -33.42
C PRO P 33 -37.47 -27.17 -32.89
N ILE P 34 -37.07 -26.23 -33.76
CA ILE P 34 -36.75 -24.88 -33.33
C ILE P 34 -37.70 -23.87 -33.97
N SER P 35 -38.27 -23.04 -33.11
CA SER P 35 -39.16 -21.98 -33.53
C SER P 35 -38.46 -20.64 -33.37
N ASP P 36 -38.77 -19.73 -34.29
CA ASP P 36 -38.34 -18.34 -34.18
C ASP P 36 -39.57 -17.45 -34.05
N LEU P 37 -39.73 -16.83 -32.88
CA LEU P 37 -40.79 -15.84 -32.72
C LEU P 37 -40.17 -14.46 -32.75
N SER P 38 -40.69 -13.60 -33.63
CA SER P 38 -40.14 -12.27 -33.76
C SER P 38 -41.24 -11.22 -33.68
N VAL P 39 -41.03 -10.26 -32.78
CA VAL P 39 -41.88 -9.09 -32.76
C VAL P 39 -41.25 -8.01 -33.64
N VAL P 40 -41.97 -7.58 -34.69
CA VAL P 40 -41.46 -6.52 -35.52
C VAL P 40 -42.23 -5.27 -35.14
N LEU P 41 -41.50 -4.21 -34.80
CA LEU P 41 -42.12 -2.95 -34.42
C LEU P 41 -41.90 -1.91 -35.51
N ARG P 42 -42.96 -1.13 -35.81
CA ARG P 42 -42.84 0.02 -36.67
C ARG P 42 -42.17 1.09 -35.82
N GLY P 43 -40.88 0.93 -35.55
CA GLY P 43 -40.24 1.78 -34.57
C GLY P 43 -38.80 2.06 -34.97
N GLY P 44 -38.52 1.86 -36.27
CA GLY P 44 -37.15 2.06 -36.73
C GLY P 44 -36.77 3.53 -36.60
N SER P 45 -35.58 3.86 -37.08
CA SER P 45 -35.05 5.20 -36.86
C SER P 45 -35.77 6.25 -37.69
N ARG P 46 -36.47 5.87 -38.76
CA ARG P 46 -37.12 6.90 -39.54
C ARG P 46 -38.28 7.48 -38.74
N TYR P 47 -38.71 6.74 -37.72
CA TYR P 47 -39.87 7.15 -36.97
C TYR P 47 -39.43 7.80 -35.68
N ALA P 48 -38.11 7.82 -35.47
CA ALA P 48 -37.53 8.35 -34.25
C ALA P 48 -37.84 9.83 -34.12
N THR P 49 -37.91 10.25 -32.87
CA THR P 49 -38.32 11.59 -32.48
C THR P 49 -37.03 12.34 -32.18
N VAL P 50 -36.11 11.58 -31.58
CA VAL P 50 -34.82 12.04 -31.09
C VAL P 50 -33.78 11.09 -31.66
N PRO P 51 -32.59 11.59 -32.08
CA PRO P 51 -31.54 10.75 -32.65
C PRO P 51 -31.05 9.65 -31.73
N GLY P 52 -31.23 8.40 -32.15
CA GLY P 52 -30.69 7.27 -31.42
C GLY P 52 -31.75 6.58 -30.56
N VAL P 53 -32.98 7.13 -30.52
CA VAL P 53 -33.93 6.53 -29.59
C VAL P 53 -34.33 5.13 -30.01
N SER P 54 -34.36 4.83 -31.30
CA SER P 54 -34.91 3.53 -31.67
C SER P 54 -33.87 2.47 -31.31
N HIS P 55 -32.59 2.82 -31.40
CA HIS P 55 -31.55 1.91 -30.97
C HIS P 55 -31.64 1.63 -29.48
N ILE P 56 -31.86 2.68 -28.68
CA ILE P 56 -31.97 2.54 -27.24
C ILE P 56 -33.23 1.76 -26.91
N LEU P 57 -34.35 2.02 -27.56
CA LEU P 57 -35.54 1.25 -27.28
C LEU P 57 -35.32 -0.25 -27.57
N GLU P 58 -34.57 -0.56 -28.64
CA GLU P 58 -34.25 -1.95 -28.97
C GLU P 58 -33.42 -2.56 -27.85
N LYS P 59 -32.44 -1.81 -27.35
CA LYS P 59 -31.57 -2.31 -26.29
C LYS P 59 -32.29 -2.31 -24.94
N PHE P 60 -33.46 -1.67 -24.83
CA PHE P 60 -34.19 -1.66 -23.58
C PHE P 60 -35.20 -2.80 -23.56
N ALA P 61 -35.24 -3.60 -24.62
CA ALA P 61 -36.13 -4.74 -24.60
C ALA P 61 -35.51 -5.81 -23.72
N PHE P 62 -36.38 -6.48 -22.97
CA PHE P 62 -35.98 -7.52 -22.04
C PHE P 62 -35.13 -6.98 -20.91
N GLN P 63 -35.35 -5.70 -20.57
CA GLN P 63 -34.93 -5.17 -19.29
C GLN P 63 -36.04 -5.46 -18.28
N ASN P 64 -36.01 -4.78 -17.13
CA ASN P 64 -36.95 -5.08 -16.07
C ASN P 64 -38.36 -4.73 -16.49
N THR P 65 -39.24 -5.72 -16.43
CA THR P 65 -40.65 -5.44 -16.53
C THR P 65 -41.20 -5.51 -15.12
N VAL P 66 -42.47 -5.15 -14.98
CA VAL P 66 -43.14 -5.23 -13.70
C VAL P 66 -43.34 -6.69 -13.27
N PRO P 67 -43.82 -7.62 -14.13
CA PRO P 67 -43.94 -9.02 -13.73
C PRO P 67 -42.64 -9.81 -13.55
N LYS P 68 -41.58 -9.42 -14.25
CA LYS P 68 -40.40 -10.27 -14.37
C LYS P 68 -39.18 -9.41 -14.61
N SER P 69 -38.17 -9.55 -13.74
CA SER P 69 -36.95 -8.76 -13.83
C SER P 69 -36.11 -9.23 -15.02
N ALA P 70 -35.21 -8.37 -15.47
CA ALA P 70 -34.27 -8.74 -16.52
C ALA P 70 -33.52 -10.00 -16.13
N LEU P 71 -33.06 -10.01 -14.88
CA LEU P 71 -32.34 -11.15 -14.37
C LEU P 71 -33.19 -12.40 -14.42
N ARG P 72 -34.41 -12.35 -13.89
CA ARG P 72 -35.21 -13.56 -13.91
C ARG P 72 -35.47 -14.02 -15.34
N PHE P 73 -35.68 -13.09 -16.25
CA PHE P 73 -35.94 -13.47 -17.62
C PHE P 73 -34.75 -14.24 -18.19
N VAL P 74 -33.56 -13.66 -18.06
CA VAL P 74 -32.36 -14.29 -18.61
C VAL P 74 -32.15 -15.67 -18.01
N ARG P 75 -32.29 -15.83 -16.69
CA ARG P 75 -32.06 -17.14 -16.11
C ARG P 75 -33.11 -18.15 -16.55
N GLU P 76 -34.33 -17.69 -16.85
CA GLU P 76 -35.34 -18.66 -17.24
C GLU P 76 -35.19 -19.02 -18.71
N LEU P 77 -34.71 -18.05 -19.50
CA LEU P 77 -34.51 -18.28 -20.91
C LEU P 77 -33.38 -19.29 -21.10
N GLU P 78 -32.42 -19.32 -20.16
CA GLU P 78 -31.34 -20.30 -20.18
C GLU P 78 -31.86 -21.69 -19.83
N LEU P 79 -32.93 -21.80 -19.05
CA LEU P 79 -33.51 -23.10 -18.76
C LEU P 79 -34.29 -23.66 -19.94
N PHE P 80 -34.69 -22.79 -20.88
CA PHE P 80 -35.37 -23.25 -22.08
C PHE P 80 -34.37 -23.33 -23.23
N GLY P 81 -33.15 -22.88 -22.92
CA GLY P 81 -32.04 -22.79 -23.86
C GLY P 81 -32.34 -21.90 -25.04
N GLY P 82 -33.34 -21.02 -24.91
CA GLY P 82 -33.62 -19.99 -25.89
C GLY P 82 -32.48 -18.99 -26.05
N LYS P 83 -32.50 -18.28 -27.18
CA LYS P 83 -31.59 -17.18 -27.40
C LYS P 83 -32.41 -15.98 -27.82
N LEU P 84 -31.82 -14.82 -27.60
CA LEU P 84 -32.48 -13.56 -27.87
C LEU P 84 -31.63 -12.73 -28.82
N TYR P 85 -32.26 -12.18 -29.85
CA TYR P 85 -31.52 -11.43 -30.85
C TYR P 85 -32.36 -10.22 -31.20
N THR P 86 -31.72 -9.07 -31.24
CA THR P 86 -32.46 -7.84 -31.46
C THR P 86 -31.68 -6.99 -32.46
N HIS P 87 -32.38 -6.25 -33.32
CA HIS P 87 -31.66 -5.26 -34.11
C HIS P 87 -32.60 -4.15 -34.52
N THR P 88 -32.00 -3.02 -34.89
CA THR P 88 -32.73 -1.85 -35.33
C THR P 88 -32.40 -1.61 -36.80
N THR P 89 -33.40 -1.32 -37.62
CA THR P 89 -33.15 -0.83 -38.96
C THR P 89 -33.69 0.59 -39.05
N ARG P 90 -33.80 1.10 -40.27
CA ARG P 90 -34.42 2.39 -40.41
C ARG P 90 -35.94 2.29 -40.35
N GLU P 91 -36.44 1.08 -40.57
CA GLU P 91 -37.87 0.91 -40.71
C GLU P 91 -38.41 0.19 -39.47
N HIS P 92 -37.64 -0.74 -38.91
CA HIS P 92 -38.20 -1.59 -37.88
C HIS P 92 -37.25 -1.74 -36.72
N ILE P 93 -37.79 -2.13 -35.57
CA ILE P 93 -37.01 -2.77 -34.53
C ILE P 93 -37.47 -4.20 -34.56
N VAL P 94 -36.50 -5.13 -34.48
CA VAL P 94 -36.84 -6.54 -34.53
C VAL P 94 -36.31 -7.21 -33.28
N LEU P 95 -37.19 -7.91 -32.57
CA LEU P 95 -36.80 -8.68 -31.40
C LEU P 95 -37.16 -10.12 -31.70
N ARG P 96 -36.14 -10.96 -31.74
CA ARG P 96 -36.36 -12.32 -32.19
C ARG P 96 -35.93 -13.27 -31.08
N THR P 97 -36.74 -14.28 -30.82
CA THR P 97 -36.29 -15.31 -29.91
C THR P 97 -36.28 -16.64 -30.64
N GLN P 98 -35.28 -17.44 -30.30
CA GLN P 98 -35.18 -18.76 -30.88
C GLN P 98 -35.28 -19.75 -29.74
N PHE P 99 -36.21 -20.71 -29.84
CA PHE P 99 -36.42 -21.64 -28.75
C PHE P 99 -36.95 -22.95 -29.31
N LEU P 100 -37.19 -23.91 -28.43
CA LEU P 100 -37.78 -25.18 -28.88
C LEU P 100 -39.28 -24.99 -29.08
N LYS P 101 -39.85 -25.74 -30.03
CA LYS P 101 -41.22 -25.52 -30.49
C LYS P 101 -42.13 -25.40 -29.28
N GLN P 102 -41.93 -26.30 -28.33
CA GLN P 102 -42.91 -26.52 -27.29
C GLN P 102 -42.98 -25.33 -26.33
N ASP P 103 -41.92 -24.52 -26.26
CA ASP P 103 -41.86 -23.42 -25.31
C ASP P 103 -42.51 -22.14 -25.81
N LEU P 104 -43.34 -22.23 -26.85
CA LEU P 104 -43.92 -21.04 -27.46
C LEU P 104 -44.67 -20.18 -26.44
N PRO P 105 -45.56 -20.71 -25.57
CA PRO P 105 -46.40 -19.86 -24.72
C PRO P 105 -45.62 -18.95 -23.80
N TYR P 106 -44.46 -19.44 -23.34
CA TYR P 106 -43.58 -18.66 -22.50
C TYR P 106 -43.12 -17.41 -23.23
N PHE P 107 -42.69 -17.58 -24.48
CA PHE P 107 -42.09 -16.48 -25.23
C PHE P 107 -43.15 -15.49 -25.66
N VAL P 108 -44.39 -15.95 -25.92
CA VAL P 108 -45.44 -15.01 -26.28
C VAL P 108 -45.70 -14.11 -25.09
N ASP P 109 -45.80 -14.72 -23.89
CA ASP P 109 -46.05 -13.97 -22.68
C ASP P 109 -44.91 -13.01 -22.34
N ALA P 110 -43.68 -13.38 -22.69
CA ALA P 110 -42.51 -12.54 -22.40
C ALA P 110 -42.52 -11.29 -23.27
N PHE P 111 -42.87 -11.46 -24.55
CA PHE P 111 -43.01 -10.32 -25.44
C PHE P 111 -44.13 -9.43 -24.94
N ALA P 112 -45.24 -10.03 -24.50
CA ALA P 112 -46.35 -9.23 -23.98
C ALA P 112 -45.88 -8.40 -22.79
N ASN P 113 -45.06 -8.97 -21.90
CA ASN P 113 -44.59 -8.20 -20.75
C ASN P 113 -43.71 -7.04 -21.18
N VAL P 114 -42.95 -7.22 -22.26
CA VAL P 114 -42.00 -6.19 -22.67
C VAL P 114 -42.78 -5.00 -23.24
N LEU P 115 -43.87 -5.31 -23.94
CA LEU P 115 -44.61 -4.28 -24.64
C LEU P 115 -45.55 -3.55 -23.69
N LYS P 116 -46.02 -4.24 -22.66
CA LYS P 116 -47.03 -3.70 -21.76
C LYS P 116 -46.40 -3.06 -20.54
N GLU P 117 -45.32 -3.65 -20.02
CA GLU P 117 -44.97 -3.44 -18.63
C GLU P 117 -43.49 -3.16 -18.41
N THR P 118 -42.77 -2.63 -19.41
CA THR P 118 -41.38 -2.31 -19.19
C THR P 118 -41.29 -1.10 -18.26
N LYS P 119 -40.57 -1.26 -17.15
CA LYS P 119 -40.28 -0.15 -16.24
C LYS P 119 -39.04 0.52 -16.81
N PHE P 120 -39.15 1.69 -17.44
CA PHE P 120 -37.93 2.23 -18.01
C PHE P 120 -37.25 3.01 -16.90
N GLN P 121 -36.24 2.38 -16.30
CA GLN P 121 -35.66 2.93 -15.09
C GLN P 121 -34.37 3.63 -15.46
N GLN P 122 -34.10 4.75 -14.81
CA GLN P 122 -33.01 5.59 -15.28
C GLN P 122 -31.69 4.86 -15.15
N PHE P 123 -31.57 4.02 -14.12
CA PHE P 123 -30.30 3.36 -13.89
C PHE P 123 -30.04 2.32 -14.99
N GLU P 124 -31.10 1.70 -15.54
CA GLU P 124 -30.94 0.74 -16.62
C GLU P 124 -30.40 1.48 -17.82
N LEU P 125 -30.89 2.71 -18.05
CA LEU P 125 -30.38 3.46 -19.18
C LEU P 125 -28.92 3.82 -18.98
N THR P 126 -28.54 4.31 -17.79
CA THR P 126 -27.18 4.76 -17.58
C THR P 126 -26.18 3.61 -17.53
N GLU P 127 -26.55 2.50 -16.87
CA GLU P 127 -25.55 1.51 -16.52
C GLU P 127 -25.63 0.31 -17.47
N ARG P 128 -26.80 0.06 -18.04
CA ARG P 128 -26.98 -1.17 -18.81
C ARG P 128 -27.16 -0.85 -20.29
N VAL P 129 -28.16 -0.03 -20.59
CA VAL P 129 -28.62 0.11 -21.96
C VAL P 129 -27.64 0.98 -22.74
N ALA P 130 -27.33 2.19 -22.27
CA ALA P 130 -26.46 3.09 -23.02
C ALA P 130 -25.08 2.48 -23.29
N PRO P 131 -24.39 1.86 -22.31
CA PRO P 131 -23.06 1.27 -22.53
C PRO P 131 -23.02 0.14 -23.56
N VAL P 132 -24.08 -0.65 -23.59
CA VAL P 132 -24.18 -1.74 -24.53
C VAL P 132 -24.50 -1.18 -25.91
N ALA P 133 -25.34 -0.15 -25.98
CA ALA P 133 -25.62 0.45 -27.28
C ALA P 133 -24.34 1.08 -27.82
N GLU P 134 -23.47 1.56 -26.94
CA GLU P 134 -22.24 2.19 -27.40
C GLU P 134 -21.26 1.15 -27.93
N LEU P 135 -21.21 -0.02 -27.31
CA LEU P 135 -20.35 -1.09 -27.80
C LEU P 135 -20.88 -1.69 -29.07
N ASP P 136 -22.21 -1.72 -29.24
CA ASP P 136 -22.83 -2.21 -30.45
C ASP P 136 -22.33 -1.36 -31.61
N LEU P 137 -22.33 -0.04 -31.42
CA LEU P 137 -21.96 0.84 -32.49
C LEU P 137 -20.48 0.74 -32.79
N LEU P 138 -19.64 0.69 -31.75
CA LEU P 138 -18.19 0.60 -31.95
C LEU P 138 -17.81 -0.66 -32.70
N LYS P 139 -18.53 -1.75 -32.48
CA LYS P 139 -18.24 -2.98 -33.16
C LYS P 139 -18.59 -2.85 -34.65
N ARG P 140 -19.68 -2.14 -34.95
CA ARG P 140 -20.12 -2.02 -36.33
C ARG P 140 -19.19 -1.10 -37.11
N GLU P 141 -18.71 -0.05 -36.44
CA GLU P 141 -17.88 0.98 -37.03
C GLU P 141 -16.46 0.50 -37.27
N SER P 142 -16.09 -0.65 -36.69
CA SER P 142 -14.81 -1.26 -36.99
C SER P 142 -14.68 -1.53 -38.50
N ASP P 143 -15.81 -1.80 -39.17
CA ASP P 143 -15.91 -1.92 -40.61
C ASP P 143 -16.15 -0.53 -41.23
N PRO P 144 -15.20 0.05 -41.98
CA PRO P 144 -15.40 1.39 -42.53
C PRO P 144 -16.50 1.45 -43.57
N ALA P 145 -16.87 0.29 -44.16
CA ALA P 145 -17.91 0.25 -45.17
C ALA P 145 -19.27 0.53 -44.54
N PHE P 146 -19.40 0.12 -43.28
CA PHE P 146 -20.62 0.32 -42.55
C PHE P 146 -20.82 1.82 -42.35
N THR P 147 -19.79 2.45 -41.79
CA THR P 147 -19.80 3.88 -41.62
C THR P 147 -20.12 4.63 -42.91
N ALA P 148 -19.51 4.22 -44.03
CA ALA P 148 -19.74 4.90 -45.28
C ALA P 148 -21.19 4.80 -45.70
N LEU P 149 -21.80 3.63 -45.52
CA LEU P 149 -23.16 3.49 -46.00
C LEU P 149 -24.12 4.23 -45.07
N GLU P 150 -23.77 4.33 -43.79
CA GLU P 150 -24.53 5.12 -42.83
C GLU P 150 -24.47 6.60 -43.19
N ALA P 151 -23.26 7.09 -43.44
CA ALA P 151 -23.07 8.48 -43.83
C ALA P 151 -23.85 8.78 -45.10
N ALA P 152 -23.93 7.82 -46.03
CA ALA P 152 -24.59 8.11 -47.30
C ALA P 152 -26.08 8.30 -47.09
N HIS P 153 -26.67 7.54 -46.16
CA HIS P 153 -28.09 7.71 -45.93
C HIS P 153 -28.36 9.08 -45.33
N GLU P 154 -27.38 9.58 -44.57
CA GLU P 154 -27.55 10.81 -43.83
C GLU P 154 -27.58 11.99 -44.80
N VAL P 155 -26.69 11.92 -45.78
CA VAL P 155 -26.62 12.92 -46.81
C VAL P 155 -27.82 12.86 -47.74
N ALA P 156 -28.28 11.64 -48.04
CA ALA P 156 -29.28 11.52 -49.08
C ALA P 156 -30.64 11.96 -48.56
N PHE P 157 -30.88 11.73 -47.28
CA PHE P 157 -32.24 11.91 -46.82
C PHE P 157 -32.36 13.01 -45.77
N ARG P 158 -31.25 13.32 -45.09
CA ARG P 158 -31.14 14.35 -44.05
C ARG P 158 -31.89 13.96 -42.78
N THR P 159 -33.22 13.88 -42.86
CA THR P 159 -34.03 13.46 -41.73
C THR P 159 -34.79 12.21 -42.14
N GLY P 160 -35.60 11.67 -41.23
CA GLY P 160 -36.37 10.48 -41.55
C GLY P 160 -35.45 9.30 -41.78
N LEU P 161 -35.32 8.89 -43.05
CA LEU P 161 -34.40 7.83 -43.40
C LEU P 161 -32.97 8.30 -43.13
N GLY P 162 -32.81 9.62 -42.99
CA GLY P 162 -31.48 10.16 -42.82
C GLY P 162 -31.04 10.19 -41.37
N ASN P 163 -31.98 9.97 -40.43
CA ASN P 163 -31.62 9.92 -39.02
C ASN P 163 -30.62 8.81 -38.81
N SER P 164 -29.71 8.94 -37.82
CA SER P 164 -28.81 7.82 -37.55
C SER P 164 -29.60 6.65 -36.98
N VAL P 165 -29.16 5.41 -37.30
CA VAL P 165 -29.86 4.25 -36.77
C VAL P 165 -29.40 4.00 -35.36
N TYR P 166 -28.11 4.31 -35.10
CA TYR P 166 -27.51 3.93 -33.84
C TYR P 166 -27.34 5.14 -32.98
N ALA P 167 -27.32 4.90 -31.67
CA ALA P 167 -27.16 5.97 -30.71
C ALA P 167 -25.70 6.40 -30.72
N GLN P 168 -25.47 7.71 -30.80
CA GLN P 168 -24.11 8.21 -30.66
C GLN P 168 -23.98 9.03 -29.38
N GLY P 169 -22.73 9.19 -28.93
CA GLY P 169 -22.37 9.91 -27.72
C GLY P 169 -22.66 11.41 -27.80
N TYR P 170 -22.56 11.95 -29.03
CA TYR P 170 -22.73 13.37 -29.25
C TYR P 170 -24.18 13.82 -29.07
N SER P 171 -25.16 12.91 -29.27
CA SER P 171 -26.56 13.24 -29.04
C SER P 171 -27.14 12.30 -27.98
N PRO P 172 -27.10 12.67 -26.68
CA PRO P 172 -27.52 11.79 -25.61
C PRO P 172 -29.04 11.65 -25.52
N VAL P 173 -29.50 10.39 -25.49
CA VAL P 173 -30.90 10.04 -25.36
C VAL P 173 -31.23 10.03 -23.87
N THR P 174 -32.34 10.70 -23.51
CA THR P 174 -32.75 10.76 -22.12
C THR P 174 -33.85 9.74 -21.85
N LEU P 175 -34.10 9.47 -20.57
CA LEU P 175 -35.10 8.48 -20.24
C LEU P 175 -36.49 8.97 -20.63
N GLU P 176 -36.66 10.30 -20.69
CA GLU P 176 -37.96 10.82 -21.08
C GLU P 176 -38.21 10.62 -22.57
N ASP P 177 -37.17 10.83 -23.38
CA ASP P 177 -37.17 10.55 -24.80
C ASP P 177 -37.55 9.11 -25.06
N VAL P 178 -36.88 8.18 -24.38
CA VAL P 178 -37.13 6.79 -24.66
C VAL P 178 -38.54 6.40 -24.21
N LYS P 179 -39.01 6.97 -23.09
CA LYS P 179 -40.31 6.60 -22.59
C LYS P 179 -41.43 7.12 -23.49
N GLU P 180 -41.22 8.30 -24.08
CA GLU P 180 -42.19 8.90 -24.99
C GLU P 180 -42.33 8.06 -26.25
N PHE P 181 -41.17 7.75 -26.82
CA PHE P 181 -41.12 6.97 -28.03
C PHE P 181 -41.80 5.63 -27.81
N ALA P 182 -41.50 5.00 -26.68
CA ALA P 182 -42.07 3.69 -26.38
C ALA P 182 -43.59 3.74 -26.25
N ARG P 183 -44.13 4.89 -25.79
CA ARG P 183 -45.56 5.06 -25.64
C ARG P 183 -46.22 5.01 -27.01
N GLN P 184 -45.52 5.51 -28.03
CA GLN P 184 -46.03 5.51 -29.39
C GLN P 184 -45.87 4.13 -30.02
N VAL P 185 -44.66 3.57 -29.87
CA VAL P 185 -44.28 2.36 -30.56
C VAL P 185 -45.00 1.14 -29.99
N TYR P 186 -45.00 0.99 -28.67
CA TYR P 186 -45.46 -0.28 -28.15
C TYR P 186 -46.98 -0.28 -28.07
N ALA P 187 -47.64 -0.44 -29.21
CA ALA P 187 -49.07 -0.30 -29.37
C ALA P 187 -49.53 -1.27 -30.45
N LYS P 188 -50.78 -1.71 -30.38
CA LYS P 188 -51.25 -2.73 -31.30
C LYS P 188 -51.03 -2.31 -32.76
N GLN P 189 -50.99 -1.00 -33.01
CA GLN P 189 -50.99 -0.53 -34.39
C GLN P 189 -49.59 -0.63 -34.97
N ASN P 190 -48.60 -0.86 -34.12
CA ASN P 190 -47.23 -0.79 -34.61
C ASN P 190 -46.48 -2.09 -34.35
N VAL P 191 -47.23 -3.16 -34.08
CA VAL P 191 -46.62 -4.42 -33.73
C VAL P 191 -47.10 -5.49 -34.70
N ALA P 192 -46.15 -6.28 -35.18
CA ALA P 192 -46.41 -7.48 -35.95
C ALA P 192 -45.67 -8.66 -35.31
N VAL P 193 -46.36 -9.78 -35.18
CA VAL P 193 -45.74 -10.97 -34.63
C VAL P 193 -45.54 -11.96 -35.77
N VAL P 194 -44.29 -12.42 -35.94
CA VAL P 194 -43.92 -13.34 -37.00
C VAL P 194 -43.35 -14.62 -36.40
N GLY P 195 -44.00 -15.74 -36.71
CA GLY P 195 -43.65 -17.03 -36.15
C GLY P 195 -43.20 -18.03 -37.22
N ASN P 196 -41.88 -18.28 -37.24
CA ASN P 196 -41.26 -19.28 -38.09
C ASN P 196 -41.24 -20.63 -37.37
N ASN P 197 -41.89 -21.63 -37.99
CA ASN P 197 -42.02 -22.98 -37.47
C ASN P 197 -42.87 -22.97 -36.20
N VAL P 198 -43.96 -22.21 -36.29
CA VAL P 198 -44.91 -22.09 -35.21
C VAL P 198 -46.27 -22.45 -35.82
N VAL P 199 -47.06 -23.29 -35.13
CA VAL P 199 -48.37 -23.64 -35.62
C VAL P 199 -49.25 -22.40 -35.69
N PRO P 200 -49.75 -21.98 -36.87
CA PRO P 200 -50.44 -20.69 -36.97
C PRO P 200 -51.70 -20.55 -36.13
N ALA P 201 -52.41 -21.65 -35.90
CA ALA P 201 -53.65 -21.59 -35.14
C ALA P 201 -53.35 -21.35 -33.66
N ASP P 202 -52.22 -21.91 -33.21
CA ASP P 202 -51.81 -21.89 -31.81
C ASP P 202 -51.25 -20.51 -31.46
N LEU P 203 -50.56 -19.88 -32.41
CA LEU P 203 -50.00 -18.57 -32.17
C LEU P 203 -51.12 -17.54 -32.05
N GLN P 204 -52.12 -17.64 -32.93
CA GLN P 204 -53.23 -16.68 -32.94
C GLN P 204 -53.96 -16.72 -31.60
N GLN P 205 -54.13 -17.93 -31.05
CA GLN P 205 -54.82 -18.15 -29.79
C GLN P 205 -54.02 -17.54 -28.63
N LEU P 206 -52.69 -17.60 -28.70
CA LEU P 206 -51.86 -17.14 -27.59
C LEU P 206 -51.70 -15.63 -27.65
N VAL P 207 -51.49 -15.09 -28.85
CA VAL P 207 -51.28 -13.65 -28.97
C VAL P 207 -52.61 -12.96 -28.67
N GLY P 208 -53.71 -13.69 -28.91
CA GLY P 208 -55.05 -13.17 -28.71
C GLY P 208 -55.38 -13.00 -27.23
N THR P 209 -54.66 -13.72 -26.38
CA THR P 209 -54.94 -13.66 -24.95
C THR P 209 -53.93 -12.72 -24.29
N ALA P 210 -52.73 -12.65 -24.87
CA ALA P 210 -51.61 -12.02 -24.18
C ALA P 210 -51.51 -10.55 -24.56
N PHE P 211 -51.85 -10.20 -25.79
CA PHE P 211 -51.69 -8.85 -26.28
C PHE P 211 -53.05 -8.19 -26.37
N ALA P 212 -54.00 -8.62 -25.54
CA ALA P 212 -55.35 -8.07 -25.60
C ALA P 212 -55.40 -6.72 -24.88
N ASP P 213 -54.52 -6.55 -23.89
CA ASP P 213 -54.53 -5.42 -22.97
C ASP P 213 -53.50 -4.39 -23.36
N LEU P 214 -52.84 -4.61 -24.51
CA LEU P 214 -51.90 -3.66 -25.06
C LEU P 214 -52.69 -2.47 -25.58
N GLN P 215 -52.15 -1.24 -25.44
CA GLN P 215 -52.78 -0.06 -26.02
C GLN P 215 -53.07 -0.30 -27.49
N GLU P 216 -54.14 0.32 -28.01
CA GLU P 216 -54.30 0.31 -29.45
C GLU P 216 -53.35 1.32 -30.08
N GLY P 217 -53.28 2.53 -29.52
CA GLY P 217 -52.35 3.55 -30.00
C GLY P 217 -52.72 3.99 -31.42
N SER P 218 -51.75 4.60 -32.10
CA SER P 218 -51.94 4.97 -33.49
C SER P 218 -50.69 4.61 -34.28
N LYS P 219 -50.83 4.51 -35.60
CA LYS P 219 -49.71 4.29 -36.49
C LYS P 219 -48.70 5.44 -36.30
N VAL P 220 -47.48 5.04 -35.99
CA VAL P 220 -46.34 5.92 -35.94
C VAL P 220 -46.07 6.41 -37.36
N THR P 221 -45.76 7.70 -37.46
CA THR P 221 -45.49 8.31 -38.75
C THR P 221 -44.16 9.06 -38.70
N GLN P 222 -43.59 9.21 -39.88
CA GLN P 222 -42.38 9.99 -40.10
C GLN P 222 -42.79 11.45 -40.04
N ALA P 223 -42.11 12.19 -39.15
CA ALA P 223 -42.22 13.64 -39.13
C ALA P 223 -41.61 14.21 -40.41
N GLY P 224 -42.49 14.63 -41.34
CA GLY P 224 -42.12 15.25 -42.60
C GLY P 224 -42.04 14.23 -43.73
N THR P 225 -42.21 14.69 -44.98
CA THR P 225 -42.10 13.79 -46.12
C THR P 225 -40.63 13.58 -46.48
N THR P 226 -40.36 12.43 -47.11
CA THR P 226 -39.03 12.08 -47.54
C THR P 226 -38.62 12.96 -48.72
N THR P 227 -37.56 13.73 -48.50
CA THR P 227 -36.94 14.54 -49.52
C THR P 227 -35.55 13.96 -49.81
N LEU P 228 -35.20 13.90 -51.10
CA LEU P 228 -33.91 13.40 -51.53
C LEU P 228 -33.01 14.59 -51.84
N HIS P 229 -31.73 14.39 -51.54
CA HIS P 229 -30.73 15.42 -51.70
C HIS P 229 -29.45 14.74 -52.11
N GLY P 230 -28.59 15.49 -52.81
CA GLY P 230 -27.27 15.03 -53.16
C GLY P 230 -26.25 15.56 -52.17
N GLY P 231 -24.99 15.18 -52.35
CA GLY P 231 -23.98 15.80 -51.52
C GLY P 231 -22.76 14.93 -51.27
N GLU P 232 -22.03 15.28 -50.22
CA GLU P 232 -20.83 14.57 -49.80
C GLU P 232 -20.77 14.54 -48.30
N ALA P 233 -20.22 13.44 -47.80
CA ALA P 233 -19.93 13.28 -46.40
C ALA P 233 -18.49 12.78 -46.31
N ARG P 234 -17.75 13.34 -45.35
CA ARG P 234 -16.34 13.07 -45.27
C ARG P 234 -16.00 12.83 -43.80
N VAL P 235 -15.97 11.57 -43.44
CA VAL P 235 -15.76 11.12 -42.08
C VAL P 235 -14.30 10.70 -41.92
N ARG P 236 -13.50 11.53 -41.23
CA ARG P 236 -12.09 11.27 -40.98
C ARG P 236 -11.95 10.23 -39.89
N THR P 237 -11.54 9.00 -40.26
CA THR P 237 -11.18 7.99 -39.28
C THR P 237 -9.72 7.59 -39.52
N SER P 238 -9.18 6.85 -38.55
CA SER P 238 -7.84 6.27 -38.64
C SER P 238 -7.92 4.75 -38.80
N THR P 239 -9.13 4.24 -39.03
CA THR P 239 -9.39 2.81 -38.95
C THR P 239 -9.93 2.29 -40.29
N GLY P 240 -9.14 2.46 -41.36
CA GLY P 240 -9.49 1.92 -42.68
C GLY P 240 -10.29 2.91 -43.53
N ASN P 241 -10.50 2.54 -44.79
CA ASN P 241 -10.96 3.49 -45.78
C ASN P 241 -12.13 2.87 -46.52
N ALA P 242 -13.16 3.68 -46.78
CA ALA P 242 -14.21 3.19 -47.63
C ALA P 242 -14.85 4.36 -48.34
N LEU P 243 -15.70 4.02 -49.30
CA LEU P 243 -16.31 5.04 -50.11
C LEU P 243 -17.64 4.50 -50.63
N THR P 244 -18.71 5.24 -50.34
CA THR P 244 -20.00 4.86 -50.88
C THR P 244 -20.38 5.84 -51.97
N ILE P 245 -20.91 5.30 -53.07
CA ILE P 245 -21.48 6.12 -54.11
C ILE P 245 -22.98 5.81 -54.16
N ALA P 246 -23.77 6.68 -53.54
CA ALA P 246 -25.17 6.36 -53.46
C ALA P 246 -25.96 7.21 -54.46
N LEU P 247 -27.07 6.65 -54.96
CA LEU P 247 -28.00 7.42 -55.74
C LEU P 247 -29.37 7.25 -55.11
N PRO P 248 -29.93 8.31 -54.50
CA PRO P 248 -31.29 8.24 -53.99
C PRO P 248 -32.29 8.02 -55.14
N ILE P 249 -33.30 7.20 -54.85
CA ILE P 249 -34.30 6.84 -55.84
C ILE P 249 -35.63 7.39 -55.37
N ALA P 250 -36.27 8.16 -56.27
CA ALA P 250 -37.52 8.84 -55.96
C ALA P 250 -38.71 7.91 -56.15
N GLU P 251 -38.63 7.07 -57.19
CA GLU P 251 -39.64 6.06 -57.45
C GLU P 251 -38.98 4.69 -57.27
N PRO P 252 -39.05 4.06 -56.08
CA PRO P 252 -38.50 2.73 -55.89
C PRO P 252 -39.25 1.73 -56.77
N LYS P 253 -38.49 1.00 -57.59
CA LYS P 253 -38.99 0.02 -58.54
C LYS P 253 -38.23 -1.29 -58.31
N PRO P 254 -38.84 -2.48 -58.54
CA PRO P 254 -38.16 -3.75 -58.29
C PRO P 254 -36.99 -4.04 -59.22
N VAL P 255 -36.90 -3.29 -60.32
CA VAL P 255 -35.79 -3.45 -61.26
C VAL P 255 -34.45 -3.13 -60.60
N TYR P 256 -34.45 -2.33 -59.53
CA TYR P 256 -33.16 -1.93 -58.94
C TYR P 256 -32.54 -3.09 -58.17
N HIS P 257 -33.36 -4.05 -57.74
CA HIS P 257 -32.85 -5.28 -57.16
C HIS P 257 -32.04 -6.04 -58.20
N ALA P 258 -32.66 -6.22 -59.37
CA ALA P 258 -32.00 -6.91 -60.46
C ALA P 258 -30.71 -6.17 -60.83
N LEU P 259 -30.77 -4.84 -60.87
CA LEU P 259 -29.58 -4.10 -61.24
C LEU P 259 -28.50 -4.26 -60.17
N ALA P 260 -28.88 -4.31 -58.89
CA ALA P 260 -27.87 -4.41 -57.84
C ALA P 260 -27.17 -5.75 -57.91
N SER P 261 -27.94 -6.79 -58.25
CA SER P 261 -27.40 -8.14 -58.27
C SER P 261 -26.55 -8.31 -59.53
N PHE P 262 -26.99 -7.74 -60.65
CA PHE P 262 -26.22 -7.74 -61.88
C PHE P 262 -24.86 -7.09 -61.65
N LEU P 263 -24.86 -5.82 -61.20
CA LEU P 263 -23.62 -5.08 -60.97
C LEU P 263 -22.76 -5.83 -59.97
N GLY P 264 -23.42 -6.44 -58.99
CA GLY P 264 -22.82 -7.38 -58.06
C GLY P 264 -21.71 -6.76 -57.23
N GLY P 265 -20.53 -7.39 -57.31
CA GLY P 265 -19.37 -6.92 -56.54
C GLY P 265 -18.68 -8.02 -55.75
N PRO P 266 -19.39 -8.74 -54.82
CA PRO P 266 -18.75 -9.84 -54.08
C PRO P 266 -18.62 -11.08 -54.99
N ALA P 267 -17.66 -11.94 -54.62
CA ALA P 267 -17.32 -13.11 -55.44
C ALA P 267 -18.22 -14.30 -55.06
N SER P 268 -18.50 -15.15 -56.06
CA SER P 268 -19.43 -16.25 -55.88
C SER P 268 -18.67 -17.56 -55.78
N MET P 269 -17.38 -17.45 -55.45
CA MET P 269 -16.51 -18.54 -55.08
C MET P 269 -15.26 -17.99 -54.40
N PRO P 270 -14.58 -18.76 -53.54
CA PRO P 270 -13.49 -18.23 -52.73
C PRO P 270 -12.27 -17.91 -53.61
N TRP P 271 -11.49 -16.93 -53.15
CA TRP P 271 -10.21 -16.55 -53.73
C TRP P 271 -10.36 -16.17 -55.20
N SER P 272 -11.54 -15.70 -55.59
CA SER P 272 -11.76 -15.32 -56.97
C SER P 272 -12.16 -13.85 -56.99
N VAL P 273 -12.25 -13.29 -58.20
CA VAL P 273 -12.65 -11.90 -58.33
C VAL P 273 -14.17 -11.84 -58.58
N GLY P 274 -14.68 -12.63 -59.53
CA GLY P 274 -16.09 -12.62 -59.88
C GLY P 274 -16.30 -12.10 -61.30
N ALA P 275 -17.46 -12.38 -61.89
CA ALA P 275 -17.68 -12.08 -63.29
C ALA P 275 -18.63 -10.89 -63.44
N SER P 276 -19.00 -10.32 -62.29
CA SER P 276 -19.87 -9.16 -62.20
C SER P 276 -19.07 -7.91 -62.60
N PRO P 277 -19.69 -6.95 -63.31
CA PRO P 277 -19.00 -5.73 -63.74
C PRO P 277 -18.24 -4.99 -62.64
N LEU P 278 -18.81 -4.96 -61.43
CA LEU P 278 -18.17 -4.25 -60.33
C LEU P 278 -17.01 -5.06 -59.75
N ALA P 279 -17.10 -6.38 -59.89
CA ALA P 279 -16.08 -7.25 -59.34
C ALA P 279 -14.83 -7.12 -60.21
N GLN P 280 -15.04 -7.00 -61.52
CA GLN P 280 -13.98 -6.92 -62.54
C GLN P 280 -13.32 -5.55 -62.46
N ALA P 281 -13.92 -4.64 -61.69
CA ALA P 281 -13.40 -3.29 -61.49
C ALA P 281 -12.34 -3.28 -60.39
N THR P 282 -12.19 -4.40 -59.69
CA THR P 282 -11.27 -4.45 -58.56
C THR P 282 -9.96 -5.14 -58.93
N VAL P 283 -9.79 -5.53 -60.20
CA VAL P 283 -8.72 -6.45 -60.55
C VAL P 283 -7.35 -5.80 -60.36
N GLY P 284 -6.51 -6.46 -59.55
CA GLY P 284 -5.17 -5.99 -59.24
C GLY P 284 -5.13 -5.08 -58.02
N THR P 285 -6.26 -4.99 -57.32
CA THR P 285 -6.39 -4.23 -56.10
C THR P 285 -6.95 -5.13 -55.00
N HIS P 286 -6.50 -4.87 -53.75
CA HIS P 286 -7.06 -5.50 -52.57
C HIS P 286 -8.21 -4.65 -52.06
N THR P 287 -9.24 -4.54 -52.89
CA THR P 287 -10.43 -3.79 -52.57
C THR P 287 -11.62 -4.70 -52.81
N SER P 288 -12.66 -4.47 -52.01
CA SER P 288 -13.94 -5.10 -52.26
C SER P 288 -15.01 -4.05 -52.56
N VAL P 289 -16.05 -4.51 -53.24
CA VAL P 289 -17.12 -3.69 -53.77
C VAL P 289 -18.42 -4.45 -53.52
N LYS P 290 -19.52 -3.73 -53.37
CA LYS P 290 -20.79 -4.33 -53.03
C LYS P 290 -21.91 -3.38 -53.47
N ALA P 291 -22.79 -3.83 -54.36
CA ALA P 291 -23.90 -2.95 -54.72
C ALA P 291 -25.10 -3.37 -53.89
N THR P 292 -25.83 -2.39 -53.37
CA THR P 292 -26.99 -2.67 -52.56
C THR P 292 -28.15 -1.78 -52.99
N TYR P 293 -29.36 -2.32 -52.97
CA TYR P 293 -30.50 -1.45 -53.16
C TYR P 293 -31.41 -1.59 -51.96
N HIS P 294 -31.83 -0.47 -51.39
CA HIS P 294 -32.73 -0.52 -50.25
C HIS P 294 -34.02 0.20 -50.60
N ASN P 295 -35.09 -0.58 -50.59
CA ASN P 295 -36.43 -0.04 -50.77
C ASN P 295 -36.91 0.40 -49.39
N TYR P 296 -37.43 1.62 -49.27
CA TYR P 296 -38.04 2.04 -48.02
C TYR P 296 -39.45 2.57 -48.28
N GLY P 297 -40.05 2.12 -49.38
CA GLY P 297 -41.44 2.38 -49.67
C GLY P 297 -41.63 3.58 -50.58
N ASP P 298 -41.16 4.73 -50.10
CA ASP P 298 -41.46 6.01 -50.71
C ASP P 298 -40.20 6.60 -51.29
N ALA P 299 -39.07 5.99 -50.92
CA ALA P 299 -37.77 6.35 -51.44
C ALA P 299 -36.85 5.16 -51.33
N GLY P 300 -35.77 5.21 -52.10
CA GLY P 300 -34.88 4.08 -52.18
C GLY P 300 -33.44 4.57 -52.19
N LEU P 301 -32.52 3.68 -51.86
CA LEU P 301 -31.14 4.05 -52.02
C LEU P 301 -30.36 2.96 -52.74
N PHE P 302 -29.77 3.32 -53.87
CA PHE P 302 -28.87 2.42 -54.55
C PHE P 302 -27.46 2.81 -54.21
N ALA P 303 -26.72 1.88 -53.63
CA ALA P 303 -25.39 2.24 -53.15
C ALA P 303 -24.37 1.27 -53.72
N ILE P 304 -23.14 1.78 -53.92
CA ILE P 304 -21.99 0.98 -54.33
C ILE P 304 -20.89 1.36 -53.37
N THR P 305 -20.48 0.38 -52.58
CA THR P 305 -19.56 0.69 -51.50
C THR P 305 -18.25 -0.03 -51.78
N ILE P 306 -17.16 0.67 -51.51
CA ILE P 306 -15.84 0.21 -51.84
C ILE P 306 -14.99 0.34 -50.60
N LYS P 307 -14.51 -0.77 -50.07
CA LYS P 307 -13.53 -0.63 -48.99
C LYS P 307 -12.20 -1.18 -49.48
N GLY P 308 -11.15 -0.84 -48.73
CA GLY P 308 -9.79 -1.16 -49.12
C GLY P 308 -8.83 -0.45 -48.17
N ASP P 309 -7.53 -0.76 -48.30
CA ASP P 309 -6.53 -0.21 -47.41
C ASP P 309 -5.82 0.97 -48.09
N SER P 310 -5.89 0.99 -49.42
CA SER P 310 -5.24 2.04 -50.19
C SER P 310 -6.30 3.02 -50.68
N PRO P 311 -6.18 4.32 -50.33
CA PRO P 311 -7.10 5.33 -50.84
C PRO P 311 -6.91 5.53 -52.35
N ALA P 312 -5.67 5.31 -52.82
CA ALA P 312 -5.35 5.41 -54.24
C ALA P 312 -6.09 4.34 -55.05
N GLU P 313 -6.14 3.12 -54.50
CA GLU P 313 -6.81 1.99 -55.14
C GLU P 313 -8.32 2.23 -55.13
N ILE P 314 -8.83 2.73 -54.01
CA ILE P 314 -10.25 2.99 -53.87
C ILE P 314 -10.69 3.98 -54.96
N SER P 315 -9.89 5.03 -55.15
CA SER P 315 -10.16 6.07 -56.13
C SER P 315 -10.21 5.50 -57.54
N GLN P 316 -9.24 4.63 -57.82
CA GLN P 316 -9.08 3.94 -59.09
C GLN P 316 -10.31 3.07 -59.37
N VAL P 317 -10.78 2.37 -58.34
CA VAL P 317 -11.92 1.46 -58.45
C VAL P 317 -13.19 2.27 -58.71
N ALA P 318 -13.27 3.39 -58.00
CA ALA P 318 -14.47 4.22 -58.00
C ALA P 318 -14.73 4.74 -59.41
N HIS P 319 -13.66 5.09 -60.13
CA HIS P 319 -13.81 5.55 -61.51
C HIS P 319 -14.36 4.44 -62.39
N LYS P 320 -13.79 3.23 -62.23
CA LYS P 320 -14.19 2.08 -63.02
C LYS P 320 -15.63 1.72 -62.71
N ALA P 321 -16.01 1.87 -61.43
CA ALA P 321 -17.32 1.52 -60.93
C ALA P 321 -18.39 2.40 -61.57
N VAL P 322 -18.10 3.70 -61.68
CA VAL P 322 -19.08 4.61 -62.23
C VAL P 322 -19.22 4.35 -63.73
N GLN P 323 -18.07 4.03 -64.36
CA GLN P 323 -18.01 3.70 -65.77
C GLN P 323 -18.88 2.47 -66.04
N ALA P 324 -18.72 1.44 -65.20
CA ALA P 324 -19.48 0.19 -65.29
C ALA P 324 -20.98 0.47 -65.33
N LEU P 325 -21.43 1.39 -64.46
CA LEU P 325 -22.84 1.74 -64.39
C LEU P 325 -23.29 2.44 -65.69
N LYS P 326 -22.42 3.29 -66.27
CA LYS P 326 -22.72 4.01 -67.52
C LYS P 326 -22.76 3.04 -68.69
N ASP P 327 -21.79 2.10 -68.73
CA ASP P 327 -21.70 1.03 -69.71
C ASP P 327 -22.95 0.14 -69.65
N THR P 328 -23.49 -0.06 -68.45
CA THR P 328 -24.71 -0.83 -68.30
C THR P 328 -25.88 -0.08 -68.92
N GLY P 329 -25.88 1.26 -68.75
CA GLY P 329 -26.88 2.15 -69.31
C GLY P 329 -26.93 2.08 -70.83
N ALA P 330 -25.79 1.73 -71.43
CA ALA P 330 -25.63 1.57 -72.87
C ALA P 330 -26.31 0.29 -73.35
N GLU P 331 -25.75 -0.86 -72.95
CA GLU P 331 -26.22 -2.16 -73.43
C GLU P 331 -25.92 -3.25 -72.40
N VAL P 332 -26.94 -4.10 -72.15
CA VAL P 332 -26.70 -5.40 -71.53
C VAL P 332 -27.13 -6.50 -72.48
N THR P 333 -26.36 -7.59 -72.46
CA THR P 333 -26.58 -8.74 -73.31
C THR P 333 -27.70 -9.59 -72.71
N GLU P 334 -28.25 -10.51 -73.52
CA GLU P 334 -29.33 -11.38 -73.08
C GLU P 334 -28.86 -12.32 -71.95
N GLU P 335 -27.64 -12.83 -72.12
CA GLU P 335 -26.97 -13.67 -71.14
C GLU P 335 -26.89 -12.94 -69.80
N GLN P 336 -26.53 -11.66 -69.82
CA GLN P 336 -26.28 -10.87 -68.62
C GLN P 336 -27.59 -10.58 -67.92
N ALA P 337 -28.66 -10.43 -68.71
CA ALA P 337 -29.95 -10.17 -68.13
C ALA P 337 -30.47 -11.42 -67.45
N ALA P 338 -30.12 -12.60 -67.98
CA ALA P 338 -30.58 -13.85 -67.39
C ALA P 338 -29.78 -14.13 -66.12
N ARG P 339 -28.49 -13.81 -66.16
CA ARG P 339 -27.61 -13.91 -65.01
C ARG P 339 -28.16 -13.02 -63.89
N ALA P 340 -28.81 -11.92 -64.25
CA ALA P 340 -29.26 -10.99 -63.23
C ALA P 340 -30.53 -11.54 -62.58
N TYR P 341 -31.37 -12.17 -63.40
CA TYR P 341 -32.60 -12.79 -62.93
C TYR P 341 -32.25 -13.90 -61.95
N ALA P 342 -31.23 -14.66 -62.28
CA ALA P 342 -30.84 -15.81 -61.49
C ALA P 342 -30.25 -15.34 -60.16
N LYS P 343 -29.34 -14.36 -60.22
CA LYS P 343 -28.72 -13.89 -59.00
C LYS P 343 -29.76 -13.19 -58.13
N SER P 344 -30.81 -12.63 -58.75
CA SER P 344 -31.76 -11.87 -57.97
C SER P 344 -32.78 -12.78 -57.32
N LYS P 345 -33.25 -13.82 -58.04
CA LYS P 345 -34.15 -14.83 -57.47
C LYS P 345 -33.48 -15.42 -56.24
N PHE P 346 -32.18 -15.71 -56.36
CA PHE P 346 -31.45 -16.35 -55.29
C PHE P 346 -31.35 -15.39 -54.11
N ALA P 347 -31.05 -14.12 -54.38
CA ALA P 347 -30.92 -13.18 -53.29
C ALA P 347 -32.24 -13.11 -52.52
N ALA P 348 -33.36 -13.14 -53.24
CA ALA P 348 -34.66 -13.05 -52.61
C ALA P 348 -34.93 -14.26 -51.74
N ALA P 349 -34.53 -15.45 -52.23
CA ALA P 349 -34.79 -16.71 -51.56
C ALA P 349 -34.02 -16.77 -50.25
N GLU P 350 -32.71 -16.46 -50.28
CA GLU P 350 -31.85 -16.58 -49.10
C GLU P 350 -32.21 -15.52 -48.06
N ALA P 351 -32.81 -14.41 -48.50
CA ALA P 351 -33.28 -13.37 -47.58
C ALA P 351 -34.47 -13.90 -46.79
N PHE P 352 -35.37 -14.60 -47.47
CA PHE P 352 -36.57 -15.13 -46.86
C PHE P 352 -36.25 -16.37 -46.02
N GLU P 353 -35.00 -16.86 -46.11
CA GLU P 353 -34.58 -18.02 -45.33
C GLU P 353 -33.93 -17.57 -44.02
N ASN P 354 -32.94 -16.67 -44.10
CA ASN P 354 -32.27 -16.14 -42.91
C ASN P 354 -33.32 -15.53 -41.98
N PRO P 355 -33.45 -16.00 -40.70
CA PRO P 355 -34.50 -15.53 -39.79
C PRO P 355 -34.52 -14.02 -39.55
N ASP P 356 -33.32 -13.42 -39.52
CA ASP P 356 -33.17 -11.99 -39.30
C ASP P 356 -33.96 -11.20 -40.34
N SER P 357 -33.69 -11.49 -41.61
CA SER P 357 -34.28 -10.73 -42.70
C SER P 357 -35.70 -11.21 -42.97
N SER P 358 -35.96 -12.51 -42.74
CA SER P 358 -37.26 -13.11 -42.95
C SER P 358 -38.32 -12.31 -42.21
N ALA P 359 -38.05 -12.12 -40.91
CA ALA P 359 -38.92 -11.42 -39.98
C ALA P 359 -39.32 -10.06 -40.54
N SER P 360 -38.33 -9.28 -40.96
CA SER P 360 -38.55 -7.92 -41.43
C SER P 360 -39.33 -7.88 -42.76
N VAL P 361 -39.17 -8.93 -43.58
CA VAL P 361 -39.84 -9.00 -44.86
C VAL P 361 -41.35 -9.14 -44.67
N ILE P 362 -41.76 -10.13 -43.85
CA ILE P 362 -43.18 -10.30 -43.55
C ILE P 362 -43.66 -9.18 -42.63
N GLY P 363 -42.76 -8.71 -41.77
CA GLY P 363 -43.04 -7.52 -40.97
C GLY P 363 -43.51 -6.35 -41.84
N MET P 364 -42.88 -6.15 -42.99
CA MET P 364 -43.25 -5.05 -43.87
C MET P 364 -44.59 -5.29 -44.56
N GLU P 365 -44.89 -6.58 -44.78
CA GLU P 365 -46.14 -6.99 -45.40
C GLU P 365 -47.27 -6.76 -44.40
N LEU P 366 -46.98 -7.04 -43.13
CA LEU P 366 -48.00 -7.01 -42.10
C LEU P 366 -48.25 -5.56 -41.67
N LEU P 367 -47.15 -4.83 -41.42
CA LEU P 367 -47.30 -3.49 -40.88
C LEU P 367 -47.77 -2.54 -41.98
N SER P 368 -47.00 -2.52 -43.06
CA SER P 368 -47.21 -1.51 -44.09
C SER P 368 -48.32 -1.96 -45.02
N GLY P 369 -48.16 -3.15 -45.61
CA GLY P 369 -49.22 -3.67 -46.46
C GLY P 369 -48.71 -3.96 -47.87
N VAL P 370 -47.40 -3.71 -48.06
CA VAL P 370 -46.64 -4.08 -49.25
C VAL P 370 -46.58 -5.60 -49.29
N SER P 371 -47.44 -6.22 -50.12
CA SER P 371 -47.44 -7.66 -50.30
C SER P 371 -46.05 -8.13 -50.71
N ARG P 372 -45.54 -9.18 -50.04
CA ARG P 372 -44.18 -9.62 -50.22
C ARG P 372 -44.07 -10.22 -51.62
N ILE P 373 -42.89 -10.06 -52.24
CA ILE P 373 -42.61 -10.73 -53.49
C ILE P 373 -41.89 -12.03 -53.19
N ALA P 374 -42.62 -13.15 -53.39
CA ALA P 374 -42.12 -14.50 -53.22
C ALA P 374 -40.97 -14.71 -54.19
N PRO P 375 -39.85 -15.38 -53.79
CA PRO P 375 -38.74 -15.67 -54.70
C PRO P 375 -39.11 -16.32 -56.02
N GLU P 376 -40.20 -17.10 -56.04
CA GLU P 376 -40.68 -17.75 -57.25
C GLU P 376 -41.44 -16.78 -58.17
N ASN P 377 -41.62 -15.53 -57.73
CA ASN P 377 -42.45 -14.56 -58.43
C ASN P 377 -41.64 -13.33 -58.83
N VAL P 378 -40.33 -13.40 -58.53
CA VAL P 378 -39.37 -12.36 -58.87
C VAL P 378 -39.36 -12.21 -60.37
N GLN P 379 -39.56 -10.96 -60.81
CA GLN P 379 -39.78 -10.63 -62.21
C GLN P 379 -38.48 -10.79 -62.99
N LYS P 380 -38.60 -11.31 -64.23
CA LYS P 380 -37.48 -11.37 -65.14
C LYS P 380 -37.43 -10.07 -65.94
N PHE P 381 -36.32 -9.34 -65.81
CA PHE P 381 -36.13 -8.09 -66.53
C PHE P 381 -35.37 -8.34 -67.84
N THR P 382 -35.90 -7.78 -68.93
CA THR P 382 -35.28 -7.87 -70.25
C THR P 382 -34.03 -7.00 -70.25
N PRO P 383 -33.10 -7.13 -71.23
CA PRO P 383 -31.94 -6.25 -71.28
C PRO P 383 -32.31 -4.78 -71.46
N ALA P 384 -33.47 -4.54 -72.10
CA ALA P 384 -34.00 -3.21 -72.35
C ALA P 384 -34.31 -2.51 -71.02
N GLU P 385 -35.00 -3.23 -70.12
CA GLU P 385 -35.50 -2.69 -68.86
C GLU P 385 -34.36 -2.43 -67.89
N LEU P 386 -33.30 -3.25 -67.99
CA LEU P 386 -32.19 -3.14 -67.06
C LEU P 386 -31.31 -1.95 -67.45
N SER P 387 -31.10 -1.81 -68.76
CA SER P 387 -30.24 -0.77 -69.30
C SER P 387 -30.88 0.58 -69.06
N GLU P 388 -32.22 0.61 -69.13
CA GLU P 388 -33.02 1.81 -68.95
C GLU P 388 -32.93 2.29 -67.50
N ALA P 389 -32.92 1.32 -66.58
CA ALA P 389 -32.81 1.61 -65.16
C ALA P 389 -31.39 2.09 -64.81
N ALA P 390 -30.37 1.59 -65.52
CA ALA P 390 -29.01 1.99 -65.20
C ALA P 390 -28.73 3.38 -65.78
N ALA P 391 -29.49 3.71 -66.83
CA ALA P 391 -29.35 4.97 -67.54
C ALA P 391 -29.89 6.09 -66.67
N GLN P 392 -30.99 5.78 -65.98
CA GLN P 392 -31.70 6.63 -65.07
C GLN P 392 -30.90 6.88 -63.79
N LEU P 393 -29.86 6.07 -63.54
CA LEU P 393 -29.05 6.19 -62.34
C LEU P 393 -27.78 6.99 -62.62
N SER P 394 -27.15 6.72 -63.77
CA SER P 394 -25.96 7.44 -64.17
C SER P 394 -26.26 8.93 -64.40
N ALA P 395 -27.52 9.21 -64.72
CA ALA P 395 -28.00 10.54 -65.04
C ALA P 395 -28.92 11.04 -63.93
N SER P 396 -28.49 10.81 -62.68
CA SER P 396 -29.20 11.36 -61.53
C SER P 396 -28.57 12.70 -61.18
N ALA P 397 -29.44 13.64 -60.79
CA ALA P 397 -29.04 15.00 -60.51
C ALA P 397 -28.59 15.14 -59.06
N LYS P 398 -28.68 14.05 -58.29
CA LYS P 398 -28.44 14.13 -56.86
C LYS P 398 -27.52 13.02 -56.39
N PRO P 399 -26.28 12.87 -56.93
CA PRO P 399 -25.38 11.82 -56.47
C PRO P 399 -24.77 12.14 -55.11
N VAL P 400 -24.72 11.11 -54.27
CA VAL P 400 -24.14 11.22 -52.95
C VAL P 400 -22.84 10.44 -52.93
N VAL P 401 -21.88 10.95 -52.18
CA VAL P 401 -20.60 10.27 -52.02
C VAL P 401 -20.15 10.42 -50.58
N ALA P 402 -19.98 9.29 -49.91
CA ALA P 402 -19.53 9.32 -48.53
C ALA P 402 -18.17 8.66 -48.44
N ALA P 403 -17.19 9.42 -47.97
CA ALA P 403 -15.85 8.89 -47.88
C ALA P 403 -15.51 8.77 -46.40
N VAL P 404 -14.82 7.70 -46.07
CA VAL P 404 -14.42 7.43 -44.70
C VAL P 404 -12.95 7.07 -44.74
N GLY P 405 -12.16 7.62 -43.82
CA GLY P 405 -10.76 7.26 -43.68
C GLY P 405 -9.86 8.44 -44.02
N GLN P 406 -8.91 8.22 -44.93
CA GLN P 406 -8.06 9.32 -45.38
C GLN P 406 -8.83 10.10 -46.42
N VAL P 407 -9.65 11.03 -45.95
CA VAL P 407 -10.68 11.61 -46.80
C VAL P 407 -10.06 12.56 -47.83
N HIS P 408 -8.86 13.08 -47.52
CA HIS P 408 -8.14 13.97 -48.41
C HIS P 408 -7.68 13.24 -49.67
N ALA P 409 -7.67 11.90 -49.61
CA ALA P 409 -7.13 11.08 -50.69
C ALA P 409 -8.24 10.32 -51.42
N LEU P 410 -9.48 10.49 -50.98
CA LEU P 410 -10.55 9.75 -51.62
C LEU P 410 -11.27 10.67 -52.59
N PRO P 411 -12.05 10.12 -53.56
CA PRO P 411 -12.73 10.93 -54.59
C PRO P 411 -13.82 11.85 -54.04
N PHE P 412 -14.21 12.81 -54.87
CA PHE P 412 -15.32 13.70 -54.57
C PHE P 412 -16.43 13.45 -55.59
N ALA P 413 -17.62 14.00 -55.33
CA ALA P 413 -18.79 13.75 -56.16
C ALA P 413 -18.59 14.29 -57.57
N ASP P 414 -17.98 15.47 -57.68
CA ASP P 414 -17.83 16.16 -58.95
C ASP P 414 -16.72 15.52 -59.78
N GLU P 415 -15.89 14.69 -59.15
CA GLU P 415 -14.91 13.88 -59.86
C GLU P 415 -15.57 12.68 -60.54
N LEU P 416 -16.75 12.26 -60.04
CA LEU P 416 -17.36 10.99 -60.45
C LEU P 416 -18.64 11.25 -61.29
N MET Q 85 54.73 -15.27 20.75
CA MET Q 85 55.18 -15.67 22.10
C MET Q 85 56.09 -16.89 21.95
N THR Q 86 56.90 -17.15 22.98
CA THR Q 86 57.69 -18.37 22.99
C THR Q 86 56.76 -19.56 23.17
N ALA Q 87 57.19 -20.73 22.69
CA ALA Q 87 56.33 -21.89 22.78
C ALA Q 87 56.09 -22.24 24.24
N ALA Q 88 57.10 -21.99 25.09
CA ALA Q 88 57.04 -22.17 26.54
C ALA Q 88 55.86 -21.41 27.11
N GLU Q 89 55.70 -20.16 26.66
CA GLU Q 89 54.68 -19.28 27.22
C GLU Q 89 53.30 -19.80 26.80
N HIS Q 90 53.22 -20.44 25.64
CA HIS Q 90 51.95 -20.99 25.18
C HIS Q 90 51.63 -22.32 25.84
N GLY Q 91 52.68 -23.08 26.18
CA GLY Q 91 52.52 -24.49 26.49
C GLY Q 91 52.60 -25.34 25.22
N LEU Q 92 53.16 -26.53 25.38
CA LEU Q 92 53.20 -27.52 24.32
C LEU Q 92 51.77 -27.93 23.97
N HIS Q 93 51.46 -28.04 22.67
CA HIS Q 93 50.10 -28.40 22.35
C HIS Q 93 49.97 -29.91 22.45
N PRO Q 94 48.90 -30.40 23.11
CA PRO Q 94 48.73 -31.83 23.32
C PRO Q 94 48.48 -32.60 22.03
N ALA Q 95 48.95 -33.86 22.01
CA ALA Q 95 48.73 -34.78 20.90
C ALA Q 95 47.24 -35.01 20.71
N GLU Q 96 46.84 -35.47 19.52
CA GLU Q 96 45.47 -35.90 19.31
C GLU Q 96 45.39 -37.40 19.56
N TYR Q 97 44.83 -37.75 20.71
CA TYR Q 97 44.70 -39.14 21.05
C TYR Q 97 43.38 -39.64 20.48
N PRO Q 98 43.28 -40.91 20.06
CA PRO Q 98 42.01 -41.48 19.62
C PRO Q 98 41.07 -41.92 20.75
N TRP Q 99 40.35 -40.94 21.30
CA TRP Q 99 39.38 -41.19 22.36
C TRP Q 99 38.25 -42.03 21.81
N PRO Q 100 37.63 -42.91 22.61
CA PRO Q 100 36.48 -43.69 22.18
C PRO Q 100 35.36 -42.80 21.66
N GLN Q 101 35.23 -41.61 22.26
CA GLN Q 101 34.11 -40.76 21.92
C GLN Q 101 34.43 -39.89 20.70
N ASN Q 102 35.66 -39.90 20.20
CA ASN Q 102 35.92 -39.19 18.95
C ASN Q 102 35.30 -39.98 17.83
N GLY Q 103 34.60 -39.31 16.95
CA GLY Q 103 33.94 -40.05 15.91
C GLY Q 103 32.46 -39.77 15.98
N MET Q 104 31.92 -39.45 14.82
CA MET Q 104 30.61 -38.84 14.79
C MET Q 104 29.59 -39.79 15.43
N LEU Q 105 29.88 -41.09 15.42
CA LEU Q 105 28.85 -42.02 15.82
C LEU Q 105 29.20 -42.70 17.14
N SER Q 106 30.18 -42.15 17.86
CA SER Q 106 30.76 -42.88 18.99
C SER Q 106 30.28 -42.26 20.29
N THR Q 107 29.86 -43.10 21.23
CA THR Q 107 29.58 -42.62 22.58
C THR Q 107 30.83 -42.72 23.42
N PHE Q 108 30.75 -42.27 24.67
CA PHE Q 108 31.76 -42.56 25.67
C PHE Q 108 31.74 -44.05 25.97
N ASP Q 109 32.89 -44.58 26.40
CA ASP Q 109 32.96 -45.91 26.97
C ASP Q 109 32.54 -45.80 28.43
N HIS Q 110 31.37 -46.36 28.78
CA HIS Q 110 30.87 -46.06 30.11
C HIS Q 110 31.68 -46.79 31.16
N ALA Q 111 32.33 -47.89 30.80
CA ALA Q 111 33.16 -48.58 31.75
C ALA Q 111 34.38 -47.73 32.11
N SER Q 112 34.88 -46.97 31.12
CA SER Q 112 35.94 -46.01 31.35
C SER Q 112 35.45 -44.87 32.22
N LEU Q 113 34.21 -44.42 32.00
CA LEU Q 113 33.66 -43.33 32.78
C LEU Q 113 33.61 -43.75 34.24
N ARG Q 114 33.17 -44.98 34.51
CA ARG Q 114 33.06 -45.46 35.86
C ARG Q 114 34.42 -45.53 36.50
N ARG Q 115 35.42 -46.04 35.76
CA ARG Q 115 36.78 -46.14 36.29
C ARG Q 115 37.30 -44.73 36.59
N GLY Q 116 36.96 -43.80 35.70
CA GLY Q 116 37.41 -42.43 35.82
C GLY Q 116 36.82 -41.74 37.03
N TYR Q 117 35.56 -42.07 37.35
CA TYR Q 117 34.97 -41.52 38.54
C TYR Q 117 35.77 -42.01 39.74
N GLN Q 118 36.20 -43.27 39.73
CA GLN Q 118 36.92 -43.79 40.88
C GLN Q 118 38.26 -43.11 41.05
N VAL Q 119 38.91 -42.72 39.95
CA VAL Q 119 40.14 -41.96 40.02
C VAL Q 119 39.85 -40.56 40.55
N TYR Q 120 38.75 -39.95 40.10
CA TYR Q 120 38.45 -38.61 40.60
C TYR Q 120 38.27 -38.68 42.11
N LYS Q 121 37.49 -39.67 42.56
CA LYS Q 121 37.11 -39.78 43.95
C LYS Q 121 38.33 -40.05 44.82
N GLU Q 122 39.30 -40.82 44.31
CA GLU Q 122 40.41 -41.24 45.16
C GLU Q 122 41.66 -40.36 45.02
N VAL Q 123 41.72 -39.54 43.96
CA VAL Q 123 42.91 -38.75 43.72
C VAL Q 123 42.55 -37.28 43.64
N CYS Q 124 41.77 -36.89 42.64
CA CYS Q 124 41.54 -35.46 42.44
C CYS Q 124 40.69 -34.83 43.51
N ALA Q 125 39.78 -35.58 44.12
CA ALA Q 125 38.76 -34.92 44.90
C ALA Q 125 39.37 -34.38 46.18
N ALA Q 126 40.63 -34.77 46.45
CA ALA Q 126 41.37 -34.26 47.57
C ALA Q 126 41.53 -32.75 47.44
N CYS Q 127 41.61 -32.24 46.21
CA CYS Q 127 41.90 -30.82 46.02
C CYS Q 127 40.90 -30.16 45.11
N HIS Q 128 40.19 -30.94 44.30
CA HIS Q 128 39.38 -30.32 43.27
C HIS Q 128 37.92 -30.65 43.48
N SER Q 129 37.11 -29.63 43.24
CA SER Q 129 35.69 -29.82 43.39
C SER Q 129 35.09 -30.22 42.06
N LEU Q 130 33.85 -30.71 42.12
CA LEU Q 130 33.11 -31.07 40.94
C LEU Q 130 31.68 -30.58 41.17
N ASP Q 131 31.54 -29.27 41.31
CA ASP Q 131 30.41 -28.64 41.95
C ASP Q 131 29.15 -28.68 41.11
N ARG Q 132 29.27 -28.98 39.83
CA ARG Q 132 28.12 -28.80 38.96
C ARG Q 132 27.49 -30.16 38.71
N ILE Q 133 28.04 -31.19 39.34
CA ILE Q 133 27.54 -32.53 39.10
C ILE Q 133 26.80 -32.95 40.35
N ALA Q 134 25.57 -33.46 40.15
CA ALA Q 134 24.82 -33.95 41.30
C ALA Q 134 24.95 -35.47 41.35
N TRP Q 135 24.67 -36.09 42.50
CA TRP Q 135 24.73 -37.54 42.56
C TRP Q 135 23.79 -38.16 41.53
N ARG Q 136 22.67 -37.50 41.25
CA ARG Q 136 21.73 -38.05 40.30
C ARG Q 136 22.34 -38.13 38.90
N ASN Q 137 23.38 -37.35 38.63
CA ASN Q 137 23.93 -37.34 37.28
C ASN Q 137 24.70 -38.61 37.00
N LEU Q 138 25.23 -39.25 38.04
CA LEU Q 138 25.96 -40.49 37.84
C LEU Q 138 25.00 -41.63 37.53
N VAL Q 139 23.72 -41.48 37.88
CA VAL Q 139 22.81 -42.61 37.80
C VAL Q 139 22.52 -42.92 36.34
N GLY Q 140 22.74 -44.17 35.95
CA GLY Q 140 22.45 -44.58 34.58
C GLY Q 140 23.53 -44.12 33.61
N VAL Q 141 24.67 -43.70 34.16
CA VAL Q 141 25.82 -43.33 33.35
C VAL Q 141 26.98 -44.20 33.83
N THR Q 142 27.23 -44.13 35.14
CA THR Q 142 28.35 -44.82 35.74
C THR Q 142 27.86 -45.76 36.84
N HIS Q 143 26.73 -45.43 37.48
CA HIS Q 143 26.33 -46.13 38.69
C HIS Q 143 24.85 -46.42 38.64
N THR Q 144 24.40 -47.45 39.37
CA THR Q 144 22.97 -47.67 39.50
C THR Q 144 22.42 -46.69 40.52
N THR Q 145 21.10 -46.53 40.62
CA THR Q 145 20.52 -45.62 41.59
C THR Q 145 20.95 -45.98 43.01
N ASP Q 146 21.11 -47.28 43.30
CA ASP Q 146 21.42 -47.71 44.65
C ASP Q 146 22.83 -47.30 45.06
N GLU Q 147 23.77 -47.47 44.12
CA GLU Q 147 25.16 -47.17 44.38
C GLU Q 147 25.32 -45.67 44.61
N ALA Q 148 24.56 -44.88 43.84
CA ALA Q 148 24.71 -43.44 43.92
C ALA Q 148 24.07 -42.94 45.20
N LYS Q 149 22.97 -43.57 45.63
CA LYS Q 149 22.34 -43.11 46.86
C LYS Q 149 23.26 -43.46 48.01
N ALA Q 150 23.94 -44.62 47.92
CA ALA Q 150 24.88 -45.00 48.95
C ALA Q 150 25.98 -43.96 49.06
N PHE Q 151 26.49 -43.45 47.93
CA PHE Q 151 27.53 -42.44 47.96
C PHE Q 151 27.02 -41.17 48.60
N ALA Q 152 25.78 -40.78 48.27
CA ALA Q 152 25.24 -39.53 48.81
C ALA Q 152 25.01 -39.67 50.32
N GLU Q 153 24.49 -40.81 50.79
CA GLU Q 153 24.09 -41.03 52.18
C GLU Q 153 25.29 -41.12 53.11
N GLU Q 154 26.51 -41.28 52.57
CA GLU Q 154 27.72 -41.31 53.40
C GLU Q 154 28.10 -39.90 53.84
N LEU Q 155 27.54 -38.88 53.19
CA LEU Q 155 27.95 -37.51 53.47
C LEU Q 155 26.88 -36.81 54.29
N GLU Q 156 27.29 -35.69 54.91
CA GLU Q 156 26.39 -34.82 55.63
C GLU Q 156 26.26 -33.50 54.89
N TYR Q 157 25.01 -33.06 54.73
CA TYR Q 157 24.76 -31.77 54.11
C TYR Q 157 23.92 -30.92 55.05
N ASP Q 158 23.95 -29.61 54.80
CA ASP Q 158 23.18 -28.67 55.59
C ASP Q 158 21.68 -28.85 55.34
N ASP Q 159 20.95 -29.14 56.42
CA ASP Q 159 19.50 -29.21 56.43
C ASP Q 159 18.91 -27.83 56.72
N GLU Q 160 17.58 -27.73 56.62
CA GLU Q 160 16.81 -26.59 57.13
C GLU Q 160 16.87 -26.59 58.66
N PRO Q 161 16.81 -25.42 59.32
CA PRO Q 161 16.95 -25.37 60.79
C PRO Q 161 15.86 -26.15 61.50
N ASP Q 162 16.17 -26.63 62.72
CA ASP Q 162 15.19 -27.33 63.53
C ASP Q 162 14.18 -26.34 64.08
N ASP Q 163 13.34 -26.79 65.01
CA ASP Q 163 12.19 -26.00 65.43
C ASP Q 163 12.58 -24.87 66.37
N GLU Q 164 13.75 -25.00 67.02
CA GLU Q 164 14.32 -23.96 67.86
C GLU Q 164 15.19 -23.03 67.00
N GLY Q 165 15.17 -23.27 65.68
CA GLY Q 165 15.95 -22.54 64.70
C GLY Q 165 17.47 -22.79 64.79
N ASN Q 166 17.87 -23.93 65.34
CA ASN Q 166 19.29 -24.30 65.40
C ASN Q 166 19.67 -24.97 64.08
N PRO Q 167 20.89 -24.76 63.52
CA PRO Q 167 21.31 -25.48 62.32
C PRO Q 167 21.44 -26.99 62.53
N ARG Q 168 21.24 -27.74 61.44
CA ARG Q 168 21.21 -29.19 61.45
C ARG Q 168 21.87 -29.73 60.19
N LYS Q 169 22.38 -30.96 60.27
CA LYS Q 169 22.88 -31.68 59.10
C LYS Q 169 21.94 -32.83 58.77
N ARG Q 170 21.92 -33.20 57.49
CA ARG Q 170 21.19 -34.39 57.06
C ARG Q 170 22.12 -35.27 56.23
N PRO Q 171 21.79 -36.57 56.04
CA PRO Q 171 22.49 -37.37 55.04
C PRO Q 171 22.11 -36.88 53.63
N GLY Q 172 23.05 -37.03 52.69
CA GLY Q 172 22.86 -36.62 51.31
C GLY Q 172 21.81 -37.43 50.57
N LYS Q 173 21.21 -36.78 49.57
CA LYS Q 173 20.20 -37.34 48.70
C LYS Q 173 20.69 -37.24 47.26
N LEU Q 174 19.97 -37.85 46.32
CA LEU Q 174 20.48 -37.85 44.96
C LEU Q 174 20.49 -36.45 44.35
N ALA Q 175 19.65 -35.55 44.84
CA ALA Q 175 19.61 -34.23 44.24
C ALA Q 175 20.75 -33.32 44.72
N ASP Q 176 21.52 -33.79 45.70
CA ASP Q 176 22.61 -33.00 46.23
C ASP Q 176 23.76 -32.97 45.23
N TYR Q 177 24.55 -31.89 45.26
CA TYR Q 177 25.74 -31.80 44.45
C TYR Q 177 26.92 -32.42 45.17
N ILE Q 178 27.87 -32.95 44.40
CA ILE Q 178 29.04 -33.57 44.99
C ILE Q 178 29.80 -32.48 45.71
N PRO Q 179 30.08 -32.63 47.03
CA PRO Q 179 30.66 -31.54 47.81
C PRO Q 179 32.17 -31.41 47.58
N GLY Q 180 32.65 -30.15 47.68
CA GLY Q 180 34.04 -29.80 47.44
C GLY Q 180 34.93 -30.08 48.66
N PRO Q 181 36.27 -30.17 48.47
CA PRO Q 181 37.15 -30.43 49.60
C PRO Q 181 37.42 -29.23 50.51
N TYR Q 182 37.17 -28.02 49.99
CA TYR Q 182 37.44 -26.79 50.70
C TYR Q 182 36.18 -25.94 50.79
N PRO Q 183 35.96 -25.26 51.94
CA PRO Q 183 34.82 -24.36 52.12
C PRO Q 183 34.81 -23.07 51.27
N ASN Q 184 35.99 -22.57 50.89
CA ASN Q 184 36.06 -21.35 50.10
C ASN Q 184 37.41 -21.31 49.37
N GLU Q 185 37.60 -20.29 48.55
CA GLU Q 185 38.82 -20.12 47.77
C GLU Q 185 40.05 -19.97 48.68
N GLN Q 186 39.86 -19.33 49.83
CA GLN Q 186 41.00 -18.94 50.64
C GLN Q 186 41.56 -20.19 51.29
N ALA Q 187 40.65 -21.07 51.69
CA ALA Q 187 41.02 -22.34 52.29
C ALA Q 187 41.72 -23.20 51.25
N ALA Q 188 41.27 -23.06 50.00
CA ALA Q 188 41.80 -23.88 48.92
C ALA Q 188 43.24 -23.47 48.64
N ARG Q 189 43.45 -22.15 48.53
CA ARG Q 189 44.75 -21.61 48.25
C ARG Q 189 45.74 -21.85 49.38
N ALA Q 190 45.23 -21.84 50.61
CA ALA Q 190 46.10 -21.99 51.77
C ALA Q 190 46.70 -23.40 51.79
N ALA Q 191 45.92 -24.34 51.25
CA ALA Q 191 46.29 -25.75 51.27
C ALA Q 191 47.17 -26.09 50.07
N ASN Q 192 47.29 -25.16 49.12
CA ASN Q 192 47.96 -25.47 47.87
C ASN Q 192 49.01 -24.43 47.54
N GLN Q 193 49.72 -23.96 48.58
CA GLN Q 193 50.83 -23.03 48.40
C GLN Q 193 50.42 -21.93 47.44
N GLY Q 194 49.20 -21.44 47.63
CA GLY Q 194 48.77 -20.20 47.03
C GLY Q 194 47.92 -20.41 45.79
N ALA Q 195 48.08 -21.59 45.16
CA ALA Q 195 47.45 -21.87 43.88
C ALA Q 195 46.01 -22.37 44.11
N LEU Q 196 45.10 -22.03 43.20
CA LEU Q 196 43.73 -22.39 43.48
C LEU Q 196 43.31 -23.49 42.54
N PRO Q 197 43.07 -24.73 43.01
CA PRO Q 197 42.74 -25.82 42.11
C PRO Q 197 41.36 -25.53 41.54
N PRO Q 198 41.19 -25.43 40.21
CA PRO Q 198 39.90 -25.06 39.64
C PRO Q 198 38.93 -26.20 39.76
N ASP Q 199 37.67 -25.83 39.63
CA ASP Q 199 36.59 -26.79 39.64
C ASP Q 199 36.70 -27.57 38.35
N LEU Q 200 36.43 -28.88 38.39
CA LEU Q 200 36.72 -29.68 37.22
C LEU Q 200 35.48 -29.94 36.39
N SER Q 201 34.33 -29.41 36.79
CA SER Q 201 33.08 -29.72 36.11
C SER Q 201 33.10 -29.26 34.67
N LEU Q 202 33.88 -28.22 34.37
CA LEU Q 202 33.84 -27.69 33.02
C LEU Q 202 35.22 -27.67 32.41
N ILE Q 203 36.22 -28.18 33.12
CA ILE Q 203 37.60 -27.99 32.72
C ILE Q 203 37.85 -28.57 31.33
N ALA Q 204 37.14 -29.63 30.95
CA ALA Q 204 37.33 -30.18 29.62
C ALA Q 204 36.82 -29.26 28.52
N LYS Q 205 35.91 -28.34 28.83
CA LYS Q 205 35.47 -27.40 27.82
C LYS Q 205 36.21 -26.09 27.97
N ALA Q 206 36.91 -25.92 29.08
CA ALA Q 206 37.41 -24.60 29.44
C ALA Q 206 38.88 -24.50 29.10
N ARG Q 207 39.41 -25.51 28.41
CA ARG Q 207 40.81 -25.45 28.02
C ARG Q 207 40.86 -25.87 26.57
N HIS Q 208 41.75 -25.23 25.79
CA HIS Q 208 41.99 -25.64 24.41
C HIS Q 208 42.50 -27.07 24.44
N GLY Q 209 41.89 -27.98 23.69
CA GLY Q 209 42.43 -29.32 23.77
C GLY Q 209 41.49 -30.32 24.44
N GLY Q 210 40.75 -29.91 25.47
CA GLY Q 210 39.75 -30.82 26.02
C GLY Q 210 40.36 -32.04 26.69
N ALA Q 211 39.82 -33.22 26.38
CA ALA Q 211 40.33 -34.43 26.99
C ALA Q 211 41.84 -34.56 26.73
N ASP Q 212 42.29 -34.12 25.55
CA ASP Q 212 43.67 -34.35 25.19
C ASP Q 212 44.56 -33.52 26.11
N TYR Q 213 44.06 -32.35 26.46
CA TYR Q 213 44.86 -31.50 27.32
C TYR Q 213 44.95 -32.13 28.71
N ILE Q 214 43.82 -32.61 29.23
CA ILE Q 214 43.86 -33.21 30.54
C ILE Q 214 44.76 -34.43 30.54
N PHE Q 215 44.66 -35.26 29.52
CA PHE Q 215 45.46 -36.46 29.47
C PHE Q 215 46.94 -36.09 29.40
N ALA Q 216 47.27 -35.13 28.53
CA ALA Q 216 48.66 -34.73 28.32
C ALA Q 216 49.27 -34.15 29.59
N LEU Q 217 48.46 -33.34 30.29
CA LEU Q 217 48.93 -32.67 31.48
C LEU Q 217 49.21 -33.68 32.57
N LEU Q 218 48.33 -34.68 32.76
CA LEU Q 218 48.50 -35.53 33.92
C LEU Q 218 49.63 -36.51 33.70
N THR Q 219 49.93 -36.79 32.44
CA THR Q 219 50.96 -37.75 32.11
C THR Q 219 52.27 -37.08 31.74
N GLY Q 220 52.28 -35.73 31.71
CA GLY Q 220 53.39 -35.00 31.11
C GLY Q 220 54.35 -34.35 32.09
N TYR Q 221 54.48 -34.89 33.31
CA TYR Q 221 55.48 -34.38 34.20
C TYR Q 221 56.77 -35.16 33.93
N PRO Q 222 57.82 -34.48 33.44
CA PRO Q 222 59.11 -35.15 33.21
C PRO Q 222 59.74 -35.41 34.58
N ASP Q 223 60.59 -36.45 34.64
CA ASP Q 223 61.34 -36.80 35.82
C ASP Q 223 62.20 -35.61 36.25
N GLU Q 224 62.84 -34.98 35.27
CA GLU Q 224 63.67 -33.81 35.52
C GLU Q 224 63.23 -32.68 34.60
N PRO Q 225 63.00 -31.45 35.14
CA PRO Q 225 62.76 -30.28 34.31
C PRO Q 225 63.92 -30.04 33.35
N PRO Q 226 63.63 -29.63 32.09
CA PRO Q 226 64.64 -29.32 31.09
C PRO Q 226 65.68 -28.40 31.69
N ALA Q 227 66.95 -28.71 31.44
CA ALA Q 227 68.07 -27.99 32.02
C ALA Q 227 67.92 -26.50 31.67
N GLY Q 228 67.90 -25.67 32.72
CA GLY Q 228 67.95 -24.23 32.56
C GLY Q 228 66.64 -23.53 32.88
N VAL Q 229 65.58 -24.33 33.07
CA VAL Q 229 64.30 -23.83 33.55
C VAL Q 229 64.44 -23.50 35.03
N VAL Q 230 64.02 -22.28 35.39
CA VAL Q 230 63.98 -21.87 36.77
C VAL Q 230 62.53 -21.91 37.23
N LEU Q 231 62.22 -22.88 38.09
CA LEU Q 231 60.88 -23.00 38.62
C LEU Q 231 60.75 -22.08 39.82
N ALA Q 232 59.65 -21.32 39.86
CA ALA Q 232 59.22 -20.61 41.06
C ALA Q 232 58.97 -21.58 42.21
N PRO Q 233 59.09 -21.18 43.51
CA PRO Q 233 58.90 -22.12 44.62
C PRO Q 233 57.46 -22.63 44.69
N GLY Q 234 57.32 -23.95 44.85
CA GLY Q 234 56.02 -24.61 44.94
C GLY Q 234 55.41 -24.90 43.56
N MET Q 235 56.21 -24.68 42.52
CA MET Q 235 55.84 -25.03 41.15
C MET Q 235 56.56 -26.29 40.71
N ASN Q 236 55.91 -26.97 39.76
CA ASN Q 236 56.37 -28.21 39.20
C ASN Q 236 56.46 -28.01 37.70
N TYR Q 237 57.42 -28.66 37.06
CA TYR Q 237 57.55 -28.38 35.66
C TYR Q 237 56.58 -29.28 34.91
N ASN Q 238 55.78 -28.71 34.03
CA ASN Q 238 54.94 -29.51 33.15
C ASN Q 238 54.81 -28.78 31.83
N PRO Q 239 55.33 -29.31 30.71
CA PRO Q 239 55.39 -28.53 29.47
C PRO Q 239 54.04 -28.20 28.85
N TYR Q 240 53.00 -28.93 29.24
CA TYR Q 240 51.72 -28.66 28.61
C TYR Q 240 51.03 -27.47 29.23
N PHE Q 241 51.47 -27.13 30.43
CA PHE Q 241 50.84 -26.03 31.13
C PHE Q 241 51.51 -24.74 30.70
N PRO Q 242 50.76 -23.71 30.29
CA PRO Q 242 51.35 -22.47 29.77
C PRO Q 242 52.30 -21.80 30.77
N GLY Q 243 53.55 -21.60 30.34
CA GLY Q 243 54.50 -21.02 31.27
C GLY Q 243 55.39 -22.09 31.93
N GLY Q 244 54.88 -23.32 32.00
CA GLY Q 244 55.70 -24.47 32.35
C GLY Q 244 55.62 -24.85 33.83
N GLY Q 245 55.27 -23.88 34.67
CA GLY Q 245 55.30 -24.08 36.10
C GLY Q 245 53.88 -24.22 36.59
N ILE Q 246 53.53 -25.41 37.07
CA ILE Q 246 52.16 -25.60 37.52
C ILE Q 246 52.18 -25.91 39.00
N GLY Q 247 51.15 -25.43 39.69
CA GLY Q 247 51.10 -25.57 41.14
C GLY Q 247 50.66 -26.97 41.55
N MET Q 248 50.27 -27.80 40.57
CA MET Q 248 49.80 -29.13 40.87
C MET Q 248 50.96 -30.09 40.62
N ALA Q 249 51.26 -30.95 41.58
CA ALA Q 249 52.38 -31.88 41.44
C ALA Q 249 51.92 -33.08 40.62
N ARG Q 250 52.85 -33.94 40.18
CA ARG Q 250 52.41 -35.20 39.59
C ARG Q 250 51.69 -36.02 40.67
N THR Q 251 50.56 -36.63 40.29
CA THR Q 251 49.70 -37.26 41.28
C THR Q 251 49.38 -38.71 40.92
N LEU Q 252 49.45 -39.02 39.64
CA LEU Q 252 49.16 -40.37 39.20
C LEU Q 252 50.46 -41.17 39.11
N PHE Q 253 50.53 -42.21 39.94
CA PHE Q 253 51.61 -43.18 39.89
C PHE Q 253 50.99 -44.56 39.82
N ASP Q 254 51.73 -45.49 39.21
CA ASP Q 254 51.24 -46.85 39.06
C ASP Q 254 50.77 -47.38 40.40
N GLY Q 255 49.47 -47.68 40.45
CA GLY Q 255 48.80 -48.36 41.54
C GLY Q 255 48.39 -47.44 42.69
N VAL Q 256 48.01 -46.18 42.39
CA VAL Q 256 47.52 -45.31 43.44
C VAL Q 256 46.03 -45.59 43.65
N VAL Q 257 45.41 -46.15 42.62
CA VAL Q 257 44.03 -46.56 42.65
C VAL Q 257 44.02 -48.07 42.47
N GLU Q 258 43.04 -48.73 43.08
CA GLU Q 258 42.84 -50.14 42.80
C GLU Q 258 41.48 -50.29 42.13
N TYR Q 259 41.47 -50.45 40.81
CA TYR Q 259 40.22 -50.45 40.08
C TYR Q 259 39.43 -51.68 40.46
N GLU Q 260 38.10 -51.53 40.51
CA GLU Q 260 37.25 -52.58 41.03
C GLU Q 260 36.97 -53.66 39.99
N ASP Q 261 37.43 -53.41 38.74
CA ASP Q 261 37.12 -54.22 37.58
C ASP Q 261 38.37 -54.98 37.11
N GLY Q 262 39.47 -54.82 37.85
CA GLY Q 262 40.70 -55.59 37.67
C GLY Q 262 41.65 -55.07 36.58
N THR Q 263 41.23 -53.98 35.91
CA THR Q 263 42.05 -53.21 34.98
C THR Q 263 43.35 -52.79 35.66
N PRO Q 264 44.55 -53.01 35.05
CA PRO Q 264 45.82 -52.57 35.64
C PRO Q 264 45.90 -51.04 35.73
N ALA Q 265 46.08 -50.52 36.95
CA ALA Q 265 46.00 -49.09 37.16
C ALA Q 265 47.36 -48.46 36.93
N THR Q 266 47.70 -48.30 35.67
CA THR Q 266 48.92 -47.66 35.26
C THR Q 266 48.62 -46.17 35.15
N THR Q 267 49.69 -45.37 35.23
CA THR Q 267 49.55 -43.93 35.14
C THR Q 267 48.73 -43.56 33.91
N SER Q 268 49.07 -44.17 32.77
CA SER Q 268 48.40 -43.78 31.55
C SER Q 268 46.96 -44.24 31.59
N GLN Q 269 46.69 -45.41 32.18
CA GLN Q 269 45.33 -45.90 32.21
C GLN Q 269 44.48 -44.98 33.06
N MET Q 270 45.02 -44.56 34.20
CA MET Q 270 44.24 -43.73 35.09
C MET Q 270 44.01 -42.35 34.48
N ALA Q 271 45.02 -41.84 33.77
CA ALA Q 271 44.82 -40.54 33.14
C ALA Q 271 43.76 -40.64 32.05
N LYS Q 272 43.77 -41.75 31.29
CA LYS Q 272 42.80 -41.88 30.22
C LYS Q 272 41.40 -41.93 30.82
N ASP Q 273 41.25 -42.72 31.89
CA ASP Q 273 39.94 -42.87 32.51
C ASP Q 273 39.47 -41.54 33.09
N VAL Q 274 40.33 -40.86 33.86
CA VAL Q 274 39.87 -39.64 34.49
C VAL Q 274 39.59 -38.55 33.46
N ALA Q 275 40.37 -38.53 32.38
CA ALA Q 275 40.12 -37.54 31.34
C ALA Q 275 38.81 -37.83 30.63
N ALA Q 276 38.47 -39.11 30.45
CA ALA Q 276 37.19 -39.43 29.87
C ALA Q 276 36.10 -38.96 30.82
N PHE Q 277 36.28 -39.26 32.12
CA PHE Q 277 35.27 -38.92 33.10
C PHE Q 277 35.02 -37.42 33.08
N LEU Q 278 36.09 -36.61 33.09
CA LEU Q 278 35.91 -35.16 33.16
C LEU Q 278 35.29 -34.61 31.89
N THR Q 279 35.58 -35.26 30.76
CA THR Q 279 34.93 -34.86 29.54
C THR Q 279 33.45 -35.12 29.62
N TRP Q 280 33.08 -36.28 30.17
CA TRP Q 280 31.67 -36.50 30.37
C TRP Q 280 31.09 -35.42 31.28
N ALA Q 281 31.79 -35.10 32.38
CA ALA Q 281 31.25 -34.13 33.32
C ALA Q 281 30.99 -32.81 32.62
N ALA Q 282 31.85 -32.45 31.67
CA ALA Q 282 31.69 -31.15 31.06
C ALA Q 282 30.53 -31.17 30.08
N GLU Q 283 30.31 -32.29 29.42
CA GLU Q 283 29.31 -32.33 28.37
C GLU Q 283 28.46 -33.57 28.57
N PRO Q 284 27.56 -33.66 29.56
CA PRO Q 284 26.86 -34.90 29.85
C PRO Q 284 25.80 -35.30 28.85
N GLU Q 285 25.46 -34.36 27.97
CA GLU Q 285 24.51 -34.63 26.91
C GLU Q 285 25.19 -35.28 25.71
N HIS Q 286 26.52 -35.42 25.72
CA HIS Q 286 27.30 -35.79 24.55
C HIS Q 286 26.73 -37.00 23.83
N ASP Q 287 26.41 -38.08 24.57
CA ASP Q 287 25.90 -39.26 23.91
C ASP Q 287 24.57 -38.99 23.21
N GLU Q 288 23.61 -38.37 23.92
CA GLU Q 288 22.32 -38.06 23.33
C GLU Q 288 22.42 -37.10 22.16
N ARG Q 289 23.27 -36.10 22.29
CA ARG Q 289 23.46 -35.07 21.30
C ARG Q 289 23.94 -35.71 20.01
N LYS Q 290 24.86 -36.69 20.08
CA LYS Q 290 25.35 -37.20 18.82
C LYS Q 290 24.36 -38.16 18.22
N LYS Q 291 23.54 -38.84 19.02
CA LYS Q 291 22.53 -39.68 18.41
C LYS Q 291 21.49 -38.79 17.72
N LEU Q 292 21.11 -37.66 18.33
CA LEU Q 292 20.08 -36.87 17.69
C LEU Q 292 20.67 -36.23 16.46
N GLY Q 293 21.95 -35.93 16.47
CA GLY Q 293 22.60 -35.37 15.30
C GLY Q 293 22.61 -36.37 14.16
N LEU Q 294 22.72 -37.66 14.46
CA LEU Q 294 22.71 -38.65 13.40
C LEU Q 294 21.34 -38.62 12.75
N LYS Q 295 20.28 -38.64 13.55
CA LYS Q 295 18.93 -38.55 13.01
C LYS Q 295 18.77 -37.28 12.20
N ALA Q 296 19.23 -36.14 12.73
CA ALA Q 296 19.11 -34.86 12.05
C ALA Q 296 19.85 -34.90 10.72
N ILE Q 297 21.09 -35.43 10.70
CA ILE Q 297 21.88 -35.49 9.49
C ILE Q 297 21.12 -36.26 8.42
N ILE Q 298 20.53 -37.40 8.79
CA ILE Q 298 19.86 -38.27 7.84
C ILE Q 298 18.63 -37.55 7.27
N VAL Q 299 17.77 -37.05 8.15
CA VAL Q 299 16.56 -36.41 7.68
C VAL Q 299 16.88 -35.16 6.87
N ILE Q 300 17.84 -34.37 7.35
CA ILE Q 300 18.09 -33.11 6.68
C ILE Q 300 18.75 -33.38 5.35
N SER Q 301 19.62 -34.38 5.26
CA SER Q 301 20.17 -34.79 3.97
C SER Q 301 19.07 -35.21 2.99
N ALA Q 302 18.16 -36.08 3.42
CA ALA Q 302 17.06 -36.47 2.55
C ALA Q 302 16.25 -35.26 2.10
N MET Q 303 15.93 -34.35 3.03
CA MET Q 303 15.13 -33.19 2.67
C MET Q 303 15.93 -32.32 1.73
N LEU Q 304 17.25 -32.35 1.81
CA LEU Q 304 18.04 -31.50 0.95
C LEU Q 304 17.98 -32.06 -0.45
N GLY Q 305 18.13 -33.37 -0.58
CA GLY Q 305 18.03 -34.05 -1.87
C GLY Q 305 16.67 -33.80 -2.50
N LEU Q 306 15.61 -33.95 -1.72
CA LEU Q 306 14.28 -33.80 -2.26
C LEU Q 306 14.02 -32.35 -2.59
N SER Q 307 14.52 -31.43 -1.77
CA SER Q 307 14.29 -30.03 -2.06
C SER Q 307 14.96 -29.67 -3.38
N VAL Q 308 16.04 -30.36 -3.74
CA VAL Q 308 16.67 -30.01 -4.99
C VAL Q 308 15.86 -30.56 -6.15
N TYR Q 309 15.35 -31.79 -6.01
CA TYR Q 309 14.45 -32.28 -7.03
C TYR Q 309 13.29 -31.32 -7.17
N ILE Q 310 12.64 -30.96 -6.07
CA ILE Q 310 11.46 -30.12 -6.21
C ILE Q 310 11.80 -28.78 -6.83
N LYS Q 311 12.90 -28.16 -6.43
CA LYS Q 311 13.26 -26.90 -7.03
C LYS Q 311 13.44 -27.07 -8.54
N LYS Q 312 14.22 -28.07 -8.96
CA LYS Q 312 14.46 -28.26 -10.38
C LYS Q 312 13.15 -28.57 -11.09
N PHE Q 313 12.26 -29.32 -10.47
CA PHE Q 313 10.99 -29.62 -11.08
C PHE Q 313 10.22 -28.33 -11.29
N LYS Q 314 10.03 -27.52 -10.24
CA LYS Q 314 9.23 -26.32 -10.40
C LYS Q 314 9.92 -25.32 -11.34
N TRP Q 315 11.24 -25.30 -11.39
CA TRP Q 315 11.86 -24.29 -12.21
C TRP Q 315 11.98 -24.70 -13.66
N SER Q 316 11.61 -25.93 -14.04
CA SER Q 316 12.05 -26.39 -15.35
C SER Q 316 11.39 -25.58 -16.45
N PRO Q 317 10.14 -25.12 -16.30
CA PRO Q 317 9.56 -24.22 -17.29
C PRO Q 317 10.38 -22.97 -17.54
N ILE Q 318 11.01 -22.43 -16.51
CA ILE Q 318 11.78 -21.21 -16.70
C ILE Q 318 13.12 -21.58 -17.32
N LYS Q 319 13.74 -22.67 -16.90
CA LYS Q 319 15.02 -22.97 -17.49
C LYS Q 319 14.86 -23.33 -18.96
N ASN Q 320 13.73 -23.96 -19.29
CA ASN Q 320 13.59 -24.58 -20.60
C ASN Q 320 12.96 -23.64 -21.61
N ARG Q 321 12.64 -22.42 -21.16
CA ARG Q 321 12.03 -21.42 -22.01
C ARG Q 321 12.89 -21.12 -23.21
N LYS Q 322 12.24 -20.95 -24.37
CA LYS Q 322 12.93 -20.65 -25.60
C LYS Q 322 12.20 -19.46 -26.20
N PHE Q 323 12.91 -18.66 -26.99
CA PHE Q 323 12.34 -17.47 -27.59
C PHE Q 323 12.51 -17.48 -29.09
N ILE Q 324 11.62 -16.77 -29.78
CA ILE Q 324 11.77 -16.57 -31.20
C ILE Q 324 11.53 -15.08 -31.38
N TYR Q 325 12.49 -14.38 -31.97
CA TYR Q 325 12.29 -12.95 -32.05
C TYR Q 325 12.12 -12.54 -33.51
N ASN Q 326 11.03 -11.85 -33.79
CA ASN Q 326 10.84 -11.27 -35.10
C ASN Q 326 10.79 -9.76 -34.94
N PRO Q 327 11.85 -9.02 -35.35
CA PRO Q 327 11.88 -7.57 -35.15
C PRO Q 327 10.70 -6.93 -35.91
N PRO Q 328 9.87 -6.09 -35.23
CA PRO Q 328 8.63 -5.54 -35.79
C PRO Q 328 8.65 -4.52 -36.96
N TYR R 7 10.30 3.08 -10.31
CA TYR R 7 11.35 2.27 -11.16
C TYR R 7 10.96 0.80 -11.41
N MET R 8 10.20 0.23 -10.48
CA MET R 8 9.54 -1.03 -10.74
C MET R 8 8.06 -0.84 -10.50
N GLY R 9 7.24 -1.39 -11.40
CA GLY R 9 5.82 -1.25 -11.21
C GLY R 9 5.25 -2.48 -10.54
N TRP R 10 4.23 -3.03 -11.18
CA TRP R 10 3.59 -4.24 -10.73
C TRP R 10 3.09 -4.95 -11.97
N TRP R 11 2.57 -6.16 -11.80
CA TRP R 11 2.12 -6.90 -12.96
C TRP R 11 1.12 -6.06 -13.73
N GLY R 12 1.35 -5.95 -15.04
CA GLY R 12 0.46 -5.13 -15.84
C GLY R 12 1.07 -3.77 -16.17
N HIS R 13 1.92 -3.26 -15.28
CA HIS R 13 2.58 -1.99 -15.57
C HIS R 13 3.98 -2.03 -14.95
N MET R 14 4.77 -3.03 -15.34
CA MET R 14 6.03 -3.29 -14.66
C MET R 14 7.05 -2.20 -14.99
N GLY R 15 6.93 -1.59 -16.16
CA GLY R 15 7.81 -0.48 -16.52
C GLY R 15 8.83 -0.91 -17.56
N SER R 16 8.58 -2.07 -18.19
CA SER R 16 9.30 -2.53 -19.36
C SER R 16 9.05 -1.54 -20.50
N PRO R 17 10.06 -1.29 -21.37
CA PRO R 17 9.78 -0.63 -22.66
C PRO R 17 8.81 -1.57 -23.36
N PRO R 18 7.96 -1.10 -24.29
CA PRO R 18 6.97 -1.96 -24.93
C PRO R 18 7.65 -3.14 -25.61
N GLN R 19 7.11 -4.32 -25.38
CA GLN R 19 7.66 -5.51 -26.00
C GLN R 19 6.78 -5.87 -27.18
N LYS R 20 7.43 -6.35 -28.22
CA LYS R 20 6.69 -6.77 -29.38
C LYS R 20 7.62 -7.68 -30.15
N GLY R 21 7.08 -8.75 -30.71
CA GLY R 21 7.87 -9.55 -31.61
C GLY R 21 8.65 -10.67 -30.93
N ILE R 22 8.52 -10.79 -29.60
CA ILE R 22 9.12 -11.91 -28.93
C ILE R 22 8.06 -12.96 -28.64
N ALA R 23 8.30 -14.19 -29.10
CA ALA R 23 7.46 -15.31 -28.72
C ALA R 23 8.25 -16.11 -27.71
N GLY R 24 7.64 -16.39 -26.56
CA GLY R 24 8.26 -17.25 -25.57
C GLY R 24 7.54 -18.59 -25.54
N TYR R 25 8.30 -19.67 -25.42
CA TYR R 25 7.69 -20.97 -25.37
C TYR R 25 8.28 -21.72 -24.21
N THR R 26 7.43 -22.48 -23.53
CA THR R 26 7.97 -23.37 -22.53
C THR R 26 7.07 -24.56 -22.35
N ILE R 27 7.57 -25.58 -21.66
CA ILE R 27 6.73 -26.74 -21.41
C ILE R 27 6.47 -26.88 -19.92
N SER R 28 5.41 -27.61 -19.60
CA SER R 28 5.02 -27.94 -18.25
C SER R 28 6.13 -28.65 -17.48
N PRO R 29 6.27 -28.43 -16.16
CA PRO R 29 7.19 -29.21 -15.34
C PRO R 29 6.87 -30.70 -15.39
N PHE R 30 5.60 -31.06 -15.54
CA PHE R 30 5.28 -32.48 -15.63
C PHE R 30 5.62 -33.08 -16.98
N ALA R 31 5.81 -32.24 -18.01
CA ALA R 31 6.13 -32.78 -19.31
C ALA R 31 7.64 -32.82 -19.54
N ALA R 32 8.40 -32.20 -18.63
CA ALA R 32 9.84 -32.12 -18.82
C ALA R 32 10.55 -33.15 -17.96
N ARG R 33 11.74 -33.56 -18.40
CA ARG R 33 12.66 -34.24 -17.51
C ARG R 33 13.42 -33.14 -16.77
N PRO R 34 13.24 -32.98 -15.44
CA PRO R 34 13.87 -31.86 -14.73
C PRO R 34 15.39 -31.99 -14.73
N PHE R 35 15.86 -33.23 -14.81
CA PHE R 35 17.28 -33.52 -14.74
C PHE R 35 17.82 -33.93 -16.10
N ALA R 36 17.20 -33.45 -17.18
CA ALA R 36 17.71 -33.74 -18.51
C ALA R 36 19.10 -33.11 -18.64
N GLY R 37 20.06 -33.92 -19.11
CA GLY R 37 21.43 -33.51 -19.38
C GLY R 37 22.17 -32.99 -18.15
N VAL R 38 21.80 -33.50 -16.97
CA VAL R 38 22.36 -33.04 -15.70
C VAL R 38 23.80 -33.52 -15.59
N VAL R 39 24.09 -34.72 -16.11
CA VAL R 39 25.41 -35.32 -16.03
C VAL R 39 26.37 -34.47 -16.86
N HIS R 40 25.99 -34.22 -18.11
CA HIS R 40 26.76 -33.34 -18.97
C HIS R 40 26.99 -31.97 -18.31
N ALA R 41 25.96 -31.37 -17.71
CA ALA R 41 26.09 -30.05 -17.11
C ALA R 41 26.99 -30.09 -15.88
N ALA R 42 26.78 -31.10 -15.03
CA ALA R 42 27.54 -31.19 -13.79
C ALA R 42 29.04 -31.31 -14.10
N ILE R 43 29.37 -31.88 -15.27
CA ILE R 43 30.77 -32.11 -15.58
C ILE R 43 31.27 -30.99 -16.46
N PHE R 44 30.68 -30.84 -17.65
CA PHE R 44 31.27 -29.99 -18.67
C PHE R 44 30.93 -28.53 -18.42
N ASN R 45 29.68 -28.28 -18.03
CA ASN R 45 29.27 -26.92 -17.77
C ASN R 45 29.98 -26.39 -16.53
N THR R 46 30.06 -27.18 -15.46
CA THR R 46 30.73 -26.67 -14.25
C THR R 46 32.21 -26.44 -14.56
N PHE R 47 32.81 -27.30 -15.40
CA PHE R 47 34.21 -27.11 -15.71
C PHE R 47 34.40 -25.80 -16.45
N ARG R 48 33.58 -25.55 -17.47
CA ARG R 48 33.61 -24.29 -18.21
C ARG R 48 33.45 -23.12 -17.26
N ARG R 49 32.42 -23.14 -16.42
CA ARG R 49 32.19 -21.94 -15.62
C ARG R 49 33.30 -21.72 -14.60
N THR R 50 33.91 -22.78 -14.10
CA THR R 50 34.94 -22.65 -13.09
C THR R 50 36.23 -22.19 -13.75
N LYS R 51 36.57 -22.77 -14.90
CA LYS R 51 37.77 -22.38 -15.62
C LYS R 51 37.74 -20.87 -15.89
N ASN R 52 36.56 -20.34 -16.23
CA ASN R 52 36.45 -18.93 -16.61
C ASN R 52 36.65 -17.98 -15.43
N GLN R 53 36.46 -18.47 -14.21
CA GLN R 53 36.50 -17.62 -13.03
C GLN R 53 37.70 -17.97 -12.18
N ALA R 54 38.55 -18.90 -12.61
CA ALA R 54 39.53 -19.47 -11.70
C ALA R 54 40.53 -18.42 -11.24
N LEU R 55 41.00 -17.57 -12.17
CA LEU R 55 42.07 -16.61 -11.88
C LEU R 55 41.66 -15.62 -10.79
N PHE R 56 40.37 -15.29 -10.75
CA PHE R 56 39.89 -14.26 -9.87
C PHE R 56 39.81 -14.77 -8.45
N VAL R 57 39.95 -16.08 -8.31
CA VAL R 57 39.98 -16.67 -6.98
C VAL R 57 41.41 -17.04 -6.64
N ILE R 58 42.10 -17.68 -7.57
CA ILE R 58 43.43 -18.18 -7.36
C ILE R 58 44.38 -17.01 -7.06
N LEU R 59 44.35 -15.92 -7.83
CA LEU R 59 45.35 -14.89 -7.62
C LEU R 59 45.30 -14.31 -6.22
N PRO R 60 44.15 -13.79 -5.74
CA PRO R 60 44.12 -13.21 -4.40
C PRO R 60 44.33 -14.24 -3.32
N VAL R 61 43.80 -15.44 -3.48
CA VAL R 61 43.98 -16.42 -2.42
C VAL R 61 45.46 -16.81 -2.33
N SER R 62 46.12 -17.05 -3.46
CA SER R 62 47.50 -17.50 -3.42
C SER R 62 48.38 -16.39 -2.87
N PHE R 63 48.04 -15.15 -3.15
CA PHE R 63 48.89 -14.06 -2.71
C PHE R 63 48.78 -13.91 -1.21
N PHE R 64 47.54 -13.85 -0.71
CA PHE R 64 47.33 -13.62 0.70
C PHE R 64 47.78 -14.83 1.51
N TYR R 65 47.77 -16.01 0.91
CA TYR R 65 48.23 -17.16 1.66
C TYR R 65 49.73 -17.09 1.75
N TYR R 66 50.38 -16.60 0.69
CA TYR R 66 51.83 -16.56 0.72
C TYR R 66 52.28 -15.55 1.77
N VAL R 67 51.64 -14.38 1.77
CA VAL R 67 51.88 -13.32 2.75
C VAL R 67 51.78 -13.89 4.16
N TRP R 68 50.72 -14.64 4.43
CA TRP R 68 50.44 -15.10 5.78
C TRP R 68 51.49 -16.12 6.17
N THR R 69 51.79 -17.03 5.26
CA THR R 69 52.81 -18.04 5.45
C THR R 69 54.15 -17.41 5.80
N GLN R 70 54.55 -16.35 5.08
CA GLN R 70 55.82 -15.72 5.35
C GLN R 70 55.83 -15.07 6.73
N ALA R 71 54.69 -14.46 7.07
CA ALA R 71 54.57 -13.70 8.30
C ALA R 71 54.55 -14.65 9.48
N SER R 72 53.77 -15.73 9.37
CA SER R 72 53.68 -16.69 10.45
C SER R 72 55.01 -17.41 10.64
N GLU R 73 55.76 -17.66 9.57
CA GLU R 73 57.04 -18.36 9.71
C GLU R 73 58.08 -17.45 10.33
N LYS R 74 58.02 -16.14 10.02
CA LYS R 74 58.98 -15.20 10.58
C LYS R 74 58.70 -15.06 12.06
N ASN R 75 57.41 -14.99 12.37
CA ASN R 75 57.01 -14.76 13.75
C ASN R 75 57.49 -15.96 14.57
N GLU R 76 57.34 -17.15 14.02
CA GLU R 76 57.69 -18.36 14.73
C GLU R 76 59.20 -18.35 14.98
N TRP R 77 59.95 -17.92 13.97
CA TRP R 77 61.40 -17.96 14.03
C TRP R 77 61.95 -16.91 14.99
N LEU R 78 61.25 -15.78 15.12
CA LEU R 78 61.71 -14.70 15.99
C LEU R 78 61.64 -15.10 17.45
N TYR R 79 60.74 -16.03 17.77
CA TYR R 79 60.52 -16.42 19.15
C TYR R 79 61.20 -17.76 19.43
N THR R 80 62.20 -18.10 18.60
CA THR R 80 63.10 -19.18 18.92
C THR R 80 64.38 -18.59 19.53
N LYS R 81 65.29 -19.47 19.95
CA LYS R 81 66.60 -19.10 20.48
C LYS R 81 67.43 -18.44 19.39
N ALA R 82 67.38 -19.03 18.19
CA ALA R 82 68.10 -18.57 17.01
C ALA R 82 67.67 -17.15 16.62
N GLY R 83 66.43 -16.80 16.95
CA GLY R 83 65.84 -15.54 16.51
C GLY R 83 65.89 -14.45 17.58
N ARG R 84 66.69 -14.67 18.64
CA ARG R 84 66.72 -13.82 19.82
C ARG R 84 67.15 -12.41 19.44
N HIS R 85 68.18 -12.35 18.58
CA HIS R 85 68.85 -11.10 18.27
C HIS R 85 67.97 -10.28 17.35
N GLU R 86 67.35 -10.97 16.38
CA GLU R 86 66.50 -10.32 15.40
C GLU R 86 65.24 -9.85 16.08
N LEU R 87 64.86 -10.52 17.17
CA LEU R 87 63.66 -10.12 17.91
C LEU R 87 63.97 -8.86 18.72
N ALA R 88 65.21 -8.77 19.20
CA ALA R 88 65.64 -7.68 20.06
C ALA R 88 65.65 -6.37 19.26
N LYS R 89 66.03 -6.48 17.98
CA LYS R 89 66.10 -5.36 17.05
C LYS R 89 64.70 -4.95 16.64
N ALA R 90 63.83 -5.95 16.42
CA ALA R 90 62.47 -5.71 15.96
C ALA R 90 61.64 -5.01 17.04
N LEU R 91 61.98 -5.22 18.32
CA LEU R 91 61.44 -4.41 19.41
C LEU R 91 62.42 -3.26 19.73
N ALA S 4 -2.29 -48.18 -10.68
CA ALA S 4 -1.47 -46.80 -10.58
C ALA S 4 -2.23 -45.46 -10.65
N THR S 5 -3.18 -45.35 -11.60
CA THR S 5 -4.26 -44.37 -11.57
C THR S 5 -5.05 -44.47 -10.26
N THR S 6 -5.35 -45.70 -9.83
CA THR S 6 -6.05 -45.95 -8.58
C THR S 6 -5.27 -45.33 -7.43
N PHE S 7 -3.95 -45.59 -7.37
CA PHE S 7 -3.15 -45.01 -6.31
C PHE S 7 -3.23 -43.49 -6.34
N TYR S 8 -3.12 -42.92 -7.53
CA TYR S 8 -3.21 -41.48 -7.65
C TYR S 8 -4.54 -40.96 -7.13
N ASN S 9 -5.64 -41.59 -7.59
CA ASN S 9 -6.99 -41.13 -7.31
C ASN S 9 -7.30 -41.17 -5.81
N VAL S 10 -6.77 -42.19 -5.14
CA VAL S 10 -7.09 -42.39 -3.74
C VAL S 10 -6.25 -41.48 -2.86
N PHE S 11 -4.93 -41.40 -3.09
CA PHE S 11 -4.10 -40.80 -2.07
C PHE S 11 -3.62 -39.41 -2.47
N VAL S 12 -3.74 -39.06 -3.73
CA VAL S 12 -3.06 -37.84 -4.16
C VAL S 12 -4.04 -36.81 -4.71
N LYS S 13 -5.07 -37.25 -5.44
CA LYS S 13 -5.93 -36.33 -6.16
C LYS S 13 -6.54 -35.28 -5.23
N ARG S 14 -7.17 -35.70 -4.13
CA ARG S 14 -7.73 -34.75 -3.18
C ARG S 14 -6.61 -34.30 -2.24
N ASN S 15 -6.46 -33.00 -2.03
CA ASN S 15 -5.41 -32.50 -1.16
C ASN S 15 -5.66 -32.95 0.27
N SER S 16 -6.93 -32.99 0.67
CA SER S 16 -7.23 -33.45 2.00
C SER S 16 -6.66 -34.86 2.19
N ALA S 17 -6.76 -35.70 1.15
CA ALA S 17 -6.27 -37.07 1.25
C ALA S 17 -4.75 -37.09 1.23
N PHE S 18 -4.16 -36.22 0.43
CA PHE S 18 -2.73 -36.17 0.28
C PHE S 18 -2.10 -35.70 1.58
N VAL S 19 -2.69 -34.69 2.21
CA VAL S 19 -2.10 -34.19 3.43
C VAL S 19 -2.31 -35.23 4.51
N ALA S 20 -3.46 -35.89 4.53
CA ALA S 20 -3.69 -36.95 5.52
C ALA S 20 -2.68 -38.08 5.35
N THR S 21 -2.36 -38.46 4.10
CA THR S 21 -1.41 -39.50 3.77
C THR S 21 0.00 -39.09 4.21
N ILE S 22 0.36 -37.82 3.99
CA ILE S 22 1.66 -37.30 4.39
C ILE S 22 1.80 -37.38 5.90
N LEU S 23 0.78 -36.93 6.65
CA LEU S 23 0.88 -36.91 8.10
C LEU S 23 0.87 -38.32 8.67
N ALA S 24 0.09 -39.24 8.09
CA ALA S 24 0.11 -40.61 8.57
C ALA S 24 1.46 -41.25 8.28
N SER S 25 2.04 -40.93 7.13
CA SER S 25 3.36 -41.42 6.76
C SER S 25 4.39 -40.86 7.72
N ALA S 26 4.25 -39.58 8.09
CA ALA S 26 5.17 -38.91 8.98
C ALA S 26 5.15 -39.59 10.33
N PHE S 27 3.96 -39.96 10.80
CA PHE S 27 3.80 -40.65 12.06
C PHE S 27 4.54 -41.98 12.00
N VAL S 28 4.34 -42.73 10.91
CA VAL S 28 4.92 -44.06 10.81
C VAL S 28 6.43 -43.93 10.69
N PHE S 29 6.88 -43.00 9.85
CA PHE S 29 8.30 -42.80 9.67
C PHE S 29 8.93 -42.45 11.01
N ASP S 30 8.37 -41.44 11.69
CA ASP S 30 8.87 -40.99 12.97
C ASP S 30 9.07 -42.16 13.93
N MET S 31 8.10 -43.09 14.01
CA MET S 31 8.12 -44.16 14.98
C MET S 31 9.16 -45.22 14.62
N THR S 32 9.22 -45.53 13.33
CA THR S 32 10.06 -46.62 12.88
C THR S 32 11.49 -46.14 12.81
N PHE S 33 11.69 -44.88 12.45
CA PHE S 33 13.02 -44.33 12.31
C PHE S 33 13.70 -44.25 13.67
N GLU S 34 12.91 -43.89 14.68
CA GLU S 34 13.34 -43.85 16.07
C GLU S 34 13.88 -45.22 16.44
N THR S 35 13.08 -46.26 16.21
CA THR S 35 13.41 -47.63 16.57
C THR S 35 14.65 -48.09 15.82
N ALA S 36 14.75 -47.72 14.53
CA ALA S 36 15.84 -48.19 13.67
C ALA S 36 17.16 -47.55 14.09
N ILE S 37 17.10 -46.27 14.45
CA ILE S 37 18.31 -45.56 14.84
C ILE S 37 18.77 -46.11 16.18
N ASP S 38 17.83 -46.26 17.11
CA ASP S 38 18.12 -46.86 18.41
C ASP S 38 18.92 -48.15 18.23
N ASN S 39 18.46 -49.08 17.37
CA ASN S 39 19.12 -50.37 17.26
C ASN S 39 20.50 -50.20 16.63
N PHE S 40 20.59 -49.26 15.69
CA PHE S 40 21.83 -49.12 14.96
C PHE S 40 22.89 -48.53 15.88
N TRP S 41 22.45 -47.58 16.71
CA TRP S 41 23.33 -46.85 17.58
C TRP S 41 23.87 -47.79 18.63
N ASP S 42 23.05 -48.77 19.04
CA ASP S 42 23.43 -49.73 20.06
C ASP S 42 24.43 -50.73 19.51
N ARG S 43 24.38 -51.00 18.19
CA ARG S 43 25.29 -51.97 17.59
C ARG S 43 26.65 -51.33 17.33
N ILE S 44 26.65 -50.05 16.94
CA ILE S 44 27.96 -49.47 16.62
C ILE S 44 28.68 -49.06 17.90
N ASN S 45 27.93 -48.93 18.99
CA ASN S 45 28.49 -48.56 20.27
C ASN S 45 28.27 -49.72 21.22
N ALA S 46 28.76 -50.89 20.82
CA ALA S 46 28.47 -52.11 21.56
C ALA S 46 29.51 -52.27 22.68
N GLY S 47 29.02 -52.60 23.87
CA GLY S 47 29.83 -52.74 25.07
C GLY S 47 30.27 -51.39 25.66
N LYS S 48 29.78 -50.29 25.09
CA LYS S 48 30.25 -48.99 25.52
C LYS S 48 29.21 -48.32 26.43
N GLN S 49 27.95 -48.59 26.18
CA GLN S 49 26.92 -47.78 26.81
C GLN S 49 26.54 -48.35 28.17
N TRP S 50 25.80 -47.57 28.97
CA TRP S 50 25.49 -47.98 30.33
C TRP S 50 24.71 -49.29 30.31
N LYS S 51 23.76 -49.40 29.37
CA LYS S 51 22.95 -50.59 29.20
C LYS S 51 23.80 -51.85 28.99
N ASP S 52 25.04 -51.69 28.51
CA ASP S 52 25.91 -52.82 28.26
C ASP S 52 26.71 -53.25 29.49
N ILE S 53 26.82 -52.36 30.49
CA ILE S 53 27.67 -52.65 31.65
C ILE S 53 26.81 -52.74 32.91
N ARG S 54 25.58 -52.27 32.80
CA ARG S 54 24.64 -52.23 33.90
C ARG S 54 24.52 -53.61 34.54
N HIS S 55 24.74 -54.71 33.80
CA HIS S 55 24.42 -56.04 34.30
C HIS S 55 25.36 -56.45 35.43
N LYS S 56 26.52 -55.81 35.51
CA LYS S 56 27.51 -56.05 36.56
C LYS S 56 27.03 -55.59 37.94
N TYR S 57 25.95 -54.78 37.98
CA TYR S 57 25.51 -54.09 39.20
C TYR S 57 24.01 -54.35 39.62
N TYR T 8 -47.18 -28.86 -25.35
CA TYR T 8 -46.85 -27.38 -25.02
C TYR T 8 -46.57 -27.08 -23.54
N VAL T 9 -45.50 -26.31 -23.28
CA VAL T 9 -45.05 -25.95 -21.95
C VAL T 9 -45.27 -24.45 -21.77
N LYS T 10 -45.98 -24.07 -20.70
CA LYS T 10 -46.40 -22.69 -20.50
C LYS T 10 -45.36 -21.88 -19.73
N LYS T 11 -44.67 -22.55 -18.81
CA LYS T 11 -43.79 -21.92 -17.85
C LYS T 11 -42.63 -22.87 -17.56
N PRO T 12 -41.40 -22.39 -17.27
CA PRO T 12 -40.29 -23.30 -16.99
C PRO T 12 -40.54 -23.90 -15.62
N SER T 13 -40.07 -25.14 -15.43
CA SER T 13 -40.42 -25.83 -14.19
C SER T 13 -39.18 -25.94 -13.32
N TYR T 14 -39.19 -25.16 -12.23
CA TYR T 14 -38.08 -25.14 -11.30
C TYR T 14 -38.56 -24.72 -9.91
N LYS T 15 -37.71 -25.05 -8.94
CA LYS T 15 -37.88 -24.66 -7.55
C LYS T 15 -36.57 -24.06 -7.07
N ILE T 16 -36.68 -23.24 -6.02
CA ILE T 16 -35.50 -22.71 -5.37
C ILE T 16 -35.22 -23.57 -4.15
N VAL T 17 -34.00 -24.11 -4.11
CA VAL T 17 -33.57 -24.93 -2.99
C VAL T 17 -33.20 -23.98 -1.85
N PRO T 18 -33.44 -24.37 -0.57
CA PRO T 18 -32.99 -23.57 0.57
C PRO T 18 -31.48 -23.29 0.49
N HIS T 19 -31.10 -22.06 0.79
CA HIS T 19 -29.70 -21.67 0.76
C HIS T 19 -29.44 -20.66 1.85
N PHE T 20 -28.15 -20.48 2.15
CA PHE T 20 -27.73 -19.61 3.23
C PHE T 20 -26.26 -19.26 2.98
N LEU T 21 -25.97 -17.95 2.89
CA LEU T 21 -24.63 -17.44 2.67
C LEU T 21 -24.02 -18.05 1.42
N GLY T 22 -24.87 -18.36 0.44
CA GLY T 22 -24.42 -18.88 -0.84
C GLY T 22 -24.11 -20.36 -0.81
N PHE T 23 -24.57 -21.06 0.24
CA PHE T 23 -24.41 -22.50 0.28
C PHE T 23 -25.78 -23.15 0.19
N ASN T 24 -25.83 -24.30 -0.48
CA ASN T 24 -27.07 -25.04 -0.54
C ASN T 24 -26.76 -26.47 -0.17
N ILE T 25 -27.78 -27.28 0.06
CA ILE T 25 -27.52 -28.62 0.56
C ILE T 25 -26.85 -29.48 -0.51
N PRO T 26 -27.28 -29.44 -1.80
CA PRO T 26 -26.59 -30.20 -2.83
C PRO T 26 -25.08 -29.98 -2.88
N THR T 27 -24.64 -28.72 -2.77
CA THR T 27 -23.23 -28.37 -2.81
C THR T 27 -22.51 -28.88 -1.57
N VAL T 28 -23.06 -28.60 -0.39
CA VAL T 28 -22.36 -28.95 0.83
C VAL T 28 -22.24 -30.46 0.93
N SER T 29 -23.24 -31.17 0.45
CA SER T 29 -23.22 -32.61 0.59
C SER T 29 -22.06 -33.20 -0.22
N LYS T 30 -21.62 -32.49 -1.27
CA LYS T 30 -20.49 -32.94 -2.06
C LYS T 30 -19.20 -32.80 -1.26
N TRP T 31 -19.19 -31.89 -0.29
CA TRP T 31 -17.97 -31.59 0.47
C TRP T 31 -17.91 -32.33 1.79
N ILE T 32 -19.00 -33.00 2.18
CA ILE T 32 -19.06 -33.69 3.47
C ILE T 32 -17.89 -34.66 3.56
N PRO T 33 -17.65 -35.55 2.56
CA PRO T 33 -16.48 -36.43 2.55
C PRO T 33 -15.15 -35.72 2.78
N ILE T 34 -15.01 -34.54 2.18
CA ILE T 34 -13.76 -33.80 2.28
C ILE T 34 -13.55 -33.31 3.70
N PHE T 35 -14.61 -32.90 4.39
CA PHE T 35 -14.44 -32.51 5.78
C PHE T 35 -14.01 -33.72 6.59
N GLY T 36 -14.57 -34.89 6.26
CA GLY T 36 -14.14 -36.15 6.84
C GLY T 36 -12.62 -36.33 6.78
N ILE T 37 -12.06 -36.20 5.57
CA ILE T 37 -10.65 -36.44 5.34
C ILE T 37 -9.83 -35.37 6.06
N TRP T 38 -10.25 -34.11 5.98
CA TRP T 38 -9.54 -33.06 6.70
C TRP T 38 -9.58 -33.30 8.20
N GLY T 39 -10.67 -33.90 8.69
CA GLY T 39 -10.83 -34.16 10.12
C GLY T 39 -9.87 -35.27 10.55
N ALA T 40 -9.74 -36.29 9.71
CA ALA T 40 -8.77 -37.36 9.88
C ALA T 40 -7.37 -36.77 9.85
N ALA T 41 -7.08 -35.92 8.87
CA ALA T 41 -5.78 -35.29 8.74
C ALA T 41 -5.46 -34.50 10.00
N ALA T 42 -6.47 -33.82 10.56
CA ALA T 42 -6.30 -33.01 11.76
C ALA T 42 -6.11 -33.91 12.97
N GLY T 43 -6.85 -35.04 12.98
CA GLY T 43 -6.75 -36.02 14.05
C GLY T 43 -5.36 -36.65 14.10
N ILE T 44 -4.93 -37.22 12.96
CA ILE T 44 -3.62 -37.83 12.79
C ILE T 44 -2.56 -36.79 13.19
N GLY T 45 -2.70 -35.56 12.68
CA GLY T 45 -1.72 -34.50 12.90
C GLY T 45 -1.63 -34.10 14.37
N ALA T 46 -2.79 -33.96 15.01
CA ALA T 46 -2.84 -33.52 16.40
C ALA T 46 -2.19 -34.58 17.27
N LEU T 47 -2.59 -35.84 17.03
CA LEU T 47 -2.17 -36.96 17.84
C LEU T 47 -0.66 -37.14 17.69
N PHE T 48 -0.18 -36.91 16.47
CA PHE T 48 1.23 -36.95 16.13
C PHE T 48 2.00 -35.93 16.93
N LEU T 49 1.43 -34.72 17.08
CA LEU T 49 2.11 -33.64 17.78
C LEU T 49 2.22 -33.93 19.27
N ILE T 50 1.27 -34.69 19.82
CA ILE T 50 1.31 -34.89 21.27
C ILE T 50 1.69 -36.33 21.59
N GLU T 51 2.31 -37.01 20.63
CA GLU T 51 2.70 -38.39 20.80
C GLU T 51 3.67 -38.49 21.97
N GLY T 52 4.45 -37.44 22.17
CA GLY T 52 5.46 -37.42 23.21
C GLY T 52 4.89 -37.24 24.61
N VAL T 53 3.78 -36.50 24.73
CA VAL T 53 3.12 -36.31 26.01
C VAL T 53 2.82 -37.65 26.67
N PRO T 54 3.31 -37.92 27.91
CA PRO T 54 3.14 -39.22 28.57
C PRO T 54 1.71 -39.68 28.73
N ARG T 55 0.80 -38.72 28.93
CA ARG T 55 -0.61 -39.01 29.06
C ARG T 55 -1.20 -39.57 27.75
N THR T 56 -0.76 -39.01 26.61
CA THR T 56 -1.20 -39.50 25.31
C THR T 56 -0.79 -40.96 25.14
N ARG T 57 0.38 -41.32 25.66
CA ARG T 57 0.85 -42.68 25.48
C ARG T 57 0.06 -43.60 26.38
N GLN T 58 -0.08 -43.18 27.64
CA GLN T 58 -0.77 -43.93 28.66
C GLN T 58 -2.22 -44.20 28.25
N ASP T 59 -2.92 -43.15 27.76
CA ASP T 59 -4.36 -43.16 27.58
C ASP T 59 -4.80 -43.51 26.16
N ILE T 60 -3.98 -43.21 25.14
CA ILE T 60 -4.39 -43.49 23.77
C ILE T 60 -3.48 -44.57 23.18
N LEU T 61 -2.20 -44.24 23.04
CA LEU T 61 -1.33 -44.95 22.12
C LEU T 61 -1.02 -46.36 22.59
N SER T 62 -0.97 -46.59 23.91
CA SER T 62 -0.58 -47.90 24.40
C SER T 62 -1.74 -48.89 24.36
N LYS T 63 -2.95 -48.37 24.08
CA LYS T 63 -4.18 -49.15 24.05
C LYS T 63 -4.44 -49.73 22.65
N ILE T 64 -3.76 -49.19 21.63
CA ILE T 64 -3.88 -49.68 20.27
C ILE T 64 -3.40 -51.14 20.21
N PRO T 65 -4.18 -52.07 19.61
CA PRO T 65 -3.81 -53.49 19.56
C PRO T 65 -2.56 -53.75 18.72
N ILE T 66 -1.66 -54.63 19.22
CA ILE T 66 -0.44 -55.08 18.56
C ILE T 66 0.64 -53.99 18.67
N ILE T 67 0.37 -52.85 18.03
CA ILE T 67 1.24 -51.69 17.87
C ILE T 67 1.49 -51.05 19.24
N GLY T 68 0.53 -51.18 20.16
CA GLY T 68 0.48 -50.44 21.41
C GLY T 68 1.63 -50.69 22.38
N GLU T 69 2.37 -51.79 22.20
CA GLU T 69 3.47 -52.09 23.11
C GLU T 69 4.67 -51.19 22.81
N HIS T 70 4.64 -50.53 21.65
CA HIS T 70 5.69 -49.60 21.26
C HIS T 70 5.81 -48.47 22.31
N TRP T 71 4.71 -48.19 23.01
CA TRP T 71 4.66 -47.03 23.89
C TRP T 71 4.64 -47.41 25.37
N ILE T 72 4.75 -48.72 25.65
CA ILE T 72 4.87 -49.18 27.01
C ILE T 72 6.35 -49.45 27.26
N ARG T 73 7.03 -48.45 27.80
CA ARG T 73 8.46 -48.54 28.08
C ARG T 73 8.73 -48.12 29.51
N GLU T 74 9.43 -49.01 30.24
CA GLU T 74 9.84 -48.77 31.61
C GLU T 74 11.35 -48.56 31.65
N ILE T 75 11.74 -47.49 32.35
CA ILE T 75 13.11 -47.29 32.78
C ILE T 75 13.37 -48.30 33.89
N PRO T 76 14.45 -49.13 33.82
CA PRO T 76 14.79 -50.05 34.91
C PRO T 76 15.06 -49.24 36.18
N ALA T 77 14.61 -49.73 37.34
CA ALA T 77 14.59 -48.92 38.54
C ALA T 77 16.01 -48.58 39.00
N SER T 78 16.99 -49.38 38.53
CA SER T 78 18.41 -49.23 38.79
C SER T 78 18.99 -48.03 38.05
N ASP T 79 18.29 -47.51 37.03
CA ASP T 79 18.83 -46.49 36.15
C ASP T 79 18.02 -45.21 36.26
N ASN T 80 17.15 -45.14 37.27
CA ASN T 80 16.21 -44.05 37.37
C ASN T 80 16.52 -43.25 38.62
N PRO T 81 17.00 -41.98 38.48
CA PRO T 81 17.39 -41.18 39.64
C PRO T 81 16.18 -40.80 40.48
N PHE T 82 15.04 -40.64 39.81
CA PHE T 82 13.82 -40.22 40.46
C PHE T 82 12.97 -41.46 40.77
CHA HEM U . 5.97 -5.51 36.00
CHB HEM U . 2.31 -4.52 32.96
CHC HEM U . 5.52 -4.01 29.42
CHD HEM U . 9.09 -5.31 32.29
C1A HEM U . 4.75 -5.22 35.47
C2A HEM U . 3.53 -5.21 36.20
C3A HEM U . 2.57 -4.94 35.34
C4A HEM U . 3.09 -4.82 34.06
CMA HEM U . 1.13 -4.86 35.62
CAA HEM U . 3.22 -5.40 37.64
CBA HEM U . 3.73 -4.08 38.24
CGA HEM U . 3.91 -4.05 39.72
O1A HEM U . 5.04 -3.85 40.23
O2A HEM U . 2.87 -4.08 40.45
C1B HEM U . 2.92 -4.27 31.74
C2B HEM U . 2.16 -3.89 30.61
C3B HEM U . 3.10 -3.76 29.60
C4B HEM U . 4.39 -4.06 30.19
CMB HEM U . 0.66 -3.70 30.54
CAB HEM U . 2.97 -3.40 28.20
CBB HEM U . 1.79 -3.49 27.67
C1C HEM U . 6.74 -4.36 29.90
C2C HEM U . 7.88 -4.45 29.10
C3C HEM U . 8.92 -4.80 29.88
C4C HEM U . 8.38 -4.98 31.18
CMC HEM U . 8.07 -4.15 27.64
CAC HEM U . 10.25 -4.95 29.26
CBC HEM U . 10.91 -5.84 29.95
C1D HEM U . 8.46 -5.45 33.54
C2D HEM U . 9.25 -5.81 34.71
C3D HEM U . 8.37 -5.88 35.71
C4D HEM U . 7.06 -5.54 35.16
CMD HEM U . 10.72 -6.07 34.77
CAD HEM U . 8.61 -6.27 37.11
CBD HEM U . 9.15 -5.19 37.97
CGD HEM U . 7.93 -4.59 38.58
O1D HEM U . 7.00 -5.23 39.11
O2D HEM U . 7.91 -3.36 38.55
NA HEM U . 4.44 -5.01 34.14
NB HEM U . 4.21 -4.35 31.45
NC HEM U . 7.05 -4.68 31.14
ND HEM U . 7.16 -5.29 33.87
FE HEM U . 5.75 -4.83 32.73
CHA HEM V . -8.88 2.66 16.02
CHB HEM V . -4.80 2.34 18.70
CHC HEM V . -6.61 -1.53 20.99
CHD HEM V . -10.40 -1.48 17.96
C1A HEM V . -7.67 2.91 16.67
C2A HEM V . -6.85 4.02 16.37
C3A HEM V . -5.73 3.96 17.10
C4A HEM V . -5.82 2.80 17.88
CMA HEM V . -4.64 4.97 17.09
CAA HEM V . -7.24 5.14 15.43
CBA HEM V . -7.56 6.33 16.32
CGA HEM V . -8.81 6.10 17.14
O1A HEM V . -8.76 6.20 18.40
O2A HEM V . -9.95 5.82 16.66
C1B HEM V . -4.96 1.20 19.49
C2B HEM V . -3.96 0.79 20.40
C3B HEM V . -4.50 -0.30 21.06
C4B HEM V . -5.81 -0.51 20.50
CMB HEM V . -2.63 1.46 20.60
CAB HEM V . -3.91 -1.14 22.12
CBB HEM V . -2.60 -1.15 22.20
C1C HEM V . -7.84 -1.75 20.42
C2C HEM V . -8.77 -2.67 20.87
C3C HEM V . -9.82 -2.62 19.97
C4C HEM V . -9.54 -1.68 18.99
CMC HEM V . -8.65 -3.55 22.07
CAC HEM V . -11.04 -3.45 19.95
CBC HEM V . -11.41 -4.37 20.83
C1D HEM V . -10.23 -0.36 17.20
C2D HEM V . -11.20 -0.04 16.16
C3D HEM V . -10.79 1.12 15.63
C4D HEM V . -9.56 1.50 16.36
CMD HEM V . -12.43 -0.82 15.78
CAD HEM V . -11.48 1.84 14.54
CBD HEM V . -12.39 2.80 15.24
CGD HEM V . -12.81 3.95 14.41
O1D HEM V . -14.01 4.02 14.08
O2D HEM V . -12.03 4.88 14.13
NA HEM V . -7.01 2.18 17.61
NB HEM V . -6.02 0.39 19.58
NC HEM V . -8.31 -1.18 19.30
ND HEM V . -9.25 0.58 17.30
FE HEM V . -7.74 0.58 18.45
O12 PC1 W . -24.24 10.26 21.02
P PC1 W . -23.26 11.39 20.90
O14 PC1 W . -22.18 11.44 19.87
O13 PC1 W . -24.14 12.71 20.70
C11 PC1 W . -23.47 13.92 20.27
C12 PC1 W . -24.50 15.00 20.04
N PC1 W . -25.58 14.73 19.00
C13 PC1 W . -26.59 13.74 19.48
C14 PC1 W . -26.26 16.01 18.72
C15 PC1 W . -25.02 14.23 17.71
O11 PC1 W . -22.56 11.58 22.33
C1 PC1 W . -23.31 11.30 23.51
C2 PC1 W . -22.25 11.11 24.54
O21 PC1 W . -21.77 9.75 24.30
C21 PC1 W . -20.48 9.43 24.18
O22 PC1 W . -19.73 10.32 23.84
C22 PC1 W . -20.33 7.90 24.55
C23 PC1 W . -18.95 7.16 24.48
C24 PC1 W . -18.89 5.78 25.23
C25 PC1 W . -17.74 5.48 26.26
C26 PC1 W . -17.99 4.34 27.33
C27 PC1 W . -16.77 3.68 28.12
C28 PC1 W . -17.14 2.52 29.15
C29 PC1 W . -16.24 1.21 29.35
C2A PC1 W . -16.86 -0.26 29.20
C2B PC1 W . -16.08 -1.27 28.28
C2C PC1 W . -16.75 -2.55 27.71
C3 PC1 W . -22.77 11.30 25.95
O31 PC1 W . -23.05 9.99 26.53
C31 PC1 W . -24.33 9.68 26.73
O32 PC1 W . -25.09 10.36 27.37
C32 PC1 W . -24.71 8.35 26.06
C33 PC1 W . -24.86 7.15 26.97
C34 PC1 W . -23.55 6.70 27.63
C35 PC1 W . -23.72 5.78 28.84
C36 PC1 W . -22.57 5.76 29.84
C37 PC1 W . -22.86 5.09 31.17
C38 PC1 W . -21.92 5.48 32.32
C1 PTY X . 5.24 21.14 15.69
C2 PTY X . 4.08 26.21 10.89
C3 PTY X . 2.96 25.47 11.59
O4 PTY X . 4.19 20.21 15.99
C5 PTY X . 4.81 22.56 13.70
C6 PTY X . 4.55 22.38 15.16
O7 PTY X . 4.96 23.50 15.99
C8 PTY X . 4.55 23.55 17.28
O10 PTY X . 3.43 23.89 17.54
C11 PTY X . 5.58 23.19 18.34
C12 PTY X . 5.01 22.88 19.70
C13 PTY X . 4.83 21.40 19.91
C14 PTY X . 5.75 20.80 20.93
C15 PTY X . 5.71 19.31 20.96
C16 PTY X . 5.30 18.73 22.27
C17 PTY X . 5.46 17.24 22.35
C18 PTY X . 4.42 16.52 23.22
C19 PTY X . 4.99 15.66 24.37
C20 PTY X . 4.42 14.23 24.51
C30 PTY X . 4.33 19.00 15.45
C31 PTY X . 3.75 17.95 16.33
O30 PTY X . 4.82 18.81 14.37
C32 PTY X . 2.30 18.17 16.59
C33 PTY X . 1.86 17.47 17.84
C34 PTY X . 2.72 16.29 18.19
C35 PTY X . 1.96 15.18 18.84
C36 PTY X . 1.09 14.37 17.88
C37 PTY X . 0.14 13.46 18.60
C38 PTY X . 0.52 13.25 20.05
C39 PTY X . -0.20 12.18 20.77
C40 PTY X . 0.68 11.02 21.01
C41 PTY X . 0.58 9.98 19.96
C42 PTY X . 0.71 8.61 20.50
C43 PTY X . 2.18 8.18 20.50
C44 PTY X . 2.89 8.18 21.84
P1 PTY X . 2.60 22.91 12.29
O11 PTY X . 3.51 24.20 12.03
O12 PTY X . 1.57 23.17 13.35
O13 PTY X . 2.20 22.25 11.00
O14 PTY X . 3.72 21.96 12.94
N1 PTY X . 5.07 25.32 10.23
C1 CDL Y . -14.76 -5.57 2.93
O1 CDL Y . -14.36 -4.36 3.59
CA2 CDL Y . -15.40 -6.53 3.92
OA2 CDL Y . -15.91 -5.76 5.03
PA1 CDL Y . -15.93 -6.37 6.52
OA3 CDL Y . -14.52 -6.67 6.92
OA4 CDL Y . -16.73 -5.44 7.39
OA5 CDL Y . -16.77 -7.74 6.39
CA3 CDL Y . -16.05 -9.00 6.27
CA4 CDL Y . -15.94 -9.72 7.60
OA6 CDL Y . -14.64 -10.39 7.63
CA5 CDL Y . -13.73 -10.16 8.62
OA7 CDL Y . -12.95 -9.24 8.57
C11 CDL Y . -13.71 -11.18 9.76
C12 CDL Y . -12.48 -11.13 10.61
C13 CDL Y . -12.22 -12.44 11.41
C14 CDL Y . -13.04 -12.66 12.68
C15 CDL Y . -12.60 -13.83 13.58
C16 CDL Y . -11.42 -13.54 14.51
CA6 CDL Y . -17.10 -10.68 7.77
OA8 CDL Y . -17.02 -11.27 9.09
CA7 CDL Y . -18.10 -11.17 9.88
OA9 CDL Y . -18.94 -10.33 9.73
C31 CDL Y . -18.09 -12.28 10.93
C32 CDL Y . -17.54 -11.89 12.29
C33 CDL Y . -16.55 -12.91 12.87
C34 CDL Y . -17.16 -14.09 13.66
C35 CDL Y . -16.30 -14.71 14.81
C36 CDL Y . -16.90 -15.98 15.48
C37 CDL Y . -16.21 -16.48 16.75
CB2 CDL Y . -13.57 -6.15 2.22
OB2 CDL Y . -13.50 -7.63 2.25
PB2 CDL Y . -12.09 -8.36 2.50
OB3 CDL Y . -11.84 -9.17 1.25
OB4 CDL Y . -11.10 -7.29 2.89
OB5 CDL Y . -12.41 -9.34 3.73
CB3 CDL Y . -12.30 -10.79 3.59
CB4 CDL Y . -12.04 -11.46 4.93
OB6 CDL Y . -10.88 -11.07 5.76
CB5 CDL Y . -9.57 -11.45 5.53
OB7 CDL Y . -9.09 -11.28 4.44
C51 CDL Y . -8.68 -12.01 6.69
C52 CDL Y . -7.18 -11.62 6.72
CB6 CDL Y . -12.43 -12.93 5.01
OB8 CDL Y . -13.85 -13.06 4.77
CB7 CDL Y . -14.63 -13.65 5.70
OB9 CDL Y . -14.27 -13.99 6.80
C71 CDL Y . -16.07 -13.81 5.21
C AWB Z . 5.49 7.32 12.60
N AWB Z . -3.20 8.00 15.64
O AWB Z . -1.40 5.21 16.46
C1 AWB Z . 4.81 6.41 11.59
N1 AWB Z . -7.13 11.04 17.32
O1 AWB Z . -1.45 6.99 17.80
C2 AWB Z . 4.60 4.96 11.96
O2 AWB Z . 0.42 7.36 15.05
C3 AWB Z . 3.15 4.52 11.97
O3 AWB Z . 0.14 5.87 13.36
C4 AWB Z . 2.63 4.01 13.30
O4 AWB Z . -4.28 7.01 13.91
C5 AWB Z . 2.79 4.91 14.52
O5 AWB Z . -7.71 13.15 17.66
C6 AWB Z . 1.51 5.28 15.27
O6 AWB Z . -4.87 9.51 17.26
C7 AWB Z . 0.71 4.13 15.90
O7 AWB Z . 1.66 3.18 16.48
C8 AWB Z . -0.25 4.52 17.02
O8 AWB Z . 0.76 1.44 15.38
C9 AWB Z . -1.59 6.49 16.72
C10 AWB Z . -1.99 7.22 15.45
C11 AWB Z . -0.84 8.05 14.85
C12 AWB Z . 0.61 6.18 14.43
C13 AWB Z . -0.71 9.41 15.51
C14 AWB Z . -4.24 7.83 14.83
C15 AWB Z . -5.41 8.70 15.05
C16 AWB Z . -5.67 9.51 16.16
C17 AWB Z . -6.84 10.29 16.18
C18 AWB Z . -7.74 10.25 15.13
C19 AWB Z . -7.47 9.45 14.05
C20 AWB Z . -6.33 8.68 14.01
C21 AWB Z . -8.01 12.03 17.37
C22 AWB Z . -0.86 3.34 17.75
C23 AWB Z . 1.68 1.93 16.00
C24 AWB Z . 2.99 1.24 16.30
C25 AWB Z . 3.12 0.78 17.75
C26 AWB Z . 3.83 1.81 18.63
C27 AWB Z . 1.77 0.40 18.33
C1 CDL AA . 15.25 7.40 -5.78
O1 CDL AA . 15.15 5.98 -5.88
CA2 CDL AA . 16.66 7.87 -5.53
OA2 CDL AA . 17.64 6.80 -5.64
PA1 CDL AA . 18.80 6.55 -4.56
OA3 CDL AA . 18.17 6.27 -3.22
OA4 CDL AA . 19.69 5.50 -5.16
OA5 CDL AA . 19.59 7.95 -4.49
CA3 CDL AA . 19.36 8.87 -3.37
CA4 CDL AA . 20.36 8.71 -2.25
OA6 CDL AA . 19.71 8.92 -0.94
CA5 CDL AA . 19.70 7.96 0.01
OA7 CDL AA . 18.89 7.06 -0.02
C11 CDL AA . 20.66 8.15 1.17
C12 CDL AA . 20.30 7.41 2.43
C13 CDL AA . 21.03 7.96 3.69
C14 CDL AA . 22.53 7.65 3.85
C15 CDL AA . 23.23 8.22 5.10
C16 CDL AA . 22.99 7.45 6.39
CA6 CDL AA . 21.57 9.63 -2.43
OA8 CDL AA . 22.54 9.33 -1.40
CA7 CDL AA . 23.79 9.13 -1.78
OA9 CDL AA . 24.08 8.73 -2.88
C31 CDL AA . 24.74 9.52 -0.67
C32 CDL AA . 25.27 8.37 0.16
C33 CDL AA . 25.30 8.68 1.67
C34 CDL AA . 26.60 9.28 2.22
C35 CDL AA . 26.99 8.96 3.71
C36 CDL AA . 28.16 9.79 4.29
C37 CDL AA . 28.62 9.43 5.70
CB2 CDL AA . 14.28 7.89 -4.74
OB2 CDL AA . 14.81 9.13 -4.22
PB2 CDL AA . 14.07 9.84 -2.98
OB3 CDL AA . 13.91 11.27 -3.41
OB4 CDL AA . 12.86 8.96 -2.74
OB5 CDL AA . 15.17 9.73 -1.80
CB3 CDL AA . 15.50 10.89 -0.94
CB4 CDL AA . 16.37 10.47 0.24
OB6 CDL AA . 15.87 9.38 1.12
CB5 CDL AA . 14.97 9.55 2.13
OB7 CDL AA . 13.94 10.13 1.92
C51 CDL AA . 15.29 8.91 3.51
C52 CDL AA . 14.09 8.47 4.36
CB6 CDL AA . 17.13 11.61 0.90
OB8 CDL AA . 17.96 12.30 -0.09
CB7 CDL AA . 19.28 12.48 0.14
OB9 CDL AA . 19.89 12.10 1.11
C71 CDL AA . 19.94 13.22 -1.01
FE1 FES BA . -10.48 -22.56 49.09
FE2 FES BA . -12.31 -20.78 47.60
S1 FES BA . -12.51 -21.75 49.58
S2 FES BA . -10.11 -21.11 47.48
C1B LMT CA . 13.06 -39.35 24.30
C2B LMT CA . 13.91 -40.19 25.24
C3B LMT CA . 15.08 -39.37 25.85
C4B LMT CA . 15.84 -38.45 24.84
C5B LMT CA . 14.88 -37.85 23.77
C6B LMT CA . 15.53 -37.21 22.54
O1B LMT CA . 12.45 -38.30 25.08
O2B LMT CA . 13.08 -40.69 26.29
O3B LMT CA . 16.01 -40.24 26.52
O4' LMT CA . 16.47 -37.40 25.57
O5B LMT CA . 13.90 -38.80 23.28
O6B LMT CA . 14.50 -36.83 21.60
C1' LMT CA . 9.05 -36.25 25.79
C2' LMT CA . 8.81 -37.77 25.79
C3' LMT CA . 10.15 -38.50 25.66
C4' LMT CA . 11.15 -37.87 24.67
C5' LMT CA . 11.12 -36.35 24.74
C6' LMT CA . 11.86 -35.72 23.58
O1' LMT CA . 7.85 -35.53 25.73
O2' LMT CA . 8.27 -38.19 27.04
O3' LMT CA . 9.96 -39.91 25.37
O5' LMT CA . 9.78 -35.93 24.61
O6' LMT CA . 11.57 -34.33 23.63
C1 LMT CA . 8.06 -34.18 25.29
C2 LMT CA . 6.76 -33.58 24.74
C3 LMT CA . 6.63 -32.07 24.72
C4 LMT CA . 5.43 -31.85 23.81
C5 LMT CA . 5.01 -30.40 23.63
C6 LMT CA . 4.30 -30.30 22.29
C7 LMT CA . 2.93 -29.61 22.35
C8 LMT CA . 2.38 -29.35 20.94
C9 LMT CA . 1.56 -28.05 20.82
C10 LMT CA . 1.67 -27.33 19.45
C11 LMT CA . 2.94 -26.46 19.20
C12 LMT CA . 2.85 -25.39 18.11
C1 PTY DA . 15.55 -35.47 14.27
C2 PTY DA . 10.38 -37.64 17.99
C3 PTY DA . 11.48 -36.83 18.59
O4 PTY DA . 15.95 -34.48 13.27
C5 PTY DA . 16.05 -36.13 16.63
C6 PTY DA . 16.14 -35.05 15.58
O7 PTY DA . 15.65 -33.80 16.12
C8 PTY DA . 16.55 -33.03 16.73
O10 PTY DA . 17.71 -33.30 16.78
C11 PTY DA . 15.99 -31.80 17.35
C12 PTY DA . 15.41 -30.89 16.33
C13 PTY DA . 16.37 -29.82 15.87
C14 PTY DA . 17.00 -29.99 14.49
C15 PTY DA . 17.39 -28.67 13.77
C16 PTY DA . 16.30 -27.54 13.68
C17 PTY DA . 16.73 -26.07 14.04
C18 PTY DA . 15.56 -25.08 14.44
C19 PTY DA . 15.48 -24.56 15.92
C20 PTY DA . 14.11 -23.97 16.39
C30 PTY DA . 14.94 -34.00 12.56
C31 PTY DA . 14.97 -32.52 12.54
O30 PTY DA . 14.11 -34.69 12.03
C32 PTY DA . 15.48 -31.95 11.28
C33 PTY DA . 14.40 -31.31 10.46
C34 PTY DA . 14.74 -29.89 10.11
C35 PTY DA . 13.63 -29.13 9.42
C36 PTY DA . 12.22 -29.41 9.92
C37 PTY DA . 11.56 -28.32 10.74
C38 PTY DA . 12.44 -27.30 11.46
C39 PTY DA . 11.86 -25.89 11.59
C40 PTY DA . 10.35 -25.83 11.82
C41 PTY DA . 9.92 -24.84 12.86
C42 PTY DA . 8.47 -24.94 13.27
C43 PTY DA . 8.06 -26.23 13.93
C44 PTY DA . 8.64 -26.46 15.33
P1 PTY DA . 14.02 -37.18 17.92
O11 PTY DA . 12.52 -36.71 17.59
O12 PTY DA . 14.72 -36.20 18.82
O13 PTY DA . 14.10 -38.64 18.26
O14 PTY DA . 14.78 -36.83 16.55
N1 PTY DA . 10.77 -39.04 17.85
C1 CDL EA . 9.45 20.23 3.62
O1 CDL EA . 9.32 21.04 2.46
CA2 CDL EA . 8.50 19.07 3.54
OA2 CDL EA . 7.21 19.58 3.96
PA1 CDL EA . 5.98 18.57 4.09
OA3 CDL EA . 6.28 17.54 3.03
OA4 CDL EA . 4.73 19.41 4.05
OA5 CDL EA . 6.16 17.85 5.52
CA3 CDL EA . 6.01 18.60 6.76
CA4 CDL EA . 7.10 18.29 7.77
OA6 CDL EA . 8.29 17.66 7.21
CA6 CDL EA . 6.66 17.42 8.91
OA8 CDL EA . 5.57 18.03 9.62
CA7 CDL EA . 5.47 17.72 10.91
OA9 CDL EA . 6.12 18.25 11.77
C31 CDL EA . 4.44 16.58 11.16
C32 CDL EA . 4.41 16.00 12.57
C33 CDL EA . 3.43 14.82 12.77
C34 CDL EA . 3.18 14.37 14.25
C35 CDL EA . 2.82 12.84 14.52
C36 CDL EA . 3.34 12.23 15.86
C37 CDL EA . 3.36 10.69 15.97
CB2 CDL EA . 9.26 21.07 4.85
OB2 CDL EA . 10.45 21.88 4.96
PB2 CDL EA . 10.70 22.70 6.32
OB3 CDL EA . 9.41 23.19 6.91
OB4 CDL EA . 11.76 23.72 6.04
OB5 CDL EA . 11.17 21.61 7.42
CB3 CDL EA . 12.04 20.44 7.15
CB4 CDL EA . 12.74 20.02 8.44
OB6 CDL EA . 13.25 18.63 8.35
CB6 CDL EA . 11.89 20.26 9.69
OB8 CDL EA . 12.55 20.75 10.89
CB7 CDL EA . 13.68 21.48 10.87
OB9 CDL EA . 14.28 21.82 9.87
C71 CDL EA . 14.19 21.80 12.26
C72 CDL EA . 13.15 21.70 13.35
C73 CDL EA . 13.61 20.75 14.45
C74 CDL EA . 13.87 21.42 15.80
C75 CDL EA . 13.40 20.55 17.06
C76 CDL EA . 14.37 20.58 18.26
C77 CDL EA . 14.24 19.32 19.42
C1 CDL FA . 12.57 18.13 -2.90
O1 CDL FA . 12.82 17.68 -4.23
CA2 CDL FA . 11.14 17.88 -2.53
OA2 CDL FA . 11.17 17.68 -1.11
PA1 CDL FA . 10.32 18.61 -0.11
OA3 CDL FA . 9.77 19.94 -0.55
OA4 CDL FA . 9.39 17.58 0.47
OA5 CDL FA . 11.52 19.10 0.84
CA3 CDL FA . 12.52 18.14 1.29
CA4 CDL FA . 12.54 18.34 2.79
OA6 CDL FA . 13.46 19.46 3.02
CA5 CDL FA . 14.71 19.21 3.42
OA7 CDL FA . 15.48 18.56 2.74
C11 CDL FA . 14.95 19.81 4.78
C12 CDL FA . 16.31 20.41 4.96
C13 CDL FA . 17.38 19.41 5.42
C14 CDL FA . 17.32 19.01 6.89
C15 CDL FA . 18.58 19.30 7.68
C16 CDL FA . 19.09 18.15 8.55
CA6 CDL FA . 12.70 17.05 3.60
OA8 CDL FA . 11.40 16.44 3.76
CA7 CDL FA . 11.06 16.00 4.97
OA9 CDL FA . 11.46 16.50 6.00
C31 CDL FA . 10.09 14.82 4.90
C32 CDL FA . 8.87 14.89 5.80
C33 CDL FA . 8.55 13.56 6.48
C34 CDL FA . 7.09 13.31 6.90
C35 CDL FA . 6.83 12.07 7.78
C36 CDL FA . 6.29 12.33 9.20
C37 CDL FA . 7.05 11.66 10.35
CB2 CDL FA . 12.99 19.58 -2.76
OB2 CDL FA . 14.24 19.63 -2.03
PB2 CDL FA . 14.76 21.03 -1.45
OB3 CDL FA . 15.16 21.89 -2.62
OB4 CDL FA . 13.73 21.52 -0.47
OB5 CDL FA . 16.07 20.58 -0.64
CB3 CDL FA . 16.98 19.62 -1.24
CB4 CDL FA . 18.34 19.86 -0.62
OB6 CDL FA . 18.17 20.44 0.71
CB5 CDL FA . 19.06 20.12 1.68
OB7 CDL FA . 19.38 18.98 1.90
C51 CDL FA . 19.66 21.32 2.38
C52 CDL FA . 20.27 21.00 3.74
C53 CDL FA . 21.71 20.51 3.66
C54 CDL FA . 22.56 20.80 4.92
C55 CDL FA . 22.41 19.83 6.13
C56 CDL FA . 23.17 20.20 7.44
O1 XP4 GA . 18.82 25.02 -2.28
O2 XP4 GA . 17.75 27.15 -1.59
P1 XP4 GA . 18.29 25.84 -1.10
O3 XP4 GA . 17.41 25.09 -0.12
O4 XP4 GA . 19.39 26.47 -0.08
C1 XP4 GA . 20.61 25.90 0.36
C2 XP4 GA . 20.80 25.76 1.87
C3 XP4 GA . 19.55 25.19 2.50
O5 XP4 GA . 19.96 25.03 3.85
C4 XP4 GA . 19.12 24.34 4.85
O6 XP4 GA . 18.12 23.81 4.42
C5 XP4 GA . 19.51 24.36 6.33
C6 XP4 GA . 18.86 23.27 7.16
C7 XP4 GA . 19.50 23.17 8.57
C8 XP4 GA . 18.51 22.59 9.60
C9 XP4 GA . 19.08 22.21 10.99
C10 XP4 GA . 18.07 21.68 12.06
C11 XP4 GA . 18.78 21.39 13.43
C12 XP4 GA . 17.93 21.18 14.70
C13 XP4 GA . 18.56 21.54 16.08
O7 XP4 GA . 21.75 24.66 2.03
C18 XP4 GA . 23.19 24.94 1.98
O8 XP4 GA . 23.40 26.13 2.02
C19 XP4 GA . 24.31 23.90 1.92
FE HEC HA . 5.32 -6.52 66.43
CHA HEC HA . 3.33 -8.24 64.33
CHB HEC HA . 4.91 -3.68 64.63
CHC HEC HA . 6.90 -4.73 68.87
CHD HEC HA . 6.15 -9.38 68.05
NA HEC HA . 4.26 -6.02 64.76
C1A HEC HA . 3.49 -6.82 64.05
C2A HEC HA . 2.85 -6.20 62.88
C3A HEC HA . 3.31 -4.84 62.99
C4A HEC HA . 4.14 -4.83 64.21
CMA HEC HA . 2.99 -3.71 62.08
CAA HEC HA . 2.00 -6.73 61.79
CBA HEC HA . 0.66 -7.19 62.22
CGA HEC HA . 0.08 -7.67 60.91
O1A HEC HA . 0.53 -8.73 60.40
O2A HEC HA . -0.80 -7.01 60.39
NB HEC HA . 5.82 -4.56 66.68
C1B HEC HA . 5.60 -3.55 65.87
C2B HEC HA . 6.07 -2.26 66.34
C3B HEC HA . 6.60 -2.65 67.61
C4B HEC HA . 6.42 -4.05 67.70
CMB HEC HA . 5.91 -0.96 65.63
CAB HEC HA . 7.20 -1.93 68.69
CBB HEC HA . 7.35 -0.49 68.50
NC HEC HA . 6.39 -6.96 68.14
C1C HEC HA . 6.97 -6.14 68.98
C2C HEC HA . 7.64 -6.74 70.14
C3C HEC HA . 7.34 -8.12 69.88
C4C HEC HA . 6.60 -8.15 68.64
CMC HEC HA . 8.40 -6.09 71.25
CAC HEC HA . 7.67 -9.32 70.62
CBC HEC HA . 8.49 -9.33 71.89
ND HEC HA . 4.81 -8.49 66.24
C1D HEC HA . 5.24 -9.50 66.96
C2D HEC HA . 4.73 -10.81 66.55
C3D HEC HA . 3.89 -10.48 65.43
C4D HEC HA . 4.02 -9.02 65.33
CMD HEC HA . 4.97 -12.15 67.12
CAD HEC HA . 3.06 -11.42 64.59
CBD HEC HA . 1.67 -11.37 65.16
CGD HEC HA . 0.79 -12.36 64.42
O1D HEC HA . -0.14 -12.90 65.09
O2D HEC HA . 1.01 -12.57 63.19
C1 CDL IA . -15.92 20.94 23.29
O1 CDL IA . -16.59 19.72 23.55
CA2 CDL IA . -16.87 21.88 22.60
OA2 CDL IA . -16.75 23.20 23.15
PA1 CDL IA . -18.10 24.04 23.34
OA3 CDL IA . -19.30 23.28 23.78
OA4 CDL IA . -18.16 25.01 22.17
OA5 CDL IA . -17.77 24.75 24.72
CA3 CDL IA . -16.58 25.53 24.88
CA4 CDL IA . -16.04 25.29 26.28
OA6 CDL IA . -14.58 25.40 26.17
CA5 CDL IA . -13.84 25.88 27.21
OA7 CDL IA . -14.27 26.10 28.31
C11 CDL IA . -12.37 26.07 26.88
C12 CDL IA . -11.49 26.36 28.07
CA6 CDL IA . -16.53 24.01 26.91
OA8 CDL IA . -16.51 24.25 28.34
CA7 CDL IA . -16.51 23.24 29.22
OA9 CDL IA . -16.99 23.33 30.33
C31 CDL IA . -15.79 22.02 28.71
C32 CDL IA . -16.65 20.79 28.66
CB2 CDL IA . -14.68 20.67 22.47
OB2 CDL IA . -13.61 21.25 23.23
PB2 CDL IA . -12.41 22.03 22.50
OB3 CDL IA . -13.00 23.25 21.85
OB4 CDL IA . -11.71 21.04 21.60
OB5 CDL IA . -11.54 22.36 23.83
CB3 CDL IA . -12.06 22.12 25.18
CB4 CDL IA . -11.21 20.98 25.72
OB6 CDL IA . -11.77 19.64 25.50
CB5 CDL IA . -12.39 18.88 26.47
OB7 CDL IA . -13.41 19.24 27.01
C51 CDL IA . -11.77 17.51 26.70
CB6 CDL IA . -10.47 21.30 26.99
OB8 CDL IA . -11.03 22.48 27.60
CB7 CDL IA . -11.01 22.57 28.94
OB9 CDL IA . -11.95 23.08 29.56
C71 CDL IA . -9.66 22.15 29.58
C72 CDL IA . -9.39 20.65 29.86
C1 CDL JA . -19.71 13.86 22.90
O1 CDL JA . -20.25 14.08 21.59
CA2 CDL JA . -20.39 14.82 23.84
OA2 CDL JA . -21.78 14.49 23.88
PA1 CDL JA . -22.84 15.68 23.79
OA3 CDL JA . -24.19 15.05 23.69
OA4 CDL JA . -22.46 16.70 22.73
OA5 CDL JA . -22.69 16.28 25.27
CA3 CDL JA . -22.73 15.37 26.41
CA4 CDL JA . -21.86 15.85 27.56
OA6 CDL JA . -22.52 15.68 28.87
CA5 CDL JA . -22.88 14.45 29.36
OA7 CDL JA . -23.30 13.55 28.70
C11 CDL JA . -22.76 14.35 30.87
C12 CDL JA . -23.65 13.30 31.50
C13 CDL JA . -24.70 13.87 32.44
C14 CDL JA . -24.45 13.57 33.91
C15 CDL JA . -24.99 14.59 34.87
CA6 CDL JA . -21.40 17.28 27.40
OA8 CDL JA . -20.07 17.28 26.81
CA7 CDL JA . -19.14 18.14 27.26
OA9 CDL JA . -18.70 19.02 26.58
C31 CDL JA . -18.67 17.82 28.67
CB2 CDL JA . -18.22 14.05 22.86
OB2 CDL JA . -18.05 15.49 22.96
PB2 CDL JA . -16.60 16.09 23.25
OB3 CDL JA . -16.89 17.45 23.84
OB4 CDL JA . -15.73 15.94 22.04
OB5 CDL JA . -16.03 15.12 24.39
CB3 CDL JA . -16.04 15.58 25.74
CB4 CDL JA . -16.01 14.34 26.61
OB6 CDL JA . -17.11 14.51 27.57
CB5 CDL JA . -18.20 13.76 27.36
OB7 CDL JA . -18.61 13.57 26.25
C51 CDL JA . -18.78 13.22 28.67
C52 CDL JA . -19.98 12.28 28.51
C53 CDL JA . -19.59 10.80 28.60
C54 CDL JA . -20.58 9.89 29.28
CB6 CDL JA . -14.66 14.09 27.25
OB8 CDL JA . -14.37 12.68 27.28
CB7 CDL JA . -13.27 12.25 26.64
OB9 CDL JA . -13.30 11.46 25.73
C71 CDL JA . -12.01 12.89 27.19
C72 CDL JA . -11.33 12.09 28.26
C73 CDL JA . -9.82 11.95 28.02
C74 CDL JA . -8.95 12.51 29.13
C75 CDL JA . -7.65 11.76 29.33
C76 CDL JA . -7.46 11.17 30.71
C77 CDL JA . -7.27 9.67 30.71
C78 CDL JA . -8.50 8.95 31.21
O12 PC1 KA . 4.54 26.86 14.42
P PC1 KA . 5.99 26.63 14.14
O14 PC1 KA . 6.43 25.68 13.06
O13 PC1 KA . 6.69 28.03 13.78
C11 PC1 KA . 7.08 28.26 12.40
C12 PC1 KA . 6.81 29.69 12.03
N PC1 KA . 7.79 30.66 12.62
C13 PC1 KA . 7.64 30.68 14.10
C14 PC1 KA . 9.17 30.25 12.27
C15 PC1 KA . 7.53 32.01 12.09
O11 PC1 KA . 6.75 26.13 15.45
C1 PC1 KA . 8.18 26.23 15.43
C2 PC1 KA . 8.81 25.11 16.21
O21 PC1 KA . 8.37 23.84 15.66
C21 PC1 KA . 9.29 23.11 15.01
O22 PC1 KA . 10.26 23.62 14.53
C22 PC1 KA . 9.02 21.63 15.03
C23 PC1 KA . 9.86 20.89 16.04
C24 PC1 KA . 9.05 20.26 17.19
C25 PC1 KA . 9.29 18.77 17.45
C3 PC1 KA . 8.58 25.18 17.70
O31 PC1 KA . 8.94 23.90 18.24
C31 PC1 KA . 9.52 23.87 19.43
O32 PC1 KA . 9.02 24.34 20.41
C32 PC1 KA . 10.86 23.21 19.38
C33 PC1 KA . 11.51 23.21 20.71
C34 PC1 KA . 11.75 21.82 21.26
C35 PC1 KA . 10.54 20.92 21.52
C36 PC1 KA . 10.87 19.70 22.39
C37 PC1 KA . 9.97 18.47 22.26
C38 PC1 KA . 10.54 17.19 22.88
C39 PC1 KA . 9.73 15.93 22.65
C1B LMT LA . 18.96 16.44 42.14
C2B LMT LA . 19.33 16.47 43.61
C3B LMT LA . 18.87 15.14 44.26
C4B LMT LA . 17.38 14.81 44.02
C5B LMT LA . 16.98 15.04 42.53
C6B LMT LA . 15.47 15.07 42.23
O1B LMT LA . 19.69 15.35 41.54
O2B LMT LA . 20.75 16.66 43.71
O3B LMT LA . 19.20 15.09 45.67
O4' LMT LA . 17.12 13.44 44.39
O5B LMT LA . 17.55 16.25 41.98
O6B LMT LA . 15.27 15.78 41.00
C1' LMT LA . 21.83 14.38 38.37
C2' LMT LA . 22.24 15.77 38.86
C3' LMT LA . 21.55 15.98 40.20
C4' LMT LA . 20.07 15.55 40.16
C5' LMT LA . 19.76 14.28 39.34
C6' LMT LA . 18.26 14.08 39.11
O1' LMT LA . 22.46 14.05 37.18
O2' LMT LA . 23.64 15.95 39.05
O3' LMT LA . 21.65 17.36 40.58
O5' LMT LA . 20.43 14.33 38.09
O6' LMT LA . 17.99 13.81 37.75
C1 LMT LA . 22.47 12.63 37.03
C2 LMT LA . 21.82 12.40 35.69
C3 LMT LA . 22.18 13.57 34.77
C4 LMT LA . 22.45 13.03 33.40
C5 LMT LA . 21.72 11.74 33.08
C6 LMT LA . 21.60 11.50 31.57
C7 LMT LA . 22.09 12.59 30.61
C8 LMT LA . 21.48 12.46 29.22
C9 LMT LA . 22.50 12.56 28.08
C10 LMT LA . 22.08 13.53 26.97
C11 LMT LA . 20.83 13.11 26.18
C12 LMT LA . 21.15 12.67 24.76
CHA HEM MA . 23.51 -15.29 24.57
CHB HEM MA . 23.74 -13.60 20.02
CHC HEM MA . 19.01 -12.88 20.12
CHD HEM MA . 18.78 -14.23 24.70
C1A HEM MA . 23.93 -14.95 23.32
C2A HEM MA . 25.27 -15.04 22.86
C3A HEM MA . 25.29 -14.57 21.60
C4A HEM MA . 24.04 -14.12 21.26
CMA HEM MA . 26.43 -14.44 20.65
CAA HEM MA . 26.50 -15.60 23.51
CBA HEM MA . 26.30 -17.12 23.32
CGA HEM MA . 27.11 -18.02 24.20
O1A HEM MA . 26.59 -18.70 25.13
O2A HEM MA . 28.33 -18.14 23.91
C1B HEM MA . 22.44 -13.30 19.68
C2B HEM MA . 22.10 -12.81 18.40
C3B HEM MA . 20.75 -12.60 18.44
C4B HEM MA . 20.33 -12.98 19.77
CMB HEM MA . 23.04 -12.55 17.24
CAB HEM MA . 19.82 -12.11 17.44
CBB HEM MA . 20.28 -11.39 16.44
C1C HEM MA . 18.59 -13.14 21.39
C2C HEM MA . 17.27 -12.90 21.80
C3C HEM MA . 17.17 -13.27 23.06
C4C HEM MA . 18.46 -13.74 23.47
CMC HEM MA . 16.10 -12.36 21.03
CAC HEM MA . 15.87 -13.09 23.73
CBC HEM MA . 16.08 -12.96 24.99
C1D HEM MA . 20.10 -14.62 24.99
C2D HEM MA . 20.43 -15.14 26.29
C3D HEM MA . 21.74 -15.41 26.24
C4D HEM MA . 22.20 -15.07 24.89
CMD HEM MA . 19.49 -15.35 27.44
CAD HEM MA . 22.58 -15.94 27.35
CBD HEM MA . 22.50 -17.43 27.50
CGD HEM MA . 23.62 -17.96 26.65
O1D HEM MA . 24.79 -17.51 26.55
O2D HEM MA . 23.30 -18.92 25.98
NA HEM MA . 23.21 -14.35 22.31
NB HEM MA . 21.37 -13.37 20.46
NC HEM MA . 19.28 -13.67 22.38
ND HEM MA . 21.18 -14.61 24.17
FE HEM MA . 21.27 -14.06 22.38
CHA HEM NA . 18.22 -7.55 0.12
CHB HEM NA . 17.33 -9.71 4.37
CHC HEM NA . 21.05 -7.39 6.37
CHD HEM NA . 21.56 -4.90 2.25
C1A HEM NA . 17.75 -8.39 1.12
C2A HEM NA . 16.70 -9.30 0.93
C3A HEM NA . 16.46 -9.92 2.10
C4A HEM NA . 17.34 -9.39 3.03
CMA HEM NA . 15.46 -10.97 2.38
CAA HEM NA . 16.08 -9.54 -0.41
CBA HEM NA . 16.57 -10.88 -0.90
CGA HEM NA . 18.04 -10.91 -1.18
O1A HEM NA . 18.82 -11.71 -0.60
O2A HEM NA . 18.50 -10.16 -2.06
C1B HEM NA . 18.26 -9.19 5.25
C2B HEM NA . 18.29 -9.57 6.61
C3B HEM NA . 19.36 -8.91 7.17
C4B HEM NA . 19.94 -8.13 6.09
CMB HEM NA . 17.37 -10.53 7.31
CAB HEM NA . 19.89 -8.96 8.53
CBB HEM NA . 19.04 -9.30 9.48
C1C HEM NA . 21.53 -6.59 5.36
C2C HEM NA . 22.73 -5.87 5.43
C3C HEM NA . 22.83 -5.18 4.27
C4C HEM NA . 21.72 -5.49 3.47
CMC HEM NA . 23.66 -5.85 6.60
CAC HEM NA . 23.88 -4.21 3.87
CBC HEM NA . 24.95 -3.91 4.60
C1D HEM NA . 20.65 -5.42 1.40
C2D HEM NA . 20.55 -4.87 0.06
C3D HEM NA . 19.63 -5.61 -0.57
C4D HEM NA . 19.19 -6.62 0.42
CMD HEM NA . 21.33 -3.72 -0.52
CAD HEM NA . 19.19 -5.43 -1.98
CBD HEM NA . 20.05 -6.37 -2.78
CGD HEM NA . 19.50 -6.76 -4.11
O1D HEM NA . 20.15 -6.40 -5.11
O2D HEM NA . 18.50 -7.49 -4.21
NA HEM NA . 18.11 -8.47 2.43
NB HEM NA . 19.24 -8.33 5.00
NC HEM NA . 20.96 -6.34 4.16
ND HEM NA . 19.84 -6.46 1.61
FE HEM NA . 19.59 -7.43 3.18
O12 PC1 OA . 30.35 -12.61 -12.00
P PC1 OA . 29.30 -13.67 -11.99
O14 PC1 OA . 27.85 -13.34 -11.77
O13 PC1 OA . 29.46 -14.45 -13.36
C11 PC1 OA . 28.45 -15.41 -13.78
C12 PC1 OA . 28.82 -15.83 -15.18
N PC1 OA . 28.74 -14.77 -16.28
C13 PC1 OA . 30.01 -13.98 -16.38
C14 PC1 OA . 28.53 -15.48 -17.56
C15 PC1 OA . 27.62 -13.81 -16.10
O11 PC1 OA . 29.70 -14.79 -10.91
C1 PC1 OA . 31.09 -15.09 -10.67
C2 PC1 OA . 31.09 -15.71 -9.30
O21 PC1 OA . 30.92 -14.56 -8.39
C21 PC1 OA . 30.05 -14.53 -7.37
O22 PC1 OA . 29.02 -15.13 -7.50
C22 PC1 OA . 30.61 -13.61 -6.24
C23 PC1 OA . 29.77 -13.26 -4.98
C24 PC1 OA . 30.60 -12.63 -3.81
C25 PC1 OA . 30.49 -13.14 -2.32
C26 PC1 OA . 31.71 -12.80 -1.38
C27 PC1 OA . 31.63 -13.04 0.17
C28 PC1 OA . 32.82 -12.47 1.04
C29 PC1 OA . 32.58 -11.73 2.44
C2A PC1 OA . 33.33 -10.32 2.78
C2B PC1 OA . 32.42 -9.14 3.29
C2C PC1 OA . 32.98 -7.71 3.53
C3 PC1 OA . 32.37 -16.45 -9.03
O31 PC1 OA . 33.28 -15.61 -8.28
C31 PC1 OA . 34.35 -15.11 -8.92
O32 PC1 OA . 35.11 -15.79 -9.57
C32 PC1 OA . 34.52 -13.60 -8.72
C33 PC1 OA . 35.60 -13.18 -7.71
C34 PC1 OA . 35.24 -13.52 -6.25
C35 PC1 OA . 36.38 -13.39 -5.21
C36 PC1 OA . 36.29 -14.32 -3.97
C37 PC1 OA . 37.53 -14.42 -3.07
C38 PC1 OA . 37.52 -15.51 -1.96
C1 PTY PA . 3.71 -25.67 -0.37
C2 PTY PA . -0.09 -26.67 -6.33
C3 PTY PA . 1.40 -26.54 -6.13
O4 PTY PA . 4.91 -24.88 -0.40
C5 PTY PA . 2.52 -25.87 -2.55
C6 PTY PA . 3.65 -26.41 -1.68
O7 PTY PA . 3.69 -27.86 -1.49
C8 PTY PA . 4.79 -28.45 -0.93
O10 PTY PA . 5.80 -28.68 -1.54
C11 PTY PA . 4.72 -28.83 0.51
C12 PTY PA . 6.00 -29.46 1.00
C13 PTY PA . 6.50 -28.83 2.29
C14 PTY PA . 6.80 -27.36 2.21
C15 PTY PA . 8.14 -26.97 2.86
C16 PTY PA . 8.15 -26.53 4.32
C17 PTY PA . 9.34 -27.03 5.13
C18 PTY PA . 10.43 -25.99 5.41
C19 PTY PA . 10.89 -25.94 6.87
C20 PTY PA . 11.69 -24.69 7.29
C30 PTY PA . 4.75 -23.60 -0.10
C31 PTY PA . 6.02 -23.00 0.40
O30 PTY PA . 3.70 -23.03 -0.24
C32 PTY PA . 7.12 -23.15 -0.61
C33 PTY PA . 8.46 -23.30 0.06
C34 PTY PA . 8.37 -23.35 1.58
C35 PTY PA . 8.95 -22.15 2.31
C36 PTY PA . 9.43 -21.02 1.43
C37 PTY PA . 10.81 -20.53 1.77
C38 PTY PA . 11.13 -19.22 1.18
C39 PTY PA . 11.89 -18.34 2.12
C40 PTY PA . 12.66 -19.02 3.23
C41 PTY PA . 12.60 -18.21 4.48
C42 PTY PA . 13.43 -18.67 5.64
C43 PTY PA . 13.17 -17.64 6.71
C44 PTY PA . 12.52 -18.13 7.98
P1 PTY PA . 2.80 -24.64 -4.87
O11 PTY PA . 1.71 -25.12 -5.94
O12 PTY PA . 4.05 -24.35 -5.66
O13 PTY PA . 2.23 -23.64 -3.91
O14 PTY PA . 3.04 -25.89 -3.90
N1 PTY PA . -0.82 -25.98 -5.26
C AWB QA . 4.74 -12.88 5.62
N AWB QA . 12.57 -13.01 0.93
O AWB QA . 12.61 -11.65 4.07
C1 AWB QA . 4.77 -11.45 5.08
N1 AWB QA . 15.70 -15.39 -2.54
O1 AWB QA . 13.13 -13.80 3.73
C2 AWB QA . 5.44 -10.39 5.93
O2 AWB QA . 9.83 -13.02 3.47
C3 AWB QA . 6.59 -9.67 5.24
O3 AWB QA . 9.26 -10.83 3.18
C4 AWB QA . 7.96 -9.85 5.87
O4 AWB QA . 12.60 -10.95 0.03
C5 AWB QA . 8.45 -11.27 6.13
O5 AWB QA . 15.93 -17.07 -3.98
C6 AWB QA . 9.75 -11.69 5.41
O6 AWB QA . 14.55 -14.64 -0.18
C7 AWB QA . 11.04 -10.95 5.79
O7 AWB QA . 11.00 -10.71 7.23
C8 AWB QA . 12.34 -11.68 5.50
O8 AWB QA . 11.41 -8.53 6.99
C9 AWB QA . 12.59 -12.78 3.37
C10 AWB QA . 11.82 -12.57 2.09
C11 AWB QA . 10.42 -13.21 2.14
C12 AWB QA . 9.58 -11.76 3.90
C13 AWB QA . 10.42 -14.69 1.86
C14 AWB QA . 12.88 -12.14 -0.02
C15 AWB QA . 13.60 -12.68 -1.20
C16 AWB QA . 14.34 -13.86 -1.27
C17 AWB QA . 14.92 -14.22 -2.50
C18 AWB QA . 14.81 -13.41 -3.61
C19 AWB QA . 14.10 -12.24 -3.52
C20 AWB QA . 13.51 -11.88 -2.33
C21 AWB QA . 16.17 -15.93 -3.66
C22 AWB QA . 13.56 -11.03 6.10
C23 AWB QA . 11.01 -9.45 7.67
C24 AWB QA . 10.47 -9.32 9.06
C25 AWB QA . 11.44 -9.79 10.15
C26 AWB QA . 11.23 -11.26 10.54
C27 AWB QA . 12.89 -9.54 9.77
C1 CDL RA . 23.49 -24.59 -11.01
O1 CDL RA . 24.47 -23.62 -10.63
CA2 CDL RA . 23.47 -24.71 -12.51
OA2 CDL RA . 23.35 -26.07 -12.89
PA1 CDL RA . 24.22 -26.51 -14.16
OA3 CDL RA . 25.57 -25.84 -14.31
OA4 CDL RA . 23.27 -26.61 -15.32
OA5 CDL RA . 24.76 -27.91 -13.62
CA3 CDL RA . 23.82 -28.90 -13.12
CA4 CDL RA . 24.46 -29.60 -11.95
OA6 CDL RA . 23.37 -29.96 -11.04
CA5 CDL RA . 23.46 -31.07 -10.26
OA7 CDL RA . 24.46 -31.75 -10.14
C11 CDL RA . 22.19 -31.38 -9.46
C12 CDL RA . 22.33 -32.53 -8.47
CA6 CDL RA . 25.58 -28.78 -11.31
OA8 CDL RA . 26.48 -29.73 -10.70
CA7 CDL RA . 27.33 -29.34 -9.74
OA9 CDL RA . 28.41 -29.86 -9.57
C31 CDL RA . 26.75 -28.27 -8.85
C32 CDL RA . 27.54 -27.00 -8.86
CB2 CDL RA . 22.15 -24.20 -10.44
OB2 CDL RA . 21.82 -25.30 -9.57
PB2 CDL RA . 20.32 -25.88 -9.51
OB3 CDL RA . 20.01 -26.35 -10.91
OB4 CDL RA . 19.40 -24.83 -8.93
OB5 CDL RA . 20.57 -27.08 -8.46
CB3 CDL RA . 21.91 -27.44 -7.98
CB4 CDL RA . 21.92 -27.03 -6.51
OB6 CDL RA . 22.43 -25.67 -6.23
CB5 CDL RA . 23.71 -25.38 -5.87
OB7 CDL RA . 24.66 -25.65 -6.58
C51 CDL RA . 23.88 -24.55 -4.58
CB6 CDL RA . 22.23 -28.13 -5.54
OB8 CDL RA . 22.68 -29.30 -6.26
CB7 CDL RA . 23.57 -30.10 -5.67
OB9 CDL RA . 24.50 -30.58 -6.30
C71 CDL RA . 23.19 -30.47 -4.21
C72 CDL RA . 23.80 -29.66 -3.06
C1 PTY SA . 9.33 17.86 36.29
C2 PTY SA . 15.77 19.03 35.86
C3 PTY SA . 15.66 17.87 36.82
O4 PTY SA . 8.26 17.30 35.49
C5 PTY SA . 10.74 17.27 38.27
C6 PTY SA . 9.78 16.77 37.22
O7 PTY SA . 10.26 15.62 36.47
C8 PTY SA . 10.02 14.39 36.95
O10 PTY SA . 9.75 14.16 38.10
C11 PTY SA . 10.15 13.35 35.89
C12 PTY SA . 9.27 13.61 34.73
C13 PTY SA . 8.11 12.65 34.67
C14 PTY SA . 6.79 13.27 34.32
C15 PTY SA . 5.91 12.47 33.38
C16 PTY SA . 6.60 11.86 32.14
C17 PTY SA . 6.33 10.36 31.90
C18 PTY SA . 7.12 9.68 30.74
C19 PTY SA . 8.13 8.57 31.11
C20 PTY SA . 9.16 8.21 30.03
C30 PTY SA . 8.16 17.82 34.28
C31 PTY SA . 7.83 16.77 33.28
O30 PTY SA . 8.33 18.98 34.05
C32 PTY SA . 6.46 16.90 32.73
C33 PTY SA . 6.47 17.39 31.30
C34 PTY SA . 5.74 16.50 30.33
C35 PTY SA . 6.61 15.73 29.42
C36 PTY SA . 7.08 16.51 28.24
C37 PTY SA . 8.04 15.71 27.43
C38 PTY SA . 8.42 14.41 28.11
C39 PTY SA . 8.68 13.20 27.21
C40 PTY SA . 9.90 13.30 26.27
C41 PTY SA . 11.08 12.34 26.56
C42 PTY SA . 11.87 11.83 25.35
C43 PTY SA . 12.10 12.74 24.15
C44 PTY SA . 13.53 13.18 23.88
P1 PTY SA . 13.29 17.90 38.01
O11 PTY SA . 14.30 17.35 36.88
O12 PTY SA . 13.99 17.83 39.34
O13 PTY SA . 12.74 19.20 37.48
O14 PTY SA . 12.09 16.83 37.98
N1 PTY SA . 15.83 20.27 36.63
C1 CDL TA . -7.34 -19.63 -3.21
O1 CDL TA . -8.32 -19.58 -4.25
CA2 CDL TA . -6.44 -18.41 -3.25
OA2 CDL TA . -5.31 -18.69 -4.13
PA1 CDL TA . -4.21 -17.55 -4.42
OA3 CDL TA . -4.90 -16.22 -4.27
OA4 CDL TA . -3.47 -17.88 -5.70
OA5 CDL TA . -3.17 -17.71 -3.20
CA3 CDL TA . -2.31 -18.87 -3.15
CA4 CDL TA . -2.45 -19.68 -1.88
OA6 CDL TA . -3.71 -19.49 -1.15
CA6 CDL TA . -1.25 -19.60 -0.97
OA8 CDL TA . -0.11 -20.03 -1.74
CA7 CDL TA . 0.97 -20.48 -1.08
OA9 CDL TA . 1.07 -21.62 -0.70
C31 CDL TA . 2.03 -19.40 -0.92
C32 CDL TA . 3.10 -19.69 0.13
C33 CDL TA . 4.41 -18.93 -0.10
C34 CDL TA . 4.95 -18.20 1.13
C35 CDL TA . 6.48 -18.17 1.34
C36 CDL TA . 6.93 -18.24 2.79
C37 CDL TA . 8.31 -17.67 3.11
CB2 CDL TA . -6.60 -20.91 -3.38
OB2 CDL TA . -6.74 -21.64 -2.19
PB2 CDL TA . -6.80 -23.24 -2.30
OB3 CDL TA . -5.73 -23.85 -3.17
OB4 CDL TA . -8.20 -23.51 -2.72
OB5 CDL TA . -6.39 -23.40 -0.75
CB3 CDL TA . -6.98 -22.51 0.24
CB4 CDL TA . -6.11 -22.50 1.48
OB6 CDL TA . -5.59 -21.16 1.37
CB6 CDL TA . -4.98 -23.50 1.43
OB8 CDL TA . -4.90 -24.25 2.67
CB7 CDL TA . -5.61 -25.36 2.77
OB9 CDL TA . -6.79 -25.37 3.02
C71 CDL TA . -4.75 -26.60 2.66
C72 CDL TA . -3.45 -26.49 3.40
C73 CDL TA . -3.41 -27.34 4.65
C74 CDL TA . -2.08 -28.04 4.91
C75 CDL TA . -1.62 -27.98 6.37
C76 CDL TA . -0.29 -28.68 6.70
C77 CDL TA . 0.21 -28.59 8.17
C1 CDL UA . -13.29 -15.08 -3.19
O1 CDL UA . -14.25 -14.11 -3.57
CA2 CDL UA . -11.95 -14.76 -3.82
OA2 CDL UA . -10.92 -15.30 -2.99
PA1 CDL UA . -9.89 -16.42 -3.52
OA3 CDL UA . -10.20 -17.11 -4.83
OA4 CDL UA . -8.55 -15.76 -3.32
OA5 CDL UA . -10.21 -17.61 -2.49
CA3 CDL UA . -10.36 -17.32 -1.07
CA4 CDL UA . -9.41 -18.31 -0.43
OA6 CDL UA . -10.11 -19.59 -0.32
CA5 CDL UA . -10.72 -19.92 0.84
OA7 CDL UA . -11.58 -19.23 1.36
C11 CDL UA . -10.20 -21.23 1.37
C12 CDL UA . -11.26 -22.12 1.93
C13 CDL UA . -11.40 -22.04 3.47
C14 CDL UA . -10.11 -21.98 4.26
C15 CDL UA . -9.95 -23.05 5.33
C16 CDL UA . -10.64 -22.78 6.65
CA6 CDL UA . -8.65 -17.78 0.77
OA8 CDL UA . -7.58 -16.91 0.32
CA7 CDL UA . -6.37 -17.01 0.88
OA9 CDL UA . -6.09 -17.80 1.75
C31 CDL UA . -5.42 -15.97 0.32
C32 CDL UA . -3.96 -16.37 0.34
C33 CDL UA . -3.07 -15.36 1.09
C34 CDL UA . -1.72 -14.98 0.45
C35 CDL UA . -0.63 -14.41 1.39
C36 CDL UA . 0.70 -15.17 1.45
C37 CDL UA . 1.26 -15.42 2.86
CB2 CDL UA . -13.79 -16.46 -3.56
OB2 CDL UA . -14.20 -17.16 -2.35
PB2 CDL UA . -14.53 -18.73 -2.45
OB3 CDL UA . -15.78 -18.90 -3.26
OB4 CDL UA . -13.27 -19.44 -2.89
OB5 CDL UA . -14.83 -19.11 -0.93
CB3 CDL UA . -15.79 -18.30 -0.21
CB4 CDL UA . -15.73 -18.71 1.24
OB6 CDL UA . -15.34 -20.10 1.28
CB5 CDL UA . -15.24 -20.67 2.49
OB7 CDL UA . -14.98 -20.00 3.45
C51 CDL UA . -15.53 -22.15 2.51
C52 CDL UA . -14.97 -22.90 3.71
C53 CDL UA . -15.82 -22.80 4.97
C54 CDL UA . -15.69 -23.99 5.96
C55 CDL UA . -14.54 -23.92 6.99
C56 CDL UA . -14.47 -25.07 8.01
O1 XP4 VA . -19.01 -22.58 -2.32
O2 XP4 VA . -18.37 -24.32 -3.97
P1 XP4 VA . -18.04 -23.70 -2.63
O3 XP4 VA . -16.58 -23.39 -2.36
O4 XP4 VA . -18.15 -24.98 -1.63
C1 XP4 VA . -18.56 -24.99 -0.26
C2 XP4 VA . -17.68 -25.77 0.70
C3 XP4 VA . -16.27 -25.39 0.43
O5 XP4 VA . -15.57 -26.15 1.42
C4 XP4 VA . -14.19 -25.90 1.78
O6 XP4 VA . -13.66 -25.02 1.15
C5 XP4 VA . -13.52 -26.79 2.83
C6 XP4 VA . -12.15 -26.30 3.26
C7 XP4 VA . -11.63 -27.02 4.51
C8 XP4 VA . -10.10 -26.83 4.63
C9 XP4 VA . -9.46 -27.40 5.91
C10 XP4 VA . -7.92 -27.29 6.09
C11 XP4 VA . -7.51 -27.98 7.42
C12 XP4 VA . -6.01 -28.33 7.62
C13 XP4 VA . -5.64 -29.51 8.57
O7 XP4 VA . -17.93 -25.26 2.06
C18 XP4 VA . -19.02 -25.83 2.88
O8 XP4 VA . -19.52 -26.80 2.35
C19 XP4 VA . -19.51 -25.32 4.26
FE HEC WA . 44.75 -30.71 39.81
CHA HEC WA . 45.14 -27.73 38.31
CHB HEC WA . 43.10 -31.94 37.07
CHC HEC WA . 44.86 -33.85 41.12
CHD HEC WA . 45.94 -29.44 42.72
NA HEC WA . 44.24 -29.96 37.95
C1A HEC WA . 44.47 -28.74 37.51
C2A HEC WA . 43.95 -28.48 36.15
C3A HEC WA . 43.39 -29.75 35.80
C4A HEC WA . 43.63 -30.60 36.96
CMA HEC WA . 42.73 -30.10 34.51
CAA HEC WA . 43.92 -27.32 35.24
CBA HEC WA . 45.27 -26.81 34.86
CGA HEC WA . 44.92 -25.55 34.14
O1A HEC WA . 44.53 -24.56 34.82
O2A HEC WA . 45.02 -25.55 32.91
NB HEC WA . 44.09 -32.53 39.21
C1B HEC WA . 43.44 -32.86 38.10
C2B HEC WA . 43.13 -34.26 37.92
C3B HEC WA . 43.71 -34.78 39.13
C4B HEC WA . 44.24 -33.65 39.84
CMB HEC WA . 42.43 -34.81 36.75
CAB HEC WA . 43.85 -36.10 39.66
CBB HEC WA . 43.29 -37.25 38.92
NC HEC WA . 45.27 -31.51 41.61
C1C HEC WA . 45.24 -32.79 41.98
C2C HEC WA . 45.73 -33.08 43.33
C3C HEC WA . 46.09 -31.73 43.75
C4C HEC WA . 45.74 -30.86 42.65
CMC HEC WA . 45.80 -34.40 43.99
CAC HEC WA . 46.64 -31.23 44.99
CBC HEC WA . 46.95 -32.13 46.15
ND HEC WA . 45.46 -28.89 40.42
C1D HEC WA . 45.89 -28.53 41.61
C2D HEC WA . 46.28 -27.13 41.73
C3D HEC WA . 46.01 -26.62 40.41
C4D HEC WA . 45.50 -27.79 39.70
CMD HEC WA . 46.81 -26.39 42.90
CAD HEC WA . 46.21 -25.26 39.88
CBD HEC WA . 47.62 -25.21 39.42
CGD HEC WA . 47.95 -23.82 38.93
O1D HEC WA . 49.17 -23.52 38.97
O2D HEC WA . 47.02 -23.10 38.51
C1 CDL XA . 27.65 -17.70 -9.61
O1 CDL XA . 27.39 -16.32 -9.87
CA2 CDL XA . 27.88 -18.37 -10.93
OA2 CDL XA . 29.30 -18.33 -11.08
PA1 CDL XA . 29.89 -18.89 -12.45
OA3 CDL XA . 30.94 -17.98 -13.04
OA4 CDL XA . 28.72 -19.22 -13.34
OA5 CDL XA . 30.57 -20.19 -11.81
CA3 CDL XA . 31.76 -20.03 -10.99
CA4 CDL XA . 31.91 -21.24 -10.10
OA6 CDL XA . 33.31 -21.61 -9.81
CA5 CDL XA . 34.20 -20.76 -9.21
OA7 CDL XA . 34.15 -19.56 -9.26
C11 CDL XA . 35.30 -21.48 -8.45
C12 CDL XA . 36.65 -20.79 -8.49
C13 CDL XA . 37.84 -21.78 -8.69
C14 CDL XA . 38.24 -22.66 -7.45
C15 CDL XA . 39.76 -23.50 -7.87
CA6 CDL XA . 31.16 -22.43 -10.69
OA8 CDL XA . 29.88 -22.58 -10.06
CA7 CDL XA . 29.52 -23.82 -9.71
OA9 CDL XA . 28.66 -24.06 -8.91
C31 CDL XA . 30.29 -24.89 -10.44
CB2 CDL XA . 26.47 -18.27 -8.88
OB2 CDL XA . 26.02 -19.42 -9.60
PB2 CDL XA . 25.04 -20.45 -8.86
OB3 CDL XA . 25.09 -21.72 -9.64
OB4 CDL XA . 23.73 -19.74 -8.65
OB5 CDL XA . 25.66 -20.56 -7.38
CB3 CDL XA . 26.65 -21.51 -7.08
CB4 CDL XA . 27.36 -20.87 -5.91
OB6 CDL XA . 28.77 -21.25 -5.95
CB5 CDL XA . 29.61 -20.51 -6.68
OB7 CDL XA . 29.39 -20.22 -7.84
C51 CDL XA . 30.85 -20.21 -5.87
C52 CDL XA . 31.71 -19.09 -6.43
C53 CDL XA . 32.37 -18.22 -5.36
C54 CDL XA . 33.85 -17.93 -5.55
CB6 CDL XA . 26.81 -21.32 -4.59
OB8 CDL XA . 27.04 -20.30 -3.59
CB7 CDL XA . 25.99 -19.90 -2.86
OB9 CDL XA . 25.61 -18.76 -2.84
C71 CDL XA . 25.37 -21.03 -2.07
C72 CDL XA . 25.86 -21.13 -0.65
C73 CDL XA . 24.72 -21.30 0.35
C74 CDL XA . 24.87 -22.50 1.26
C75 CDL XA . 24.31 -22.29 2.65
C76 CDL XA . 25.23 -22.64 3.80
C77 CDL XA . 25.79 -21.44 4.55
C78 CDL XA . 27.28 -21.20 4.36
O12 PC1 YA . 1.86 -29.81 -4.53
P PC1 YA . 0.66 -29.53 -3.66
O14 PC1 YA . 0.01 -28.18 -3.64
O13 PC1 YA . -0.54 -30.57 -3.94
C11 PC1 YA . -1.67 -30.10 -4.70
C12 PC1 YA . -1.85 -31.05 -5.85
N PC1 YA . -2.51 -32.35 -5.45
C13 PC1 YA . -1.44 -33.31 -5.03
C14 PC1 YA . -3.44 -32.14 -4.31
C15 PC1 YA . -3.27 -32.89 -6.59
O11 PC1 YA . 0.93 -29.79 -2.11
C1 PC1 YA . -0.20 -29.56 -1.28
C2 PC1 YA . 0.11 -29.80 0.16
O21 PC1 YA . 0.60 -28.52 0.64
C21 PC1 YA . -0.29 -27.66 1.17
O22 PC1 YA . -1.47 -27.91 1.09
C22 PC1 YA . 0.30 -26.47 1.90
C23 PC1 YA . 0.99 -26.90 3.18
C24 PC1 YA . 2.50 -26.68 3.15
C25 PC1 YA . 3.29 -27.59 4.07
C3 PC1 YA . 1.18 -30.86 0.38
O31 PC1 YA . 2.20 -30.25 1.19
C31 PC1 YA . 2.51 -30.89 2.31
O32 PC1 YA . 3.53 -31.53 2.43
C32 PC1 YA . 1.46 -30.71 3.38
C33 PC1 YA . 1.21 -31.93 4.20
C34 PC1 YA . 1.79 -31.78 5.61
C35 PC1 YA . 3.24 -31.27 5.73
C36 PC1 YA . 3.38 -30.06 6.66
C37 PC1 YA . 4.78 -29.41 6.87
C38 PC1 YA . 4.93 -28.56 8.16
C39 PC1 YA . 5.92 -27.40 8.10
#